data_8YL5
#
_entry.id   8YL5
#
_cell.length_a   1.00
_cell.length_b   1.00
_cell.length_c   1.00
_cell.angle_alpha   90.00
_cell.angle_beta   90.00
_cell.angle_gamma   90.00
#
_symmetry.space_group_name_H-M   'P 1'
#
loop_
_entity.id
_entity.type
_entity.pdbx_description
1 polymer 'SIR2-like domain-containing protein'
2 polymer DSAD1
#
loop_
_entity_poly.entity_id
_entity_poly.type
_entity_poly.pdbx_seq_one_letter_code
_entity_poly.pdbx_strand_id
1 'polypeptide(L)'
;MVKVDLESKRYGEKLKEVFLMLDNNVVECIKEITESSRNGKLVFFVGAGVSTLSDYPQWWRLVDKYHEELYGSPKKGNYS
SDEYLRIPQIFYNVKGEMAFDGILKDFFQVDKPTNPIHDKILAMNPAHVITTNYDNLIDTACWKRGKYFSVISAEEDVAN
ATSSRYLLKVHGDFRKGFKGENVVLKEDDYLNYDQNYPLISNLMKTIIATHTIVFIGYGLGDYNINMLLNWVRKLQKDSF
HKPFFIRTDPSPIENETLIYYENKGLRIIDAASLIDSNEYDYLERYSAVMDLLIESQENKFITKDDEVIDYIYGKISPLF
ALQYIRKIDLKHVFEYDYHFEVNGTVVRHKNKGFGYMERFFELKESCDERSKLSKKQYERFNALFNFFEKNGVICMAKDA
GTLNTSIEINSLAYHGKYDVMKKFIEEQSVSIEDDYKKAFFLACLGRWEESYDLYSNIILNSIDESNGCVYYLSQINRYR
IYQSITQAVTQFNGLGLLTFGRHYKPFTDEFLARIEREMTNFNIDDLFNGMPFEFQKKYKILEFLSDNQFLYDDTVKLFE
LTNKVRSEMSEGSYSFGMSSDIVVLLRLYDNLRFLYENCLWSVSFHEFHQYIRNSMSLLIEKAEYERTRDIDELGFSFFG
KKSGFFMEYYDFVNISRHFKIDDIKNLERSCSIDKIRFGEQEKIEEYLVGIAEEITKQFSANGMNVVFYTQFISEAKAAL
YFAKYVKLSEEGLGKIVKALLFYFPERDLDIGKRYVWLERLTKCNELPKSIISIIDDFLVLQAEKHIDQNYSEVSSNGLY
SRDYGALIKHFEKNFISKRLSEITLCLTQDKQKQIDFLFKLLPLLSTNAKSHLLSFKSVENINDLMNGIRIGLIDEFTPE
HEELIIEYLETRKVNYIVEKEKGIQTFSSNDYMSTFGIWYFLEEINNSKMEEFIGMDDQYDFFVDPENFDYKKFIPSWLK
NYNDKLLGKIAGNKHMKHHVIEVLKERVKNSNDKRYLEILMNYFI
;
A,B,C,D
2 'polypeptide(L)'
;MIEIFKDTGATHDLVYHSKINTFVWDVEFDIVLSDSKELNKCYFVKCFNPYRINGKCDFAVSSIDIFSEGKRLLIENEFN
FKITKAVHVATSKDVTEIVLHLSERISSPFPIVKEVVYLD
;
E,F
#
# COMPACT_ATOMS: atom_id res chain seq x y z
N LYS A 14 8.23 28.66 44.94
CA LYS A 14 7.49 27.66 44.12
C LYS A 14 8.44 26.93 43.17
N LEU A 15 9.26 27.70 42.45
CA LEU A 15 10.13 27.10 41.44
C LEU A 15 11.08 26.08 42.06
N LYS A 16 11.60 26.37 43.25
CA LYS A 16 12.47 25.41 43.92
C LYS A 16 11.73 24.11 44.21
N GLU A 17 10.49 24.21 44.66
CA GLU A 17 9.67 23.01 44.88
C GLU A 17 9.53 22.22 43.58
N VAL A 18 9.30 22.93 42.47
CA VAL A 18 9.15 22.25 41.19
C VAL A 18 10.45 21.52 40.83
N PHE A 19 11.58 22.21 40.99
CA PHE A 19 12.86 21.55 40.73
C PHE A 19 13.04 20.32 41.62
N LEU A 20 12.47 20.35 42.82
CA LEU A 20 12.70 19.27 43.77
C LEU A 20 11.86 18.03 43.44
N MET A 21 10.54 18.18 43.27
CA MET A 21 9.73 16.96 43.24
C MET A 21 9.80 16.23 41.91
N LEU A 22 10.58 16.72 40.94
CA LEU A 22 10.70 16.03 39.66
C LEU A 22 11.14 14.58 39.86
N ASP A 23 10.51 13.68 39.13
CA ASP A 23 10.93 12.29 39.11
C ASP A 23 12.18 12.18 38.22
N ASN A 24 12.60 10.95 37.93
CA ASN A 24 13.70 10.77 37.00
C ASN A 24 13.27 11.10 35.56
N ASN A 25 12.01 10.81 35.23
CA ASN A 25 11.56 10.99 33.85
C ASN A 25 11.57 12.45 33.45
N VAL A 26 11.04 13.33 34.30
CA VAL A 26 10.99 14.75 33.96
C VAL A 26 12.42 15.30 33.84
N VAL A 27 13.30 14.88 34.75
CA VAL A 27 14.68 15.36 34.70
C VAL A 27 15.34 14.92 33.40
N GLU A 28 15.15 13.66 33.00
CA GLU A 28 15.75 13.18 31.76
C GLU A 28 15.18 13.92 30.55
N CYS A 29 13.87 14.16 30.53
CA CYS A 29 13.27 14.88 29.41
C CYS A 29 13.84 16.28 29.31
N ILE A 30 13.96 16.97 30.45
CA ILE A 30 14.51 18.32 30.44
C ILE A 30 15.96 18.31 29.99
N LYS A 31 16.74 17.33 30.45
CA LYS A 31 18.12 17.19 30.02
C LYS A 31 18.20 17.09 28.51
N GLU A 32 17.42 16.18 27.92
CA GLU A 32 17.48 15.97 26.48
C GLU A 32 17.05 17.22 25.72
N ILE A 33 15.98 17.87 26.18
CA ILE A 33 15.48 19.06 25.49
C ILE A 33 16.53 20.16 25.52
N THR A 34 17.14 20.39 26.68
CA THR A 34 18.15 21.44 26.79
C THR A 34 19.38 21.12 25.95
N GLU A 35 19.82 19.87 25.96
CA GLU A 35 21.00 19.50 25.18
C GLU A 35 20.74 19.68 23.69
N SER A 36 19.58 19.24 23.21
CA SER A 36 19.25 19.40 21.79
C SER A 36 19.05 20.86 21.42
N SER A 37 18.59 21.69 22.36
CA SER A 37 18.57 23.13 22.11
C SER A 37 19.98 23.67 21.98
N ARG A 38 20.89 23.21 22.82
CA ARG A 38 22.28 23.67 22.75
C ARG A 38 22.90 23.31 21.41
N ASN A 39 22.70 22.07 20.96
CA ASN A 39 23.31 21.63 19.70
C ASN A 39 22.72 22.33 18.49
N GLY A 40 21.61 23.04 18.64
CA GLY A 40 21.01 23.76 17.54
C GLY A 40 19.98 22.99 16.75
N LYS A 41 19.48 21.87 17.28
CA LYS A 41 18.44 21.07 16.63
C LYS A 41 17.29 20.90 17.60
N LEU A 42 16.39 21.89 17.62
CA LEU A 42 15.16 21.82 18.40
C LEU A 42 14.04 22.38 17.55
N VAL A 43 12.85 21.78 17.65
CA VAL A 43 11.71 22.17 16.84
C VAL A 43 10.46 22.14 17.70
N PHE A 44 9.59 23.12 17.47
CA PHE A 44 8.34 23.27 18.20
C PHE A 44 7.18 23.00 17.26
N PHE A 45 6.25 22.16 17.68
CA PHE A 45 4.98 21.96 17.00
C PHE A 45 3.95 22.69 17.82
N VAL A 46 3.59 23.89 17.37
CA VAL A 46 2.72 24.81 18.12
C VAL A 46 1.27 24.48 17.80
N GLY A 47 0.43 24.49 18.82
CA GLY A 47 -0.95 24.10 18.71
C GLY A 47 -1.89 25.29 18.62
N ALA A 48 -3.10 25.10 19.15
CA ALA A 48 -4.13 26.13 19.11
C ALA A 48 -4.37 26.81 20.45
N GLY A 49 -4.13 26.12 21.57
CA GLY A 49 -4.27 26.76 22.87
C GLY A 49 -3.34 27.94 23.04
N VAL A 50 -2.12 27.82 22.50
CA VAL A 50 -1.17 28.92 22.56
C VAL A 50 -1.70 30.13 21.81
N SER A 51 -2.53 29.92 20.80
CA SER A 51 -3.15 31.02 20.06
C SER A 51 -4.47 31.47 20.66
N THR A 52 -4.95 30.79 21.70
CA THR A 52 -6.12 31.26 22.45
C THR A 52 -5.72 31.98 23.73
N LEU A 53 -4.52 31.71 24.25
CA LEU A 53 -4.02 32.50 25.37
C LEU A 53 -4.12 33.98 25.03
N SER A 54 -3.60 34.35 23.86
CA SER A 54 -4.01 35.59 23.23
C SER A 54 -5.37 35.37 22.58
N ASP A 55 -6.33 36.23 22.87
CA ASP A 55 -7.68 36.04 22.36
C ASP A 55 -7.67 36.01 20.83
N TYR A 56 -8.30 34.99 20.26
CA TYR A 56 -8.42 34.84 18.82
C TYR A 56 -9.55 33.86 18.55
N PRO A 57 -10.51 34.20 17.67
CA PRO A 57 -11.73 33.39 17.57
C PRO A 57 -11.47 31.92 17.31
N GLN A 58 -11.86 31.06 18.25
CA GLN A 58 -11.70 29.63 18.07
C GLN A 58 -12.59 29.15 16.92
N TRP A 59 -12.38 27.88 16.53
CA TRP A 59 -13.14 27.32 15.43
C TRP A 59 -14.59 27.05 15.81
N TRP A 60 -14.85 26.74 17.08
CA TRP A 60 -16.21 26.42 17.49
C TRP A 60 -17.14 27.60 17.35
N ARG A 61 -16.63 28.82 17.55
CA ARG A 61 -17.46 30.01 17.32
C ARG A 61 -17.89 30.09 15.87
N LEU A 62 -16.96 29.82 14.95
CA LEU A 62 -17.31 29.83 13.52
C LEU A 62 -18.30 28.73 13.19
N VAL A 63 -18.13 27.55 13.79
CA VAL A 63 -19.08 26.47 13.57
C VAL A 63 -20.46 26.88 14.07
N ASP A 64 -20.52 27.55 15.22
CA ASP A 64 -21.79 28.02 15.74
C ASP A 64 -22.44 29.02 14.80
N LYS A 65 -21.66 29.96 14.25
CA LYS A 65 -22.22 30.93 13.31
C LYS A 65 -22.72 30.23 12.06
N TYR A 66 -21.97 29.24 11.57
CA TYR A 66 -22.42 28.50 10.39
C TYR A 66 -23.73 27.78 10.67
N HIS A 67 -23.85 27.16 11.84
CA HIS A 67 -25.08 26.48 12.20
C HIS A 67 -26.24 27.47 12.29
N GLU A 68 -26.00 28.65 12.87
CA GLU A 68 -27.04 29.65 12.98
C GLU A 68 -27.50 30.13 11.60
N GLU A 69 -26.56 30.30 10.68
CA GLU A 69 -26.92 30.80 9.36
C GLU A 69 -27.58 29.70 8.51
N LEU A 70 -27.23 28.44 8.75
CA LEU A 70 -27.75 27.34 7.94
C LEU A 70 -29.19 27.03 8.30
N TYR A 71 -29.45 26.68 9.56
CA TYR A 71 -30.80 26.55 10.08
C TYR A 71 -31.13 27.77 10.92
N GLY A 72 -32.38 28.21 10.88
CA GLY A 72 -32.76 29.39 11.64
C GLY A 72 -32.45 29.27 13.11
N SER A 73 -32.52 28.04 13.65
CA SER A 73 -32.20 27.78 15.04
C SER A 73 -30.71 27.94 15.32
N PRO A 74 -30.31 28.24 16.58
CA PRO A 74 -28.90 28.33 16.93
C PRO A 74 -28.32 26.96 17.33
N LYS A 75 -27.11 26.93 17.89
CA LYS A 75 -26.46 25.70 18.32
C LYS A 75 -27.32 24.97 19.34
N LYS A 76 -27.48 23.66 19.13
CA LYS A 76 -28.28 22.81 20.01
C LYS A 76 -27.44 21.67 20.52
N GLY A 77 -27.61 21.32 21.79
CA GLY A 77 -26.89 20.20 22.36
C GLY A 77 -25.39 20.43 22.31
N ASN A 78 -24.68 19.43 21.79
CA ASN A 78 -23.23 19.46 21.72
C ASN A 78 -22.79 19.01 20.34
N TYR A 79 -21.55 19.36 19.99
CA TYR A 79 -20.98 19.08 18.69
C TYR A 79 -19.96 17.96 18.80
N SER A 80 -20.09 16.95 17.94
CA SER A 80 -19.11 15.88 17.86
C SER A 80 -17.92 16.32 17.01
N SER A 81 -16.92 15.43 16.91
CA SER A 81 -15.71 15.76 16.17
C SER A 81 -16.00 16.01 14.69
N ASP A 82 -16.86 15.19 14.09
CA ASP A 82 -17.11 15.29 12.66
C ASP A 82 -17.95 16.50 12.27
N GLU A 83 -18.72 17.06 13.21
CA GLU A 83 -19.58 18.20 12.89
C GLU A 83 -18.77 19.42 12.49
N TYR A 84 -17.65 19.66 13.19
CA TYR A 84 -16.82 20.81 12.88
C TYR A 84 -16.38 20.82 11.43
N LEU A 85 -16.06 19.65 10.89
CA LEU A 85 -15.63 19.54 9.51
C LEU A 85 -16.78 19.39 8.52
N ARG A 86 -17.94 18.90 8.99
CA ARG A 86 -19.06 18.70 8.08
C ARG A 86 -19.88 19.97 7.86
N ILE A 87 -20.19 20.71 8.92
CA ILE A 87 -21.08 21.86 8.78
C ILE A 87 -20.51 22.90 7.82
N PRO A 88 -19.25 23.31 7.91
CA PRO A 88 -18.71 24.22 6.89
C PRO A 88 -18.80 23.64 5.49
N GLN A 89 -18.61 22.33 5.35
CA GLN A 89 -18.71 21.71 4.03
C GLN A 89 -20.11 21.87 3.44
N ILE A 90 -21.13 21.60 4.25
CA ILE A 90 -22.50 21.74 3.78
C ILE A 90 -22.81 23.20 3.47
N PHE A 91 -22.36 24.12 4.34
CA PHE A 91 -22.59 25.53 4.09
C PHE A 91 -22.00 25.97 2.76
N TYR A 92 -20.75 25.58 2.51
CA TYR A 92 -20.10 25.91 1.24
C TYR A 92 -20.88 25.30 0.08
N ASN A 93 -21.26 24.03 0.19
CA ASN A 93 -21.92 23.35 -0.91
C ASN A 93 -23.24 24.02 -1.27
N VAL A 94 -24.01 24.42 -0.26
CA VAL A 94 -25.37 24.87 -0.50
C VAL A 94 -25.41 26.35 -0.88
N LYS A 95 -24.96 27.23 0.01
CA LYS A 95 -25.13 28.66 -0.20
C LYS A 95 -24.19 29.19 -1.27
N GLY A 96 -22.89 29.09 -1.05
CA GLY A 96 -21.93 29.54 -2.03
C GLY A 96 -20.62 29.95 -1.38
N GLU A 97 -19.58 30.08 -2.23
CA GLU A 97 -18.27 30.44 -1.74
C GLU A 97 -18.25 31.83 -1.13
N MET A 98 -18.97 32.78 -1.72
CA MET A 98 -18.90 34.16 -1.24
C MET A 98 -19.29 34.26 0.24
N ALA A 99 -20.30 33.51 0.66
CA ALA A 99 -20.69 33.56 2.08
C ALA A 99 -19.58 33.00 2.97
N PHE A 100 -18.95 31.90 2.55
CA PHE A 100 -17.89 31.29 3.36
C PHE A 100 -16.79 32.29 3.64
N ASP A 101 -16.25 32.91 2.59
CA ASP A 101 -15.14 33.85 2.78
C ASP A 101 -15.60 35.16 3.39
N GLY A 102 -16.85 35.56 3.15
CA GLY A 102 -17.36 36.73 3.85
C GLY A 102 -17.36 36.54 5.36
N ILE A 103 -17.86 35.38 5.81
CA ILE A 103 -17.85 35.08 7.23
C ILE A 103 -16.42 34.96 7.75
N LEU A 104 -15.54 34.33 6.97
CA LEU A 104 -14.14 34.21 7.39
C LEU A 104 -13.52 35.58 7.61
N LYS A 105 -13.72 36.50 6.65
CA LYS A 105 -13.18 37.85 6.80
C LYS A 105 -13.82 38.57 7.98
N ASP A 106 -15.12 38.38 8.18
CA ASP A 106 -15.79 39.04 9.28
C ASP A 106 -15.20 38.61 10.63
N PHE A 107 -14.89 37.32 10.77
CA PHE A 107 -14.46 36.80 12.06
C PHE A 107 -12.97 36.89 12.30
N PHE A 108 -12.13 36.81 11.27
CA PHE A 108 -10.69 36.76 11.45
C PHE A 108 -9.99 38.09 11.28
N GLN A 109 -10.63 39.08 10.67
CA GLN A 109 -9.97 40.36 10.43
C GLN A 109 -9.88 41.16 11.73
N VAL A 110 -8.84 40.92 12.52
CA VAL A 110 -8.65 41.63 13.78
C VAL A 110 -7.22 41.43 14.23
N ASP A 111 -6.68 42.44 14.90
CA ASP A 111 -5.32 42.39 15.44
C ASP A 111 -5.41 42.10 16.93
N LYS A 112 -4.50 41.26 17.41
CA LYS A 112 -4.47 40.86 18.80
C LYS A 112 -3.03 40.86 19.29
N PRO A 113 -2.82 41.05 20.59
CA PRO A 113 -1.45 41.06 21.12
C PRO A 113 -0.89 39.66 21.28
N THR A 114 0.44 39.57 21.27
CA THR A 114 1.12 38.33 21.58
C THR A 114 1.07 38.09 23.09
N ASN A 115 1.53 36.93 23.52
CA ASN A 115 1.50 36.53 24.91
C ASN A 115 2.86 35.98 25.29
N PRO A 116 3.16 35.89 26.59
CA PRO A 116 4.52 35.51 27.01
C PRO A 116 4.97 34.16 26.50
N ILE A 117 4.05 33.27 26.13
CA ILE A 117 4.46 31.95 25.67
C ILE A 117 5.23 32.05 24.35
N HIS A 118 4.83 32.96 23.46
CA HIS A 118 5.56 33.14 22.23
C HIS A 118 6.98 33.63 22.50
N ASP A 119 7.12 34.60 23.40
CA ASP A 119 8.45 35.09 23.75
C ASP A 119 9.30 33.98 24.33
N LYS A 120 8.72 33.16 25.21
CA LYS A 120 9.46 32.06 25.80
C LYS A 120 9.90 31.06 24.73
N ILE A 121 8.98 30.73 23.82
CA ILE A 121 9.29 29.76 22.77
C ILE A 121 10.45 30.26 21.92
N LEU A 122 10.42 31.54 21.54
CA LEU A 122 11.51 32.08 20.74
C LEU A 122 12.80 32.15 21.56
N ALA A 123 12.70 32.43 22.86
CA ALA A 123 13.87 32.44 23.72
C ALA A 123 14.49 31.05 23.83
N MET A 124 13.73 29.99 23.55
CA MET A 124 14.31 28.66 23.53
C MET A 124 15.27 28.44 22.36
N ASN A 125 15.32 29.37 21.39
CA ASN A 125 16.21 29.27 20.23
C ASN A 125 15.95 28.01 19.43
N PRO A 126 14.80 27.90 18.74
CA PRO A 126 14.57 26.75 17.88
C PRO A 126 15.21 26.93 16.51
N ALA A 127 15.47 25.80 15.85
CA ALA A 127 15.99 25.84 14.49
C ALA A 127 14.87 26.15 13.50
N HIS A 128 13.87 25.27 13.42
CA HIS A 128 12.65 25.51 12.67
C HIS A 128 11.48 25.64 13.64
N VAL A 129 10.33 26.01 13.10
CA VAL A 129 9.10 26.07 13.90
C VAL A 129 7.93 25.67 13.02
N ILE A 130 7.30 24.54 13.33
CA ILE A 130 6.13 24.04 12.56
C ILE A 130 4.87 24.48 13.33
N THR A 131 3.78 24.82 12.65
CA THR A 131 2.53 25.29 13.29
C THR A 131 1.34 24.92 12.41
N THR A 132 0.16 24.71 12.99
CA THR A 132 -1.09 24.41 12.23
C THR A 132 -1.97 25.66 12.27
N ASN A 133 -1.45 26.77 12.77
CA ASN A 133 -2.23 28.02 12.93
C ASN A 133 -2.18 28.84 11.65
N TYR A 134 -3.16 29.71 11.43
CA TYR A 134 -3.19 30.61 10.28
C TYR A 134 -3.09 32.07 10.69
N ASP A 135 -2.87 32.36 11.96
CA ASP A 135 -2.66 33.73 12.43
C ASP A 135 -1.18 34.09 12.31
N ASN A 136 -0.90 35.40 12.41
CA ASN A 136 0.45 35.93 12.30
C ASN A 136 1.04 36.29 13.64
N LEU A 137 0.66 35.57 14.71
CA LEU A 137 1.19 35.89 16.03
C LEU A 137 2.67 35.52 16.15
N ILE A 138 3.03 34.32 15.69
CA ILE A 138 4.44 33.92 15.78
C ILE A 138 5.29 34.78 14.86
N ASP A 139 4.74 35.23 13.74
CA ASP A 139 5.49 36.14 12.87
C ASP A 139 5.87 37.41 13.60
N THR A 140 4.90 38.05 14.26
CA THR A 140 5.19 39.26 15.01
C THR A 140 6.15 38.98 16.15
N ALA A 141 5.98 37.84 16.82
CA ALA A 141 6.90 37.50 17.91
C ALA A 141 8.34 37.40 17.40
N CYS A 142 8.54 36.70 16.29
CA CYS A 142 9.88 36.58 15.72
C CYS A 142 10.42 37.93 15.31
N TRP A 143 9.59 38.76 14.67
CA TRP A 143 10.06 40.05 14.20
C TRP A 143 10.47 40.94 15.37
N LYS A 144 9.68 40.97 16.44
CA LYS A 144 10.04 41.80 17.59
C LYS A 144 11.28 41.27 18.28
N ARG A 145 11.35 39.96 18.51
CA ARG A 145 12.56 39.37 19.08
C ARG A 145 13.76 39.57 18.15
N GLY A 146 13.52 39.81 16.87
CA GLY A 146 14.57 40.09 15.91
C GLY A 146 15.01 38.90 15.08
N LYS A 147 14.45 37.71 15.30
CA LYS A 147 14.88 36.54 14.56
C LYS A 147 14.41 36.61 13.11
N TYR A 148 15.12 35.88 12.24
CA TYR A 148 14.83 35.84 10.81
C TYR A 148 14.42 34.42 10.45
N PHE A 149 13.16 34.25 10.05
CA PHE A 149 12.62 32.97 9.62
C PHE A 149 11.97 33.12 8.24
N SER A 150 12.07 32.06 7.44
CA SER A 150 11.39 32.00 6.15
C SER A 150 10.01 31.40 6.35
N VAL A 151 8.98 32.10 5.88
CA VAL A 151 7.60 31.67 6.05
C VAL A 151 7.21 30.83 4.85
N ILE A 152 6.78 29.59 5.11
CA ILE A 152 6.35 28.66 4.07
C ILE A 152 4.91 28.29 4.38
N SER A 153 3.98 28.94 3.68
CA SER A 153 2.55 28.67 3.87
C SER A 153 1.86 28.26 2.57
N ALA A 154 2.62 28.05 1.50
CA ALA A 154 2.06 27.69 0.21
C ALA A 154 2.97 26.65 -0.43
N GLU A 155 2.72 26.34 -1.70
CA GLU A 155 3.48 25.35 -2.43
C GLU A 155 4.62 25.95 -3.23
N GLU A 156 4.41 27.10 -3.86
CA GLU A 156 5.47 27.76 -4.61
C GLU A 156 6.58 28.30 -3.72
N ASP A 157 6.35 28.37 -2.40
CA ASP A 157 7.33 28.94 -1.49
C ASP A 157 8.47 27.99 -1.16
N VAL A 158 8.27 26.69 -1.32
CA VAL A 158 9.32 25.74 -0.94
C VAL A 158 10.53 25.88 -1.86
N ALA A 159 10.29 26.13 -3.15
CA ALA A 159 11.39 26.18 -4.10
C ALA A 159 12.29 27.38 -3.85
N ASN A 160 11.71 28.57 -3.69
CA ASN A 160 12.46 29.81 -3.54
C ASN A 160 12.41 30.23 -2.07
N ALA A 161 13.36 29.71 -1.29
CA ALA A 161 13.49 30.03 0.13
C ALA A 161 14.76 30.84 0.33
N THR A 162 14.63 31.99 1.01
CA THR A 162 15.77 32.89 1.15
C THR A 162 16.79 32.38 2.14
N SER A 163 16.36 31.67 3.18
CA SER A 163 17.25 31.24 4.25
C SER A 163 17.15 29.74 4.48
N SER A 164 17.76 29.24 5.56
CA SER A 164 17.81 27.81 5.83
C SER A 164 17.18 27.47 7.19
N ARG A 165 16.28 28.31 7.68
CA ARG A 165 15.46 28.01 8.85
C ARG A 165 14.03 28.43 8.56
N TYR A 166 13.08 27.53 8.79
CA TYR A 166 11.73 27.66 8.28
C TYR A 166 10.72 27.88 9.41
N LEU A 167 9.73 28.72 9.13
CA LEU A 167 8.51 28.82 9.91
C LEU A 167 7.41 28.20 9.04
N LEU A 168 7.17 26.92 9.25
CA LEU A 168 6.32 26.11 8.38
C LEU A 168 4.90 26.09 8.93
N LYS A 169 4.00 26.82 8.28
CA LYS A 169 2.57 26.74 8.57
C LYS A 169 1.96 25.72 7.61
N VAL A 170 1.66 24.53 8.12
CA VAL A 170 1.25 23.44 7.24
C VAL A 170 -0.15 23.71 6.68
N HIS A 171 -1.07 24.21 7.50
CA HIS A 171 -2.45 24.35 7.09
C HIS A 171 -2.75 25.66 6.37
N GLY A 172 -1.83 26.61 6.35
CA GLY A 172 -1.97 27.81 5.56
C GLY A 172 -1.82 29.06 6.39
N ASP A 173 -2.37 30.14 5.87
CA ASP A 173 -2.30 31.47 6.50
C ASP A 173 -3.29 32.37 5.78
N PHE A 174 -3.26 33.66 6.07
CA PHE A 174 -4.06 34.66 5.38
C PHE A 174 -3.18 35.82 4.92
N ARG A 175 -2.06 35.52 4.28
CA ARG A 175 -1.10 36.56 3.80
C ARG A 175 -1.35 36.82 2.32
N LYS A 176 -2.26 36.07 1.67
CA LYS A 176 -2.61 36.34 0.28
C LYS A 176 -4.10 36.62 0.13
N GLY A 177 -4.77 36.99 1.21
CA GLY A 177 -6.20 37.23 1.21
C GLY A 177 -6.92 36.35 2.21
N PHE A 178 -8.17 36.74 2.46
CA PHE A 178 -9.04 36.02 3.39
C PHE A 178 -9.90 34.97 2.69
N LYS A 179 -9.43 34.43 1.57
CA LYS A 179 -10.16 33.39 0.87
C LYS A 179 -10.09 32.08 1.63
N GLY A 180 -11.09 31.23 1.40
CA GLY A 180 -11.14 29.93 2.01
C GLY A 180 -10.34 28.86 1.32
N GLU A 181 -9.61 29.21 0.26
CA GLU A 181 -8.82 28.24 -0.49
C GLU A 181 -7.38 28.15 0.00
N ASN A 182 -6.84 29.25 0.56
CA ASN A 182 -5.48 29.24 1.05
C ASN A 182 -5.33 28.46 2.35
N VAL A 183 -6.41 28.03 2.97
CA VAL A 183 -6.38 27.40 4.29
C VAL A 183 -6.94 25.99 4.20
N VAL A 184 -6.94 25.27 5.32
CA VAL A 184 -7.44 23.91 5.41
C VAL A 184 -8.44 23.89 6.56
N LEU A 185 -9.74 23.97 6.26
CA LEU A 185 -10.75 24.16 7.29
C LEU A 185 -12.00 23.31 7.14
N LYS A 186 -12.14 22.51 6.08
CA LYS A 186 -13.33 21.70 5.85
C LYS A 186 -12.91 20.28 5.47
N GLU A 187 -13.90 19.38 5.43
CA GLU A 187 -13.57 17.96 5.23
C GLU A 187 -12.96 17.71 3.86
N ASP A 188 -13.37 18.46 2.84
CA ASP A 188 -12.75 18.31 1.53
C ASP A 188 -11.27 18.70 1.59
N ASP A 189 -10.94 19.77 2.32
CA ASP A 189 -9.54 20.15 2.47
C ASP A 189 -8.74 19.07 3.19
N TYR A 190 -9.34 18.42 4.18
CA TYR A 190 -8.66 17.36 4.90
C TYR A 190 -8.58 16.06 4.10
N LEU A 191 -9.43 15.89 3.09
CA LEU A 191 -9.41 14.67 2.28
C LEU A 191 -8.30 14.72 1.24
N ASN A 192 -8.13 15.86 0.57
CA ASN A 192 -7.16 16.00 -0.52
C ASN A 192 -5.88 16.69 -0.06
N TYR A 193 -5.53 16.56 1.21
CA TYR A 193 -4.31 17.21 1.69
C TYR A 193 -3.08 16.59 1.08
N ASP A 194 -2.97 15.26 1.13
CA ASP A 194 -1.77 14.59 0.63
C ASP A 194 -1.59 14.77 -0.86
N GLN A 195 -2.64 15.14 -1.59
CA GLN A 195 -2.57 15.34 -3.02
C GLN A 195 -2.41 16.79 -3.43
N ASN A 196 -2.81 17.73 -2.56
CA ASN A 196 -2.65 19.15 -2.84
C ASN A 196 -1.44 19.77 -2.16
N TYR A 197 -0.85 19.10 -1.18
CA TYR A 197 0.32 19.60 -0.45
C TYR A 197 1.37 18.50 -0.39
N PRO A 198 1.92 18.10 -1.54
CA PRO A 198 2.98 17.08 -1.53
C PRO A 198 4.28 17.61 -0.96
N LEU A 199 4.67 18.81 -1.39
CA LEU A 199 5.96 19.36 -1.00
C LEU A 199 5.98 19.74 0.47
N ILE A 200 4.92 20.39 0.96
CA ILE A 200 4.88 20.78 2.36
C ILE A 200 4.90 19.54 3.27
N SER A 201 4.10 18.52 2.92
CA SER A 201 4.10 17.31 3.72
C SER A 201 5.45 16.62 3.70
N ASN A 202 6.08 16.56 2.52
CA ASN A 202 7.42 15.98 2.43
C ASN A 202 8.38 16.70 3.36
N LEU A 203 8.37 18.04 3.31
CA LEU A 203 9.31 18.81 4.11
C LEU A 203 9.03 18.63 5.60
N MET A 204 7.76 18.59 5.99
CA MET A 204 7.43 18.39 7.41
C MET A 204 7.91 17.03 7.88
N LYS A 205 7.71 15.99 7.08
CA LYS A 205 8.18 14.67 7.47
C LYS A 205 9.69 14.63 7.59
N THR A 206 10.39 15.25 6.63
CA THR A 206 11.86 15.27 6.71
C THR A 206 12.34 16.01 7.94
N ILE A 207 11.70 17.14 8.27
CA ILE A 207 12.09 17.87 9.48
C ILE A 207 11.85 17.02 10.71
N ILE A 208 10.71 16.32 10.76
CA ILE A 208 10.41 15.48 11.91
C ILE A 208 11.42 14.35 12.04
N ALA A 209 11.92 13.84 10.92
CA ALA A 209 12.81 12.68 10.95
C ALA A 209 14.27 13.04 11.20
N THR A 210 14.61 14.32 11.32
CA THR A 210 16.00 14.74 11.48
C THR A 210 16.13 15.86 12.51
N HIS A 211 15.22 15.91 13.49
CA HIS A 211 15.24 16.96 14.50
C HIS A 211 14.56 16.43 15.75
N THR A 212 14.59 17.24 16.80
CA THR A 212 13.90 16.96 18.05
C THR A 212 12.65 17.81 18.12
N ILE A 213 11.51 17.18 18.40
CA ILE A 213 10.20 17.80 18.27
C ILE A 213 9.55 17.89 19.65
N VAL A 214 8.94 19.04 19.93
CA VAL A 214 8.19 19.23 21.17
C VAL A 214 6.81 19.76 20.82
N PHE A 215 5.77 19.07 21.29
CA PHE A 215 4.39 19.43 20.99
C PHE A 215 3.86 20.33 22.10
N ILE A 216 3.33 21.50 21.75
CA ILE A 216 2.86 22.47 22.73
C ILE A 216 1.45 22.91 22.36
N GLY A 217 0.56 22.88 23.35
CA GLY A 217 -0.78 23.43 23.22
C GLY A 217 -1.69 22.73 22.24
N TYR A 218 -1.69 21.40 22.23
CA TYR A 218 -2.50 20.61 21.31
C TYR A 218 -3.57 19.78 21.99
N GLY A 219 -3.19 18.97 22.97
CA GLY A 219 -4.15 18.08 23.61
C GLY A 219 -4.21 16.74 22.91
N LEU A 220 -4.06 15.65 23.66
CA LEU A 220 -4.08 14.32 23.08
C LEU A 220 -5.43 14.04 22.44
N GLY A 221 -5.41 13.22 21.39
CA GLY A 221 -6.62 12.86 20.69
C GLY A 221 -7.03 13.79 19.57
N ASP A 222 -6.28 14.87 19.34
CA ASP A 222 -6.60 15.76 18.24
C ASP A 222 -6.35 15.06 16.90
N TYR A 223 -6.79 15.70 15.83
CA TYR A 223 -6.69 15.09 14.51
C TYR A 223 -5.24 14.89 14.11
N ASN A 224 -4.44 15.95 14.18
CA ASN A 224 -3.08 15.91 13.65
C ASN A 224 -2.19 14.98 14.45
N ILE A 225 -2.37 14.94 15.77
CA ILE A 225 -1.56 14.05 16.58
C ILE A 225 -1.77 12.61 16.12
N ASN A 226 -3.03 12.22 15.92
CA ASN A 226 -3.33 10.84 15.54
C ASN A 226 -2.87 10.56 14.12
N MET A 227 -3.02 11.51 13.20
CA MET A 227 -2.55 11.29 11.83
C MET A 227 -1.03 11.10 11.81
N LEU A 228 -0.30 11.95 12.52
CA LEU A 228 1.15 11.81 12.60
C LEU A 228 1.52 10.48 13.26
N LEU A 229 0.76 10.07 14.27
CA LEU A 229 1.07 8.83 14.95
C LEU A 229 0.84 7.62 14.06
N ASN A 230 -0.17 7.68 13.19
CA ASN A 230 -0.36 6.62 12.21
C ASN A 230 0.80 6.60 11.21
N TRP A 231 1.20 7.77 10.72
CA TRP A 231 2.33 7.83 9.80
C TRP A 231 3.58 7.22 10.45
N VAL A 232 3.87 7.61 11.68
CA VAL A 232 5.03 7.11 12.41
C VAL A 232 4.94 5.61 12.51
N ARG A 233 3.74 5.09 12.74
CA ARG A 233 3.56 3.65 12.85
C ARG A 233 3.92 2.94 11.54
N LYS A 234 3.34 3.38 10.42
CA LYS A 234 3.51 2.63 9.19
C LYS A 234 4.87 2.87 8.55
N LEU A 235 5.40 4.07 8.67
CA LEU A 235 6.46 4.56 7.79
C LEU A 235 7.85 4.48 8.41
N GLN A 236 8.01 3.72 9.50
CA GLN A 236 9.29 3.64 10.18
C GLN A 236 9.51 2.21 10.65
N LYS A 237 10.74 1.96 11.13
CA LYS A 237 11.12 0.63 11.60
C LYS A 237 11.91 0.73 12.90
N ASP A 238 11.46 1.58 13.82
CA ASP A 238 12.18 1.84 15.07
C ASP A 238 13.53 2.47 14.77
N SER A 239 13.53 3.51 13.93
CA SER A 239 14.74 4.21 13.51
C SER A 239 14.53 5.71 13.56
N PHE A 240 13.99 6.20 14.67
CA PHE A 240 13.69 7.61 14.81
C PHE A 240 13.61 7.94 16.29
N HIS A 241 13.54 9.24 16.58
CA HIS A 241 13.51 9.74 17.95
C HIS A 241 12.07 10.06 18.34
N LYS A 242 11.64 9.55 19.49
CA LYS A 242 10.28 9.76 19.94
C LYS A 242 10.08 11.25 20.28
N PRO A 243 9.00 11.88 19.81
CA PRO A 243 8.74 13.26 20.20
C PRO A 243 8.41 13.38 21.68
N PHE A 244 8.34 14.63 22.14
CA PHE A 244 7.92 14.97 23.49
C PHE A 244 6.58 15.68 23.44
N PHE A 245 5.81 15.56 24.52
CA PHE A 245 4.48 16.17 24.60
C PHE A 245 4.37 16.94 25.91
N ILE A 246 3.92 18.19 25.81
CA ILE A 246 3.70 19.06 26.96
C ILE A 246 2.19 19.20 27.12
N ARG A 247 1.61 18.50 28.09
CA ARG A 247 0.17 18.48 28.30
C ARG A 247 -0.19 19.47 29.40
N THR A 248 -1.18 20.32 29.12
CA THR A 248 -1.64 21.34 30.07
C THR A 248 -3.17 21.30 30.09
N ASP A 249 -3.72 20.53 31.01
CA ASP A 249 -5.16 20.41 31.18
C ASP A 249 -5.46 20.43 32.67
N PRO A 250 -6.70 20.77 33.05
CA PRO A 250 -6.98 21.03 34.47
C PRO A 250 -6.67 19.86 35.39
N SER A 251 -6.89 18.62 34.96
CA SER A 251 -6.78 17.48 35.84
C SER A 251 -5.56 16.64 35.48
N PRO A 252 -4.99 15.92 36.44
CA PRO A 252 -3.84 15.05 36.12
C PRO A 252 -4.23 13.91 35.20
N ILE A 253 -3.28 13.51 34.35
CA ILE A 253 -3.54 12.47 33.36
C ILE A 253 -3.62 11.11 34.05
N GLU A 254 -4.57 10.29 33.63
CA GLU A 254 -4.69 8.95 34.18
C GLU A 254 -3.54 8.07 33.71
N ASN A 255 -3.28 7.00 34.45
CA ASN A 255 -2.14 6.15 34.15
C ASN A 255 -2.36 5.29 32.92
N GLU A 256 -3.59 4.82 32.70
CA GLU A 256 -3.85 3.96 31.54
C GLU A 256 -3.62 4.72 30.24
N THR A 257 -4.18 5.93 30.14
CA THR A 257 -3.95 6.75 28.95
C THR A 257 -2.47 7.07 28.80
N LEU A 258 -1.79 7.36 29.90
CA LEU A 258 -0.37 7.69 29.84
C LEU A 258 0.43 6.54 29.26
N ILE A 259 0.21 5.32 29.75
CA ILE A 259 0.97 4.19 29.23
C ILE A 259 0.58 3.90 27.78
N TYR A 260 -0.71 4.03 27.45
CA TYR A 260 -1.14 3.75 26.09
C TYR A 260 -0.47 4.68 25.11
N TYR A 261 -0.40 5.98 25.43
CA TYR A 261 0.22 6.92 24.50
C TYR A 261 1.74 6.85 24.54
N GLU A 262 2.33 6.49 25.67
CA GLU A 262 3.78 6.30 25.70
C GLU A 262 4.19 5.12 24.82
N ASN A 263 3.41 4.05 24.82
CA ASN A 263 3.70 2.92 23.96
C ASN A 263 3.51 3.24 22.49
N LYS A 264 2.81 4.32 22.17
CA LYS A 264 2.51 4.69 20.79
C LYS A 264 3.49 5.71 20.22
N GLY A 265 4.64 5.87 20.86
CA GLY A 265 5.67 6.78 20.35
C GLY A 265 5.51 8.21 20.80
N LEU A 266 5.50 8.43 22.11
CA LEU A 266 5.43 9.79 22.65
C LEU A 266 6.05 9.80 24.04
N ARG A 267 6.44 10.99 24.48
CA ARG A 267 6.94 11.21 25.82
C ARG A 267 6.21 12.42 26.39
N ILE A 268 5.46 12.21 27.47
CA ILE A 268 4.51 13.20 27.96
C ILE A 268 5.10 13.91 29.17
N ILE A 269 4.94 15.23 29.19
CA ILE A 269 5.20 16.06 30.37
C ILE A 269 3.87 16.72 30.74
N ASP A 270 3.40 16.45 31.95
CA ASP A 270 2.07 16.87 32.39
C ASP A 270 2.20 18.06 33.33
N ALA A 271 1.57 19.17 32.96
CA ALA A 271 1.67 20.39 33.76
C ALA A 271 0.98 20.23 35.11
N ALA A 272 -0.21 19.64 35.13
CA ALA A 272 -0.97 19.55 36.37
C ALA A 272 -0.22 18.77 37.43
N SER A 273 0.70 17.90 37.03
CA SER A 273 1.45 17.11 38.01
C SER A 273 2.50 17.96 38.73
N LEU A 274 3.18 18.84 38.01
CA LEU A 274 4.23 19.64 38.64
C LEU A 274 3.65 20.55 39.71
N ILE A 275 2.63 21.33 39.36
CA ILE A 275 2.05 22.32 40.26
C ILE A 275 0.54 22.23 40.19
N ASP A 276 -0.11 22.74 41.23
CA ASP A 276 -1.56 22.77 41.33
C ASP A 276 -2.06 24.18 41.08
N SER A 277 -3.19 24.27 40.38
CA SER A 277 -3.77 25.57 40.03
C SER A 277 -5.25 25.39 39.79
N ASN A 278 -5.94 26.52 39.64
CA ASN A 278 -7.38 26.50 39.45
C ASN A 278 -7.74 26.09 38.02
N GLU A 279 -9.04 26.02 37.74
CA GLU A 279 -9.50 25.46 36.47
C GLU A 279 -9.04 26.30 35.28
N TYR A 280 -9.33 27.60 35.32
CA TYR A 280 -9.17 28.46 34.15
C TYR A 280 -7.83 29.15 34.09
N ASP A 281 -6.92 28.88 35.02
CA ASP A 281 -5.61 29.52 35.04
C ASP A 281 -4.67 28.78 34.06
N TYR A 282 -5.01 28.88 32.78
CA TYR A 282 -4.25 28.18 31.76
C TYR A 282 -2.87 28.78 31.56
N LEU A 283 -2.78 30.11 31.62
CA LEU A 283 -1.49 30.77 31.52
C LEU A 283 -0.55 30.28 32.60
N GLU A 284 -1.07 30.07 33.82
CA GLU A 284 -0.24 29.63 34.93
C GLU A 284 0.43 28.30 34.62
N ARG A 285 -0.36 27.31 34.19
CA ARG A 285 0.20 25.99 33.93
C ARG A 285 1.02 25.93 32.65
N TYR A 286 0.72 26.78 31.66
CA TYR A 286 1.60 26.88 30.50
C TYR A 286 2.97 27.41 30.90
N SER A 287 2.99 28.47 31.71
CA SER A 287 4.26 29.08 32.10
C SER A 287 5.02 28.21 33.09
N ALA A 288 4.31 27.43 33.91
CA ALA A 288 4.99 26.58 34.88
C ALA A 288 5.93 25.59 34.20
N VAL A 289 5.59 25.16 32.99
CA VAL A 289 6.36 24.12 32.31
C VAL A 289 7.14 24.65 31.10
N MET A 290 6.68 25.72 30.46
CA MET A 290 7.26 26.12 29.18
C MET A 290 8.72 26.49 29.33
N ASP A 291 9.01 27.59 30.03
CA ASP A 291 10.37 28.11 30.13
C ASP A 291 10.86 28.18 31.56
N LEU A 292 10.00 28.61 32.50
CA LEU A 292 10.42 28.73 33.89
C LEU A 292 11.06 27.43 34.41
N LEU A 293 10.80 26.31 33.74
CA LEU A 293 11.46 25.04 34.06
C LEU A 293 12.51 24.63 33.05
N ILE A 294 12.35 25.03 31.78
CA ILE A 294 13.28 24.56 30.75
C ILE A 294 14.53 25.44 30.70
N GLU A 295 14.36 26.72 30.37
CA GLU A 295 15.52 27.60 30.24
C GLU A 295 16.26 27.73 31.57
N SER A 296 15.52 27.90 32.66
CA SER A 296 16.16 27.99 33.96
C SER A 296 17.00 26.75 34.26
N GLN A 297 16.63 25.61 33.69
CA GLN A 297 17.41 24.38 33.82
C GLN A 297 18.43 24.22 32.71
N GLU A 298 18.83 25.31 32.06
CA GLU A 298 19.90 25.25 31.07
C GLU A 298 21.26 24.97 31.70
N ASN A 299 21.37 25.08 33.03
CA ASN A 299 22.61 24.80 33.73
C ASN A 299 22.74 23.30 33.97
N LYS A 300 23.81 22.91 34.67
CA LYS A 300 24.06 21.51 34.95
C LYS A 300 23.13 21.02 36.06
N PHE A 301 23.28 19.74 36.40
CA PHE A 301 22.54 19.10 37.48
C PHE A 301 23.51 18.37 38.40
N ILE A 302 24.65 18.98 38.68
CA ILE A 302 25.72 18.34 39.44
C ILE A 302 25.35 18.42 40.92
N THR A 303 25.03 17.27 41.52
CA THR A 303 24.65 17.23 42.93
C THR A 303 25.23 16.06 43.70
N LYS A 304 26.01 15.18 43.08
CA LYS A 304 26.50 13.96 43.72
C LYS A 304 28.01 13.86 43.54
N ASP A 305 28.59 12.89 44.26
CA ASP A 305 30.01 12.59 44.16
C ASP A 305 30.32 11.68 42.98
N ASP A 306 29.29 11.22 42.24
CA ASP A 306 29.50 10.45 41.03
C ASP A 306 29.08 11.19 39.77
N GLU A 307 28.27 12.24 39.89
CA GLU A 307 27.97 13.07 38.73
C GLU A 307 29.16 13.95 38.37
N VAL A 308 29.92 14.39 39.36
CA VAL A 308 31.08 15.25 39.10
C VAL A 308 32.08 14.53 38.23
N ILE A 309 32.40 13.28 38.58
CA ILE A 309 33.37 12.52 37.80
C ILE A 309 32.84 12.25 36.40
N ASP A 310 31.55 11.95 36.27
CA ASP A 310 30.98 11.70 34.96
C ASP A 310 31.11 12.94 34.07
N TYR A 311 30.75 14.11 34.62
CA TYR A 311 30.81 15.34 33.82
C TYR A 311 32.24 15.67 33.43
N ILE A 312 33.17 15.57 34.39
CA ILE A 312 34.56 15.91 34.10
C ILE A 312 35.14 14.94 33.07
N TYR A 313 34.79 13.66 33.17
CA TYR A 313 35.25 12.69 32.19
C TYR A 313 34.68 13.00 30.82
N GLY A 314 33.39 13.34 30.75
CA GLY A 314 32.81 13.71 29.47
C GLY A 314 33.51 14.90 28.84
N LYS A 315 33.94 15.86 29.67
CA LYS A 315 34.60 17.04 29.14
C LYS A 315 36.05 16.77 28.74
N ILE A 316 36.74 15.89 29.47
CA ILE A 316 38.19 15.76 29.31
C ILE A 316 38.58 14.60 28.39
N SER A 317 37.74 13.58 28.26
CA SER A 317 38.13 12.36 27.55
C SER A 317 38.65 12.60 26.14
N PRO A 318 38.00 13.41 25.29
CA PRO A 318 38.50 13.56 23.91
C PRO A 318 39.91 14.11 23.82
N LEU A 319 40.44 14.70 24.88
CA LEU A 319 41.81 15.19 24.87
C LEU A 319 42.82 14.10 25.17
N PHE A 320 42.39 12.87 25.44
CA PHE A 320 43.34 11.78 25.65
C PHE A 320 44.07 11.43 24.36
N ALA A 321 43.44 11.65 23.21
CA ALA A 321 44.09 11.31 21.94
C ALA A 321 45.38 12.10 21.77
N LEU A 322 45.36 13.39 22.09
CA LEU A 322 46.56 14.19 22.04
C LEU A 322 47.54 13.75 23.13
N GLN A 323 48.72 14.39 23.14
CA GLN A 323 49.76 14.09 24.10
C GLN A 323 49.80 15.09 25.26
N TYR A 324 49.94 16.38 24.96
CA TYR A 324 50.06 17.40 25.98
C TYR A 324 49.21 18.60 25.60
N ILE A 325 48.61 19.23 26.61
CA ILE A 325 47.67 20.33 26.43
C ILE A 325 48.22 21.54 27.18
N ARG A 326 48.18 22.71 26.54
CA ARG A 326 48.57 23.94 27.21
C ARG A 326 47.60 24.25 28.33
N LYS A 327 48.12 24.85 29.41
CA LYS A 327 47.27 25.13 30.57
C LYS A 327 46.27 26.24 30.25
N ILE A 328 46.69 27.28 29.54
CA ILE A 328 45.77 28.38 29.24
C ILE A 328 44.62 27.90 28.37
N ASP A 329 44.91 27.03 27.41
CA ASP A 329 43.86 26.55 26.50
C ASP A 329 42.71 25.92 27.27
N LEU A 330 43.00 25.29 28.41
CA LEU A 330 41.95 24.64 29.19
C LEU A 330 40.83 25.60 29.56
N LYS A 331 41.13 26.90 29.65
CA LYS A 331 40.09 27.86 29.99
C LYS A 331 38.93 27.82 29.01
N HIS A 332 39.17 27.41 27.76
CA HIS A 332 38.10 27.28 26.79
C HIS A 332 37.37 25.95 26.89
N VAL A 333 38.04 24.91 27.39
CA VAL A 333 37.40 23.60 27.49
C VAL A 333 36.24 23.64 28.47
N PHE A 334 36.37 24.43 29.54
CA PHE A 334 35.35 24.52 30.58
C PHE A 334 34.48 25.76 30.45
N GLU A 335 34.58 26.49 29.33
CA GLU A 335 33.65 27.59 29.02
C GLU A 335 33.72 28.71 30.04
N TYR A 336 34.93 29.19 30.31
CA TYR A 336 35.17 30.35 31.16
C TYR A 336 34.70 30.14 32.59
N ASP A 337 34.44 28.91 32.99
CA ASP A 337 34.00 28.64 34.36
C ASP A 337 35.14 28.74 35.37
N TYR A 338 36.39 28.62 34.93
CA TYR A 338 37.53 28.64 35.83
C TYR A 338 38.73 29.24 35.12
N HIS A 339 39.62 29.82 35.90
CA HIS A 339 40.89 30.36 35.42
C HIS A 339 42.00 29.38 35.78
N PHE A 340 42.82 29.05 34.80
CA PHE A 340 43.99 28.19 35.00
C PHE A 340 45.24 29.04 34.83
N GLU A 341 46.06 29.10 35.87
CA GLU A 341 47.32 29.83 35.81
C GLU A 341 48.40 28.95 35.20
N VAL A 342 49.46 29.60 34.72
CA VAL A 342 50.55 28.85 34.13
C VAL A 342 51.29 28.04 35.19
N ASN A 343 51.31 28.52 36.44
CA ASN A 343 51.99 27.80 37.50
C ASN A 343 51.30 26.51 37.89
N GLY A 344 49.99 26.41 37.66
CA GLY A 344 49.25 25.19 37.93
C GLY A 344 48.16 25.31 38.98
N THR A 345 47.69 26.51 39.29
CA THR A 345 46.68 26.73 40.31
C THR A 345 45.38 27.19 39.66
N VAL A 346 44.29 26.52 40.01
CA VAL A 346 42.96 26.84 39.48
C VAL A 346 42.33 27.91 40.36
N VAL A 347 41.46 28.71 39.76
CA VAL A 347 40.74 29.76 40.49
C VAL A 347 39.32 29.84 39.92
N ARG A 348 38.36 30.15 40.78
CA ARG A 348 36.98 30.26 40.33
C ARG A 348 36.74 31.59 39.63
N HIS A 349 35.95 31.55 38.56
CA HIS A 349 35.61 32.76 37.82
C HIS A 349 34.40 32.46 36.94
N LYS A 350 33.33 33.22 37.11
CA LYS A 350 32.12 33.16 36.28
C LYS A 350 31.34 31.87 36.46
N ASN A 351 31.63 31.08 37.48
CA ASN A 351 30.93 29.83 37.76
C ASN A 351 30.02 30.03 38.96
N LYS A 352 28.74 29.68 38.80
CA LYS A 352 27.75 29.88 39.84
C LYS A 352 27.14 28.58 40.37
N GLY A 353 27.33 27.46 39.69
CA GLY A 353 26.78 26.19 40.12
C GLY A 353 27.70 25.49 41.11
N PHE A 354 27.47 24.19 41.25
CA PHE A 354 28.32 23.37 42.11
C PHE A 354 29.77 23.48 41.67
N GLY A 355 30.67 23.64 42.64
CA GLY A 355 32.08 23.70 42.33
C GLY A 355 32.64 22.31 42.17
N TYR A 356 32.87 21.89 40.93
CA TYR A 356 33.26 20.52 40.65
C TYR A 356 34.77 20.31 40.71
N MET A 357 35.55 21.32 40.31
CA MET A 357 37.01 21.21 40.46
C MET A 357 37.39 21.12 41.93
N GLU A 358 36.73 21.90 42.79
CA GLU A 358 37.03 21.84 44.22
C GLU A 358 36.76 20.44 44.77
N ARG A 359 35.63 19.86 44.39
CA ARG A 359 35.29 18.53 44.89
C ARG A 359 36.25 17.49 44.34
N PHE A 360 36.67 17.64 43.08
CA PHE A 360 37.67 16.73 42.53
C PHE A 360 38.96 16.81 43.31
N PHE A 361 39.41 18.01 43.64
CA PHE A 361 40.64 18.15 44.42
C PHE A 361 40.46 17.54 45.82
N GLU A 362 39.30 17.74 46.44
CA GLU A 362 39.06 17.13 47.75
C GLU A 362 39.12 15.62 47.66
N LEU A 363 38.51 15.05 46.63
CA LEU A 363 38.62 13.59 46.42
C LEU A 363 40.07 13.18 46.24
N LYS A 364 40.85 13.97 45.52
CA LYS A 364 42.25 13.66 45.33
C LYS A 364 43.00 13.64 46.66
N GLU A 365 42.65 14.56 47.57
CA GLU A 365 43.38 14.66 48.83
C GLU A 365 43.14 13.45 49.72
N SER A 366 41.87 13.07 49.91
CA SER A 366 41.49 12.05 50.88
C SER A 366 41.12 10.76 50.17
N CYS A 367 41.68 9.64 50.65
CA CYS A 367 41.41 8.34 50.04
C CYS A 367 40.03 7.82 50.43
N ASP A 368 39.55 8.16 51.63
CA ASP A 368 38.25 7.67 52.07
C ASP A 368 37.13 8.15 51.15
N GLU A 369 37.18 9.42 50.74
CA GLU A 369 36.18 9.92 49.80
C GLU A 369 36.29 9.19 48.46
N ARG A 370 37.51 8.87 48.02
CA ARG A 370 37.66 8.09 46.81
C ARG A 370 37.01 6.73 46.94
N SER A 371 37.13 6.11 48.13
CA SER A 371 36.52 4.80 48.34
C SER A 371 35.00 4.87 48.18
N LYS A 372 34.39 6.03 48.43
CA LYS A 372 32.95 6.16 48.30
C LYS A 372 32.48 6.04 46.85
N LEU A 373 33.35 6.34 45.89
CA LEU A 373 32.95 6.25 44.49
C LEU A 373 32.55 4.82 44.14
N SER A 374 31.51 4.69 43.32
CA SER A 374 30.96 3.39 42.99
C SER A 374 31.88 2.67 42.00
N LYS A 375 31.50 1.44 41.65
CA LYS A 375 32.21 0.69 40.62
C LYS A 375 31.91 1.30 39.26
N LYS A 376 32.88 1.16 38.34
CA LYS A 376 32.85 1.70 36.98
C LYS A 376 33.17 3.18 36.97
N GLN A 377 33.34 3.82 38.12
CA GLN A 377 33.68 5.24 38.19
C GLN A 377 35.02 5.51 38.83
N TYR A 378 35.61 4.52 39.51
CA TYR A 378 36.95 4.69 40.05
C TYR A 378 38.00 4.71 38.95
N GLU A 379 37.82 3.91 37.90
CA GLU A 379 38.78 3.90 36.80
C GLU A 379 38.78 5.23 36.07
N ARG A 380 37.61 5.82 35.87
CA ARG A 380 37.53 7.15 35.28
C ARG A 380 38.25 8.18 36.14
N PHE A 381 38.08 8.10 37.46
CA PHE A 381 38.79 8.99 38.35
C PHE A 381 40.30 8.80 38.23
N ASN A 382 40.75 7.55 38.15
CA ASN A 382 42.18 7.29 38.00
C ASN A 382 42.71 7.88 36.70
N ALA A 383 41.96 7.71 35.60
CA ALA A 383 42.39 8.26 34.33
C ALA A 383 42.48 9.78 34.39
N LEU A 384 41.46 10.42 34.98
CA LEU A 384 41.49 11.88 35.10
C LEU A 384 42.65 12.34 35.97
N PHE A 385 42.91 11.63 37.07
CA PHE A 385 44.02 11.98 37.94
C PHE A 385 45.34 11.87 37.19
N ASN A 386 45.53 10.79 36.43
CA ASN A 386 46.75 10.64 35.66
C ASN A 386 46.90 11.76 34.64
N PHE A 387 45.81 12.09 33.93
CA PHE A 387 45.85 13.16 32.95
C PHE A 387 46.27 14.47 33.58
N PHE A 388 45.59 14.87 34.66
CA PHE A 388 45.89 16.15 35.29
C PHE A 388 47.30 16.16 35.85
N GLU A 389 47.74 15.07 36.46
CA GLU A 389 49.09 15.02 37.02
C GLU A 389 50.14 15.15 35.92
N LYS A 390 49.94 14.46 34.80
CA LYS A 390 50.89 14.56 33.70
C LYS A 390 50.94 15.97 33.13
N ASN A 391 49.78 16.59 32.95
CA ASN A 391 49.77 17.96 32.41
C ASN A 391 50.46 18.94 33.36
N GLY A 392 50.13 18.89 34.66
CA GLY A 392 50.76 19.72 35.65
C GLY A 392 49.83 20.54 36.52
N VAL A 393 48.53 20.26 36.50
CA VAL A 393 47.59 20.94 37.38
C VAL A 393 47.67 20.32 38.76
N ILE A 394 47.85 21.15 39.78
CA ILE A 394 48.14 20.65 41.13
C ILE A 394 46.91 20.76 42.02
N CYS A 395 46.45 21.98 42.27
CA CYS A 395 45.37 22.21 43.23
C CYS A 395 44.83 23.62 43.03
N MET A 396 43.93 24.02 43.92
CA MET A 396 43.40 25.37 43.90
C MET A 396 44.45 26.35 44.41
N ALA A 397 44.22 27.64 44.15
CA ALA A 397 45.18 28.66 44.52
C ALA A 397 45.18 28.95 46.02
N LYS A 398 44.04 28.74 46.70
CA LYS A 398 43.99 28.99 48.13
C LYS A 398 44.92 28.05 48.89
N ASP A 399 44.93 26.78 48.53
CA ASP A 399 45.75 25.77 49.19
C ASP A 399 47.08 25.52 48.48
N ALA A 400 47.60 26.53 47.78
CA ALA A 400 48.82 26.35 47.02
C ALA A 400 50.00 26.05 47.93
N GLY A 401 50.85 25.13 47.51
CA GLY A 401 52.06 24.75 48.23
C GLY A 401 53.29 25.41 47.64
N THR A 402 54.40 24.67 47.66
CA THR A 402 55.66 25.15 47.10
C THR A 402 55.77 24.66 45.66
N LEU A 403 55.27 25.48 44.73
CA LEU A 403 55.30 25.11 43.33
C LEU A 403 56.74 25.12 42.81
N ASN A 404 57.06 24.15 41.96
CA ASN A 404 58.39 23.99 41.39
C ASN A 404 58.36 24.24 39.88
N THR A 405 59.55 24.30 39.29
CA THR A 405 59.73 24.48 37.86
C THR A 405 60.57 23.35 37.31
N SER A 406 60.04 22.65 36.31
CA SER A 406 60.75 21.55 35.68
C SER A 406 60.48 21.58 34.19
N ILE A 407 61.42 21.06 33.41
CA ILE A 407 61.34 21.04 31.96
C ILE A 407 61.64 19.63 31.48
N GLU A 408 60.83 19.15 30.53
CA GLU A 408 61.02 17.81 29.99
C GLU A 408 60.30 17.73 28.64
N ILE A 409 61.07 17.48 27.58
CA ILE A 409 60.53 17.29 26.24
C ILE A 409 61.03 15.95 25.72
N ASN A 410 60.11 15.11 25.24
CA ASN A 410 60.41 13.73 24.89
C ASN A 410 60.52 13.49 23.39
N SER A 411 60.41 14.52 22.57
CA SER A 411 60.45 14.33 21.12
C SER A 411 61.88 14.19 20.64
N LEU A 412 62.13 13.17 19.82
CA LEU A 412 63.48 12.96 19.28
C LEU A 412 63.87 14.09 18.34
N ALA A 413 62.90 14.73 17.69
CA ALA A 413 63.21 15.83 16.80
C ALA A 413 63.86 16.99 17.56
N TYR A 414 63.40 17.24 18.79
CA TYR A 414 63.91 18.38 19.54
C TYR A 414 65.39 18.25 19.83
N HIS A 415 65.84 17.05 20.23
CA HIS A 415 67.23 16.86 20.63
C HIS A 415 68.17 16.67 19.45
N GLY A 416 67.66 16.65 18.23
CA GLY A 416 68.52 16.55 17.06
C GLY A 416 69.28 15.25 16.96
N LYS A 417 68.60 14.13 17.19
CA LYS A 417 69.19 12.80 17.06
C LYS A 417 68.82 12.29 15.66
N TYR A 418 69.66 12.61 14.68
CA TYR A 418 69.32 12.37 13.29
C TYR A 418 69.46 10.90 12.90
N ASP A 419 70.48 10.21 13.43
CA ASP A 419 70.65 8.80 13.12
C ASP A 419 69.48 7.99 13.66
N VAL A 420 68.97 8.35 14.84
CA VAL A 420 67.86 7.60 15.43
C VAL A 420 66.61 7.73 14.56
N MET A 421 66.31 8.94 14.10
CA MET A 421 65.15 9.12 13.23
C MET A 421 65.37 8.42 11.89
N LYS A 422 66.60 8.43 11.39
CA LYS A 422 66.92 7.64 10.19
C LYS A 422 66.55 6.17 10.40
N LYS A 423 67.02 5.59 11.50
CA LYS A 423 66.73 4.19 11.77
C LYS A 423 65.24 3.95 11.91
N PHE A 424 64.54 4.86 12.60
CA PHE A 424 63.10 4.69 12.78
C PHE A 424 62.38 4.73 11.45
N ILE A 425 62.78 5.63 10.56
CA ILE A 425 62.18 5.70 9.22
C ILE A 425 62.44 4.40 8.47
N GLU A 426 63.66 3.86 8.60
CA GLU A 426 63.96 2.59 7.95
C GLU A 426 63.07 1.47 8.49
N GLU A 427 62.83 1.46 9.80
CA GLU A 427 62.08 0.38 10.43
C GLU A 427 60.64 0.36 9.94
N GLN A 428 60.05 -0.84 9.96
CA GLN A 428 58.66 -1.01 9.57
C GLN A 428 57.73 -0.42 10.63
N SER A 429 56.58 0.06 10.18
CA SER A 429 55.56 0.63 11.05
C SER A 429 54.46 -0.40 11.31
N VAL A 430 53.70 -0.16 12.38
CA VAL A 430 52.59 -1.04 12.76
C VAL A 430 51.28 -0.29 12.95
N SER A 431 51.29 1.01 13.21
CA SER A 431 50.06 1.77 13.44
C SER A 431 50.20 3.14 12.79
N ILE A 432 49.04 3.76 12.53
CA ILE A 432 49.03 5.04 11.85
C ILE A 432 49.79 6.10 12.64
N GLU A 433 49.84 5.96 13.97
CA GLU A 433 50.62 6.90 14.77
C GLU A 433 52.09 6.83 14.41
N ASP A 434 52.61 5.63 14.18
CA ASP A 434 54.01 5.49 13.79
C ASP A 434 54.28 6.15 12.45
N ASP A 435 53.35 6.00 11.49
CA ASP A 435 53.51 6.66 10.21
C ASP A 435 53.45 8.17 10.36
N TYR A 436 52.57 8.66 11.23
CA TYR A 436 52.50 10.09 11.53
C TYR A 436 53.84 10.61 12.03
N LYS A 437 54.42 9.92 13.01
CA LYS A 437 55.72 10.33 13.54
C LYS A 437 56.80 10.23 12.48
N LYS A 438 56.74 9.19 11.64
CA LYS A 438 57.71 9.04 10.56
C LYS A 438 57.63 10.21 9.60
N ALA A 439 56.41 10.64 9.27
CA ALA A 439 56.25 11.78 8.38
C ALA A 439 56.84 13.04 9.00
N PHE A 440 56.58 13.26 10.29
CA PHE A 440 57.17 14.43 10.93
C PHE A 440 58.68 14.36 10.94
N PHE A 441 59.25 13.19 11.22
CA PHE A 441 60.69 13.05 11.21
C PHE A 441 61.26 13.31 9.81
N LEU A 442 60.59 12.81 8.78
CA LEU A 442 61.00 13.08 7.41
C LEU A 442 61.00 14.57 7.14
N ALA A 443 59.96 15.27 7.61
CA ALA A 443 59.91 16.71 7.43
C ALA A 443 61.10 17.38 8.11
N CYS A 444 61.42 16.96 9.34
CA CYS A 444 62.62 17.49 9.99
C CYS A 444 63.90 16.82 9.54
N LEU A 445 63.88 16.05 8.46
CA LEU A 445 65.09 15.40 7.95
C LEU A 445 65.43 15.98 6.58
N GLY A 446 64.41 16.40 5.83
CA GLY A 446 64.64 17.13 4.59
C GLY A 446 64.11 16.43 3.36
N ARG A 447 63.20 15.49 3.52
CA ARG A 447 62.56 14.79 2.41
C ARG A 447 61.13 15.30 2.29
N TRP A 448 60.96 16.40 1.56
CA TRP A 448 59.63 16.97 1.38
C TRP A 448 58.74 15.99 0.61
N GLU A 449 59.28 15.30 -0.39
CA GLU A 449 58.47 14.45 -1.24
C GLU A 449 57.81 13.34 -0.44
N GLU A 450 58.63 12.60 0.31
CA GLU A 450 58.12 11.45 1.04
C GLU A 450 57.18 11.87 2.15
N SER A 451 57.44 13.01 2.77
CA SER A 451 56.54 13.51 3.81
C SER A 451 55.15 13.76 3.24
N TYR A 452 55.06 14.43 2.09
CA TYR A 452 53.77 14.69 1.49
C TYR A 452 53.09 13.40 1.08
N ASP A 453 53.83 12.48 0.46
CA ASP A 453 53.23 11.22 0.05
C ASP A 453 52.71 10.43 1.26
N LEU A 454 53.50 10.37 2.33
CA LEU A 454 53.09 9.65 3.52
C LEU A 454 51.86 10.30 4.16
N TYR A 455 51.81 11.63 4.19
CA TYR A 455 50.65 12.30 4.75
C TYR A 455 49.40 12.01 3.93
N SER A 456 49.54 11.98 2.60
CA SER A 456 48.40 11.61 1.76
C SER A 456 47.96 10.18 2.04
N ASN A 457 48.92 9.26 2.19
CA ASN A 457 48.57 7.88 2.49
C ASN A 457 47.88 7.76 3.84
N ILE A 458 48.33 8.54 4.83
CA ILE A 458 47.69 8.54 6.14
C ILE A 458 46.26 9.06 6.04
N ILE A 459 46.07 10.14 5.27
CA ILE A 459 44.72 10.67 5.09
C ILE A 459 43.83 9.61 4.46
N LEU A 460 44.36 8.87 3.49
CA LEU A 460 43.58 7.80 2.86
C LEU A 460 43.25 6.71 3.88
N ASN A 461 44.24 6.25 4.64
CA ASN A 461 44.05 5.10 5.52
C ASN A 461 43.24 5.44 6.76
N SER A 462 43.12 6.72 7.11
CA SER A 462 42.34 7.11 8.28
C SER A 462 40.84 7.05 8.03
N ILE A 463 40.39 6.46 6.93
CA ILE A 463 38.96 6.34 6.69
C ILE A 463 38.29 5.54 7.80
N ASP A 464 38.99 4.52 8.31
CA ASP A 464 38.45 3.66 9.34
C ASP A 464 38.01 4.48 10.55
N GLU A 465 37.16 3.89 11.40
CA GLU A 465 36.62 4.62 12.54
C GLU A 465 37.74 5.13 13.44
N SER A 466 37.63 6.39 13.83
CA SER A 466 38.61 7.03 14.70
C SER A 466 37.98 8.31 15.22
N ASN A 467 38.78 9.15 15.88
CA ASN A 467 38.27 10.39 16.44
C ASN A 467 38.27 11.53 15.43
N GLY A 468 38.94 11.36 14.30
CA GLY A 468 39.14 12.45 13.37
C GLY A 468 40.26 13.39 13.73
N CYS A 469 41.03 13.08 14.77
CA CYS A 469 42.13 13.95 15.18
C CYS A 469 43.33 13.82 14.24
N VAL A 470 43.79 12.59 14.01
CA VAL A 470 44.94 12.38 13.13
C VAL A 470 44.63 12.87 11.73
N TYR A 471 43.39 12.66 11.26
CA TYR A 471 43.00 13.10 9.94
C TYR A 471 43.11 14.62 9.82
N TYR A 472 42.56 15.34 10.79
CA TYR A 472 42.58 16.80 10.76
C TYR A 472 44.01 17.34 10.83
N LEU A 473 44.79 16.82 11.77
CA LEU A 473 46.16 17.31 11.91
C LEU A 473 47.01 16.95 10.70
N SER A 474 46.71 15.82 10.05
CA SER A 474 47.44 15.45 8.85
C SER A 474 47.09 16.37 7.68
N GLN A 475 45.82 16.76 7.58
CA GLN A 475 45.46 17.76 6.57
C GLN A 475 46.26 19.05 6.79
N ILE A 476 46.28 19.52 8.04
CA ILE A 476 47.01 20.76 8.34
C ILE A 476 48.47 20.62 7.97
N ASN A 477 49.09 19.52 8.38
CA ASN A 477 50.52 19.34 8.14
C ASN A 477 50.82 19.20 6.65
N ARG A 478 49.96 18.51 5.90
CA ARG A 478 50.19 18.36 4.47
C ARG A 478 50.11 19.71 3.77
N TYR A 479 49.13 20.55 4.13
CA TYR A 479 49.06 21.87 3.54
C TYR A 479 50.29 22.69 3.88
N ARG A 480 50.76 22.60 5.14
CA ARG A 480 51.96 23.33 5.53
C ARG A 480 53.17 22.87 4.72
N ILE A 481 53.31 21.56 4.52
CA ILE A 481 54.43 21.06 3.74
C ILE A 481 54.34 21.52 2.30
N TYR A 482 53.12 21.58 1.75
CA TYR A 482 52.95 22.07 0.38
C TYR A 482 53.42 23.51 0.27
N GLN A 483 53.04 24.35 1.24
CA GLN A 483 53.50 25.73 1.23
C GLN A 483 55.01 25.81 1.32
N SER A 484 55.61 24.97 2.16
CA SER A 484 57.07 24.95 2.29
C SER A 484 57.72 24.58 0.97
N ILE A 485 57.16 23.58 0.27
CA ILE A 485 57.74 23.16 -1.00
C ILE A 485 57.67 24.29 -2.02
N THR A 486 56.52 24.96 -2.09
CA THR A 486 56.39 26.06 -3.05
C THR A 486 57.38 27.18 -2.75
N GLN A 487 57.53 27.54 -1.47
CA GLN A 487 58.47 28.59 -1.11
C GLN A 487 59.89 28.17 -1.49
N ALA A 488 60.25 26.91 -1.22
CA ALA A 488 61.58 26.44 -1.56
C ALA A 488 61.81 26.52 -3.07
N VAL A 489 60.82 26.12 -3.86
CA VAL A 489 60.96 26.18 -5.31
C VAL A 489 61.18 27.62 -5.76
N THR A 490 60.40 28.55 -5.21
CA THR A 490 60.55 29.95 -5.60
C THR A 490 61.95 30.45 -5.25
N GLN A 491 62.44 30.11 -4.06
CA GLN A 491 63.75 30.58 -3.64
C GLN A 491 64.88 29.88 -4.41
N PHE A 492 64.68 28.61 -4.77
CA PHE A 492 65.78 27.82 -5.32
C PHE A 492 66.23 28.35 -6.68
N ASN A 493 65.27 28.55 -7.59
CA ASN A 493 65.59 28.92 -8.96
C ASN A 493 65.89 30.40 -9.13
N GLY A 494 65.57 31.23 -8.14
CA GLY A 494 65.84 32.66 -8.23
C GLY A 494 67.13 33.04 -7.53
N LEU A 495 67.38 32.47 -6.36
CA LEU A 495 68.57 32.77 -5.57
C LEU A 495 69.53 31.60 -5.45
N GLY A 496 69.04 30.36 -5.53
CA GLY A 496 69.93 29.21 -5.42
C GLY A 496 70.94 29.15 -6.54
N LEU A 497 70.64 29.76 -7.69
CA LEU A 497 71.59 29.78 -8.80
C LEU A 497 72.90 30.45 -8.40
N LEU A 498 72.83 31.42 -7.48
CA LEU A 498 74.02 32.19 -7.03
C LEU A 498 74.58 31.58 -5.74
N THR A 499 73.72 31.12 -4.82
CA THR A 499 74.18 30.58 -3.51
C THR A 499 75.20 29.47 -3.73
N PHE A 500 75.00 28.61 -4.72
CA PHE A 500 75.90 27.45 -4.99
C PHE A 500 76.53 27.56 -6.38
N GLY A 501 76.10 28.51 -7.22
CA GLY A 501 76.61 28.65 -8.56
C GLY A 501 76.07 27.65 -9.57
N ARG A 502 75.12 26.81 -9.18
CA ARG A 502 74.55 25.80 -10.07
C ARG A 502 73.04 25.80 -9.89
N HIS A 503 72.34 25.45 -10.97
CA HIS A 503 70.88 25.34 -10.95
C HIS A 503 70.51 24.02 -10.27
N TYR A 504 70.36 24.08 -8.95
CA TYR A 504 70.00 22.89 -8.19
C TYR A 504 68.53 22.58 -8.41
N LYS A 505 68.24 21.35 -8.87
CA LYS A 505 66.88 20.94 -9.15
C LYS A 505 66.44 19.88 -8.15
N PRO A 506 66.08 20.28 -6.92
CA PRO A 506 65.64 19.28 -5.93
C PRO A 506 64.39 18.54 -6.34
N PHE A 507 63.51 19.17 -7.12
CA PHE A 507 62.21 18.62 -7.44
C PHE A 507 62.09 18.37 -8.94
N THR A 508 61.43 17.27 -9.28
CA THR A 508 61.05 17.03 -10.67
C THR A 508 59.81 17.86 -11.01
N ASP A 509 59.73 18.28 -12.27
CA ASP A 509 58.64 19.16 -12.67
C ASP A 509 57.28 18.50 -12.53
N GLU A 510 57.20 17.20 -12.82
CA GLU A 510 55.91 16.51 -12.75
C GLU A 510 55.36 16.52 -11.33
N PHE A 511 56.23 16.31 -10.33
CA PHE A 511 55.76 16.33 -8.94
C PHE A 511 55.25 17.71 -8.56
N LEU A 512 55.97 18.76 -8.95
CA LEU A 512 55.53 20.12 -8.65
C LEU A 512 54.18 20.40 -9.29
N ALA A 513 54.01 20.00 -10.55
CA ALA A 513 52.73 20.20 -11.22
C ALA A 513 51.62 19.43 -10.50
N ARG A 514 51.90 18.20 -10.08
CA ARG A 514 50.89 17.40 -9.41
C ARG A 514 50.46 18.05 -8.09
N ILE A 515 51.42 18.46 -7.27
CA ILE A 515 51.06 19.04 -5.97
C ILE A 515 50.33 20.36 -6.17
N GLU A 516 50.78 21.17 -7.14
CA GLU A 516 50.09 22.44 -7.39
C GLU A 516 48.66 22.21 -7.87
N ARG A 517 48.45 21.21 -8.71
CA ARG A 517 47.10 20.88 -9.15
C ARG A 517 46.24 20.40 -8.00
N GLU A 518 46.80 19.58 -7.11
CA GLU A 518 46.00 18.98 -6.05
C GLU A 518 45.56 20.02 -5.02
N MET A 519 46.48 20.88 -4.60
CA MET A 519 46.23 21.80 -3.49
C MET A 519 45.67 23.15 -3.95
N THR A 520 45.27 23.27 -5.21
CA THR A 520 44.80 24.56 -5.72
C THR A 520 43.42 24.94 -5.20
N ASN A 521 42.62 23.98 -4.74
CA ASN A 521 41.30 24.28 -4.20
C ASN A 521 41.25 24.33 -2.68
N PHE A 522 42.19 23.66 -2.00
CA PHE A 522 42.13 23.57 -0.55
C PHE A 522 42.16 24.96 0.08
N ASN A 523 41.30 25.15 1.09
CA ASN A 523 41.22 26.41 1.82
C ASN A 523 41.33 26.08 3.30
N ILE A 524 42.48 26.42 3.90
CA ILE A 524 42.73 26.10 5.29
C ILE A 524 41.75 26.79 6.21
N ASP A 525 41.17 27.91 5.78
CA ASP A 525 40.25 28.66 6.65
C ASP A 525 39.02 27.83 6.98
N ASP A 526 38.45 27.15 5.99
CA ASP A 526 37.21 26.40 6.17
C ASP A 526 37.43 24.96 6.60
N LEU A 527 38.68 24.57 6.86
CA LEU A 527 38.95 23.18 7.22
C LEU A 527 38.21 22.78 8.49
N PHE A 528 38.25 23.63 9.52
CA PHE A 528 37.59 23.32 10.78
C PHE A 528 36.07 23.28 10.61
N ASN A 529 35.52 24.24 9.87
CA ASN A 529 34.06 24.37 9.80
C ASN A 529 33.40 23.24 9.01
N GLY A 530 34.16 22.48 8.22
CA GLY A 530 33.57 21.38 7.47
C GLY A 530 33.48 20.08 8.23
N MET A 531 34.10 19.99 9.39
CA MET A 531 34.16 18.74 10.13
C MET A 531 32.81 18.43 10.77
N PRO A 532 32.59 17.18 11.17
CA PRO A 532 31.33 16.83 11.85
C PRO A 532 31.17 17.62 13.14
N PHE A 533 29.91 17.92 13.48
CA PHE A 533 29.64 18.78 14.63
C PHE A 533 30.22 18.20 15.92
N GLU A 534 30.29 16.87 16.03
CA GLU A 534 30.90 16.27 17.20
C GLU A 534 32.36 16.68 17.32
N PHE A 535 33.09 16.65 16.21
CA PHE A 535 34.47 17.12 16.22
C PHE A 535 34.55 18.60 16.54
N GLN A 536 33.62 19.39 16.02
CA GLN A 536 33.65 20.83 16.25
C GLN A 536 33.31 21.21 17.69
N LYS A 537 32.60 20.36 18.42
CA LYS A 537 32.25 20.63 19.80
C LYS A 537 33.22 19.99 20.80
N LYS A 538 34.03 19.04 20.38
CA LYS A 538 34.93 18.31 21.27
C LYS A 538 36.36 18.81 21.23
N TYR A 539 36.85 19.18 20.05
CA TYR A 539 38.25 19.56 19.85
C TYR A 539 38.35 21.05 19.49
N LYS A 540 37.56 21.88 20.16
CA LYS A 540 37.51 23.30 19.82
C LYS A 540 38.84 23.99 20.03
N ILE A 541 39.69 23.49 20.92
CA ILE A 541 40.99 24.11 21.15
C ILE A 541 41.93 23.96 19.96
N LEU A 542 41.59 23.12 19.00
CA LEU A 542 42.39 22.98 17.79
C LEU A 542 42.05 24.00 16.73
N GLU A 543 40.93 24.73 16.87
CA GLU A 543 40.56 25.71 15.88
C GLU A 543 41.64 26.77 15.70
N PHE A 544 42.40 27.05 16.76
CA PHE A 544 43.45 28.05 16.68
C PHE A 544 44.68 27.59 15.93
N LEU A 545 44.77 26.30 15.58
CA LEU A 545 46.00 25.77 15.01
C LEU A 545 46.16 26.11 13.53
N SER A 546 45.13 26.62 12.88
CA SER A 546 45.16 26.90 11.44
C SER A 546 45.45 28.35 11.12
N ASP A 547 45.64 29.20 12.13
CA ASP A 547 45.85 30.63 11.92
C ASP A 547 46.99 31.09 12.83
N ASN A 548 47.16 32.41 12.92
CA ASN A 548 48.07 33.03 13.86
C ASN A 548 47.44 33.22 15.23
N GLN A 549 46.18 32.80 15.40
CA GLN A 549 45.44 33.08 16.62
C GLN A 549 45.98 32.35 17.83
N PHE A 550 46.85 31.35 17.65
CA PHE A 550 47.36 30.59 18.78
C PHE A 550 48.62 31.20 19.36
N LEU A 551 49.05 32.37 18.89
CA LEU A 551 50.16 33.12 19.47
C LEU A 551 49.73 34.51 19.93
N TYR A 552 48.43 34.73 20.11
CA TYR A 552 47.95 36.08 20.38
C TYR A 552 48.14 36.47 21.85
N ASP A 553 47.54 35.71 22.75
CA ASP A 553 47.58 36.07 24.16
C ASP A 553 49.01 36.06 24.69
N ASP A 554 49.82 35.10 24.24
CA ASP A 554 51.20 35.04 24.68
C ASP A 554 51.96 36.30 24.29
N THR A 555 51.81 36.75 23.05
CA THR A 555 52.51 37.95 22.61
C THR A 555 52.01 39.18 23.33
N VAL A 556 50.70 39.27 23.58
CA VAL A 556 50.17 40.42 24.31
C VAL A 556 50.77 40.48 25.72
N LYS A 557 50.76 39.33 26.41
CA LYS A 557 51.31 39.28 27.76
C LYS A 557 52.80 39.62 27.76
N LEU A 558 53.53 39.11 26.77
CA LEU A 558 54.97 39.41 26.70
C LEU A 558 55.22 40.89 26.47
N PHE A 559 54.44 41.51 25.58
CA PHE A 559 54.61 42.94 25.32
C PHE A 559 54.33 43.76 26.57
N GLU A 560 53.34 43.36 27.37
CA GLU A 560 53.07 44.10 28.60
C GLU A 560 54.15 43.88 29.65
N LEU A 561 54.58 42.62 29.82
CA LEU A 561 55.59 42.31 30.82
C LEU A 561 56.91 42.99 30.50
N THR A 562 57.27 43.07 29.22
CA THR A 562 58.51 43.75 28.85
C THR A 562 58.51 45.19 29.34
N ASN A 563 57.43 45.92 29.08
CA ASN A 563 57.35 47.30 29.51
C ASN A 563 57.40 47.39 31.04
N LYS A 564 56.68 46.52 31.73
CA LYS A 564 56.71 46.56 33.19
C LYS A 564 58.13 46.37 33.72
N VAL A 565 58.82 45.33 33.24
CA VAL A 565 60.15 45.02 33.74
C VAL A 565 61.13 46.14 33.40
N ARG A 566 61.07 46.66 32.18
CA ARG A 566 61.99 47.72 31.80
C ARG A 566 61.77 48.97 32.63
N SER A 567 60.50 49.29 32.94
CA SER A 567 60.24 50.42 33.82
C SER A 567 60.84 50.18 35.20
N GLU A 568 60.70 48.96 35.71
CA GLU A 568 61.29 48.65 37.02
C GLU A 568 62.80 48.85 36.99
N MET A 569 63.47 48.34 35.96
CA MET A 569 64.92 48.53 35.87
C MET A 569 65.29 49.99 35.75
N SER A 570 64.51 50.77 34.99
CA SER A 570 64.82 52.20 34.87
C SER A 570 64.69 52.92 36.20
N GLU A 571 63.65 52.58 36.98
CA GLU A 571 63.51 53.19 38.30
C GLU A 571 64.68 52.83 39.22
N GLY A 572 65.32 51.68 38.98
CA GLY A 572 66.33 51.17 39.87
C GLY A 572 65.80 50.36 41.03
N SER A 573 64.50 50.15 41.11
CA SER A 573 63.91 49.44 42.23
C SER A 573 64.32 47.98 42.22
N TYR A 574 64.26 47.36 43.40
CA TYR A 574 64.50 45.93 43.55
C TYR A 574 63.44 45.35 44.47
N SER A 575 62.88 44.21 44.10
CA SER A 575 61.91 43.50 44.92
C SER A 575 62.53 42.25 45.50
N PHE A 576 62.14 41.92 46.74
CA PHE A 576 62.70 40.81 47.47
C PHE A 576 61.76 39.60 47.50
N GLY A 577 60.84 39.54 46.53
CA GLY A 577 59.94 38.42 46.42
C GLY A 577 60.41 37.41 45.39
N MET A 578 59.65 37.26 44.30
CA MET A 578 60.00 36.39 43.20
C MET A 578 60.06 37.19 41.90
N SER A 579 60.80 36.66 40.94
CA SER A 579 60.97 37.34 39.66
C SER A 579 59.62 37.59 39.02
N SER A 580 59.46 38.79 38.44
CA SER A 580 58.20 39.19 37.83
C SER A 580 58.04 38.69 36.41
N ASP A 581 59.03 37.97 35.86
CA ASP A 581 58.99 37.49 34.49
C ASP A 581 58.83 35.99 34.38
N ILE A 582 58.60 35.28 35.49
CA ILE A 582 58.57 33.82 35.45
C ILE A 582 57.49 33.32 34.51
N VAL A 583 56.40 34.06 34.36
CA VAL A 583 55.34 33.65 33.45
C VAL A 583 55.87 33.55 32.03
N VAL A 584 56.82 34.40 31.66
CA VAL A 584 57.38 34.36 30.31
C VAL A 584 58.04 33.01 30.07
N LEU A 585 58.90 32.59 30.99
CA LEU A 585 59.59 31.30 30.85
C LEU A 585 58.59 30.15 30.84
N LEU A 586 57.61 30.19 31.73
CA LEU A 586 56.66 29.08 31.81
C LEU A 586 55.85 28.97 30.52
N ARG A 587 55.36 30.09 29.99
CA ARG A 587 54.62 30.06 28.74
C ARG A 587 55.49 29.59 27.59
N LEU A 588 56.74 30.04 27.55
CA LEU A 588 57.65 29.62 26.48
C LEU A 588 57.81 28.11 26.48
N TYR A 589 58.08 27.53 27.66
CA TYR A 589 58.23 26.08 27.73
C TYR A 589 56.93 25.38 27.37
N ASP A 590 55.79 25.92 27.78
CA ASP A 590 54.51 25.30 27.46
C ASP A 590 54.30 25.24 25.96
N ASN A 591 54.54 26.35 25.26
CA ASN A 591 54.36 26.37 23.82
C ASN A 591 55.33 25.42 23.11
N LEU A 592 56.60 25.43 23.51
CA LEU A 592 57.56 24.52 22.92
C LEU A 592 57.12 23.07 23.08
N ARG A 593 56.73 22.69 24.29
CA ARG A 593 56.31 21.32 24.55
C ARG A 593 55.09 20.96 23.71
N PHE A 594 54.09 21.83 23.72
CA PHE A 594 52.84 21.52 23.01
C PHE A 594 53.11 21.32 21.52
N LEU A 595 53.91 22.21 20.91
CA LEU A 595 54.11 22.11 19.48
C LEU A 595 55.02 20.94 19.10
N TYR A 596 56.11 20.72 19.85
CA TYR A 596 57.06 19.69 19.46
C TYR A 596 56.50 18.29 19.73
N GLU A 597 55.83 18.11 20.87
CA GLU A 597 55.43 16.77 21.30
C GLU A 597 54.08 16.34 20.73
N ASN A 598 53.49 17.11 19.82
CA ASN A 598 52.31 16.68 19.09
C ASN A 598 52.59 16.47 17.60
N CYS A 599 53.84 16.61 17.18
CA CYS A 599 54.24 16.40 15.79
C CYS A 599 53.48 17.33 14.85
N LEU A 600 53.71 18.63 15.04
CA LEU A 600 53.13 19.67 14.22
C LEU A 600 54.25 20.47 13.55
N TRP A 601 54.13 20.69 12.25
CA TRP A 601 55.17 21.41 11.50
C TRP A 601 55.28 22.87 11.89
N SER A 602 54.32 23.39 12.65
CA SER A 602 54.29 24.82 12.98
C SER A 602 55.60 25.32 13.58
N VAL A 603 56.44 24.43 14.12
CA VAL A 603 57.70 24.84 14.71
C VAL A 603 58.63 25.49 13.69
N SER A 604 58.39 25.30 12.39
CA SER A 604 59.25 25.84 11.35
C SER A 604 58.86 27.25 10.92
N PHE A 605 57.78 27.81 11.46
CA PHE A 605 57.36 29.14 11.08
C PHE A 605 58.34 30.18 11.62
N HIS A 606 58.36 31.33 10.97
CA HIS A 606 59.24 32.42 11.39
C HIS A 606 58.71 33.14 12.63
N GLU A 607 57.40 33.26 12.76
CA GLU A 607 56.82 33.98 13.88
C GLU A 607 57.13 33.30 15.21
N PHE A 608 57.09 31.98 15.24
CA PHE A 608 57.46 31.26 16.45
C PHE A 608 58.93 31.51 16.81
N HIS A 609 59.79 31.52 15.80
CA HIS A 609 61.21 31.82 16.03
C HIS A 609 61.35 33.20 16.66
N GLN A 610 60.62 34.19 16.13
CA GLN A 610 60.71 35.55 16.67
C GLN A 610 60.20 35.60 18.10
N TYR A 611 59.09 34.93 18.39
CA TYR A 611 58.55 34.91 19.75
C TYR A 611 59.58 34.37 20.72
N ILE A 612 60.20 33.25 20.38
CA ILE A 612 61.18 32.63 21.27
C ILE A 612 62.39 33.55 21.43
N ARG A 613 62.84 34.18 20.33
CA ARG A 613 63.97 35.09 20.41
C ARG A 613 63.69 36.23 21.39
N ASN A 614 62.52 36.85 21.28
CA ASN A 614 62.21 37.98 22.15
C ASN A 614 62.11 37.54 23.60
N SER A 615 61.46 36.41 23.87
CA SER A 615 61.35 35.93 25.24
C SER A 615 62.74 35.70 25.84
N MET A 616 63.62 35.03 25.09
CA MET A 616 64.95 34.74 25.62
C MET A 616 65.76 36.02 25.82
N SER A 617 65.63 36.98 24.91
CA SER A 617 66.33 38.25 25.08
C SER A 617 65.91 38.93 26.37
N LEU A 618 64.61 38.98 26.62
CA LEU A 618 64.12 39.62 27.84
C LEU A 618 64.65 38.90 29.08
N LEU A 619 64.59 37.57 29.07
CA LEU A 619 65.04 36.83 30.26
C LEU A 619 66.53 37.06 30.53
N ILE A 620 67.36 37.03 29.48
CA ILE A 620 68.79 37.24 29.68
C ILE A 620 69.06 38.64 30.19
N GLU A 621 68.37 39.65 29.62
CA GLU A 621 68.58 41.01 30.07
C GLU A 621 68.21 41.17 31.55
N LYS A 622 67.08 40.61 31.96
CA LYS A 622 66.68 40.71 33.35
C LYS A 622 67.68 40.01 34.27
N ALA A 623 68.16 38.83 33.85
CA ALA A 623 69.12 38.11 34.68
C ALA A 623 70.41 38.91 34.85
N GLU A 624 70.91 39.50 33.77
CA GLU A 624 72.11 40.31 33.87
C GLU A 624 71.90 41.51 34.77
N TYR A 625 70.74 42.17 34.66
CA TYR A 625 70.48 43.31 35.52
C TYR A 625 70.46 42.89 36.98
N GLU A 626 69.81 41.77 37.29
CA GLU A 626 69.70 41.34 38.68
C GLU A 626 71.03 40.86 39.24
N ARG A 627 71.94 40.40 38.38
CA ARG A 627 73.20 39.85 38.86
C ARG A 627 73.99 40.88 39.67
N THR A 628 74.15 42.08 39.13
CA THR A 628 75.08 43.05 39.72
C THR A 628 74.55 43.73 40.97
N ARG A 629 73.27 43.52 41.32
CA ARG A 629 72.71 44.18 42.49
C ARG A 629 73.32 43.66 43.79
N ASP A 630 74.02 42.52 43.75
CA ASP A 630 74.59 41.89 44.98
C ASP A 630 75.76 42.72 45.52
N ILE A 631 76.19 43.78 44.82
CA ILE A 631 77.29 44.68 45.28
C ILE A 631 76.69 45.94 45.89
N ASP A 632 75.52 46.39 45.41
CA ASP A 632 74.82 47.59 45.94
C ASP A 632 73.76 47.12 46.94
N GLU A 633 73.66 45.81 47.18
CA GLU A 633 72.67 45.23 48.12
C GLU A 633 73.42 44.75 49.38
N LEU A 634 74.44 43.91 49.21
CA LEU A 634 75.21 43.34 50.35
C LEU A 634 76.38 44.27 50.69
N GLY A 635 76.54 45.38 49.95
CA GLY A 635 77.61 46.37 50.22
C GLY A 635 77.10 47.51 51.10
N PHE A 636 75.82 47.50 51.47
CA PHE A 636 75.21 48.56 52.33
C PHE A 636 74.58 47.91 53.57
N SER A 637 74.03 46.70 53.44
CA SER A 637 73.38 45.98 54.53
C SER A 637 73.42 44.49 54.21
N PHE A 638 73.42 43.66 55.26
CA PHE A 638 73.51 42.22 55.07
C PHE A 638 72.31 41.69 54.28
N PHE A 639 71.16 42.34 54.40
CA PHE A 639 69.94 41.86 53.74
C PHE A 639 70.16 41.76 52.23
N GLY A 640 69.67 40.67 51.65
CA GLY A 640 69.86 40.44 50.23
C GLY A 640 68.99 39.30 49.74
N LYS A 641 69.30 38.86 48.52
CA LYS A 641 68.57 37.77 47.86
C LYS A 641 69.55 36.78 47.28
N LYS A 642 69.03 35.61 46.91
CA LYS A 642 69.86 34.52 46.40
C LYS A 642 69.36 33.99 45.08
N SER A 643 68.04 34.10 44.83
CA SER A 643 67.45 33.53 43.63
C SER A 643 68.04 34.19 42.39
N GLY A 644 68.20 33.39 41.34
CA GLY A 644 68.75 33.88 40.09
C GLY A 644 68.37 32.98 38.93
N PHE A 645 69.00 33.24 37.80
CA PHE A 645 68.75 32.50 36.57
C PHE A 645 70.09 32.12 35.95
N PHE A 646 70.19 30.88 35.47
CA PHE A 646 71.39 30.41 34.80
C PHE A 646 71.00 29.61 33.56
N MET A 647 71.92 29.57 32.60
CA MET A 647 71.67 28.85 31.36
C MET A 647 71.70 27.35 31.59
N GLU A 648 70.99 26.62 30.73
CA GLU A 648 70.89 25.17 30.84
C GLU A 648 70.92 24.58 29.43
N TYR A 649 70.56 23.30 29.33
CA TYR A 649 70.53 22.61 28.05
C TYR A 649 69.44 23.18 27.14
N TYR A 650 68.23 23.34 27.68
CA TYR A 650 67.13 23.88 26.88
C TYR A 650 67.43 25.32 26.44
N ASP A 651 68.02 26.11 27.33
CA ASP A 651 68.38 27.47 26.93
C ASP A 651 69.38 27.44 25.78
N PHE A 652 70.36 26.55 25.84
CA PHE A 652 71.36 26.48 24.78
C PHE A 652 70.74 26.08 23.45
N VAL A 653 69.88 25.06 23.46
CA VAL A 653 69.30 24.60 22.20
C VAL A 653 68.35 25.66 21.63
N ASN A 654 67.60 26.34 22.51
CA ASN A 654 66.72 27.41 22.04
C ASN A 654 67.51 28.53 21.40
N ILE A 655 68.56 28.98 22.10
CA ILE A 655 69.36 30.10 21.58
C ILE A 655 70.15 29.68 20.34
N SER A 656 70.40 28.39 20.16
CA SER A 656 71.04 27.96 18.92
C SER A 656 70.05 27.94 17.77
N ARG A 657 68.85 27.40 17.99
CA ARG A 657 67.91 27.22 16.89
C ARG A 657 67.30 28.55 16.44
N HIS A 658 66.87 29.38 17.39
CA HIS A 658 65.99 30.50 17.09
C HIS A 658 66.70 31.84 16.95
N PHE A 659 68.03 31.89 17.04
CA PHE A 659 68.77 33.13 16.96
C PHE A 659 69.62 33.17 15.69
N LYS A 660 69.73 34.36 15.10
CA LYS A 660 70.75 34.64 14.10
C LYS A 660 72.01 35.17 14.77
N ILE A 661 73.08 35.29 14.00
CA ILE A 661 74.36 35.70 14.57
C ILE A 661 74.28 37.13 15.10
N ASP A 662 73.59 38.01 14.38
CA ASP A 662 73.53 39.41 14.80
C ASP A 662 72.78 39.59 16.11
N ASP A 663 71.74 38.79 16.35
CA ASP A 663 71.06 38.85 17.64
C ASP A 663 72.00 38.49 18.77
N ILE A 664 72.79 37.43 18.59
CA ILE A 664 73.74 37.03 19.62
C ILE A 664 74.77 38.12 19.83
N LYS A 665 75.22 38.76 18.74
CA LYS A 665 76.18 39.85 18.88
C LYS A 665 75.57 41.01 19.67
N ASN A 666 74.30 41.33 19.41
CA ASN A 666 73.66 42.41 20.16
C ASN A 666 73.56 42.07 21.63
N LEU A 667 73.17 40.84 21.95
CA LEU A 667 73.09 40.44 23.36
C LEU A 667 74.46 40.49 24.02
N GLU A 668 75.50 40.07 23.30
CA GLU A 668 76.85 40.14 23.85
C GLU A 668 77.29 41.57 24.10
N ARG A 669 76.93 42.50 23.20
CA ARG A 669 77.28 43.89 23.41
C ARG A 669 76.54 44.48 24.59
N SER A 670 75.25 44.20 24.71
CA SER A 670 74.45 44.79 25.79
C SER A 670 74.73 44.11 27.13
N CYS A 671 74.93 42.79 27.12
CA CYS A 671 75.07 42.01 28.34
C CYS A 671 76.41 41.28 28.33
N SER A 672 77.03 41.19 29.51
CA SER A 672 78.30 40.49 29.68
C SER A 672 77.98 39.03 29.97
N ILE A 673 77.95 38.21 28.91
CA ILE A 673 77.56 36.81 29.06
C ILE A 673 78.63 35.96 29.72
N ASP A 674 79.87 36.45 29.80
CA ASP A 674 80.93 35.69 30.44
C ASP A 674 80.69 35.46 31.93
N LYS A 675 79.86 36.29 32.57
CA LYS A 675 79.62 36.17 34.00
C LYS A 675 78.42 35.30 34.34
N ILE A 676 77.66 34.85 33.36
CA ILE A 676 76.50 34.00 33.61
C ILE A 676 76.94 32.54 33.63
N ARG A 677 76.51 31.82 34.67
CA ARG A 677 76.91 30.43 34.81
C ARG A 677 76.21 29.55 33.79
N PHE A 678 76.77 28.36 33.58
CA PHE A 678 76.19 27.36 32.70
C PHE A 678 76.17 26.02 33.42
N GLY A 679 75.22 25.17 33.04
CA GLY A 679 75.07 23.87 33.65
C GLY A 679 74.87 22.79 32.60
N GLU A 680 74.95 21.54 33.06
CA GLU A 680 74.78 20.38 32.19
C GLU A 680 75.72 20.47 30.98
N GLN A 681 76.99 20.81 31.26
CA GLN A 681 77.94 21.02 30.18
C GLN A 681 78.09 19.80 29.29
N GLU A 682 78.00 18.60 29.88
CA GLU A 682 78.19 17.39 29.08
C GLU A 682 77.11 17.24 28.02
N LYS A 683 75.87 17.63 28.33
CA LYS A 683 74.79 17.48 27.36
C LYS A 683 74.94 18.48 26.22
N ILE A 684 75.35 19.72 26.54
CA ILE A 684 75.64 20.69 25.50
C ILE A 684 76.79 20.20 24.62
N GLU A 685 77.79 19.59 25.23
CA GLU A 685 78.88 19.00 24.45
C GLU A 685 78.36 17.91 23.53
N GLU A 686 77.45 17.07 24.03
CA GLU A 686 76.88 16.02 23.20
C GLU A 686 76.17 16.62 21.99
N TYR A 687 75.39 17.68 22.22
CA TYR A 687 74.69 18.34 21.13
C TYR A 687 75.67 18.90 20.10
N LEU A 688 76.75 19.52 20.57
CA LEU A 688 77.72 20.13 19.66
C LEU A 688 78.44 19.07 18.83
N VAL A 689 78.89 17.97 19.46
CA VAL A 689 79.55 16.92 18.68
C VAL A 689 78.56 16.19 17.79
N GLY A 690 77.28 16.13 18.15
CA GLY A 690 76.29 15.62 17.21
C GLY A 690 76.20 16.48 15.96
N ILE A 691 76.18 17.80 16.15
CA ILE A 691 76.20 18.70 15.01
C ILE A 691 77.46 18.49 14.18
N ALA A 692 78.61 18.29 14.84
CA ALA A 692 79.85 18.06 14.13
C ALA A 692 79.81 16.76 13.32
N GLU A 693 79.26 15.70 13.92
CA GLU A 693 79.13 14.45 13.21
C GLU A 693 78.28 14.63 11.96
N GLU A 694 77.17 15.35 12.08
CA GLU A 694 76.30 15.51 10.93
C GLU A 694 76.93 16.41 9.87
N ILE A 695 77.64 17.47 10.29
CA ILE A 695 78.26 18.36 9.31
C ILE A 695 79.31 17.59 8.52
N THR A 696 80.10 16.77 9.23
CA THR A 696 81.09 15.93 8.56
C THR A 696 80.42 14.93 7.63
N LYS A 697 79.33 14.29 8.08
CA LYS A 697 78.66 13.31 7.23
C LYS A 697 78.16 13.95 5.95
N GLN A 698 77.61 15.15 6.05
CA GLN A 698 77.03 15.77 4.86
C GLN A 698 78.10 16.29 3.91
N PHE A 699 79.18 16.88 4.42
CA PHE A 699 80.19 17.50 3.56
C PHE A 699 81.51 16.73 3.51
N SER A 700 81.50 15.43 3.80
CA SER A 700 82.67 14.60 3.57
C SER A 700 82.67 14.03 2.15
N ALA A 701 81.60 13.31 1.80
CA ALA A 701 81.42 12.77 0.47
C ALA A 701 80.55 13.72 -0.36
N ASN A 702 80.27 13.31 -1.60
CA ASN A 702 79.45 14.11 -2.51
C ASN A 702 77.97 13.79 -2.33
N GLY A 703 77.48 13.86 -1.10
CA GLY A 703 76.08 13.65 -0.82
C GLY A 703 75.54 14.67 0.18
N MET A 704 74.51 15.41 -0.22
CA MET A 704 73.94 16.44 0.64
C MET A 704 72.54 16.76 0.15
N ASN A 705 71.65 17.07 1.09
CA ASN A 705 70.29 17.47 0.77
C ASN A 705 70.18 18.98 0.85
N VAL A 706 69.73 19.59 -0.25
CA VAL A 706 69.75 21.06 -0.35
C VAL A 706 68.80 21.68 0.66
N VAL A 707 67.60 21.11 0.80
CA VAL A 707 66.62 21.67 1.73
C VAL A 707 67.08 21.46 3.17
N PHE A 708 67.54 20.25 3.49
CA PHE A 708 68.10 20.01 4.81
C PHE A 708 69.33 20.86 5.04
N TYR A 709 70.14 21.05 3.99
CA TYR A 709 71.27 21.98 4.08
C TYR A 709 70.79 23.35 4.52
N THR A 710 69.77 23.88 3.84
CA THR A 710 69.30 25.23 4.11
C THR A 710 68.78 25.35 5.54
N GLN A 711 68.02 24.37 6.00
CA GLN A 711 67.43 24.45 7.32
C GLN A 711 68.31 23.89 8.43
N PHE A 712 69.54 23.46 8.11
CA PHE A 712 70.52 23.09 9.12
C PHE A 712 71.60 24.15 9.30
N ILE A 713 72.16 24.69 8.21
CA ILE A 713 73.35 25.52 8.34
C ILE A 713 73.13 26.67 9.31
N SER A 714 71.92 27.25 9.32
CA SER A 714 71.68 28.36 10.24
C SER A 714 71.93 27.93 11.69
N GLU A 715 71.31 26.82 12.10
CA GLU A 715 71.51 26.32 13.46
C GLU A 715 72.97 25.93 13.67
N ALA A 716 73.62 25.42 12.64
CA ALA A 716 75.02 25.00 12.78
C ALA A 716 75.91 26.19 13.13
N LYS A 717 75.82 27.26 12.34
CA LYS A 717 76.61 28.46 12.64
C LYS A 717 76.22 29.03 13.99
N ALA A 718 74.92 29.06 14.31
CA ALA A 718 74.51 29.62 15.60
C ALA A 718 75.16 28.85 16.75
N ALA A 719 75.09 27.51 16.69
CA ALA A 719 75.63 26.70 17.76
C ALA A 719 77.15 26.86 17.88
N LEU A 720 77.85 26.84 16.75
CA LEU A 720 79.31 26.93 16.82
C LEU A 720 79.79 28.32 17.19
N TYR A 721 78.96 29.35 16.95
CA TYR A 721 79.31 30.69 17.44
C TYR A 721 79.06 30.81 18.94
N PHE A 722 77.96 30.24 19.41
CA PHE A 722 77.61 30.33 20.82
C PHE A 722 78.40 29.35 21.69
N ALA A 723 79.13 28.41 21.09
CA ALA A 723 79.91 27.44 21.86
C ALA A 723 81.09 28.06 22.62
N LYS A 724 81.27 29.38 22.50
CA LYS A 724 82.39 30.03 23.18
C LYS A 724 82.31 29.92 24.69
N TYR A 725 81.12 29.69 25.25
CA TYR A 725 80.89 29.84 26.69
C TYR A 725 80.86 28.51 27.44
N VAL A 726 81.38 27.43 26.85
CA VAL A 726 81.36 26.13 27.48
C VAL A 726 82.76 25.52 27.42
N LYS A 727 83.01 24.59 28.35
CA LYS A 727 84.27 23.86 28.42
C LYS A 727 84.09 22.52 27.72
N LEU A 728 85.00 22.22 26.79
CA LEU A 728 84.88 21.04 25.94
C LEU A 728 86.09 20.14 26.15
N SER A 729 85.84 18.83 26.17
CA SER A 729 86.91 17.86 26.34
C SER A 729 87.78 17.82 25.09
N GLU A 730 88.97 17.24 25.26
CA GLU A 730 89.97 17.29 24.20
C GLU A 730 89.48 16.62 22.93
N GLU A 731 88.91 15.42 23.05
CA GLU A 731 88.43 14.71 21.86
C GLU A 731 87.29 15.46 21.18
N GLY A 732 86.34 15.96 21.97
CA GLY A 732 85.24 16.73 21.40
C GLY A 732 85.73 18.02 20.77
N LEU A 733 86.64 18.71 21.44
CA LEU A 733 87.19 19.94 20.88
C LEU A 733 87.90 19.65 19.56
N GLY A 734 88.66 18.57 19.50
CA GLY A 734 89.34 18.22 18.26
C GLY A 734 88.38 17.89 17.14
N LYS A 735 87.34 17.11 17.44
CA LYS A 735 86.34 16.79 16.43
C LYS A 735 85.68 18.07 15.91
N ILE A 736 85.30 18.96 16.82
CA ILE A 736 84.64 20.20 16.42
C ILE A 736 85.57 21.05 15.57
N VAL A 737 86.84 21.15 15.97
CA VAL A 737 87.79 21.97 15.20
C VAL A 737 88.00 21.39 13.82
N LYS A 738 88.15 20.07 13.72
CA LYS A 738 88.33 19.46 12.41
C LYS A 738 87.11 19.71 11.52
N ALA A 739 85.92 19.53 12.07
CA ALA A 739 84.71 19.75 11.29
C ALA A 739 84.61 21.21 10.83
N LEU A 740 84.92 22.15 11.73
CA LEU A 740 84.84 23.56 11.38
C LEU A 740 85.85 23.92 10.30
N LEU A 741 87.06 23.38 10.39
CA LEU A 741 88.15 23.83 9.53
C LEU A 741 88.20 23.13 8.18
N PHE A 742 87.70 21.88 8.09
CA PHE A 742 87.88 21.10 6.88
C PHE A 742 86.61 20.92 6.07
N TYR A 743 85.52 20.48 6.68
CA TYR A 743 84.32 20.09 5.95
C TYR A 743 83.24 21.16 5.91
N PHE A 744 83.38 22.24 6.67
CA PHE A 744 82.37 23.29 6.65
C PHE A 744 82.43 24.03 5.31
N PRO A 745 81.32 24.20 4.61
CA PRO A 745 81.38 24.91 3.32
C PRO A 745 81.99 26.29 3.44
N GLU A 746 82.81 26.65 2.46
CA GLU A 746 83.46 27.96 2.47
C GLU A 746 82.50 29.09 2.15
N ARG A 747 81.40 28.81 1.45
CA ARG A 747 80.49 29.86 1.05
C ARG A 747 79.85 30.56 2.26
N ASP A 748 79.79 29.89 3.40
CA ASP A 748 79.23 30.46 4.62
C ASP A 748 80.31 30.97 5.56
N LEU A 749 81.33 30.16 5.84
CA LEU A 749 82.45 30.56 6.67
C LEU A 749 83.69 30.66 5.80
N ASP A 750 84.23 31.87 5.67
CA ASP A 750 85.44 32.09 4.88
C ASP A 750 86.66 31.94 5.78
N ILE A 751 87.83 32.32 5.27
CA ILE A 751 89.06 32.20 6.05
C ILE A 751 88.98 33.09 7.29
N GLY A 752 88.55 34.33 7.11
CA GLY A 752 88.47 35.24 8.25
C GLY A 752 87.44 34.81 9.28
N LYS A 753 86.27 34.38 8.81
CA LYS A 753 85.24 33.91 9.74
C LYS A 753 85.69 32.65 10.47
N ARG A 754 86.31 31.72 9.73
CA ARG A 754 86.89 30.56 10.38
C ARG A 754 87.89 30.97 11.46
N TYR A 755 88.74 31.96 11.15
CA TYR A 755 89.74 32.40 12.10
C TYR A 755 89.10 32.96 13.36
N VAL A 756 88.13 33.87 13.20
CA VAL A 756 87.56 34.51 14.39
C VAL A 756 86.81 33.50 15.22
N TRP A 757 86.12 32.55 14.58
CA TRP A 757 85.43 31.51 15.34
C TRP A 757 86.42 30.61 16.09
N LEU A 758 87.51 30.24 15.43
CA LEU A 758 88.51 29.42 16.11
C LEU A 758 89.10 30.17 17.30
N GLU A 759 89.38 31.46 17.12
CA GLU A 759 89.91 32.26 18.23
C GLU A 759 88.89 32.38 19.35
N ARG A 760 87.61 32.44 19.02
CA ARG A 760 86.56 32.41 20.05
C ARG A 760 86.58 31.11 20.82
N LEU A 761 86.84 29.99 20.14
CA LEU A 761 86.76 28.67 20.77
C LEU A 761 87.87 28.40 21.79
N THR A 762 88.88 29.26 21.90
CA THR A 762 90.07 28.97 22.70
C THR A 762 90.14 29.80 23.98
N LYS A 763 89.00 30.23 24.51
CA LYS A 763 88.99 31.02 25.74
C LYS A 763 88.78 30.15 26.98
N CYS A 764 87.84 29.21 26.93
CA CYS A 764 87.63 28.30 28.04
C CYS A 764 88.67 27.19 28.09
N ASN A 765 89.44 27.00 27.02
CA ASN A 765 90.47 25.96 26.98
C ASN A 765 91.68 26.51 26.23
N GLU A 766 92.86 26.41 26.83
CA GLU A 766 94.08 26.78 26.14
C GLU A 766 94.43 25.74 25.08
N LEU A 767 94.91 26.21 23.93
CA LEU A 767 95.19 25.37 22.77
C LEU A 767 96.03 24.16 23.14
N PRO A 768 95.48 22.94 23.09
CA PRO A 768 96.30 21.75 23.27
C PRO A 768 97.18 21.48 22.06
N LYS A 769 98.15 20.57 22.25
CA LYS A 769 99.09 20.26 21.19
C LYS A 769 98.39 19.63 19.99
N SER A 770 97.36 18.80 20.24
CA SER A 770 96.66 18.16 19.14
C SER A 770 95.98 19.18 18.25
N ILE A 771 95.35 20.19 18.84
CA ILE A 771 94.70 21.24 18.05
C ILE A 771 95.74 22.02 17.27
N ILE A 772 96.91 22.24 17.87
CA ILE A 772 97.99 22.91 17.15
C ILE A 772 98.41 22.07 15.94
N SER A 773 98.48 20.76 16.10
CA SER A 773 98.81 19.88 14.99
C SER A 773 97.76 19.95 13.89
N ILE A 774 96.49 20.00 14.28
CA ILE A 774 95.42 20.11 13.29
C ILE A 774 95.54 21.44 12.53
N ILE A 775 95.83 22.52 13.25
CA ILE A 775 96.01 23.81 12.61
C ILE A 775 97.19 23.77 11.65
N ASP A 776 98.26 23.07 12.05
CA ASP A 776 99.42 22.91 11.17
C ASP A 776 99.04 22.15 9.91
N ASP A 777 98.20 21.12 10.05
CA ASP A 777 97.74 20.39 8.88
C ASP A 777 96.94 21.30 7.95
N PHE A 778 96.08 22.15 8.52
CA PHE A 778 95.32 23.09 7.71
C PHE A 778 96.26 24.05 6.99
N LEU A 779 97.28 24.55 7.68
CA LEU A 779 98.24 25.45 7.06
C LEU A 779 99.00 24.76 5.94
N VAL A 780 99.36 23.50 6.14
CA VAL A 780 100.05 22.74 5.09
C VAL A 780 99.14 22.60 3.87
N LEU A 781 97.86 22.30 4.11
CA LEU A 781 96.92 22.18 2.99
C LEU A 781 96.80 23.51 2.24
N GLN A 782 96.75 24.62 2.98
CA GLN A 782 96.68 25.92 2.33
C GLN A 782 97.93 26.20 1.51
N ALA A 783 99.10 25.88 2.06
CA ALA A 783 100.34 26.08 1.33
C ALA A 783 100.37 25.25 0.05
N GLU A 784 99.90 24.01 0.13
CA GLU A 784 99.79 23.18 -1.07
C GLU A 784 98.83 23.82 -2.08
N LYS A 785 97.71 24.33 -1.61
CA LYS A 785 96.77 25.01 -2.48
C LYS A 785 97.42 26.20 -3.17
N HIS A 786 98.35 26.87 -2.50
CA HIS A 786 99.03 28.02 -3.07
C HIS A 786 100.06 27.65 -4.14
N ILE A 787 100.28 26.36 -4.39
CA ILE A 787 101.24 25.97 -5.42
C ILE A 787 100.80 26.52 -6.78
N ASP A 788 99.53 26.36 -7.11
CA ASP A 788 99.01 26.90 -8.36
C ASP A 788 99.03 28.43 -8.32
N GLN A 789 99.43 29.04 -9.44
CA GLN A 789 99.52 30.49 -9.50
C GLN A 789 98.16 31.17 -9.52
N ASN A 790 97.12 30.46 -9.97
CA ASN A 790 95.78 31.02 -10.05
C ASN A 790 94.96 30.61 -8.83
N TYR A 791 95.26 31.26 -7.71
CA TYR A 791 94.55 31.02 -6.47
C TYR A 791 94.86 32.14 -5.50
N SER A 792 93.86 32.52 -4.71
CA SER A 792 94.02 33.58 -3.73
C SER A 792 92.94 33.43 -2.66
N GLU A 793 93.31 33.74 -1.42
CA GLU A 793 92.36 33.69 -0.32
C GLU A 793 91.51 34.95 -0.29
N VAL A 794 90.22 34.79 -0.06
CA VAL A 794 89.27 35.89 0.00
C VAL A 794 88.76 35.98 1.43
N SER A 795 88.99 37.14 2.06
CA SER A 795 88.56 37.40 3.42
C SER A 795 87.76 38.69 3.45
N SER A 796 86.60 38.66 4.12
CA SER A 796 85.75 39.82 4.25
C SER A 796 86.15 40.72 5.41
N ASN A 797 87.20 40.36 6.16
CA ASN A 797 87.64 41.14 7.31
C ASN A 797 89.15 41.35 7.31
N GLY A 798 89.84 41.02 6.23
CA GLY A 798 91.28 41.22 6.18
C GLY A 798 92.08 40.27 7.02
N LEU A 799 91.55 39.08 7.30
CA LEU A 799 92.21 38.08 8.13
C LEU A 799 92.60 36.87 7.28
N TYR A 800 93.82 36.38 7.46
CA TYR A 800 94.37 35.35 6.59
C TYR A 800 95.19 34.37 7.43
N SER A 801 95.98 33.53 6.76
CA SER A 801 96.69 32.45 7.43
C SER A 801 97.73 32.97 8.42
N ARG A 802 98.31 34.13 8.15
CA ARG A 802 99.26 34.71 9.11
C ARG A 802 98.63 34.87 10.48
N ASP A 803 97.32 35.09 10.53
CA ASP A 803 96.63 35.13 11.81
C ASP A 803 96.66 33.78 12.49
N TYR A 804 96.49 32.70 11.73
CA TYR A 804 96.62 31.36 12.30
C TYR A 804 98.01 31.15 12.85
N GLY A 805 99.03 31.56 12.08
CA GLY A 805 100.41 31.42 12.55
C GLY A 805 100.65 32.17 13.84
N ALA A 806 100.17 33.42 13.91
CA ALA A 806 100.31 34.19 15.13
C ALA A 806 99.58 33.54 16.30
N LEU A 807 98.39 32.98 16.03
CA LEU A 807 97.64 32.29 17.07
C LEU A 807 98.44 31.13 17.63
N ILE A 808 99.02 30.29 16.76
CA ILE A 808 99.79 29.15 17.25
C ILE A 808 101.01 29.64 18.02
N LYS A 809 101.72 30.64 17.48
CA LYS A 809 102.93 31.11 18.15
C LYS A 809 102.64 31.73 19.50
N HIS A 810 101.46 32.35 19.66
CA HIS A 810 101.12 32.96 20.93
C HIS A 810 101.02 31.94 22.06
N PHE A 811 100.73 30.68 21.73
CA PHE A 811 100.67 29.61 22.71
C PHE A 811 101.97 28.84 22.85
N GLU A 812 102.63 28.54 21.72
CA GLU A 812 103.91 27.83 21.72
C GLU A 812 104.93 28.73 21.02
N LYS A 813 105.75 29.43 21.80
CA LYS A 813 106.75 30.31 21.22
C LYS A 813 107.77 29.54 20.40
N ASN A 814 108.19 28.37 20.91
CA ASN A 814 109.24 27.59 20.29
C ASN A 814 108.71 26.57 19.28
N PHE A 815 107.53 26.81 18.72
CA PHE A 815 106.98 25.91 17.72
C PHE A 815 107.67 26.12 16.38
N ILE A 816 108.21 25.07 15.78
CA ILE A 816 108.80 25.16 14.40
C ILE A 816 108.19 24.03 13.56
N SER A 817 107.22 24.35 12.68
CA SER A 817 106.57 23.35 11.79
C SER A 817 107.65 22.58 11.03
N LYS A 818 107.40 21.29 10.75
CA LYS A 818 108.42 20.42 10.08
C LYS A 818 108.12 20.34 8.58
N ARG A 819 106.88 20.05 8.18
CA ARG A 819 106.48 19.92 6.79
C ARG A 819 106.62 21.25 6.05
N LEU A 820 106.24 22.34 6.69
CA LEU A 820 106.41 23.66 6.08
C LEU A 820 107.88 23.95 5.82
N SER A 821 108.74 23.60 6.78
CA SER A 821 110.18 23.82 6.59
C SER A 821 110.70 23.04 5.39
N GLU A 822 110.30 21.77 5.26
CA GLU A 822 110.72 20.98 4.11
C GLU A 822 110.20 21.58 2.81
N ILE A 823 108.94 22.02 2.81
CA ILE A 823 108.35 22.58 1.60
C ILE A 823 109.11 23.82 1.16
N THR A 824 109.39 24.73 2.11
CA THR A 824 110.09 25.95 1.73
C THR A 824 111.54 25.67 1.35
N LEU A 825 112.17 24.69 1.99
CA LEU A 825 113.53 24.32 1.59
C LEU A 825 113.56 23.76 0.18
N CYS A 826 112.52 23.03 -0.21
CA CYS A 826 112.41 22.51 -1.57
C CYS A 826 111.86 23.52 -2.55
N LEU A 827 111.48 24.71 -2.09
CA LEU A 827 110.90 25.71 -2.97
C LEU A 827 111.92 26.21 -3.98
N THR A 828 111.43 26.62 -5.14
CA THR A 828 112.24 27.18 -6.21
C THR A 828 111.79 28.60 -6.51
N GLN A 829 112.67 29.35 -7.19
CA GLN A 829 112.38 30.76 -7.45
C GLN A 829 111.17 30.93 -8.35
N ASP A 830 110.88 29.95 -9.22
CA ASP A 830 109.75 30.08 -10.13
C ASP A 830 108.44 30.23 -9.38
N LYS A 831 108.30 29.54 -8.24
CA LYS A 831 107.09 29.63 -7.43
C LYS A 831 107.15 30.91 -6.63
N GLN A 832 106.54 31.98 -7.15
CA GLN A 832 106.52 33.27 -6.47
C GLN A 832 105.39 33.38 -5.45
N LYS A 833 104.22 32.81 -5.78
CA LYS A 833 103.10 32.85 -4.84
C LYS A 833 103.45 32.12 -3.55
N GLN A 834 104.11 30.96 -3.66
CA GLN A 834 104.52 30.21 -2.48
C GLN A 834 105.54 31.02 -1.66
N ILE A 835 106.42 31.75 -2.34
CA ILE A 835 107.40 32.57 -1.63
C ILE A 835 106.69 33.61 -0.77
N ASP A 836 105.72 34.30 -1.35
CA ASP A 836 104.97 35.30 -0.59
C ASP A 836 104.17 34.66 0.54
N PHE A 837 103.56 33.50 0.27
CA PHE A 837 102.78 32.83 1.30
C PHE A 837 103.65 32.44 2.49
N LEU A 838 104.84 31.88 2.22
CA LEU A 838 105.73 31.47 3.28
C LEU A 838 106.47 32.63 3.92
N PHE A 839 106.51 33.78 3.26
CA PHE A 839 107.09 34.97 3.87
C PHE A 839 106.22 35.52 5.00
N LYS A 840 104.95 35.13 5.05
CA LYS A 840 104.03 35.62 6.05
C LYS A 840 103.97 34.76 7.31
N LEU A 841 104.63 33.60 7.31
CA LEU A 841 104.70 32.73 8.49
C LEU A 841 106.13 32.29 8.75
N LEU A 842 107.07 33.23 8.60
CA LEU A 842 108.48 32.92 8.85
C LEU A 842 108.74 32.35 10.23
N PRO A 843 108.14 32.83 11.31
CA PRO A 843 108.50 32.30 12.65
C PRO A 843 108.25 30.80 12.80
N LEU A 844 107.41 30.20 11.96
CA LEU A 844 107.11 28.78 12.06
C LEU A 844 108.12 27.91 11.34
N LEU A 845 109.14 28.49 10.70
CA LEU A 845 110.08 27.75 9.88
C LEU A 845 111.42 27.60 10.60
N SER A 846 112.29 26.77 10.02
CA SER A 846 113.59 26.47 10.58
C SER A 846 114.60 27.56 10.19
N THR A 847 115.76 27.52 10.86
CA THR A 847 116.80 28.52 10.59
C THR A 847 117.29 28.43 9.15
N ASN A 848 117.52 27.21 8.66
CA ASN A 848 117.95 27.06 7.27
C ASN A 848 116.86 27.55 6.32
N ALA A 849 115.60 27.20 6.60
CA ALA A 849 114.50 27.67 5.78
C ALA A 849 114.38 29.19 5.83
N LYS A 850 114.55 29.77 7.02
CA LYS A 850 114.48 31.23 7.14
C LYS A 850 115.58 31.90 6.32
N SER A 851 116.81 31.37 6.40
CA SER A 851 117.90 31.93 5.62
C SER A 851 117.63 31.81 4.13
N HIS A 852 117.12 30.66 3.70
CA HIS A 852 116.81 30.47 2.28
C HIS A 852 115.76 31.47 1.81
N LEU A 853 114.70 31.65 2.61
CA LEU A 853 113.65 32.58 2.23
C LEU A 853 114.17 34.00 2.18
N LEU A 854 114.97 34.40 3.18
CA LEU A 854 115.51 35.75 3.18
C LEU A 854 116.46 35.98 2.01
N SER A 855 117.20 34.95 1.61
CA SER A 855 118.02 35.06 0.41
C SER A 855 117.14 35.22 -0.84
N PHE A 856 116.04 34.49 -0.90
CA PHE A 856 115.19 34.53 -2.08
C PHE A 856 114.34 35.80 -2.16
N LYS A 857 113.91 36.33 -1.02
CA LYS A 857 113.00 37.47 -0.98
C LYS A 857 113.61 38.59 -0.14
N SER A 858 113.25 39.83 -0.50
CA SER A 858 113.73 41.01 0.21
C SER A 858 112.62 42.04 0.23
N VAL A 859 112.73 42.98 1.17
CA VAL A 859 111.72 44.03 1.32
C VAL A 859 111.84 44.98 0.12
N GLU A 860 110.78 45.07 -0.66
CA GLU A 860 110.75 45.91 -1.85
C GLU A 860 109.59 46.90 -1.86
N ASN A 861 108.41 46.50 -1.37
CA ASN A 861 107.23 47.36 -1.37
C ASN A 861 106.70 47.49 0.06
N ILE A 862 105.61 48.26 0.19
CA ILE A 862 105.06 48.55 1.51
C ILE A 862 104.49 47.30 2.16
N ASN A 863 103.89 46.41 1.35
CA ASN A 863 103.32 45.20 1.91
C ASN A 863 104.39 44.35 2.60
N ASP A 864 105.54 44.20 1.97
CA ASP A 864 106.65 43.52 2.62
C ASP A 864 107.09 44.26 3.88
N LEU A 865 107.00 45.59 3.88
CA LEU A 865 107.38 46.35 5.06
C LEU A 865 106.49 46.00 6.25
N MET A 866 105.17 46.04 6.07
CA MET A 866 104.29 45.69 7.18
C MET A 866 104.40 44.21 7.52
N ASN A 867 104.66 43.36 6.53
CA ASN A 867 104.86 41.94 6.83
C ASN A 867 106.04 41.74 7.76
N GLY A 868 107.16 42.41 7.47
CA GLY A 868 108.32 42.32 8.33
C GLY A 868 108.06 42.93 9.70
N ILE A 869 107.35 44.04 9.74
CA ILE A 869 107.04 44.68 11.02
C ILE A 869 106.21 43.74 11.89
N ARG A 870 105.19 43.11 11.29
CA ARG A 870 104.37 42.16 12.02
C ARG A 870 105.19 40.96 12.48
N ILE A 871 106.06 40.45 11.60
CA ILE A 871 106.86 39.28 11.94
C ILE A 871 108.09 39.64 12.75
N GLY A 872 108.44 40.93 12.85
CA GLY A 872 109.61 41.33 13.60
C GLY A 872 110.91 41.25 12.84
N LEU A 873 110.85 41.11 11.52
CA LEU A 873 112.09 41.04 10.73
C LEU A 873 112.92 42.31 10.88
N ILE A 874 112.25 43.47 10.88
CA ILE A 874 112.91 44.77 11.03
C ILE A 874 112.49 45.34 12.37
N ASP A 875 113.48 45.85 13.13
CA ASP A 875 113.20 46.40 14.45
C ASP A 875 112.77 47.86 14.39
N GLU A 876 113.25 48.60 13.39
CA GLU A 876 112.95 50.03 13.30
C GLU A 876 112.94 50.44 11.84
N PHE A 877 112.34 51.60 11.58
CA PHE A 877 112.19 52.11 10.22
C PHE A 877 113.50 52.74 9.75
N THR A 878 114.11 52.14 8.74
CA THR A 878 115.28 52.73 8.12
C THR A 878 114.89 53.88 7.21
N PRO A 879 115.83 54.76 6.86
CA PRO A 879 115.49 55.88 5.97
C PRO A 879 114.89 55.43 4.65
N GLU A 880 115.33 54.28 4.12
CA GLU A 880 114.78 53.80 2.86
C GLU A 880 113.28 53.53 2.97
N HIS A 881 112.86 52.98 4.11
CA HIS A 881 111.43 52.77 4.33
C HIS A 881 110.68 54.10 4.32
N GLU A 882 111.25 55.13 4.93
CA GLU A 882 110.63 56.45 4.91
C GLU A 882 110.53 56.99 3.48
N GLU A 883 111.58 56.80 2.69
CA GLU A 883 111.54 57.25 1.29
C GLU A 883 110.43 56.53 0.52
N LEU A 884 110.34 55.21 0.71
CA LEU A 884 109.27 54.45 0.07
C LEU A 884 107.91 54.98 0.50
N ILE A 885 107.75 55.21 1.81
CA ILE A 885 106.46 55.67 2.33
C ILE A 885 106.08 56.99 1.68
N ILE A 886 107.00 57.96 1.68
CA ILE A 886 106.67 59.29 1.15
C ILE A 886 106.37 59.20 -0.33
N GLU A 887 107.06 58.31 -1.05
CA GLU A 887 106.71 58.09 -2.46
C GLU A 887 105.28 57.60 -2.59
N TYR A 888 104.88 56.66 -1.74
CA TYR A 888 103.51 56.16 -1.78
C TYR A 888 102.50 57.26 -1.47
N LEU A 889 102.79 58.09 -0.46
CA LEU A 889 101.87 59.18 -0.14
C LEU A 889 101.79 60.19 -1.28
N GLU A 890 102.91 60.46 -1.95
CA GLU A 890 102.89 61.36 -3.10
C GLU A 890 102.01 60.79 -4.21
N THR A 891 102.16 59.50 -4.51
CA THR A 891 101.32 58.87 -5.53
C THR A 891 99.85 58.93 -5.15
N ARG A 892 99.55 58.61 -3.89
CA ARG A 892 98.16 58.63 -3.45
C ARG A 892 97.60 60.04 -3.49
N LYS A 893 98.39 61.04 -3.13
CA LYS A 893 97.93 62.43 -3.18
C LYS A 893 97.66 62.86 -4.60
N VAL A 894 98.52 62.47 -5.54
CA VAL A 894 98.29 62.81 -6.94
C VAL A 894 96.99 62.18 -7.43
N ASN A 895 96.79 60.89 -7.11
CA ASN A 895 95.57 60.21 -7.53
C ASN A 895 94.33 60.86 -6.90
N TYR A 896 94.42 61.20 -5.62
CA TYR A 896 93.30 61.83 -4.94
C TYR A 896 92.97 63.19 -5.54
N ILE A 897 94.01 63.97 -5.87
CA ILE A 897 93.78 65.28 -6.49
C ILE A 897 93.11 65.10 -7.85
N VAL A 898 93.57 64.12 -8.63
CA VAL A 898 92.96 63.87 -9.93
C VAL A 898 91.49 63.50 -9.77
N GLU A 899 91.20 62.62 -8.82
CA GLU A 899 89.81 62.21 -8.60
C GLU A 899 88.95 63.37 -8.12
N LYS A 900 89.48 64.19 -7.21
CA LYS A 900 88.73 65.33 -6.71
C LYS A 900 88.42 66.32 -7.82
N GLU A 901 89.39 66.58 -8.69
CA GLU A 901 89.13 67.42 -9.85
C GLU A 901 88.06 66.78 -10.74
N LYS A 902 88.13 65.45 -10.91
CA LYS A 902 87.08 64.74 -11.63
C LYS A 902 85.76 64.68 -10.86
N GLY A 903 85.77 65.00 -9.56
CA GLY A 903 84.58 64.88 -8.75
C GLY A 903 84.25 63.47 -8.34
N ILE A 904 85.22 62.54 -8.44
CA ILE A 904 84.99 61.13 -8.13
C ILE A 904 85.96 60.70 -7.04
N GLN A 905 86.26 61.62 -6.11
CA GLN A 905 87.19 61.35 -5.03
C GLN A 905 86.88 60.02 -4.35
N THR A 906 87.82 59.08 -4.44
CA THR A 906 87.63 57.76 -3.86
C THR A 906 87.98 57.79 -2.38
N PHE A 907 87.37 56.86 -1.63
CA PHE A 907 87.60 56.76 -0.21
C PHE A 907 88.83 55.92 0.08
N SER A 908 89.53 56.27 1.17
CA SER A 908 90.71 55.53 1.57
C SER A 908 90.35 54.07 1.84
N SER A 909 91.17 53.16 1.34
CA SER A 909 90.95 51.73 1.50
C SER A 909 92.25 51.06 1.93
N ASN A 910 92.10 49.92 2.61
CA ASN A 910 93.18 49.06 3.10
C ASN A 910 93.86 49.64 4.33
N ASP A 911 93.50 50.84 4.78
CA ASP A 911 93.92 51.37 6.06
C ASP A 911 95.42 51.65 6.15
N TYR A 912 96.08 51.90 5.01
CA TYR A 912 97.48 52.34 5.06
C TYR A 912 97.60 53.67 5.78
N MET A 913 96.68 54.59 5.49
CA MET A 913 96.78 55.95 6.03
C MET A 913 96.65 55.94 7.55
N SER A 914 95.75 55.12 8.09
CA SER A 914 95.59 55.05 9.54
C SER A 914 96.87 54.54 10.20
N THR A 915 97.49 53.51 9.62
CA THR A 915 98.73 52.99 10.17
C THR A 915 99.83 54.05 10.12
N PHE A 916 99.93 54.78 9.01
CA PHE A 916 100.95 55.82 8.92
C PHE A 916 100.70 56.93 9.94
N GLY A 917 99.45 57.32 10.13
CA GLY A 917 99.13 58.33 11.12
C GLY A 917 99.46 57.87 12.53
N ILE A 918 99.15 56.62 12.84
CA ILE A 918 99.48 56.07 14.16
C ILE A 918 100.99 56.07 14.36
N TRP A 919 101.74 55.67 13.33
CA TRP A 919 103.20 55.68 13.43
C TRP A 919 103.72 57.09 13.66
N TYR A 920 103.17 58.08 12.96
CA TYR A 920 103.59 59.46 13.17
C TYR A 920 103.29 59.92 14.59
N PHE A 921 102.10 59.57 15.10
CA PHE A 921 101.75 59.95 16.46
C PHE A 921 102.71 59.33 17.48
N LEU A 922 103.21 58.13 17.20
CA LEU A 922 104.09 57.42 18.12
C LEU A 922 105.56 57.75 17.91
N GLU A 923 105.87 58.71 17.04
CA GLU A 923 107.25 59.11 16.74
C GLU A 923 108.05 57.95 16.13
N GLU A 924 107.38 56.93 15.62
CA GLU A 924 108.09 55.82 15.00
C GLU A 924 108.84 56.28 13.75
N ILE A 925 108.22 57.17 12.97
CA ILE A 925 108.82 57.74 11.77
C ILE A 925 108.94 59.24 11.97
N ASN A 926 110.12 59.78 11.70
CA ASN A 926 110.39 61.21 11.86
C ASN A 926 110.58 61.83 10.49
N ASN A 927 109.62 62.65 10.07
CA ASN A 927 109.69 63.33 8.79
C ASN A 927 108.62 64.42 8.70
N SER A 928 108.99 65.60 8.24
CA SER A 928 108.02 66.69 8.09
C SER A 928 107.06 66.43 6.93
N LYS A 929 107.42 65.55 5.99
CA LYS A 929 106.59 65.34 4.81
C LYS A 929 105.17 64.95 5.19
N MET A 930 104.99 64.24 6.30
CA MET A 930 103.66 63.84 6.73
C MET A 930 102.74 65.05 6.83
N GLU A 931 103.22 66.14 7.44
CA GLU A 931 102.39 67.32 7.63
C GLU A 931 101.89 67.89 6.31
N GLU A 932 102.56 67.58 5.20
CA GLU A 932 102.16 68.11 3.90
C GLU A 932 101.01 67.32 3.26
N PHE A 933 100.58 66.22 3.87
CA PHE A 933 99.57 65.36 3.28
C PHE A 933 98.22 65.48 3.98
N ILE A 934 97.98 66.57 4.70
CA ILE A 934 96.70 66.75 5.39
C ILE A 934 95.63 67.12 4.38
N GLY A 935 94.52 66.38 4.38
CA GLY A 935 93.38 66.74 3.56
C GLY A 935 92.62 65.58 2.94
N MET A 936 93.20 64.38 2.96
CA MET A 936 92.59 63.22 2.29
C MET A 936 91.81 62.33 3.25
N ASP A 937 92.48 61.79 4.26
CA ASP A 937 91.87 60.86 5.19
C ASP A 937 91.62 61.55 6.53
N ASP A 938 90.38 61.47 7.00
CA ASP A 938 90.02 62.14 8.26
C ASP A 938 90.80 61.56 9.43
N GLN A 939 90.94 60.24 9.48
CA GLN A 939 91.69 59.61 10.56
C GLN A 939 93.15 60.06 10.55
N TYR A 940 93.76 60.10 9.36
CA TYR A 940 95.15 60.51 9.25
C TYR A 940 95.33 61.96 9.72
N ASP A 941 94.43 62.84 9.28
CA ASP A 941 94.52 64.25 9.69
C ASP A 941 94.33 64.39 11.19
N PHE A 942 93.37 63.65 11.76
CA PHE A 942 93.17 63.69 13.20
C PHE A 942 94.41 63.23 13.95
N PHE A 943 95.05 62.15 13.47
CA PHE A 943 96.21 61.62 14.18
C PHE A 943 97.41 62.56 14.05
N VAL A 944 97.62 63.16 12.89
CA VAL A 944 98.85 63.89 12.63
C VAL A 944 98.69 65.38 12.93
N ASP A 945 97.45 65.88 12.87
CA ASP A 945 97.16 67.29 13.10
C ASP A 945 96.05 67.42 14.13
N PRO A 946 96.35 67.15 15.41
CA PRO A 946 95.28 67.16 16.41
C PRO A 946 94.63 68.51 16.61
N GLU A 947 95.43 69.55 16.89
CA GLU A 947 94.87 70.83 17.31
C GLU A 947 94.09 71.52 16.20
N ASN A 948 94.51 71.38 14.94
CA ASN A 948 93.74 71.94 13.83
C ASN A 948 92.59 71.05 13.38
N PHE A 949 92.58 69.78 13.77
CA PHE A 949 91.55 68.87 13.30
C PHE A 949 90.17 69.28 13.83
N ASP A 950 89.18 69.28 12.95
CA ASP A 950 87.79 69.50 13.36
C ASP A 950 87.20 68.19 13.85
N TYR A 951 86.79 68.17 15.11
CA TYR A 951 86.34 66.93 15.75
C TYR A 951 84.89 66.60 15.44
N LYS A 952 84.17 67.46 14.74
CA LYS A 952 82.80 67.13 14.34
C LYS A 952 82.75 65.95 13.39
N LYS A 953 83.85 65.63 12.73
CA LYS A 953 83.93 64.50 11.81
C LYS A 953 84.36 63.21 12.49
N PHE A 954 84.63 63.24 13.79
CA PHE A 954 85.11 62.05 14.48
C PHE A 954 84.07 60.95 14.46
N ILE A 955 84.53 59.71 14.28
CA ILE A 955 83.68 58.53 14.31
C ILE A 955 84.01 57.75 15.58
N PRO A 956 83.05 57.55 16.50
CA PRO A 956 83.40 56.89 17.76
C PRO A 956 83.93 55.48 17.59
N SER A 957 83.53 54.77 16.53
CA SER A 957 83.92 53.37 16.38
C SER A 957 85.43 53.20 16.39
N TRP A 958 86.17 54.24 16.00
CA TRP A 958 87.63 54.15 15.99
C TRP A 958 88.15 53.71 17.35
N LEU A 959 87.50 54.12 18.43
CA LEU A 959 88.00 53.82 19.76
C LEU A 959 88.03 52.32 20.04
N LYS A 960 87.29 51.52 19.27
CA LYS A 960 87.28 50.08 19.50
C LYS A 960 88.54 49.40 18.99
N ASN A 961 89.09 49.88 17.88
CA ASN A 961 90.20 49.19 17.23
C ASN A 961 91.54 49.41 17.94
N TYR A 962 91.71 50.54 18.61
CA TYR A 962 93.00 50.89 19.17
C TYR A 962 93.39 49.93 20.30
N ASN A 963 94.68 49.94 20.63
CA ASN A 963 95.23 49.10 21.67
C ASN A 963 95.49 49.93 22.93
N ASP A 964 95.90 49.25 24.00
CA ASP A 964 96.06 49.92 25.29
C ASP A 964 97.07 51.06 25.20
N LYS A 965 98.23 50.81 24.57
CA LYS A 965 99.27 51.83 24.51
C LYS A 965 98.79 53.05 23.74
N LEU A 966 98.13 52.83 22.60
CA LEU A 966 97.68 53.96 21.78
C LEU A 966 96.64 54.80 22.53
N LEU A 967 95.67 54.14 23.17
CA LEU A 967 94.67 54.88 23.93
C LEU A 967 95.31 55.64 25.09
N GLY A 968 96.25 55.00 25.79
CA GLY A 968 96.93 55.68 26.88
C GLY A 968 97.68 56.92 26.41
N LYS A 969 98.36 56.81 25.27
CA LYS A 969 99.06 57.97 24.71
C LYS A 969 98.07 59.05 24.30
N ILE A 970 96.92 58.66 23.74
CA ILE A 970 95.94 59.63 23.29
C ILE A 970 95.49 60.50 24.45
N ALA A 971 95.24 59.89 25.61
CA ALA A 971 94.83 60.67 26.77
C ALA A 971 95.87 61.69 27.19
N GLY A 972 97.15 61.44 26.90
CA GLY A 972 98.22 62.33 27.29
C GLY A 972 98.18 63.67 26.59
N ASN A 973 97.93 63.66 25.28
CA ASN A 973 97.95 64.90 24.51
C ASN A 973 96.81 65.82 24.94
N LYS A 974 97.14 67.11 25.08
CA LYS A 974 96.15 68.08 25.55
C LYS A 974 95.20 68.52 24.44
N HIS A 975 95.62 68.44 23.18
CA HIS A 975 94.80 68.94 22.08
C HIS A 975 93.60 68.06 21.78
N MET A 976 93.53 66.86 22.36
CA MET A 976 92.50 65.88 21.99
C MET A 976 91.74 65.30 23.18
N LYS A 977 92.15 65.58 24.42
CA LYS A 977 91.56 64.90 25.56
C LYS A 977 90.10 65.28 25.73
N HIS A 978 89.79 66.58 25.73
CA HIS A 978 88.43 67.02 26.06
C HIS A 978 87.43 66.60 24.99
N HIS A 979 87.81 66.65 23.71
CA HIS A 979 86.90 66.20 22.66
C HIS A 979 86.58 64.71 22.82
N VAL A 980 87.60 63.89 23.12
CA VAL A 980 87.39 62.46 23.21
C VAL A 980 86.56 62.12 24.44
N ILE A 981 86.81 62.79 25.57
CA ILE A 981 85.97 62.53 26.74
C ILE A 981 84.53 62.97 26.47
N GLU A 982 84.35 64.05 25.71
CA GLU A 982 82.99 64.47 25.36
C GLU A 982 82.27 63.40 24.55
N VAL A 983 82.93 62.90 23.49
CA VAL A 983 82.26 61.91 22.64
C VAL A 983 82.03 60.62 23.43
N LEU A 984 82.97 60.25 24.29
CA LEU A 984 82.78 59.07 25.13
C LEU A 984 81.59 59.26 26.06
N LYS A 985 81.44 60.45 26.64
CA LYS A 985 80.30 60.74 27.49
C LYS A 985 79.00 60.56 26.72
N GLU A 986 78.94 61.11 25.52
CA GLU A 986 77.72 60.98 24.72
C GLU A 986 77.42 59.51 24.42
N ARG A 987 78.45 58.75 24.03
CA ARG A 987 78.23 57.35 23.68
C ARG A 987 77.74 56.55 24.87
N VAL A 988 78.39 56.73 26.03
CA VAL A 988 77.97 55.97 27.21
C VAL A 988 76.57 56.40 27.64
N LYS A 989 76.22 57.67 27.46
CA LYS A 989 74.89 58.12 27.84
C LYS A 989 73.81 57.51 26.96
N ASN A 990 73.99 57.55 25.64
CA ASN A 990 72.91 57.21 24.72
C ASN A 990 73.02 55.81 24.14
N SER A 991 74.20 55.20 24.14
CA SER A 991 74.38 53.89 23.52
C SER A 991 74.12 52.77 24.52
N ASN A 992 74.00 51.56 23.99
CA ASN A 992 73.89 50.35 24.79
C ASN A 992 75.21 49.61 24.91
N ASP A 993 76.30 50.18 24.39
CA ASP A 993 77.60 49.53 24.41
C ASP A 993 78.31 49.84 25.72
N LYS A 994 78.88 48.80 26.34
CA LYS A 994 79.64 48.96 27.57
C LYS A 994 81.13 49.13 27.32
N ARG A 995 81.59 49.01 26.07
CA ARG A 995 83.00 49.25 25.78
C ARG A 995 83.37 50.70 26.04
N TYR A 996 82.49 51.64 25.66
CA TYR A 996 82.82 53.05 25.81
C TYR A 996 82.95 53.44 27.29
N LEU A 997 82.06 52.93 28.14
CA LEU A 997 82.20 53.18 29.56
C LEU A 997 83.51 52.64 30.10
N GLU A 998 83.89 51.43 29.67
CA GLU A 998 85.16 50.85 30.09
C GLU A 998 86.32 51.74 29.68
N ILE A 999 86.32 52.21 28.44
CA ILE A 999 87.42 53.04 27.95
C ILE A 999 87.50 54.33 28.74
N LEU A 1000 86.35 54.99 28.92
CA LEU A 1000 86.34 56.26 29.63
C LEU A 1000 86.82 56.08 31.07
N MET A 1001 86.37 55.02 31.73
CA MET A 1001 86.71 54.82 33.14
C MET A 1001 88.17 54.45 33.31
N ASN A 1002 88.66 53.47 32.55
CA ASN A 1002 89.96 52.88 32.86
C ASN A 1002 91.10 53.84 32.61
N TYR A 1003 91.03 54.61 31.52
CA TYR A 1003 92.13 55.46 31.08
C TYR A 1003 91.90 56.93 31.33
N PHE A 1004 90.76 57.47 30.90
CA PHE A 1004 90.57 58.92 30.88
C PHE A 1004 90.32 59.52 32.26
N ILE A 1005 90.11 58.69 33.28
CA ILE A 1005 89.97 59.19 34.65
C ILE A 1005 91.05 58.55 35.51
N LYS B 9 48.01 21.15 -23.54
CA LYS B 9 48.26 22.50 -24.12
C LYS B 9 47.30 22.77 -25.28
N ARG B 10 47.44 21.99 -26.36
CA ARG B 10 46.53 22.14 -27.49
C ARG B 10 45.09 21.83 -27.10
N TYR B 11 44.90 20.97 -26.09
CA TYR B 11 43.56 20.65 -25.64
C TYR B 11 42.84 21.90 -25.12
N GLY B 12 43.55 22.74 -24.37
CA GLY B 12 42.94 23.97 -23.89
C GLY B 12 42.53 24.88 -25.03
N GLU B 13 43.37 25.02 -26.05
CA GLU B 13 43.04 25.86 -27.20
C GLU B 13 41.83 25.32 -27.94
N LYS B 14 41.79 24.00 -28.16
CA LYS B 14 40.63 23.41 -28.83
C LYS B 14 39.37 23.61 -28.01
N LEU B 15 39.46 23.45 -26.68
CA LEU B 15 38.30 23.66 -25.84
C LEU B 15 37.81 25.10 -25.90
N LYS B 16 38.74 26.05 -25.90
CA LYS B 16 38.35 27.46 -26.06
C LYS B 16 37.68 27.67 -27.42
N GLU B 17 38.19 27.01 -28.46
CA GLU B 17 37.59 27.12 -29.78
C GLU B 17 36.16 26.59 -29.78
N VAL B 18 35.92 25.49 -29.08
CA VAL B 18 34.57 24.93 -29.02
C VAL B 18 33.60 25.97 -28.47
N PHE B 19 33.99 26.69 -27.43
CA PHE B 19 33.21 27.83 -26.97
C PHE B 19 33.22 28.90 -28.05
N LEU B 20 32.14 29.69 -28.08
CA LEU B 20 31.83 30.70 -29.10
C LEU B 20 31.26 30.05 -30.35
N MET B 21 31.18 28.73 -30.41
CA MET B 21 30.44 28.02 -31.44
C MET B 21 29.14 27.44 -30.89
N LEU B 22 28.91 27.55 -29.59
CA LEU B 22 27.72 27.01 -28.95
C LEU B 22 26.47 27.79 -29.38
N ASP B 23 25.32 27.21 -29.09
CA ASP B 23 24.05 27.90 -29.27
C ASP B 23 23.80 28.83 -28.08
N ASN B 24 22.58 29.35 -27.96
CA ASN B 24 22.25 30.21 -26.84
C ASN B 24 21.81 29.40 -25.62
N ASN B 25 20.99 28.37 -25.83
CA ASN B 25 20.45 27.61 -24.71
C ASN B 25 21.54 26.87 -23.94
N VAL B 26 22.53 26.32 -24.65
CA VAL B 26 23.61 25.62 -23.97
C VAL B 26 24.42 26.58 -23.12
N VAL B 27 24.69 27.78 -23.65
CA VAL B 27 25.41 28.78 -22.88
C VAL B 27 24.61 29.18 -21.65
N GLU B 28 23.29 29.31 -21.81
CA GLU B 28 22.44 29.63 -20.67
C GLU B 28 22.50 28.55 -19.61
N CYS B 29 22.46 27.28 -20.03
CA CYS B 29 22.57 26.18 -19.07
C CYS B 29 23.90 26.23 -18.33
N ILE B 30 24.99 26.48 -19.06
CA ILE B 30 26.30 26.55 -18.42
C ILE B 30 26.32 27.68 -17.39
N LYS B 31 25.80 28.84 -17.77
CA LYS B 31 25.77 29.98 -16.86
C LYS B 31 24.96 29.66 -15.62
N GLU B 32 23.79 29.05 -15.79
CA GLU B 32 22.95 28.73 -14.64
C GLU B 32 23.63 27.73 -13.72
N ILE B 33 24.25 26.69 -14.28
CA ILE B 33 24.95 25.71 -13.45
C ILE B 33 26.05 26.40 -12.65
N THR B 34 26.84 27.23 -13.31
CA THR B 34 27.94 27.91 -12.62
C THR B 34 27.41 28.80 -11.50
N GLU B 35 26.40 29.60 -11.80
CA GLU B 35 25.86 30.52 -10.81
C GLU B 35 25.29 29.77 -9.61
N SER B 36 24.58 28.67 -9.87
CA SER B 36 24.06 27.88 -8.75
C SER B 36 25.19 27.26 -7.94
N SER B 37 26.27 26.86 -8.60
CA SER B 37 27.42 26.33 -7.85
C SER B 37 28.02 27.41 -6.96
N ARG B 38 28.05 28.65 -7.42
CA ARG B 38 28.61 29.73 -6.61
C ARG B 38 27.82 29.94 -5.32
N ASN B 39 26.52 29.68 -5.33
CA ASN B 39 25.66 29.93 -4.19
C ASN B 39 25.55 28.75 -3.24
N GLY B 40 26.29 27.67 -3.48
CA GLY B 40 26.17 26.49 -2.65
C GLY B 40 24.82 25.81 -2.77
N LYS B 41 24.31 25.66 -4.00
CA LYS B 41 23.02 25.03 -4.24
C LYS B 41 23.08 24.03 -5.40
N LEU B 42 24.26 23.50 -5.69
CA LEU B 42 24.41 22.50 -6.74
C LEU B 42 24.32 21.10 -6.15
N VAL B 43 23.75 20.19 -6.93
CA VAL B 43 23.65 18.78 -6.54
C VAL B 43 23.86 17.93 -7.78
N PHE B 44 24.60 16.85 -7.64
CA PHE B 44 24.92 15.94 -8.73
C PHE B 44 24.25 14.60 -8.51
N PHE B 45 23.71 14.04 -9.59
CA PHE B 45 23.02 12.75 -9.59
C PHE B 45 23.82 11.85 -10.53
N VAL B 46 24.67 11.01 -9.96
CA VAL B 46 25.60 10.20 -10.74
C VAL B 46 24.94 8.86 -11.03
N GLY B 47 25.38 8.23 -12.13
CA GLY B 47 24.84 6.95 -12.55
C GLY B 47 25.89 5.85 -12.62
N ALA B 48 25.78 5.00 -13.64
CA ALA B 48 26.69 3.87 -13.80
C ALA B 48 27.77 4.10 -14.84
N GLY B 49 27.62 5.06 -15.73
CA GLY B 49 28.67 5.34 -16.69
C GLY B 49 29.92 5.88 -16.02
N VAL B 50 29.76 6.71 -15.00
CA VAL B 50 30.91 7.25 -14.28
C VAL B 50 31.72 6.13 -13.65
N SER B 51 31.05 5.10 -13.13
CA SER B 51 31.76 3.94 -12.60
C SER B 51 32.32 3.08 -13.72
N THR B 52 31.56 2.90 -14.79
CA THR B 52 32.03 2.09 -15.91
C THR B 52 33.26 2.69 -16.57
N LEU B 53 33.52 3.98 -16.35
CA LEU B 53 34.77 4.56 -16.82
C LEU B 53 35.95 3.82 -16.21
N SER B 54 35.91 3.59 -14.90
CA SER B 54 36.82 2.62 -14.28
C SER B 54 36.35 1.24 -14.69
N ASP B 55 37.11 0.20 -14.36
CA ASP B 55 36.76 -1.16 -14.78
C ASP B 55 35.85 -1.86 -13.78
N TYR B 56 35.05 -1.10 -13.03
CA TYR B 56 34.11 -1.69 -12.10
C TYR B 56 33.13 -2.57 -12.86
N PRO B 57 32.89 -3.81 -12.43
CA PRO B 57 32.07 -4.72 -13.24
C PRO B 57 30.66 -4.19 -13.45
N GLN B 58 30.14 -4.44 -14.65
CA GLN B 58 28.78 -4.07 -14.99
C GLN B 58 27.79 -5.11 -14.47
N TRP B 59 26.51 -4.75 -14.52
CA TRP B 59 25.47 -5.67 -14.07
C TRP B 59 25.17 -6.77 -15.08
N TRP B 60 25.37 -6.50 -16.37
CA TRP B 60 25.09 -7.53 -17.36
C TRP B 60 26.07 -8.69 -17.28
N ARG B 61 27.28 -8.47 -16.77
CA ARG B 61 28.18 -9.58 -16.50
C ARG B 61 27.58 -10.54 -15.48
N LEU B 62 27.07 -10.00 -14.37
CA LEU B 62 26.46 -10.84 -13.36
C LEU B 62 25.18 -11.49 -13.88
N VAL B 63 24.42 -10.78 -14.71
CA VAL B 63 23.22 -11.38 -15.30
C VAL B 63 23.61 -12.57 -16.17
N ASP B 64 24.65 -12.42 -16.99
CA ASP B 64 25.11 -13.53 -17.81
C ASP B 64 25.58 -14.69 -16.95
N LYS B 65 26.30 -14.40 -15.86
CA LYS B 65 26.77 -15.46 -14.98
C LYS B 65 25.59 -16.21 -14.36
N TYR B 66 24.57 -15.48 -13.91
CA TYR B 66 23.40 -16.11 -13.33
C TYR B 66 22.70 -16.98 -14.35
N HIS B 67 22.53 -16.48 -15.57
CA HIS B 67 21.87 -17.28 -16.61
C HIS B 67 22.66 -18.54 -16.90
N GLU B 68 23.99 -18.42 -17.00
CA GLU B 68 24.80 -19.59 -17.28
C GLU B 68 24.71 -20.61 -16.16
N GLU B 69 24.71 -20.15 -14.90
CA GLU B 69 24.61 -21.08 -13.78
C GLU B 69 23.24 -21.75 -13.75
N LEU B 70 22.19 -21.01 -14.11
CA LEU B 70 20.84 -21.56 -14.03
C LEU B 70 20.57 -22.55 -15.16
N TYR B 71 20.67 -22.09 -16.40
CA TYR B 71 20.35 -22.92 -17.56
C TYR B 71 21.56 -23.65 -18.12
N GLY B 72 22.75 -23.47 -17.55
CA GLY B 72 23.91 -24.19 -18.03
C GLY B 72 24.41 -23.75 -19.39
N SER B 73 24.08 -22.53 -19.81
CA SER B 73 24.54 -22.01 -21.09
C SER B 73 24.14 -20.55 -21.25
N PRO B 74 24.84 -19.76 -22.07
CA PRO B 74 24.42 -18.37 -22.26
C PRO B 74 23.28 -18.25 -23.26
N LYS B 75 22.45 -17.23 -23.04
CA LYS B 75 21.32 -17.01 -23.93
C LYS B 75 21.80 -16.48 -25.27
N LYS B 76 21.13 -16.92 -26.34
CA LYS B 76 21.56 -16.52 -27.68
C LYS B 76 21.17 -15.08 -27.99
N GLY B 77 19.97 -14.67 -27.60
CA GLY B 77 19.46 -13.36 -27.94
C GLY B 77 20.07 -12.25 -27.11
N ASN B 78 19.30 -11.18 -26.88
CA ASN B 78 19.75 -10.03 -26.12
C ASN B 78 18.79 -9.79 -24.96
N TYR B 79 19.34 -9.46 -23.80
CA TYR B 79 18.53 -9.27 -22.62
C TYR B 79 17.67 -8.02 -22.76
N SER B 80 16.37 -8.17 -22.51
CA SER B 80 15.48 -7.02 -22.45
C SER B 80 15.61 -6.34 -21.09
N SER B 81 14.88 -5.24 -20.92
CA SER B 81 14.96 -4.49 -19.68
C SER B 81 14.48 -5.33 -18.49
N ASP B 82 13.43 -6.13 -18.69
CA ASP B 82 12.84 -6.88 -17.59
C ASP B 82 13.66 -8.11 -17.22
N GLU B 83 14.39 -8.69 -18.18
CA GLU B 83 15.16 -9.90 -17.91
C GLU B 83 16.24 -9.64 -16.86
N TYR B 84 16.83 -8.45 -16.89
CA TYR B 84 17.86 -8.11 -15.91
C TYR B 84 17.32 -8.21 -14.50
N LEU B 85 16.10 -7.74 -14.27
CA LEU B 85 15.49 -7.82 -12.96
C LEU B 85 14.90 -9.19 -12.67
N ARG B 86 14.57 -9.97 -13.70
CA ARG B 86 13.88 -11.24 -13.48
C ARG B 86 14.84 -12.40 -13.22
N ILE B 87 15.92 -12.52 -14.00
CA ILE B 87 16.81 -13.69 -13.85
C ILE B 87 17.41 -13.78 -12.45
N PRO B 88 17.99 -12.72 -11.89
CA PRO B 88 18.45 -12.82 -10.50
C PRO B 88 17.35 -13.22 -9.54
N GLN B 89 16.12 -12.78 -9.78
CA GLN B 89 15.01 -13.17 -8.90
C GLN B 89 14.79 -14.67 -8.94
N ILE B 90 14.84 -15.27 -10.13
CA ILE B 90 14.67 -16.72 -10.23
C ILE B 90 15.83 -17.43 -9.55
N PHE B 91 17.05 -16.93 -9.74
CA PHE B 91 18.20 -17.54 -9.07
C PHE B 91 18.03 -17.52 -7.56
N TYR B 92 17.61 -16.38 -7.02
CA TYR B 92 17.36 -16.27 -5.58
C TYR B 92 16.27 -17.23 -5.15
N ASN B 93 15.19 -17.31 -5.93
CA ASN B 93 14.05 -18.13 -5.54
C ASN B 93 14.41 -19.61 -5.48
N VAL B 94 15.13 -20.10 -6.48
CA VAL B 94 15.35 -21.54 -6.60
C VAL B 94 16.62 -21.97 -5.86
N LYS B 95 17.75 -21.29 -6.08
CA LYS B 95 19.00 -21.74 -5.47
C LYS B 95 19.10 -21.30 -4.01
N GLY B 96 18.65 -20.09 -3.69
CA GLY B 96 18.73 -19.55 -2.36
C GLY B 96 19.58 -18.29 -2.31
N GLU B 97 19.57 -17.67 -1.13
CA GLU B 97 20.29 -16.42 -0.92
C GLU B 97 21.81 -16.64 -0.81
N MET B 98 22.23 -17.83 -0.36
CA MET B 98 23.66 -18.06 -0.19
C MET B 98 24.41 -17.97 -1.51
N ALA B 99 23.85 -18.56 -2.57
CA ALA B 99 24.52 -18.50 -3.87
C ALA B 99 24.51 -17.07 -4.43
N PHE B 100 23.41 -16.36 -4.24
CA PHE B 100 23.35 -14.95 -4.61
C PHE B 100 24.48 -14.17 -3.97
N ASP B 101 24.63 -14.33 -2.64
CA ASP B 101 25.69 -13.63 -1.92
C ASP B 101 27.05 -14.09 -2.41
N GLY B 102 27.21 -15.39 -2.69
CA GLY B 102 28.49 -15.89 -3.14
C GLY B 102 28.93 -15.26 -4.44
N ILE B 103 28.02 -15.17 -5.42
CA ILE B 103 28.36 -14.57 -6.70
C ILE B 103 28.63 -13.08 -6.53
N LEU B 104 27.82 -12.40 -5.70
CA LEU B 104 28.02 -10.97 -5.49
C LEU B 104 29.42 -10.71 -4.92
N LYS B 105 29.82 -11.50 -3.92
CA LYS B 105 31.15 -11.32 -3.33
C LYS B 105 32.25 -11.75 -4.28
N ASP B 106 31.98 -12.73 -5.14
CA ASP B 106 32.95 -13.13 -6.14
C ASP B 106 33.25 -11.98 -7.08
N PHE B 107 32.21 -11.25 -7.50
CA PHE B 107 32.40 -10.25 -8.56
C PHE B 107 32.80 -8.88 -8.03
N PHE B 108 32.12 -8.38 -6.99
CA PHE B 108 32.19 -6.96 -6.67
C PHE B 108 33.30 -6.60 -5.68
N GLN B 109 34.09 -7.56 -5.20
CA GLN B 109 35.08 -7.22 -4.18
C GLN B 109 36.30 -6.54 -4.78
N VAL B 110 36.50 -6.65 -6.10
CA VAL B 110 37.65 -6.02 -6.72
C VAL B 110 37.61 -4.52 -6.49
N ASP B 111 38.75 -3.94 -6.13
CA ASP B 111 38.89 -2.51 -5.92
C ASP B 111 39.57 -1.87 -7.13
N LYS B 112 39.05 -0.72 -7.54
CA LYS B 112 39.46 -0.05 -8.75
C LYS B 112 39.85 1.39 -8.44
N PRO B 113 40.64 2.03 -9.29
CA PRO B 113 41.03 3.42 -9.06
C PRO B 113 39.90 4.38 -9.41
N THR B 114 40.09 5.64 -9.02
CA THR B 114 39.13 6.69 -9.34
C THR B 114 39.37 7.16 -10.77
N ASN B 115 38.66 8.20 -11.17
CA ASN B 115 38.69 8.73 -12.53
C ASN B 115 38.79 10.25 -12.49
N PRO B 116 39.19 10.88 -13.59
CA PRO B 116 39.16 12.35 -13.62
C PRO B 116 37.77 12.92 -13.41
N ILE B 117 36.73 12.19 -13.79
CA ILE B 117 35.37 12.70 -13.68
C ILE B 117 35.03 12.95 -12.22
N HIS B 118 35.46 12.07 -11.32
CA HIS B 118 35.21 12.28 -9.90
C HIS B 118 35.90 13.55 -9.41
N ASP B 119 37.13 13.77 -9.84
CA ASP B 119 37.84 14.98 -9.43
C ASP B 119 37.11 16.22 -9.91
N LYS B 120 36.62 16.21 -11.16
CA LYS B 120 35.92 17.37 -11.67
C LYS B 120 34.60 17.58 -10.94
N ILE B 121 33.87 16.50 -10.65
CA ILE B 121 32.61 16.61 -9.92
C ILE B 121 32.86 17.26 -8.56
N LEU B 122 33.88 16.79 -7.85
CA LEU B 122 34.20 17.40 -6.56
C LEU B 122 34.60 18.86 -6.73
N ALA B 123 35.42 19.15 -7.75
CA ALA B 123 35.88 20.52 -7.96
C ALA B 123 34.74 21.46 -8.31
N MET B 124 33.60 20.95 -8.76
CA MET B 124 32.45 21.82 -8.99
C MET B 124 31.81 22.31 -7.70
N ASN B 125 32.25 21.81 -6.55
CA ASN B 125 31.78 22.28 -5.25
C ASN B 125 30.28 22.05 -5.07
N PRO B 126 29.85 20.80 -4.97
CA PRO B 126 28.43 20.53 -4.75
C PRO B 126 28.05 20.64 -3.28
N ALA B 127 26.77 20.88 -3.05
CA ALA B 127 26.25 20.89 -1.68
C ALA B 127 26.07 19.46 -1.16
N HIS B 128 25.22 18.69 -1.82
CA HIS B 128 25.05 17.28 -1.56
C HIS B 128 25.51 16.47 -2.77
N VAL B 129 25.55 15.16 -2.61
CA VAL B 129 25.74 14.23 -3.72
C VAL B 129 24.73 13.11 -3.56
N ILE B 130 24.09 12.72 -4.66
CA ILE B 130 23.15 11.62 -4.69
C ILE B 130 23.61 10.63 -5.75
N THR B 131 23.59 9.35 -5.42
CA THR B 131 24.07 8.36 -6.38
C THR B 131 23.30 7.06 -6.23
N THR B 132 23.19 6.34 -7.35
CA THR B 132 22.60 5.01 -7.40
C THR B 132 23.68 3.94 -7.55
N ASN B 133 24.85 4.18 -6.99
CA ASN B 133 26.00 3.29 -7.11
C ASN B 133 26.29 2.62 -5.78
N TYR B 134 26.52 1.31 -5.83
CA TYR B 134 26.96 0.56 -4.65
C TYR B 134 28.47 0.36 -4.69
N ASP B 135 29.18 1.48 -4.63
CA ASP B 135 30.64 1.48 -4.60
C ASP B 135 31.09 2.78 -3.95
N ASN B 136 32.37 2.81 -3.56
CA ASN B 136 32.90 3.89 -2.74
C ASN B 136 33.88 4.78 -3.47
N LEU B 137 33.76 4.88 -4.80
CA LEU B 137 34.67 5.73 -5.56
C LEU B 137 34.43 7.21 -5.26
N ILE B 138 33.16 7.64 -5.26
CA ILE B 138 32.85 9.02 -4.90
C ILE B 138 33.28 9.28 -3.47
N ASP B 139 33.09 8.31 -2.58
CA ASP B 139 33.49 8.49 -1.19
C ASP B 139 34.99 8.67 -1.06
N THR B 140 35.77 7.85 -1.77
CA THR B 140 37.22 8.00 -1.72
C THR B 140 37.65 9.35 -2.27
N ALA B 141 37.04 9.78 -3.38
CA ALA B 141 37.38 11.08 -3.93
C ALA B 141 37.08 12.19 -2.93
N CYS B 142 35.91 12.12 -2.28
CA CYS B 142 35.56 13.14 -1.29
C CYS B 142 36.55 13.15 -0.13
N TRP B 143 36.94 11.98 0.35
CA TRP B 143 37.87 11.92 1.47
C TRP B 143 39.22 12.49 1.09
N LYS B 144 39.74 12.12 -0.08
CA LYS B 144 41.05 12.60 -0.50
C LYS B 144 41.03 14.12 -0.73
N ARG B 145 39.93 14.63 -1.29
CA ARG B 145 39.88 16.06 -1.63
C ARG B 145 40.05 16.93 -0.40
N GLY B 146 39.38 16.57 0.69
CA GLY B 146 39.41 17.35 1.91
C GLY B 146 38.07 17.91 2.33
N LYS B 147 36.96 17.40 1.81
CA LYS B 147 35.62 17.82 2.21
C LYS B 147 34.92 16.64 2.88
N TYR B 148 34.13 16.94 3.91
CA TYR B 148 33.47 15.91 4.72
C TYR B 148 32.04 15.74 4.24
N PHE B 149 31.74 14.56 3.71
CA PHE B 149 30.37 14.17 3.35
C PHE B 149 29.95 12.99 4.22
N SER B 150 28.82 13.14 4.91
CA SER B 150 28.28 12.06 5.73
C SER B 150 27.48 11.12 4.85
N VAL B 151 27.89 9.85 4.81
CA VAL B 151 27.29 8.89 3.90
C VAL B 151 26.02 8.32 4.51
N ILE B 152 25.01 8.13 3.67
CA ILE B 152 23.73 7.55 4.06
C ILE B 152 23.44 6.39 3.11
N SER B 153 23.40 5.17 3.65
CA SER B 153 23.17 3.98 2.83
C SER B 153 22.20 3.01 3.48
N ALA B 154 21.44 3.46 4.48
CA ALA B 154 20.44 2.63 5.13
C ALA B 154 19.49 3.56 5.88
N GLU B 155 18.36 3.00 6.32
CA GLU B 155 17.35 3.82 6.97
C GLU B 155 17.86 4.39 8.29
N GLU B 156 18.60 3.60 9.06
CA GLU B 156 19.04 4.04 10.38
C GLU B 156 19.99 5.23 10.32
N ASP B 157 20.62 5.48 9.18
CA ASP B 157 21.61 6.56 9.07
C ASP B 157 20.98 7.94 8.90
N VAL B 158 19.70 8.02 8.59
CA VAL B 158 19.09 9.33 8.32
C VAL B 158 19.00 10.15 9.59
N ALA B 159 18.62 9.53 10.71
CA ALA B 159 18.41 10.27 11.95
C ALA B 159 19.71 10.55 12.71
N ASN B 160 20.80 9.88 12.36
CA ASN B 160 22.09 10.07 13.02
C ASN B 160 23.04 10.96 12.22
N ALA B 161 22.55 11.63 11.19
CA ALA B 161 23.40 12.53 10.42
C ALA B 161 23.83 13.72 11.27
N THR B 162 25.08 14.13 11.10
CA THR B 162 25.66 15.23 11.87
C THR B 162 25.80 16.51 11.05
N SER B 163 26.50 16.44 9.92
CA SER B 163 26.77 17.62 9.12
C SER B 163 25.60 17.91 8.18
N SER B 164 25.74 18.98 7.41
CA SER B 164 24.71 19.39 6.45
C SER B 164 24.95 18.88 5.04
N ARG B 165 26.08 18.21 4.80
CA ARG B 165 26.38 17.65 3.49
C ARG B 165 26.11 16.16 3.52
N TYR B 166 25.22 15.70 2.64
CA TYR B 166 24.84 14.29 2.54
C TYR B 166 25.42 13.69 1.27
N LEU B 167 25.97 12.48 1.40
CA LEU B 167 26.31 11.63 0.27
C LEU B 167 25.31 10.49 0.29
N LEU B 168 24.18 10.70 -0.36
CA LEU B 168 23.02 9.81 -0.27
C LEU B 168 23.14 8.72 -1.33
N LYS B 169 23.33 7.49 -0.87
CA LYS B 169 23.38 6.32 -1.75
C LYS B 169 22.04 5.61 -1.66
N VAL B 170 21.10 6.03 -2.52
CA VAL B 170 19.90 5.22 -2.71
C VAL B 170 20.35 3.87 -3.28
N HIS B 171 19.56 2.84 -2.98
CA HIS B 171 19.87 1.45 -3.31
C HIS B 171 20.98 0.87 -2.44
N GLY B 172 21.39 1.56 -1.39
CA GLY B 172 22.34 1.01 -0.44
C GLY B 172 23.75 0.91 -1.00
N ASP B 173 24.57 0.14 -0.28
CA ASP B 173 25.95 -0.12 -0.66
C ASP B 173 26.45 -1.30 0.16
N PHE B 174 27.65 -1.76 -0.15
CA PHE B 174 28.21 -2.98 0.43
C PHE B 174 29.12 -2.71 1.62
N ARG B 175 28.97 -1.56 2.29
CA ARG B 175 29.82 -1.28 3.45
C ARG B 175 29.53 -2.25 4.59
N LYS B 176 28.26 -2.41 4.95
CA LYS B 176 27.93 -3.27 6.08
C LYS B 176 28.20 -4.74 5.79
N GLY B 177 28.32 -5.12 4.53
CA GLY B 177 28.60 -6.50 4.20
C GLY B 177 28.38 -6.73 2.73
N PHE B 178 28.87 -7.89 2.27
CA PHE B 178 28.73 -8.27 0.87
C PHE B 178 27.51 -9.18 0.70
N LYS B 179 26.34 -8.68 1.07
CA LYS B 179 25.11 -9.47 1.05
C LYS B 179 24.08 -8.79 0.15
N GLY B 180 23.18 -9.61 -0.39
CA GLY B 180 22.16 -9.09 -1.29
C GLY B 180 21.03 -8.34 -0.61
N GLU B 181 20.92 -8.47 0.71
CA GLU B 181 19.87 -7.77 1.46
C GLU B 181 20.23 -6.33 1.75
N ASN B 182 21.44 -5.89 1.42
CA ASN B 182 21.88 -4.52 1.69
C ASN B 182 21.67 -3.59 0.51
N VAL B 183 21.32 -4.11 -0.67
CA VAL B 183 21.23 -3.30 -1.88
C VAL B 183 19.89 -3.55 -2.56
N VAL B 184 19.68 -2.92 -3.71
CA VAL B 184 18.45 -3.05 -4.49
C VAL B 184 18.85 -3.51 -5.88
N LEU B 185 18.82 -4.83 -6.10
CA LEU B 185 19.23 -5.41 -7.38
C LEU B 185 18.11 -6.17 -8.07
N LYS B 186 17.46 -7.11 -7.39
CA LYS B 186 16.49 -8.00 -8.01
C LYS B 186 15.12 -7.34 -8.06
N GLU B 187 14.11 -8.08 -8.53
CA GLU B 187 12.81 -7.48 -8.82
C GLU B 187 12.01 -7.19 -7.57
N ASP B 188 12.09 -8.07 -6.56
CA ASP B 188 11.36 -7.84 -5.32
C ASP B 188 11.76 -6.52 -4.70
N ASP B 189 13.05 -6.20 -4.72
CA ASP B 189 13.52 -4.94 -4.13
C ASP B 189 12.90 -3.75 -4.84
N TYR B 190 12.88 -3.77 -6.18
CA TYR B 190 12.26 -2.68 -6.92
C TYR B 190 10.76 -2.62 -6.67
N LEU B 191 10.14 -3.76 -6.35
CA LEU B 191 8.70 -3.78 -6.15
C LEU B 191 8.31 -3.12 -4.83
N ASN B 192 9.05 -3.40 -3.77
CA ASN B 192 8.72 -2.97 -2.41
C ASN B 192 9.70 -1.91 -1.90
N TYR B 193 10.17 -1.03 -2.80
CA TYR B 193 11.12 0.00 -2.38
C TYR B 193 10.45 1.02 -1.47
N ASP B 194 9.28 1.52 -1.87
CA ASP B 194 8.63 2.59 -1.11
C ASP B 194 8.27 2.16 0.31
N GLN B 195 8.09 0.87 0.54
CA GLN B 195 7.78 0.38 1.88
C GLN B 195 9.04 0.01 2.67
N ASN B 196 10.17 -0.16 2.00
CA ASN B 196 11.41 -0.55 2.66
C ASN B 196 12.38 0.61 2.85
N TYR B 197 12.23 1.71 2.10
CA TYR B 197 13.09 2.88 2.21
C TYR B 197 12.23 4.13 2.22
N PRO B 198 11.43 4.34 3.25
CA PRO B 198 10.59 5.55 3.31
C PRO B 198 11.39 6.83 3.47
N LEU B 199 12.22 6.87 4.52
CA LEU B 199 12.91 8.10 4.86
C LEU B 199 13.94 8.50 3.81
N ILE B 200 14.61 7.52 3.20
CA ILE B 200 15.59 7.84 2.17
C ILE B 200 14.91 8.49 0.98
N SER B 201 13.77 7.94 0.54
CA SER B 201 13.04 8.55 -0.55
C SER B 201 12.54 9.94 -0.19
N ASN B 202 12.08 10.10 1.06
CA ASN B 202 11.62 11.42 1.50
C ASN B 202 12.76 12.43 1.42
N LEU B 203 13.93 12.04 1.93
CA LEU B 203 15.09 12.93 1.91
C LEU B 203 15.50 13.29 0.50
N MET B 204 15.53 12.29 -0.40
CA MET B 204 15.92 12.55 -1.78
C MET B 204 14.95 13.50 -2.45
N LYS B 205 13.64 13.30 -2.24
CA LYS B 205 12.65 14.17 -2.87
C LYS B 205 12.75 15.59 -2.33
N THR B 206 12.96 15.74 -1.02
CA THR B 206 13.12 17.08 -0.46
C THR B 206 14.35 17.76 -1.03
N ILE B 207 15.46 17.04 -1.15
CA ILE B 207 16.67 17.63 -1.72
C ILE B 207 16.42 18.04 -3.17
N ILE B 208 15.74 17.20 -3.94
CA ILE B 208 15.42 17.55 -5.32
C ILE B 208 14.52 18.78 -5.36
N ALA B 209 13.71 19.00 -4.33
CA ALA B 209 12.72 20.07 -4.37
C ALA B 209 13.28 21.43 -3.95
N THR B 210 14.49 21.49 -3.39
CA THR B 210 15.03 22.72 -2.84
C THR B 210 16.50 22.89 -3.20
N HIS B 211 16.85 22.62 -4.45
CA HIS B 211 18.24 22.67 -4.92
C HIS B 211 18.21 22.78 -6.43
N THR B 212 19.39 22.72 -7.05
CA THR B 212 19.53 22.56 -8.49
C THR B 212 20.22 21.22 -8.73
N ILE B 213 19.72 20.45 -9.69
CA ILE B 213 20.13 19.07 -9.88
C ILE B 213 20.73 18.91 -11.27
N VAL B 214 21.79 18.12 -11.36
CA VAL B 214 22.44 17.81 -12.63
C VAL B 214 22.64 16.30 -12.73
N PHE B 215 22.05 15.69 -13.75
CA PHE B 215 22.15 14.24 -13.98
C PHE B 215 23.37 13.96 -14.85
N ILE B 216 24.21 13.02 -14.42
CA ILE B 216 25.39 12.63 -15.20
C ILE B 216 25.57 11.12 -15.10
N GLY B 217 25.90 10.49 -16.22
CA GLY B 217 26.10 9.07 -16.27
C GLY B 217 24.87 8.24 -16.57
N TYR B 218 23.71 8.87 -16.76
CA TYR B 218 22.46 8.16 -16.98
C TYR B 218 22.07 8.21 -18.46
N GLY B 219 21.54 7.11 -18.95
CA GLY B 219 20.96 7.10 -20.27
C GLY B 219 19.53 7.62 -20.25
N LEU B 220 19.14 8.29 -21.33
CA LEU B 220 17.81 8.91 -21.38
C LEU B 220 16.71 7.87 -21.20
N GLY B 221 16.93 6.64 -21.63
CA GLY B 221 15.96 5.58 -21.53
C GLY B 221 16.04 4.75 -20.28
N ASP B 222 16.76 5.21 -19.26
CA ASP B 222 16.94 4.43 -18.04
C ASP B 222 15.63 4.34 -17.26
N TYR B 223 15.65 3.62 -16.15
CA TYR B 223 14.46 3.37 -15.34
C TYR B 223 14.27 4.45 -14.27
N ASN B 224 15.34 4.82 -13.57
CA ASN B 224 15.22 5.79 -12.49
C ASN B 224 14.75 7.15 -13.01
N ILE B 225 15.22 7.54 -14.20
CA ILE B 225 14.77 8.80 -14.78
C ILE B 225 13.27 8.77 -15.02
N ASN B 226 12.77 7.66 -15.57
CA ASN B 226 11.33 7.56 -15.82
C ASN B 226 10.55 7.59 -14.52
N MET B 227 11.01 6.88 -13.49
CA MET B 227 10.32 6.91 -12.22
C MET B 227 10.29 8.32 -11.64
N LEU B 228 11.42 9.03 -11.71
CA LEU B 228 11.47 10.38 -11.18
C LEU B 228 10.54 11.31 -11.95
N LEU B 229 10.47 11.17 -13.27
CA LEU B 229 9.55 12.01 -14.03
C LEU B 229 8.10 11.66 -13.73
N ASN B 230 7.81 10.39 -13.48
CA ASN B 230 6.46 10.00 -13.08
C ASN B 230 6.08 10.69 -11.78
N TRP B 231 7.00 10.72 -10.81
CA TRP B 231 6.72 11.46 -9.58
C TRP B 231 6.58 12.95 -9.86
N VAL B 232 7.45 13.50 -10.70
CA VAL B 232 7.47 14.94 -10.94
C VAL B 232 6.17 15.41 -11.55
N ARG B 233 5.54 14.58 -12.39
CA ARG B 233 4.30 15.02 -13.02
C ARG B 233 3.17 15.21 -12.02
N LYS B 234 3.32 14.74 -10.78
CA LYS B 234 2.31 14.98 -9.76
C LYS B 234 2.36 16.40 -9.21
N LEU B 235 3.56 16.97 -9.11
CA LEU B 235 3.71 18.26 -8.46
C LEU B 235 3.01 19.35 -9.24
N GLN B 236 2.64 20.42 -8.52
CA GLN B 236 1.96 21.54 -9.14
C GLN B 236 2.85 22.21 -10.18
N LYS B 237 2.20 22.75 -11.21
CA LYS B 237 2.95 23.35 -12.32
C LYS B 237 3.78 24.53 -11.82
N ASP B 238 5.02 24.62 -12.31
CA ASP B 238 5.94 25.69 -11.99
C ASP B 238 6.31 25.76 -10.51
N SER B 239 6.27 24.63 -9.81
CA SER B 239 6.61 24.57 -8.40
C SER B 239 7.99 23.98 -8.16
N PHE B 240 8.80 23.83 -9.21
CA PHE B 240 10.11 23.21 -9.09
C PHE B 240 10.96 23.64 -10.28
N HIS B 241 12.27 23.47 -10.13
CA HIS B 241 13.22 23.80 -11.19
C HIS B 241 13.48 22.57 -12.06
N LYS B 242 13.43 22.75 -13.37
CA LYS B 242 13.71 21.65 -14.28
C LYS B 242 15.15 21.19 -14.10
N PRO B 243 15.40 19.92 -13.80
CA PRO B 243 16.79 19.46 -13.65
C PRO B 243 17.51 19.40 -14.99
N PHE B 244 18.82 19.25 -14.90
CA PHE B 244 19.69 19.15 -16.07
C PHE B 244 20.05 17.70 -16.32
N PHE B 245 20.46 17.42 -17.56
CA PHE B 245 20.80 16.07 -17.97
C PHE B 245 21.95 16.12 -18.97
N ILE B 246 23.09 15.54 -18.60
CA ILE B 246 24.29 15.55 -19.44
C ILE B 246 24.36 14.21 -20.14
N ARG B 247 24.20 14.22 -21.46
CA ARG B 247 24.10 13.01 -22.26
C ARG B 247 25.38 12.81 -23.07
N THR B 248 25.87 11.56 -23.10
CA THR B 248 27.16 11.25 -23.72
C THR B 248 27.08 10.06 -24.66
N ASP B 249 25.91 9.79 -25.25
CA ASP B 249 25.79 8.67 -26.17
C ASP B 249 26.61 8.94 -27.42
N PRO B 250 27.03 7.89 -28.13
CA PRO B 250 27.93 8.08 -29.27
C PRO B 250 27.21 8.44 -30.56
N SER B 251 26.28 9.39 -30.50
CA SER B 251 25.56 9.82 -31.69
C SER B 251 24.67 11.01 -31.36
N PRO B 252 24.48 11.97 -32.26
CA PRO B 252 23.61 13.10 -31.96
C PRO B 252 22.20 12.65 -31.64
N ILE B 253 21.58 13.34 -30.68
CA ILE B 253 20.20 13.02 -30.31
C ILE B 253 19.27 13.41 -31.45
N GLU B 254 18.16 12.68 -31.55
CA GLU B 254 17.13 13.00 -32.53
C GLU B 254 16.23 14.11 -31.99
N ASN B 255 15.76 14.96 -32.89
CA ASN B 255 14.98 16.12 -32.47
C ASN B 255 13.70 15.68 -31.75
N GLU B 256 13.06 14.62 -32.24
CA GLU B 256 11.79 14.19 -31.66
C GLU B 256 11.97 13.79 -30.20
N THR B 257 12.99 12.98 -29.91
CA THR B 257 13.25 12.57 -28.54
C THR B 257 13.62 13.76 -27.67
N LEU B 258 14.40 14.69 -28.21
CA LEU B 258 14.76 15.88 -27.46
C LEU B 258 13.52 16.66 -27.04
N ILE B 259 12.60 16.90 -27.97
CA ILE B 259 11.39 17.63 -27.61
C ILE B 259 10.58 16.84 -26.60
N TYR B 260 10.44 15.52 -26.82
CA TYR B 260 9.60 14.72 -25.94
C TYR B 260 10.12 14.73 -24.50
N TYR B 261 11.44 14.67 -24.34
CA TYR B 261 11.98 14.61 -22.98
C TYR B 261 12.12 15.99 -22.36
N GLU B 262 12.39 17.03 -23.16
CA GLU B 262 12.39 18.38 -22.61
C GLU B 262 11.00 18.79 -22.16
N ASN B 263 9.96 18.23 -22.79
CA ASN B 263 8.60 18.54 -22.37
C ASN B 263 8.34 18.05 -20.95
N LYS B 264 9.02 16.99 -20.53
CA LYS B 264 8.76 16.36 -19.24
C LYS B 264 9.71 16.83 -18.14
N GLY B 265 10.28 18.03 -18.26
CA GLY B 265 11.11 18.56 -17.20
C GLY B 265 12.54 18.06 -17.20
N LEU B 266 13.26 18.33 -18.28
CA LEU B 266 14.69 18.07 -18.34
C LEU B 266 15.32 19.12 -19.24
N ARG B 267 16.58 19.45 -18.97
CA ARG B 267 17.35 20.37 -19.80
C ARG B 267 18.63 19.66 -20.21
N ILE B 268 18.77 19.32 -21.49
CA ILE B 268 19.76 18.37 -21.95
C ILE B 268 20.97 19.10 -22.52
N ILE B 269 22.15 18.67 -22.09
CA ILE B 269 23.42 19.08 -22.66
C ILE B 269 24.02 17.85 -23.32
N ASP B 270 24.12 17.87 -24.64
CA ASP B 270 24.53 16.71 -25.42
C ASP B 270 26.01 16.86 -25.80
N ALA B 271 26.81 15.87 -25.41
CA ALA B 271 28.24 15.93 -25.73
C ALA B 271 28.50 15.62 -27.20
N ALA B 272 27.76 14.66 -27.76
CA ALA B 272 28.02 14.24 -29.13
C ALA B 272 27.88 15.39 -30.13
N SER B 273 27.11 16.42 -29.79
CA SER B 273 26.94 17.55 -30.69
C SER B 273 28.05 18.59 -30.55
N LEU B 274 28.60 18.75 -29.35
CA LEU B 274 29.60 19.79 -29.13
C LEU B 274 30.87 19.51 -29.93
N ILE B 275 31.33 18.26 -29.94
CA ILE B 275 32.63 17.89 -30.48
C ILE B 275 32.46 16.68 -31.39
N ASP B 276 33.56 16.28 -32.02
CA ASP B 276 33.63 15.10 -32.85
C ASP B 276 34.50 14.06 -32.16
N SER B 277 34.03 12.81 -32.12
CA SER B 277 34.75 11.77 -31.42
C SER B 277 34.38 10.42 -32.04
N ASN B 278 35.21 9.43 -31.77
CA ASN B 278 34.97 8.07 -32.24
C ASN B 278 33.91 7.42 -31.37
N GLU B 279 33.52 6.19 -31.75
CA GLU B 279 32.40 5.53 -31.07
C GLU B 279 32.72 5.25 -29.61
N TYR B 280 33.91 4.73 -29.33
CA TYR B 280 34.24 4.15 -28.03
C TYR B 280 35.07 5.08 -27.16
N ASP B 281 35.10 6.37 -27.47
CA ASP B 281 35.83 7.36 -26.67
C ASP B 281 34.89 8.08 -25.72
N TYR B 282 34.33 7.32 -24.78
CA TYR B 282 33.38 7.90 -23.82
C TYR B 282 34.06 8.92 -22.91
N LEU B 283 35.29 8.61 -22.46
CA LEU B 283 36.02 9.53 -21.62
C LEU B 283 36.16 10.89 -22.30
N GLU B 284 36.34 10.90 -23.62
CA GLU B 284 36.44 12.16 -24.34
C GLU B 284 35.18 13.01 -24.14
N ARG B 285 34.01 12.40 -24.28
CA ARG B 285 32.77 13.16 -24.14
C ARG B 285 32.58 13.66 -22.72
N TYR B 286 32.74 12.76 -21.73
CA TYR B 286 32.59 13.17 -20.34
C TYR B 286 33.51 14.32 -20.01
N SER B 287 34.79 14.17 -20.33
CA SER B 287 35.78 15.19 -20.02
C SER B 287 35.49 16.48 -20.77
N ALA B 288 35.02 16.38 -22.01
CA ALA B 288 34.71 17.59 -22.77
C ALA B 288 33.66 18.42 -22.05
N VAL B 289 32.54 17.81 -21.69
CA VAL B 289 31.48 18.57 -21.04
C VAL B 289 31.95 19.11 -19.69
N MET B 290 32.58 18.25 -18.89
CA MET B 290 32.96 18.66 -17.55
C MET B 290 34.01 19.78 -17.58
N ASP B 291 34.97 19.69 -18.51
CA ASP B 291 35.97 20.73 -18.64
C ASP B 291 35.36 22.02 -19.17
N LEU B 292 34.40 21.91 -20.08
CA LEU B 292 33.70 23.12 -20.52
C LEU B 292 33.11 23.84 -19.32
N LEU B 293 32.42 23.10 -18.44
CA LEU B 293 31.86 23.73 -17.25
C LEU B 293 32.95 24.30 -16.34
N ILE B 294 34.00 23.53 -16.09
CA ILE B 294 35.03 23.94 -15.14
C ILE B 294 35.73 25.21 -15.61
N GLU B 295 36.18 25.22 -16.87
CA GLU B 295 36.84 26.40 -17.41
C GLU B 295 35.88 27.56 -17.60
N SER B 296 34.57 27.29 -17.71
CA SER B 296 33.61 28.39 -17.63
C SER B 296 33.62 29.01 -16.25
N GLN B 297 33.76 28.20 -15.20
CA GLN B 297 33.77 28.74 -13.85
C GLN B 297 34.90 29.76 -13.68
N GLU B 298 36.10 29.41 -14.15
CA GLU B 298 37.20 30.36 -14.13
C GLU B 298 36.98 31.44 -15.17
N ASN B 299 37.94 32.36 -15.31
CA ASN B 299 37.84 33.47 -16.26
C ASN B 299 38.58 33.18 -17.55
N LYS B 300 38.57 31.93 -18.00
CA LYS B 300 39.26 31.55 -19.22
C LYS B 300 38.44 31.79 -20.47
N PHE B 301 37.22 32.32 -20.35
CA PHE B 301 36.32 32.55 -21.46
C PHE B 301 35.74 33.96 -21.40
N ILE B 302 36.59 34.95 -21.18
CA ILE B 302 36.18 36.34 -21.10
C ILE B 302 37.10 37.14 -22.03
N THR B 303 36.53 37.79 -23.03
CA THR B 303 37.30 38.51 -24.04
C THR B 303 36.84 39.95 -24.24
N LYS B 304 35.53 40.22 -24.15
CA LYS B 304 35.01 41.56 -24.41
C LYS B 304 35.10 42.41 -23.15
N ASP B 305 35.47 43.68 -23.34
CA ASP B 305 35.62 44.57 -22.19
C ASP B 305 34.31 44.71 -21.42
N ASP B 306 33.17 44.60 -22.12
CA ASP B 306 31.89 44.65 -21.42
C ASP B 306 31.81 43.55 -20.38
N GLU B 307 32.30 42.36 -20.69
CA GLU B 307 32.23 41.25 -19.76
C GLU B 307 33.05 41.54 -18.50
N VAL B 308 34.26 42.07 -18.66
CA VAL B 308 35.09 42.32 -17.48
C VAL B 308 34.51 43.44 -16.63
N ILE B 309 33.96 44.48 -17.28
CA ILE B 309 33.31 45.54 -16.51
C ILE B 309 32.13 44.98 -15.73
N ASP B 310 31.32 44.13 -16.38
CA ASP B 310 30.19 43.52 -15.69
C ASP B 310 30.65 42.68 -14.51
N TYR B 311 31.71 41.89 -14.71
CA TYR B 311 32.21 41.03 -13.63
C TYR B 311 32.67 41.87 -12.45
N ILE B 312 33.54 42.86 -12.68
CA ILE B 312 34.15 43.68 -11.58
C ILE B 312 33.06 44.45 -10.84
N TYR B 313 32.08 45.00 -11.53
CA TYR B 313 30.99 45.82 -10.91
C TYR B 313 29.95 44.89 -10.31
N GLY B 314 30.10 43.59 -10.44
CA GLY B 314 29.19 42.61 -9.82
C GLY B 314 29.80 42.08 -8.53
N LYS B 315 31.07 42.38 -8.27
CA LYS B 315 31.79 41.93 -7.07
C LYS B 315 31.96 43.08 -6.07
N ILE B 316 32.06 44.33 -6.54
CA ILE B 316 32.31 45.53 -5.68
C ILE B 316 31.03 46.35 -5.54
N SER B 317 29.93 45.93 -6.15
CA SER B 317 28.67 46.70 -6.16
C SER B 317 28.05 46.75 -4.76
N PRO B 318 27.86 45.62 -4.05
CA PRO B 318 27.17 45.64 -2.75
C PRO B 318 27.85 46.50 -1.69
N LEU B 319 29.15 46.80 -1.87
CA LEU B 319 29.92 47.49 -0.85
C LEU B 319 29.76 49.01 -0.89
N PHE B 320 28.95 49.54 -1.81
CA PHE B 320 28.71 50.98 -1.83
C PHE B 320 27.97 51.45 -0.59
N ALA B 321 27.31 50.54 0.13
CA ALA B 321 26.63 50.91 1.37
C ALA B 321 27.62 51.20 2.49
N LEU B 322 28.87 50.74 2.37
CA LEU B 322 29.92 50.96 3.40
C LEU B 322 30.65 52.28 3.11
N GLN B 323 31.28 52.89 4.12
CA GLN B 323 31.99 54.18 3.96
C GLN B 323 33.45 53.92 3.62
N TYR B 324 34.05 52.85 4.16
CA TYR B 324 35.46 52.48 3.90
C TYR B 324 35.60 50.97 3.81
N ILE B 325 36.60 50.46 3.07
CA ILE B 325 36.87 48.99 2.92
C ILE B 325 38.39 48.81 3.02
N ARG B 326 38.88 48.06 4.02
CA ARG B 326 40.31 47.88 4.21
C ARG B 326 40.92 47.20 2.99
N LYS B 327 42.20 47.47 2.76
CA LYS B 327 42.89 46.84 1.63
C LYS B 327 42.92 45.33 1.76
N ILE B 328 42.96 44.82 2.99
CA ILE B 328 42.97 43.37 3.19
C ILE B 328 41.66 42.75 2.74
N ASP B 329 40.55 43.45 2.96
CA ASP B 329 39.24 42.91 2.60
C ASP B 329 39.13 42.69 1.09
N LEU B 330 39.67 43.62 0.29
CA LEU B 330 39.59 43.48 -1.15
C LEU B 330 40.25 42.20 -1.62
N LYS B 331 41.30 41.76 -0.92
CA LYS B 331 41.96 40.52 -1.29
C LYS B 331 41.00 39.34 -1.22
N HIS B 332 40.09 39.35 -0.24
CA HIS B 332 39.10 38.28 -0.14
C HIS B 332 37.91 38.52 -1.06
N VAL B 333 37.64 39.78 -1.41
CA VAL B 333 36.51 40.07 -2.29
C VAL B 333 36.71 39.39 -3.65
N PHE B 334 37.93 39.43 -4.17
CA PHE B 334 38.24 38.89 -5.49
C PHE B 334 38.79 37.46 -5.45
N GLU B 335 38.78 36.82 -4.29
CA GLU B 335 39.16 35.41 -4.16
C GLU B 335 40.62 35.18 -4.55
N TYR B 336 41.51 35.96 -3.93
CA TYR B 336 42.95 35.79 -4.02
C TYR B 336 43.48 35.87 -5.45
N ASP B 337 42.70 36.39 -6.38
CA ASP B 337 43.23 36.58 -7.73
C ASP B 337 44.36 37.59 -7.74
N TYR B 338 44.28 38.61 -6.91
CA TYR B 338 45.26 39.70 -6.91
C TYR B 338 45.62 40.05 -5.48
N HIS B 339 46.77 40.72 -5.28
CA HIS B 339 47.24 41.12 -3.93
C HIS B 339 47.24 42.65 -3.80
N PHE B 340 46.35 43.20 -2.98
CA PHE B 340 46.25 44.67 -2.75
C PHE B 340 47.33 45.06 -1.73
N GLU B 341 47.82 46.31 -1.77
CA GLU B 341 48.91 46.80 -0.89
C GLU B 341 48.55 48.15 -0.28
N VAL B 342 49.01 48.44 0.94
CA VAL B 342 48.80 49.78 1.58
C VAL B 342 49.56 50.79 0.71
N ASN B 343 50.58 50.34 -0.03
CA ASN B 343 51.36 51.21 -0.94
C ASN B 343 50.39 51.94 -1.87
N GLY B 344 49.34 51.24 -2.34
CA GLY B 344 48.34 51.82 -3.26
C GLY B 344 48.48 51.22 -4.65
N THR B 345 49.11 50.05 -4.77
CA THR B 345 49.30 49.35 -6.08
C THR B 345 48.81 47.90 -5.94
N VAL B 346 48.47 47.25 -7.06
CA VAL B 346 47.96 45.83 -7.06
C VAL B 346 48.97 44.95 -7.79
N VAL B 347 48.93 43.63 -7.59
CA VAL B 347 49.84 42.68 -8.20
C VAL B 347 49.07 41.40 -8.51
N ARG B 348 49.50 40.69 -9.54
CA ARG B 348 48.87 39.41 -9.88
C ARG B 348 49.29 38.34 -8.89
N HIS B 349 48.36 37.42 -8.61
CA HIS B 349 48.62 36.35 -7.64
C HIS B 349 47.74 35.16 -7.97
N LYS B 350 48.36 34.05 -8.36
CA LYS B 350 47.68 32.78 -8.63
C LYS B 350 46.40 32.96 -9.43
N ASN B 351 46.44 33.79 -10.46
CA ASN B 351 45.32 33.96 -11.37
C ASN B 351 45.64 33.27 -12.69
N LYS B 352 44.72 32.42 -13.15
CA LYS B 352 44.88 31.66 -14.39
C LYS B 352 43.71 32.04 -15.29
N GLY B 353 43.88 33.10 -16.06
CA GLY B 353 42.82 33.58 -16.93
C GLY B 353 43.14 34.96 -17.45
N PHE B 354 42.10 35.64 -17.93
CA PHE B 354 42.27 36.98 -18.47
C PHE B 354 42.55 37.98 -17.36
N GLY B 355 43.46 38.90 -17.61
CA GLY B 355 43.82 39.93 -16.64
C GLY B 355 42.83 41.07 -16.62
N TYR B 356 41.67 40.85 -16.00
CA TYR B 356 40.61 41.84 -16.06
C TYR B 356 41.01 43.15 -15.39
N MET B 357 41.77 43.07 -14.30
CA MET B 357 42.16 44.30 -13.59
C MET B 357 43.10 45.14 -14.44
N GLU B 358 44.05 44.50 -15.13
CA GLU B 358 44.94 45.25 -16.01
C GLU B 358 44.16 45.92 -17.14
N ARG B 359 43.17 45.21 -17.70
CA ARG B 359 42.34 45.81 -18.73
C ARG B 359 41.55 46.99 -18.18
N PHE B 360 41.06 46.87 -16.94
CA PHE B 360 40.34 47.99 -16.33
C PHE B 360 41.27 49.20 -16.19
N PHE B 361 42.50 48.98 -15.76
CA PHE B 361 43.44 50.09 -15.62
C PHE B 361 43.75 50.70 -16.99
N GLU B 362 43.89 49.87 -18.02
CA GLU B 362 44.11 50.38 -19.37
C GLU B 362 42.93 51.25 -19.80
N LEU B 363 41.72 50.80 -19.52
CA LEU B 363 40.54 51.61 -19.85
C LEU B 363 40.56 52.92 -19.08
N LYS B 364 40.96 52.89 -17.81
CA LYS B 364 41.04 54.12 -17.03
C LYS B 364 42.04 55.09 -17.65
N GLU B 365 43.18 54.59 -18.10
CA GLU B 365 44.23 55.48 -18.61
C GLU B 365 43.77 56.23 -19.86
N SER B 366 43.13 55.54 -20.80
CA SER B 366 42.79 56.10 -22.09
C SER B 366 41.29 56.40 -22.15
N CYS B 367 40.96 57.61 -22.64
CA CYS B 367 39.57 58.00 -22.75
C CYS B 367 38.88 57.36 -23.95
N ASP B 368 39.62 57.11 -25.03
CA ASP B 368 39.01 56.52 -26.22
C ASP B 368 38.44 55.14 -25.93
N GLU B 369 39.17 54.33 -25.16
CA GLU B 369 38.66 53.00 -24.81
C GLU B 369 37.39 53.11 -23.99
N ARG B 370 37.33 54.05 -23.05
CA ARG B 370 36.10 54.28 -22.32
C ARG B 370 34.98 54.73 -23.24
N SER B 371 35.32 55.42 -24.33
CA SER B 371 34.33 55.75 -25.34
C SER B 371 33.86 54.51 -26.08
N LYS B 372 34.73 53.51 -26.23
CA LYS B 372 34.38 52.31 -26.99
C LYS B 372 33.20 51.57 -26.34
N LEU B 373 33.20 51.48 -25.01
CA LEU B 373 32.17 50.72 -24.32
C LEU B 373 30.77 51.30 -24.59
N SER B 374 29.77 50.57 -24.12
CA SER B 374 28.37 50.99 -24.27
C SER B 374 28.02 52.04 -23.23
N LYS B 375 26.73 52.35 -23.09
CA LYS B 375 26.28 53.42 -22.21
C LYS B 375 26.16 52.97 -20.76
N LYS B 376 25.34 51.96 -20.50
CA LYS B 376 25.22 51.44 -19.14
C LYS B 376 26.57 50.96 -18.63
N GLN B 377 27.37 50.37 -19.51
CA GLN B 377 28.74 50.02 -19.13
C GLN B 377 29.53 51.26 -18.76
N TYR B 378 29.30 52.38 -19.46
CA TYR B 378 29.98 53.62 -19.11
C TYR B 378 29.59 54.08 -17.70
N GLU B 379 28.29 54.00 -17.37
CA GLU B 379 27.87 54.41 -16.03
C GLU B 379 28.47 53.50 -14.96
N ARG B 380 28.49 52.19 -15.23
CA ARG B 380 29.11 51.26 -14.28
C ARG B 380 30.59 51.57 -14.12
N PHE B 381 31.26 51.89 -15.22
CA PHE B 381 32.68 52.25 -15.15
C PHE B 381 32.88 53.50 -14.31
N ASN B 382 31.99 54.48 -14.45
CA ASN B 382 32.08 55.68 -13.63
C ASN B 382 31.91 55.36 -12.15
N ALA B 383 30.96 54.47 -11.83
CA ALA B 383 30.78 54.07 -10.43
C ALA B 383 32.04 53.40 -9.90
N LEU B 384 32.62 52.50 -10.70
CA LEU B 384 33.85 51.82 -10.28
C LEU B 384 34.98 52.82 -10.06
N PHE B 385 35.11 53.79 -10.97
CA PHE B 385 36.14 54.81 -10.83
C PHE B 385 35.96 55.59 -9.54
N ASN B 386 34.73 56.02 -9.26
CA ASN B 386 34.46 56.75 -8.02
C ASN B 386 34.86 55.92 -6.81
N PHE B 387 34.42 54.65 -6.76
CA PHE B 387 34.72 53.80 -5.62
C PHE B 387 36.23 53.65 -5.42
N PHE B 388 36.94 53.26 -6.48
CA PHE B 388 38.36 52.96 -6.34
C PHE B 388 39.14 54.22 -5.97
N GLU B 389 38.80 55.36 -6.57
CA GLU B 389 39.47 56.60 -6.20
C GLU B 389 39.19 56.98 -4.76
N LYS B 390 37.95 56.80 -4.31
CA LYS B 390 37.61 57.15 -2.93
C LYS B 390 38.40 56.29 -1.94
N ASN B 391 38.51 54.99 -2.21
CA ASN B 391 39.20 54.11 -1.27
C ASN B 391 40.71 54.04 -1.50
N GLY B 392 41.20 54.51 -2.65
CA GLY B 392 42.62 54.69 -2.84
C GLY B 392 43.36 53.53 -3.48
N VAL B 393 42.88 53.07 -4.63
CA VAL B 393 43.61 52.12 -5.48
C VAL B 393 43.97 52.85 -6.77
N ILE B 394 45.25 52.84 -7.13
CA ILE B 394 45.77 53.76 -8.13
C ILE B 394 46.07 53.04 -9.44
N CYS B 395 47.02 52.11 -9.41
CA CYS B 395 47.49 51.49 -10.65
C CYS B 395 48.32 50.26 -10.30
N MET B 396 48.76 49.56 -11.35
CA MET B 396 49.56 48.35 -11.20
C MET B 396 50.86 48.64 -10.46
N ALA B 397 51.57 47.58 -10.05
CA ALA B 397 52.85 47.76 -9.38
C ALA B 397 53.94 48.15 -10.37
N LYS B 398 53.92 47.58 -11.56
CA LYS B 398 54.93 47.90 -12.57
C LYS B 398 54.80 49.35 -13.03
N ASP B 399 53.58 49.85 -13.15
CA ASP B 399 53.31 51.20 -13.61
C ASP B 399 53.22 52.20 -12.46
N ALA B 400 53.88 51.92 -11.34
CA ALA B 400 53.78 52.77 -10.17
C ALA B 400 54.69 53.99 -10.32
N GLY B 401 54.85 54.74 -9.23
CA GLY B 401 55.69 55.93 -9.24
C GLY B 401 55.92 56.43 -7.83
N THR B 402 56.12 57.75 -7.69
CA THR B 402 56.31 58.36 -6.38
C THR B 402 54.94 58.63 -5.75
N LEU B 403 54.24 57.54 -5.45
CA LEU B 403 52.91 57.65 -4.86
C LEU B 403 52.99 58.29 -3.49
N ASN B 404 52.11 59.25 -3.25
CA ASN B 404 52.01 59.90 -1.94
C ASN B 404 51.04 59.12 -1.05
N THR B 405 50.99 59.53 0.21
CA THR B 405 50.09 58.89 1.18
C THR B 405 49.68 59.92 2.22
N SER B 406 48.40 59.91 2.56
CA SER B 406 47.86 60.80 3.59
C SER B 406 46.60 60.16 4.15
N ILE B 407 46.30 60.48 5.41
CA ILE B 407 45.16 59.90 6.13
C ILE B 407 44.17 61.01 6.43
N GLU B 408 42.90 60.78 6.10
CA GLU B 408 41.83 61.72 6.38
C GLU B 408 40.62 60.93 6.88
N ILE B 409 40.30 61.07 8.16
CA ILE B 409 39.17 60.39 8.78
C ILE B 409 38.03 61.39 8.86
N ASN B 410 36.95 61.12 8.13
CA ASN B 410 35.79 62.02 8.09
C ASN B 410 34.76 61.50 9.09
N SER B 411 34.90 61.94 10.34
CA SER B 411 33.98 61.53 11.39
C SER B 411 34.05 62.53 12.52
N LEU B 412 32.88 63.00 12.98
CA LEU B 412 32.85 63.91 14.10
C LEU B 412 33.37 63.25 15.37
N ALA B 413 33.20 61.94 15.50
CA ALA B 413 33.57 61.25 16.73
C ALA B 413 35.07 61.24 16.97
N TYR B 414 35.87 61.23 15.90
CA TYR B 414 37.34 61.15 15.98
C TYR B 414 37.94 62.54 16.24
N HIS B 415 37.13 63.59 16.16
CA HIS B 415 37.60 64.99 16.37
C HIS B 415 36.92 65.60 17.60
N GLY B 416 35.96 64.90 18.22
CA GLY B 416 35.27 65.39 19.40
C GLY B 416 34.55 66.70 19.21
N LYS B 417 33.84 66.86 18.09
CA LYS B 417 33.03 68.06 17.85
C LYS B 417 31.70 67.91 18.57
N TYR B 418 31.78 67.91 19.90
CA TYR B 418 30.65 67.50 20.73
C TYR B 418 29.39 68.31 20.42
N ASP B 419 29.53 69.63 20.30
CA ASP B 419 28.37 70.47 20.05
C ASP B 419 27.70 70.12 18.72
N VAL B 420 28.50 69.90 17.68
CA VAL B 420 27.93 69.54 16.39
C VAL B 420 27.24 68.18 16.46
N MET B 421 27.81 67.25 17.22
CA MET B 421 27.14 65.96 17.42
C MET B 421 25.79 66.15 18.09
N LYS B 422 25.74 66.99 19.13
CA LYS B 422 24.48 67.23 19.82
C LYS B 422 23.45 67.85 18.88
N LYS B 423 23.88 68.83 18.08
CA LYS B 423 22.95 69.45 17.14
C LYS B 423 22.43 68.44 16.13
N PHE B 424 23.32 67.61 15.58
CA PHE B 424 22.90 66.59 14.64
C PHE B 424 21.95 65.60 15.30
N ILE B 425 22.11 65.36 16.60
CA ILE B 425 21.18 64.51 17.32
C ILE B 425 19.82 65.18 17.44
N GLU B 426 19.81 66.50 17.67
CA GLU B 426 18.57 67.21 17.96
C GLU B 426 17.67 67.34 16.75
N GLU B 427 18.22 67.35 15.53
CA GLU B 427 17.41 67.52 14.34
C GLU B 427 16.52 66.30 14.11
N GLN B 428 15.69 66.39 13.07
CA GLN B 428 14.80 65.30 12.70
C GLN B 428 15.47 64.44 11.63
N SER B 429 15.43 63.14 11.83
CA SER B 429 16.07 62.21 10.90
C SER B 429 15.28 62.11 9.60
N VAL B 430 15.94 61.58 8.57
CA VAL B 430 15.30 61.36 7.27
C VAL B 430 15.45 59.94 6.78
N SER B 431 16.42 59.16 7.25
CA SER B 431 16.60 57.80 6.78
C SER B 431 17.31 56.99 7.86
N ILE B 432 17.25 55.67 7.70
CA ILE B 432 17.80 54.77 8.72
C ILE B 432 19.30 54.97 8.87
N GLU B 433 19.97 55.40 7.81
CA GLU B 433 21.42 55.65 7.92
C GLU B 433 21.69 56.79 8.90
N ASP B 434 20.90 57.87 8.81
CA ASP B 434 21.06 58.95 9.76
C ASP B 434 20.73 58.51 11.17
N ASP B 435 19.80 57.55 11.33
CA ASP B 435 19.50 57.04 12.65
C ASP B 435 20.67 56.21 13.20
N TYR B 436 21.32 55.44 12.33
CA TYR B 436 22.52 54.71 12.73
C TYR B 436 23.59 55.68 13.23
N LYS B 437 23.82 56.74 12.46
CA LYS B 437 24.80 57.76 12.87
C LYS B 437 24.38 58.42 14.18
N LYS B 438 23.10 58.72 14.33
CA LYS B 438 22.61 59.34 15.56
C LYS B 438 22.82 58.42 16.76
N ALA B 439 22.58 57.13 16.58
CA ALA B 439 22.79 56.18 17.68
C ALA B 439 24.26 56.10 18.06
N PHE B 440 25.15 56.09 17.06
CA PHE B 440 26.57 56.07 17.39
C PHE B 440 26.95 57.32 18.19
N PHE B 441 26.44 58.48 17.78
CA PHE B 441 26.76 59.70 18.50
C PHE B 441 26.18 59.69 19.91
N LEU B 442 24.95 59.18 20.06
CA LEU B 442 24.34 59.10 21.39
C LEU B 442 25.14 58.20 22.31
N ALA B 443 25.61 57.06 21.80
CA ALA B 443 26.46 56.18 22.61
C ALA B 443 27.79 56.86 22.92
N CYS B 444 28.34 57.61 21.96
CA CYS B 444 29.58 58.32 22.21
C CYS B 444 29.44 59.32 23.35
N LEU B 445 28.33 60.04 23.39
CA LEU B 445 28.15 61.10 24.36
C LEU B 445 27.84 60.59 25.76
N GLY B 446 27.71 59.28 25.94
CA GLY B 446 27.50 58.68 27.24
C GLY B 446 26.08 58.24 27.51
N ARG B 447 25.10 58.89 26.88
CA ARG B 447 23.71 58.50 27.07
C ARG B 447 23.45 57.17 26.39
N TRP B 448 23.54 56.07 27.13
CA TRP B 448 23.52 54.75 26.52
C TRP B 448 22.11 54.21 26.32
N GLU B 449 21.16 54.56 27.21
CA GLU B 449 19.82 54.02 27.10
C GLU B 449 19.12 54.49 25.83
N GLU B 450 19.29 55.77 25.47
CA GLU B 450 18.73 56.24 24.21
C GLU B 450 19.33 55.50 23.03
N SER B 451 20.63 55.20 23.11
CA SER B 451 21.28 54.45 22.05
C SER B 451 20.67 53.07 21.92
N TYR B 452 20.44 52.40 23.05
CA TYR B 452 19.82 51.09 23.02
C TYR B 452 18.43 51.14 22.37
N ASP B 453 17.62 52.12 22.78
CA ASP B 453 16.28 52.24 22.21
C ASP B 453 16.32 52.51 20.72
N LEU B 454 17.21 53.42 20.30
CA LEU B 454 17.31 53.75 18.88
C LEU B 454 17.75 52.55 18.07
N TYR B 455 18.72 51.79 18.58
CA TYR B 455 19.17 50.60 17.86
C TYR B 455 18.06 49.57 17.76
N SER B 456 17.27 49.41 18.82
CA SER B 456 16.14 48.48 18.76
C SER B 456 15.13 48.91 17.70
N ASN B 457 14.81 50.21 17.64
CA ASN B 457 13.88 50.67 16.62
C ASN B 457 14.44 50.46 15.22
N ILE B 458 15.73 50.73 15.04
CA ILE B 458 16.35 50.53 13.73
C ILE B 458 16.27 49.07 13.33
N ILE B 459 16.53 48.16 14.26
CA ILE B 459 16.44 46.74 13.96
C ILE B 459 15.01 46.37 13.59
N LEU B 460 14.04 46.92 14.30
CA LEU B 460 12.64 46.63 14.01
C LEU B 460 12.29 47.03 12.58
N ASN B 461 12.69 48.24 12.17
CA ASN B 461 12.27 48.74 10.87
C ASN B 461 13.09 48.16 9.71
N SER B 462 14.38 47.90 9.93
CA SER B 462 15.27 47.57 8.82
C SER B 462 14.91 46.24 8.19
N ILE B 463 14.50 45.25 8.99
CA ILE B 463 14.20 43.93 8.45
C ILE B 463 13.09 44.02 7.42
N ASP B 464 12.04 44.79 7.73
CA ASP B 464 10.97 45.00 6.75
C ASP B 464 11.44 45.89 5.61
N GLU B 465 12.34 46.83 5.89
CA GLU B 465 12.84 47.70 4.82
C GLU B 465 13.79 46.99 3.87
N SER B 466 14.19 45.75 4.17
CA SER B 466 15.03 44.96 3.27
C SER B 466 16.38 45.64 3.05
N ASN B 467 17.07 45.92 4.15
CA ASN B 467 18.41 46.50 4.14
C ASN B 467 19.25 45.65 5.09
N GLY B 468 19.87 44.59 4.54
CA GLY B 468 20.53 43.61 5.40
C GLY B 468 21.72 44.17 6.15
N CYS B 469 22.50 45.02 5.50
CA CYS B 469 23.74 45.51 6.11
C CYS B 469 23.46 46.27 7.40
N VAL B 470 22.52 47.21 7.36
CA VAL B 470 22.23 48.01 8.55
C VAL B 470 21.62 47.13 9.63
N TYR B 471 20.80 46.15 9.25
CA TYR B 471 20.23 45.22 10.23
C TYR B 471 21.33 44.46 10.97
N TYR B 472 22.26 43.88 10.22
CA TYR B 472 23.36 43.15 10.83
C TYR B 472 24.20 44.05 11.74
N LEU B 473 24.57 45.22 11.23
CA LEU B 473 25.45 46.10 12.00
C LEU B 473 24.74 46.63 13.24
N SER B 474 23.43 46.85 13.17
CA SER B 474 22.68 47.34 14.32
C SER B 474 22.52 46.25 15.38
N GLN B 475 22.31 45.00 14.96
CA GLN B 475 22.33 43.90 15.92
C GLN B 475 23.67 43.87 16.66
N ILE B 476 24.76 43.97 15.91
CA ILE B 476 26.09 43.94 16.51
C ILE B 476 26.23 45.07 17.53
N ASN B 477 25.88 46.28 17.13
CA ASN B 477 26.11 47.44 17.99
C ASN B 477 25.21 47.40 19.22
N ARG B 478 23.97 46.92 19.07
CA ARG B 478 23.10 46.82 20.24
C ARG B 478 23.66 45.82 21.25
N TYR B 479 24.17 44.67 20.76
CA TYR B 479 24.78 43.72 21.68
C TYR B 479 25.98 44.34 22.39
N ARG B 480 26.81 45.06 21.66
CA ARG B 480 27.99 45.68 22.28
C ARG B 480 27.59 46.72 23.31
N ILE B 481 26.57 47.53 23.02
CA ILE B 481 26.11 48.51 23.98
C ILE B 481 25.57 47.84 25.23
N TYR B 482 24.85 46.73 25.05
CA TYR B 482 24.36 45.99 26.21
C TYR B 482 25.50 45.49 27.08
N GLN B 483 26.55 44.95 26.44
CA GLN B 483 27.71 44.48 27.20
C GLN B 483 28.37 45.61 27.96
N SER B 484 28.55 46.77 27.31
CA SER B 484 29.16 47.90 28.00
C SER B 484 28.30 48.37 29.17
N ILE B 485 26.98 48.39 28.98
CA ILE B 485 26.09 48.79 30.06
C ILE B 485 26.23 47.85 31.25
N THR B 486 26.24 46.55 30.99
CA THR B 486 26.34 45.59 32.08
C THR B 486 27.66 45.73 32.82
N GLN B 487 28.77 45.86 32.08
CA GLN B 487 30.06 46.02 32.74
C GLN B 487 30.10 47.30 33.56
N ALA B 488 29.53 48.39 33.04
CA ALA B 488 29.50 49.63 33.79
C ALA B 488 28.69 49.47 35.07
N VAL B 489 27.55 48.79 34.99
CA VAL B 489 26.73 48.58 36.18
C VAL B 489 27.51 47.82 37.24
N THR B 490 28.17 46.72 36.83
CA THR B 490 28.93 45.93 37.79
C THR B 490 30.05 46.76 38.42
N GLN B 491 30.81 47.47 37.59
CA GLN B 491 31.93 48.25 38.12
C GLN B 491 31.44 49.33 39.07
N PHE B 492 30.33 49.99 38.72
CA PHE B 492 29.82 51.04 39.60
C PHE B 492 29.37 50.46 40.93
N ASN B 493 28.51 49.46 40.90
CA ASN B 493 28.05 48.86 42.15
C ASN B 493 29.20 48.26 42.95
N GLY B 494 30.34 47.98 42.30
CA GLY B 494 31.49 47.47 43.02
C GLY B 494 32.33 48.54 43.70
N LEU B 495 32.68 49.60 42.98
CA LEU B 495 33.67 50.58 43.47
C LEU B 495 33.25 52.04 43.34
N GLY B 496 32.26 52.36 42.52
CA GLY B 496 31.94 53.77 42.29
C GLY B 496 31.52 54.49 43.56
N LEU B 497 30.69 53.85 44.37
CA LEU B 497 30.24 54.46 45.61
C LEU B 497 31.42 54.86 46.48
N LEU B 498 32.53 54.13 46.40
CA LEU B 498 33.72 54.48 47.15
C LEU B 498 34.50 55.60 46.46
N THR B 499 34.85 55.39 45.18
CA THR B 499 35.70 56.37 44.50
C THR B 499 34.98 57.69 44.29
N PHE B 500 33.68 57.66 43.96
CA PHE B 500 32.93 58.89 43.79
C PHE B 500 32.54 59.53 45.12
N GLY B 501 32.62 58.77 46.21
CA GLY B 501 32.17 59.25 47.50
C GLY B 501 30.68 59.11 47.74
N ARG B 502 29.93 58.58 46.78
CA ARG B 502 28.50 58.39 46.95
C ARG B 502 28.01 57.45 45.86
N HIS B 503 27.13 56.52 46.23
CA HIS B 503 26.63 55.54 45.28
C HIS B 503 25.78 56.23 44.21
N TYR B 504 26.16 56.04 42.96
CA TYR B 504 25.46 56.60 41.81
C TYR B 504 24.57 55.55 41.17
N LYS B 505 23.49 56.02 40.55
CA LYS B 505 22.54 55.15 39.85
C LYS B 505 22.32 55.70 38.45
N PRO B 506 23.31 55.56 37.57
CA PRO B 506 23.14 56.07 36.20
C PRO B 506 21.96 55.45 35.46
N PHE B 507 21.65 54.19 35.74
CA PHE B 507 20.50 53.51 35.14
C PHE B 507 19.53 53.10 36.24
N THR B 508 18.25 53.02 35.87
CA THR B 508 17.22 52.59 36.81
C THR B 508 17.28 51.07 36.94
N ASP B 509 16.31 50.49 37.65
CA ASP B 509 16.19 49.04 37.76
C ASP B 509 15.20 48.45 36.77
N GLU B 510 14.18 49.22 36.38
CA GLU B 510 13.25 48.72 35.36
C GLU B 510 13.97 48.48 34.04
N PHE B 511 14.83 49.41 33.64
CA PHE B 511 15.60 49.23 32.41
C PHE B 511 16.55 48.06 32.53
N LEU B 512 17.27 47.96 33.66
CA LEU B 512 18.21 46.87 33.86
C LEU B 512 17.53 45.51 33.96
N ALA B 513 16.24 45.46 34.26
CA ALA B 513 15.49 44.23 34.19
C ALA B 513 14.99 43.96 32.78
N ARG B 514 14.50 45.01 32.10
CA ARG B 514 13.98 44.82 30.76
C ARG B 514 15.06 44.31 29.81
N ILE B 515 16.21 44.98 29.77
CA ILE B 515 17.24 44.57 28.82
C ILE B 515 17.76 43.19 29.18
N GLU B 516 17.86 42.88 30.48
CA GLU B 516 18.30 41.54 30.86
C GLU B 516 17.30 40.48 30.44
N ARG B 517 16.01 40.82 30.40
CA ARG B 517 15.03 39.86 29.92
C ARG B 517 15.08 39.71 28.40
N GLU B 518 15.20 40.82 27.67
CA GLU B 518 15.22 40.74 26.20
C GLU B 518 16.45 39.98 25.72
N MET B 519 17.64 40.35 26.21
CA MET B 519 18.86 39.70 25.76
C MET B 519 19.11 38.41 26.54
N THR B 520 18.11 37.54 26.57
CA THR B 520 18.20 36.28 27.30
C THR B 520 18.56 35.16 26.32
N ASN B 521 19.68 34.49 26.57
CA ASN B 521 20.15 33.40 25.73
C ASN B 521 20.43 33.85 24.30
N PHE B 522 20.75 35.13 24.11
CA PHE B 522 21.11 35.65 22.80
C PHE B 522 22.60 35.44 22.59
N ASN B 523 22.95 34.73 21.51
CA ASN B 523 24.33 34.46 21.15
C ASN B 523 24.66 35.13 19.84
N ILE B 524 25.83 35.77 19.79
CA ILE B 524 26.25 36.49 18.59
C ILE B 524 26.85 35.56 17.55
N ASP B 525 27.15 34.31 17.90
CA ASP B 525 27.92 33.44 17.03
C ASP B 525 27.11 32.86 15.88
N ASP B 526 25.79 32.88 15.95
CA ASP B 526 24.94 32.41 14.86
C ASP B 526 24.22 33.55 14.14
N LEU B 527 24.61 34.80 14.41
CA LEU B 527 23.95 35.92 13.77
C LEU B 527 24.18 35.90 12.26
N PHE B 528 25.41 35.61 11.83
CA PHE B 528 25.72 35.62 10.41
C PHE B 528 25.06 34.45 9.69
N ASN B 529 25.11 33.26 10.29
CA ASN B 529 24.62 32.06 9.62
C ASN B 529 23.11 32.07 9.44
N GLY B 530 22.39 32.90 10.18
CA GLY B 530 20.95 32.97 10.10
C GLY B 530 20.40 33.94 9.08
N MET B 531 21.24 34.51 8.24
CA MET B 531 20.85 35.51 7.25
C MET B 531 20.67 34.87 5.88
N PRO B 532 20.00 35.56 4.95
CA PRO B 532 19.83 35.00 3.61
C PRO B 532 21.17 34.71 2.96
N PHE B 533 21.22 33.62 2.18
CA PHE B 533 22.49 33.23 1.59
C PHE B 533 23.01 34.27 0.59
N GLU B 534 22.13 35.09 0.04
CA GLU B 534 22.61 36.22 -0.78
C GLU B 534 23.46 37.16 0.06
N PHE B 535 23.00 37.48 1.27
CA PHE B 535 23.81 38.28 2.18
C PHE B 535 25.09 37.56 2.55
N GLN B 536 25.01 36.26 2.82
CA GLN B 536 26.20 35.50 3.17
C GLN B 536 27.21 35.45 2.05
N LYS B 537 26.77 35.63 0.80
CA LYS B 537 27.69 35.65 -0.33
C LYS B 537 28.26 37.04 -0.57
N LYS B 538 27.40 38.07 -0.57
CA LYS B 538 27.87 39.41 -0.90
C LYS B 538 28.70 40.03 0.21
N TYR B 539 28.40 39.72 1.47
CA TYR B 539 28.97 40.41 2.62
C TYR B 539 29.75 39.43 3.50
N LYS B 540 30.57 38.58 2.89
CA LYS B 540 31.39 37.68 3.69
C LYS B 540 32.44 38.46 4.49
N ILE B 541 32.97 39.55 3.93
CA ILE B 541 34.07 40.27 4.55
C ILE B 541 33.70 40.84 5.92
N LEU B 542 32.42 40.91 6.26
CA LEU B 542 31.98 41.43 7.55
C LEU B 542 31.83 40.36 8.62
N GLU B 543 32.03 39.09 8.27
CA GLU B 543 31.87 38.02 9.25
C GLU B 543 32.75 38.25 10.46
N PHE B 544 33.95 38.79 10.25
CA PHE B 544 34.88 38.97 11.36
C PHE B 544 34.33 39.91 12.42
N LEU B 545 33.32 40.71 12.11
CA LEU B 545 32.74 41.59 13.11
C LEU B 545 31.91 40.87 14.15
N SER B 546 31.60 39.59 13.93
CA SER B 546 30.85 38.81 14.90
C SER B 546 31.74 37.90 15.74
N ASP B 547 33.05 38.00 15.59
CA ASP B 547 33.99 37.16 16.34
C ASP B 547 34.37 37.84 17.64
N ASN B 548 34.77 37.03 18.62
CA ASN B 548 35.07 37.55 19.95
C ASN B 548 36.24 38.52 19.91
N GLN B 549 37.29 38.19 19.17
CA GLN B 549 38.49 39.02 19.12
C GLN B 549 39.02 39.06 17.70
N PHE B 550 39.28 40.26 17.20
CA PHE B 550 39.93 40.50 15.92
C PHE B 550 41.19 41.33 16.16
N LEU B 551 41.99 41.49 15.13
CA LEU B 551 43.32 42.10 15.23
C LEU B 551 44.29 41.17 15.97
N TYR B 552 44.24 39.88 15.66
CA TYR B 552 45.21 38.94 16.22
C TYR B 552 46.36 38.66 15.28
N ASP B 553 46.16 38.77 13.97
CA ASP B 553 47.29 38.69 13.05
C ASP B 553 48.08 39.99 13.02
N ASP B 554 47.40 41.13 13.17
CA ASP B 554 48.10 42.41 13.18
C ASP B 554 49.05 42.51 14.37
N THR B 555 48.61 42.05 15.54
CA THR B 555 49.49 42.09 16.71
C THR B 555 50.70 41.20 16.53
N VAL B 556 50.50 40.00 15.97
CA VAL B 556 51.63 39.10 15.77
C VAL B 556 52.59 39.67 14.73
N LYS B 557 52.06 40.38 13.73
CA LYS B 557 52.91 40.97 12.70
C LYS B 557 53.80 42.09 13.23
N LEU B 558 53.56 42.56 14.46
CA LEU B 558 54.40 43.61 15.03
C LEU B 558 55.81 43.14 15.36
N PHE B 559 56.07 41.83 15.30
CA PHE B 559 57.39 41.33 15.63
C PHE B 559 58.46 41.81 14.66
N GLU B 560 58.06 42.27 13.47
CA GLU B 560 59.04 42.74 12.50
C GLU B 560 59.72 44.03 12.94
N LEU B 561 59.11 44.78 13.85
CA LEU B 561 59.71 45.99 14.37
C LEU B 561 60.76 45.72 15.44
N THR B 562 60.88 44.49 15.92
CA THR B 562 61.86 44.13 16.93
C THR B 562 63.07 43.42 16.35
N ASN B 563 63.22 43.40 15.03
CA ASN B 563 64.38 42.76 14.42
C ASN B 563 65.64 43.60 14.64
N LYS B 564 66.75 42.92 14.91
CA LYS B 564 68.04 43.58 15.08
C LYS B 564 68.95 43.43 13.87
N VAL B 565 68.69 42.44 13.02
CA VAL B 565 69.56 42.22 11.86
C VAL B 565 69.44 43.36 10.86
N ARG B 566 68.30 44.06 10.84
CA ARG B 566 68.04 45.02 9.78
C ARG B 566 69.05 46.16 9.78
N SER B 567 69.38 46.69 10.96
CA SER B 567 70.28 47.85 11.02
C SER B 567 71.64 47.50 10.44
N GLU B 568 72.19 46.35 10.80
CA GLU B 568 73.44 45.90 10.20
C GLU B 568 73.26 45.60 8.72
N MET B 569 72.14 44.98 8.35
CA MET B 569 71.89 44.62 6.96
C MET B 569 70.39 44.45 6.79
N SER B 570 69.78 45.32 5.97
CA SER B 570 68.35 45.29 5.73
C SER B 570 68.08 45.27 4.23
N GLU B 571 67.10 44.47 3.83
CA GLU B 571 66.70 44.37 2.43
C GLU B 571 65.42 45.13 2.11
N GLY B 572 64.64 45.50 3.13
CA GLY B 572 63.33 46.09 2.87
C GLY B 572 62.41 45.13 2.15
N SER B 573 62.43 43.86 2.54
CA SER B 573 61.65 42.85 1.84
C SER B 573 60.15 43.10 1.96
N TYR B 574 59.72 43.84 2.99
CA TYR B 574 58.32 44.16 3.16
C TYR B 574 57.81 44.90 1.92
N SER B 575 56.93 44.25 1.16
CA SER B 575 56.47 44.78 -0.12
C SER B 575 57.68 45.10 -0.99
N PHE B 576 57.65 46.22 -1.72
CA PHE B 576 58.75 46.65 -2.59
C PHE B 576 59.37 47.91 -2.02
N GLY B 577 60.51 47.77 -1.36
CA GLY B 577 61.25 48.93 -0.88
C GLY B 577 60.49 49.77 0.11
N MET B 578 59.71 49.15 0.99
CA MET B 578 59.01 49.85 2.06
C MET B 578 59.37 49.17 3.38
N SER B 579 60.08 49.88 4.25
CA SER B 579 60.43 49.35 5.55
C SER B 579 59.16 48.97 6.32
N SER B 580 59.34 48.12 7.33
CA SER B 580 58.19 47.66 8.11
C SER B 580 57.47 48.82 8.79
N ASP B 581 58.18 49.92 9.04
CA ASP B 581 57.56 51.09 9.66
C ASP B 581 56.36 51.56 8.85
N ILE B 582 56.55 51.75 7.54
CA ILE B 582 55.48 52.27 6.71
C ILE B 582 54.31 51.31 6.68
N VAL B 583 54.58 50.02 6.50
CA VAL B 583 53.49 49.05 6.40
C VAL B 583 52.69 49.00 7.69
N VAL B 584 53.38 48.97 8.83
CA VAL B 584 52.68 48.91 10.11
C VAL B 584 51.83 50.15 10.33
N LEU B 585 52.40 51.33 10.04
CA LEU B 585 51.65 52.57 10.25
C LEU B 585 50.42 52.62 9.35
N LEU B 586 50.56 52.23 8.08
CA LEU B 586 49.43 52.29 7.17
C LEU B 586 48.36 51.26 7.52
N ARG B 587 48.77 50.08 8.01
CA ARG B 587 47.79 49.12 8.51
C ARG B 587 47.01 49.70 9.69
N LEU B 588 47.74 50.36 10.61
CA LEU B 588 47.07 50.98 11.76
C LEU B 588 46.05 52.01 11.29
N TYR B 589 46.45 52.85 10.33
CA TYR B 589 45.52 53.86 9.82
C TYR B 589 44.31 53.21 9.15
N ASP B 590 44.52 52.11 8.43
CA ASP B 590 43.40 51.43 7.79
C ASP B 590 42.40 50.95 8.84
N ASN B 591 42.88 50.27 9.88
CA ASN B 591 41.97 49.79 10.91
C ASN B 591 41.24 50.94 11.57
N LEU B 592 41.98 51.99 11.93
CA LEU B 592 41.38 53.15 12.57
C LEU B 592 40.27 53.76 11.71
N ARG B 593 40.57 53.99 10.43
CA ARG B 593 39.62 54.63 9.53
C ARG B 593 38.39 53.75 9.31
N PHE B 594 38.60 52.45 9.11
CA PHE B 594 37.47 51.57 8.87
C PHE B 594 36.54 51.53 10.07
N LEU B 595 37.10 51.48 11.29
CA LEU B 595 36.24 51.40 12.46
C LEU B 595 35.53 52.71 12.74
N TYR B 596 36.24 53.84 12.65
CA TYR B 596 35.62 55.10 13.04
C TYR B 596 34.65 55.59 11.97
N GLU B 597 34.96 55.39 10.70
CA GLU B 597 34.12 55.93 9.62
C GLU B 597 32.79 55.19 9.53
N ASN B 598 32.83 53.86 9.56
CA ASN B 598 31.62 53.06 9.40
C ASN B 598 30.72 53.08 10.62
N CYS B 599 31.10 53.81 11.69
CA CYS B 599 30.28 53.94 12.89
C CYS B 599 30.04 52.57 13.53
N LEU B 600 31.14 51.97 13.96
CA LEU B 600 31.12 50.74 14.74
C LEU B 600 31.57 51.03 16.17
N TRP B 601 30.95 50.32 17.12
CA TRP B 601 31.13 50.61 18.54
C TRP B 601 32.25 49.80 19.18
N SER B 602 32.98 49.00 18.40
CA SER B 602 34.11 48.27 18.93
C SER B 602 35.32 49.16 19.18
N VAL B 603 35.23 50.46 18.90
CA VAL B 603 36.36 51.37 19.08
C VAL B 603 36.61 51.73 20.52
N SER B 604 35.68 51.44 21.43
CA SER B 604 35.80 51.83 22.83
C SER B 604 36.27 50.70 23.73
N PHE B 605 36.56 49.52 23.19
CA PHE B 605 36.86 48.37 24.01
C PHE B 605 38.37 48.22 24.21
N HIS B 606 38.73 47.34 25.14
CA HIS B 606 40.11 47.24 25.60
C HIS B 606 41.05 46.76 24.49
N GLU B 607 40.57 45.87 23.63
CA GLU B 607 41.44 45.27 22.62
C GLU B 607 42.01 46.33 21.67
N PHE B 608 41.16 47.24 21.19
CA PHE B 608 41.63 48.26 20.26
C PHE B 608 42.63 49.20 20.94
N HIS B 609 42.35 49.61 22.18
CA HIS B 609 43.26 50.49 22.89
C HIS B 609 44.62 49.82 23.07
N GLN B 610 44.63 48.55 23.46
CA GLN B 610 45.88 47.83 23.63
C GLN B 610 46.64 47.71 22.32
N TYR B 611 45.92 47.44 21.23
CA TYR B 611 46.59 47.34 19.93
C TYR B 611 47.27 48.64 19.54
N ILE B 612 46.57 49.76 19.71
CA ILE B 612 47.17 51.05 19.37
C ILE B 612 48.37 51.33 20.26
N ARG B 613 48.25 51.05 21.56
CA ARG B 613 49.37 51.26 22.47
C ARG B 613 50.61 50.50 21.98
N ASN B 614 50.46 49.20 21.73
CA ASN B 614 51.59 48.38 21.34
C ASN B 614 52.20 48.90 20.04
N SER B 615 51.38 49.19 19.03
CA SER B 615 51.90 49.63 17.75
C SER B 615 52.70 50.92 17.90
N MET B 616 52.13 51.92 18.57
CA MET B 616 52.81 53.20 18.67
C MET B 616 54.12 53.07 19.45
N SER B 617 54.09 52.35 20.57
CA SER B 617 55.30 52.20 21.37
C SER B 617 56.40 51.53 20.56
N LEU B 618 56.07 50.46 19.84
CA LEU B 618 57.09 49.75 19.09
C LEU B 618 57.66 50.62 17.97
N LEU B 619 56.80 51.38 17.27
CA LEU B 619 57.30 52.25 16.22
C LEU B 619 58.30 53.26 16.76
N ILE B 620 57.95 53.92 17.87
CA ILE B 620 58.83 54.96 18.41
C ILE B 620 60.14 54.34 18.87
N GLU B 621 60.08 53.20 19.55
CA GLU B 621 61.30 52.55 20.03
C GLU B 621 62.22 52.18 18.88
N LYS B 622 61.65 51.61 17.81
CA LYS B 622 62.47 51.23 16.66
C LYS B 622 63.12 52.45 16.03
N ALA B 623 62.38 53.55 15.91
CA ALA B 623 62.96 54.76 15.35
C ALA B 623 64.16 55.21 16.18
N GLU B 624 64.02 55.20 17.50
CA GLU B 624 65.12 55.64 18.35
C GLU B 624 66.32 54.72 18.17
N TYR B 625 66.09 53.41 18.11
CA TYR B 625 67.21 52.49 17.97
C TYR B 625 67.94 52.70 16.65
N GLU B 626 67.19 52.90 15.57
CA GLU B 626 67.84 53.17 14.29
C GLU B 626 68.68 54.43 14.36
N ARG B 627 68.15 55.49 14.99
CA ARG B 627 68.92 56.72 15.13
C ARG B 627 70.23 56.46 15.86
N THR B 628 70.17 55.74 16.98
CA THR B 628 71.37 55.51 17.78
C THR B 628 72.40 54.69 17.00
N ARG B 629 71.94 53.65 16.30
CA ARG B 629 72.89 52.83 15.55
C ARG B 629 73.54 53.62 14.43
N ASP B 630 72.77 54.46 13.73
CA ASP B 630 73.35 55.28 12.69
C ASP B 630 74.37 56.26 13.27
N ILE B 631 74.08 56.81 14.45
CA ILE B 631 75.04 57.68 15.11
C ILE B 631 76.33 56.92 15.41
N ASP B 632 76.20 55.69 15.89
CA ASP B 632 77.38 54.89 16.21
C ASP B 632 78.22 54.64 14.97
N GLU B 633 77.58 54.20 13.88
CA GLU B 633 78.33 53.82 12.69
C GLU B 633 79.08 55.02 12.10
N LEU B 634 78.38 56.11 11.85
CA LEU B 634 78.94 57.29 11.23
C LEU B 634 79.29 58.33 12.30
N GLY B 635 79.68 59.52 11.84
CA GLY B 635 80.03 60.58 12.75
C GLY B 635 78.81 61.18 13.44
N PHE B 636 79.08 61.91 14.53
CA PHE B 636 78.01 62.53 15.29
C PHE B 636 77.27 63.55 14.42
N SER B 637 78.00 64.32 13.62
CA SER B 637 77.38 65.34 12.79
C SER B 637 76.35 64.73 11.85
N PHE B 638 76.50 63.45 11.51
CA PHE B 638 75.53 62.76 10.67
C PHE B 638 74.35 62.35 11.55
N PHE B 639 73.18 62.95 11.29
CA PHE B 639 71.97 62.62 12.02
C PHE B 639 72.10 62.90 13.52
N GLY B 640 72.86 63.94 13.87
CA GLY B 640 73.15 64.19 15.27
C GLY B 640 71.90 64.36 16.11
N LYS B 641 70.95 65.17 15.63
CA LYS B 641 69.65 65.33 16.27
C LYS B 641 68.51 65.00 15.31
N LYS B 642 68.78 64.18 14.30
CA LYS B 642 67.75 63.78 13.35
C LYS B 642 66.65 63.00 14.07
N SER B 643 65.41 63.24 13.67
CA SER B 643 64.25 62.52 14.17
C SER B 643 63.77 61.58 13.09
N GLY B 644 64.04 60.28 13.26
CA GLY B 644 63.56 59.30 12.31
C GLY B 644 62.05 59.26 12.24
N PHE B 645 61.38 59.50 13.36
CA PHE B 645 59.92 59.51 13.43
C PHE B 645 59.43 60.93 13.60
N PHE B 646 58.34 61.26 12.91
CA PHE B 646 57.76 62.60 12.91
C PHE B 646 56.30 62.50 13.32
N MET B 647 55.92 63.27 14.34
CA MET B 647 54.54 63.28 14.84
C MET B 647 53.72 64.34 14.11
N GLU B 648 52.41 64.11 14.08
CA GLU B 648 51.46 65.03 13.47
C GLU B 648 50.19 65.03 14.31
N TYR B 649 49.12 65.63 13.77
CA TYR B 649 47.86 65.73 14.49
C TYR B 649 47.32 64.34 14.87
N TYR B 650 47.34 63.41 13.90
CA TYR B 650 46.75 62.10 14.13
C TYR B 650 47.48 61.35 15.25
N ASP B 651 48.81 61.41 15.24
CA ASP B 651 49.56 60.72 16.29
C ASP B 651 49.28 61.33 17.65
N PHE B 652 49.16 62.66 17.71
CA PHE B 652 48.84 63.32 18.97
C PHE B 652 47.50 62.85 19.50
N VAL B 653 46.46 62.86 18.65
CA VAL B 653 45.13 62.49 19.12
C VAL B 653 45.12 61.03 19.55
N ASN B 654 45.78 60.15 18.79
CA ASN B 654 45.81 58.74 19.16
C ASN B 654 46.49 58.54 20.50
N ILE B 655 47.63 59.20 20.72
CA ILE B 655 48.35 59.01 21.97
C ILE B 655 47.57 59.58 23.13
N SER B 656 46.89 60.71 22.94
CA SER B 656 46.07 61.26 24.01
C SER B 656 44.93 60.32 24.35
N ARG B 657 44.25 59.78 23.34
CA ARG B 657 43.05 58.99 23.59
C ARG B 657 43.38 57.64 24.21
N HIS B 658 44.34 56.91 23.64
CA HIS B 658 44.50 55.51 23.97
C HIS B 658 45.54 55.23 25.06
N PHE B 659 46.37 56.20 25.41
CA PHE B 659 47.39 56.01 26.44
C PHE B 659 46.92 56.57 27.77
N LYS B 660 47.26 55.88 28.85
CA LYS B 660 47.10 56.41 30.19
C LYS B 660 48.34 57.23 30.54
N ILE B 661 48.42 57.72 31.77
CA ILE B 661 49.62 58.47 32.17
C ILE B 661 50.82 57.56 32.30
N ASP B 662 50.62 56.35 32.83
CA ASP B 662 51.74 55.43 32.98
C ASP B 662 52.33 55.05 31.63
N ASP B 663 51.49 54.81 30.63
CA ASP B 663 51.99 54.47 29.31
C ASP B 663 52.81 55.62 28.72
N ILE B 664 52.31 56.84 28.86
CA ILE B 664 53.04 57.99 28.34
C ILE B 664 54.37 58.13 29.04
N LYS B 665 54.40 57.95 30.36
CA LYS B 665 55.65 58.08 31.09
C LYS B 665 56.65 57.00 30.67
N ASN B 666 56.16 55.79 30.38
CA ASN B 666 57.02 54.67 29.92
C ASN B 666 57.70 55.07 28.61
N LEU B 667 56.95 55.61 27.65
CA LEU B 667 57.50 56.07 26.35
C LEU B 667 58.47 57.22 26.62
N GLU B 668 58.16 58.08 27.60
CA GLU B 668 59.01 59.26 27.95
C GLU B 668 60.33 58.80 28.58
N ARG B 669 60.34 57.67 29.28
CA ARG B 669 61.56 57.16 29.99
C ARG B 669 62.23 56.07 29.17
N SER B 670 61.72 55.76 27.97
CA SER B 670 62.27 54.68 27.09
C SER B 670 63.06 55.30 25.93
N CYS B 671 62.60 56.43 25.38
CA CYS B 671 63.23 57.08 24.25
C CYS B 671 63.32 58.58 24.50
N SER B 672 64.15 59.25 23.69
CA SER B 672 64.35 60.69 23.81
C SER B 672 63.23 61.41 23.06
N ILE B 673 62.06 61.42 23.68
CA ILE B 673 60.90 62.06 23.07
C ILE B 673 61.13 63.56 22.85
N ASP B 674 61.99 64.18 23.67
CA ASP B 674 62.33 65.57 23.46
C ASP B 674 62.99 65.81 22.11
N LYS B 675 63.54 64.76 21.49
CA LYS B 675 64.27 64.89 20.24
C LYS B 675 63.40 64.67 19.01
N ILE B 676 62.10 64.40 19.17
CA ILE B 676 61.18 64.22 18.06
C ILE B 676 60.32 65.47 17.95
N ARG B 677 60.24 66.03 16.75
CA ARG B 677 59.51 67.27 16.52
C ARG B 677 58.06 66.97 16.16
N PHE B 678 57.19 67.90 16.53
CA PHE B 678 55.76 67.79 16.27
C PHE B 678 55.36 68.75 15.16
N GLY B 679 54.42 68.33 14.32
CA GLY B 679 53.93 69.12 13.22
C GLY B 679 52.47 69.49 13.37
N GLU B 680 52.04 70.38 12.47
CA GLU B 680 50.65 70.83 12.41
C GLU B 680 50.17 71.33 13.78
N GLN B 681 50.93 72.25 14.35
CA GLN B 681 50.67 72.68 15.73
C GLN B 681 49.39 73.49 15.87
N GLU B 682 48.92 74.14 14.81
CA GLU B 682 47.66 74.87 14.91
C GLU B 682 46.50 73.92 15.21
N LYS B 683 46.50 72.75 14.55
CA LYS B 683 45.42 71.79 14.78
C LYS B 683 45.50 71.21 16.18
N ILE B 684 46.71 70.95 16.68
CA ILE B 684 46.92 70.39 18.04
C ILE B 684 46.55 71.50 19.04
N GLU B 685 46.85 72.76 18.71
CA GLU B 685 46.45 73.92 19.56
C GLU B 685 44.93 73.98 19.56
N GLU B 686 44.29 73.78 18.41
CA GLU B 686 42.81 73.84 18.26
C GLU B 686 42.19 72.62 18.95
N TYR B 687 42.93 71.52 19.07
CA TYR B 687 42.46 70.30 19.76
C TYR B 687 42.52 70.52 21.28
N LEU B 688 43.57 71.14 21.78
CA LEU B 688 43.78 71.34 23.24
C LEU B 688 42.76 72.35 23.79
N VAL B 689 42.39 73.37 23.02
CA VAL B 689 41.42 74.39 23.46
C VAL B 689 40.02 73.80 23.48
N GLY B 690 39.70 72.94 22.51
CA GLY B 690 38.41 72.27 22.54
C GLY B 690 38.23 71.42 23.78
N ILE B 691 39.27 70.68 24.16
CA ILE B 691 39.20 69.89 25.39
C ILE B 691 38.96 70.79 26.59
N ALA B 692 39.66 71.93 26.65
CA ALA B 692 39.48 72.85 27.78
C ALA B 692 38.05 73.37 27.84
N GLU B 693 37.50 73.79 26.69
CA GLU B 693 36.13 74.29 26.68
C GLU B 693 35.16 73.21 27.11
N GLU B 694 35.39 71.97 26.68
CA GLU B 694 34.50 70.90 27.07
C GLU B 694 34.56 70.65 28.58
N ILE B 695 35.76 70.73 29.16
CA ILE B 695 35.89 70.57 30.61
C ILE B 695 35.08 71.67 31.32
N THR B 696 35.24 72.91 30.86
CA THR B 696 34.51 74.02 31.48
C THR B 696 33.00 73.81 31.37
N LYS B 697 32.53 73.40 30.20
CA LYS B 697 31.10 73.13 30.03
C LYS B 697 30.64 72.03 30.96
N GLN B 698 31.43 70.95 31.06
CA GLN B 698 31.01 69.80 31.85
C GLN B 698 30.87 70.15 33.32
N PHE B 699 31.85 70.88 33.87
CA PHE B 699 31.92 71.03 35.32
C PHE B 699 31.42 72.36 35.84
N SER B 700 31.39 73.41 35.01
CA SER B 700 30.77 74.66 35.45
C SER B 700 29.28 74.47 35.70
N ALA B 701 28.61 73.75 34.82
CA ALA B 701 27.18 73.51 34.96
C ALA B 701 26.92 72.48 36.06
N ASN B 702 25.76 72.60 36.70
CA ASN B 702 25.39 71.64 37.74
C ASN B 702 25.22 70.24 37.17
N GLY B 703 24.61 70.13 35.99
CA GLY B 703 24.40 68.82 35.41
C GLY B 703 25.72 68.14 35.10
N MET B 704 25.72 66.80 35.19
CA MET B 704 26.92 66.02 34.98
C MET B 704 26.51 64.64 34.48
N ASN B 705 27.02 64.23 33.31
CA ASN B 705 26.79 62.86 32.78
C ASN B 705 27.95 62.02 33.31
N VAL B 706 27.79 61.33 34.44
CA VAL B 706 28.90 60.57 35.10
C VAL B 706 29.58 59.63 34.11
N VAL B 707 28.83 58.77 33.41
CA VAL B 707 29.42 57.76 32.48
C VAL B 707 30.25 58.49 31.41
N PHE B 708 29.75 59.61 30.88
CA PHE B 708 30.48 60.43 29.88
C PHE B 708 31.71 61.06 30.54
N TYR B 709 31.58 61.47 31.80
CA TYR B 709 32.67 62.13 32.57
C TYR B 709 33.80 61.13 32.85
N THR B 710 33.51 59.83 32.89
CA THR B 710 34.51 58.77 33.21
C THR B 710 35.20 58.29 31.93
N GLN B 711 34.61 58.51 30.75
CA GLN B 711 35.20 58.10 29.45
C GLN B 711 35.79 59.35 28.77
N PHE B 712 35.72 60.52 29.42
CA PHE B 712 36.21 61.78 28.89
C PHE B 712 37.37 62.36 29.67
N ILE B 713 37.42 62.12 30.99
CA ILE B 713 38.47 62.72 31.80
C ILE B 713 39.83 62.16 31.43
N SER B 714 39.89 60.87 31.06
CA SER B 714 41.18 60.25 30.75
C SER B 714 41.84 60.92 29.56
N GLU B 715 41.07 61.16 28.49
CA GLU B 715 41.64 61.82 27.31
C GLU B 715 42.09 63.23 27.63
N ALA B 716 41.29 63.97 28.40
CA ALA B 716 41.67 65.34 28.74
C ALA B 716 42.97 65.34 29.54
N LYS B 717 43.06 64.47 30.55
CA LYS B 717 44.27 64.39 31.36
C LYS B 717 45.48 64.05 30.51
N ALA B 718 45.35 63.03 29.66
CA ALA B 718 46.49 62.59 28.86
C ALA B 718 46.91 63.68 27.87
N ALA B 719 45.95 64.36 27.25
CA ALA B 719 46.29 65.42 26.30
C ALA B 719 46.98 66.58 27.02
N LEU B 720 46.48 66.99 28.18
CA LEU B 720 47.11 68.07 28.90
C LEU B 720 48.50 67.68 29.39
N TYR B 721 48.72 66.39 29.67
CA TYR B 721 50.06 65.95 30.05
C TYR B 721 50.99 65.95 28.86
N PHE B 722 50.53 65.45 27.71
CA PHE B 722 51.36 65.38 26.51
C PHE B 722 51.56 66.73 25.84
N ALA B 723 50.80 67.75 26.25
CA ALA B 723 50.94 69.08 25.64
C ALA B 723 52.22 69.79 26.01
N LYS B 724 53.19 69.16 26.68
CA LYS B 724 54.43 69.84 27.02
C LYS B 724 55.30 70.09 25.80
N TYR B 725 55.16 69.29 24.74
CA TYR B 725 56.10 69.30 23.63
C TYR B 725 55.69 70.22 22.48
N VAL B 726 54.58 70.95 22.61
CA VAL B 726 54.05 71.75 21.51
C VAL B 726 53.91 73.20 21.95
N LYS B 727 54.23 74.12 21.04
CA LYS B 727 54.22 75.55 21.31
C LYS B 727 52.80 76.09 21.17
N LEU B 728 52.34 76.82 22.19
CA LEU B 728 50.98 77.35 22.24
C LEU B 728 50.99 78.87 22.15
N SER B 729 49.87 79.42 21.68
CA SER B 729 49.68 80.86 21.60
C SER B 729 49.20 81.40 22.95
N GLU B 730 49.21 82.73 23.07
CA GLU B 730 48.90 83.36 24.34
C GLU B 730 47.46 83.12 24.76
N GLU B 731 46.51 83.40 23.87
CA GLU B 731 45.10 83.26 24.24
C GLU B 731 44.74 81.80 24.54
N GLY B 732 45.21 80.88 23.69
CA GLY B 732 44.95 79.48 23.94
C GLY B 732 45.59 79.00 25.23
N LEU B 733 46.82 79.45 25.49
CA LEU B 733 47.47 79.10 26.74
C LEU B 733 46.68 79.62 27.94
N GLY B 734 46.14 80.84 27.83
CA GLY B 734 45.32 81.36 28.90
C GLY B 734 44.07 80.53 29.14
N LYS B 735 43.38 80.15 28.05
CA LYS B 735 42.21 79.30 28.20
C LYS B 735 42.57 78.00 28.88
N ILE B 736 43.66 77.36 28.43
CA ILE B 736 44.06 76.07 28.97
C ILE B 736 44.38 76.19 30.45
N VAL B 737 45.13 77.24 30.82
CA VAL B 737 45.54 77.39 32.22
C VAL B 737 44.33 77.68 33.10
N LYS B 738 43.41 78.52 32.64
CA LYS B 738 42.21 78.79 33.43
C LYS B 738 41.41 77.52 33.65
N ALA B 739 41.20 76.74 32.58
CA ALA B 739 40.44 75.50 32.72
C ALA B 739 41.14 74.53 33.65
N LEU B 740 42.47 74.44 33.55
CA LEU B 740 43.22 73.51 34.38
C LEU B 740 43.22 73.92 35.85
N LEU B 741 43.24 75.22 36.13
CA LEU B 741 43.41 75.70 37.50
C LEU B 741 42.10 75.90 38.24
N PHE B 742 41.02 76.25 37.54
CA PHE B 742 39.77 76.62 38.20
C PHE B 742 38.66 75.59 38.07
N TYR B 743 38.65 74.78 37.02
CA TYR B 743 37.51 73.93 36.71
C TYR B 743 37.81 72.44 36.67
N PHE B 744 39.06 72.03 36.60
CA PHE B 744 39.36 70.60 36.58
C PHE B 744 38.96 70.01 37.93
N PRO B 745 38.18 68.94 37.98
CA PRO B 745 37.70 68.43 39.27
C PRO B 745 38.86 68.00 40.16
N GLU B 746 38.72 68.29 41.46
CA GLU B 746 39.78 67.94 42.41
C GLU B 746 39.88 66.42 42.61
N ARG B 747 38.79 65.69 42.36
CA ARG B 747 38.81 64.25 42.57
C ARG B 747 39.84 63.55 41.69
N ASP B 748 40.23 64.16 40.56
CA ASP B 748 41.19 63.56 39.65
C ASP B 748 42.46 64.36 39.48
N LEU B 749 42.47 65.64 39.85
CA LEU B 749 43.67 66.49 39.75
C LEU B 749 43.77 67.28 41.05
N ASP B 750 44.50 66.74 42.02
CA ASP B 750 44.69 67.40 43.29
C ASP B 750 45.68 68.55 43.11
N ILE B 751 46.06 69.19 44.22
CA ILE B 751 46.87 70.39 44.14
C ILE B 751 48.26 70.09 43.56
N GLY B 752 48.88 68.99 44.02
CA GLY B 752 50.21 68.67 43.55
C GLY B 752 50.25 68.31 42.08
N LYS B 753 49.30 67.47 41.64
CA LYS B 753 49.22 67.15 40.22
C LYS B 753 48.87 68.38 39.41
N ARG B 754 48.02 69.26 39.97
CA ARG B 754 47.76 70.54 39.32
C ARG B 754 49.05 71.30 39.08
N TYR B 755 49.90 71.37 40.11
CA TYR B 755 51.17 72.09 39.99
C TYR B 755 52.06 71.46 38.93
N VAL B 756 52.16 70.13 38.93
CA VAL B 756 53.03 69.47 37.96
C VAL B 756 52.55 69.73 36.55
N TRP B 757 51.24 69.57 36.31
CA TRP B 757 50.68 69.80 34.99
C TRP B 757 50.90 71.24 34.54
N LEU B 758 50.68 72.20 35.45
CA LEU B 758 50.87 73.59 35.11
C LEU B 758 52.33 73.88 34.77
N GLU B 759 53.25 73.35 35.58
CA GLU B 759 54.66 73.65 35.38
C GLU B 759 55.18 73.05 34.07
N ARG B 760 54.67 71.87 33.70
CA ARG B 760 55.14 71.24 32.47
C ARG B 760 54.92 72.14 31.25
N LEU B 761 53.88 72.97 31.28
CA LEU B 761 53.55 73.77 30.11
C LEU B 761 54.57 74.88 29.86
N THR B 762 55.22 75.37 30.91
CA THR B 762 56.11 76.52 30.76
C THR B 762 57.46 76.16 30.16
N LYS B 763 57.78 74.87 30.03
CA LYS B 763 59.09 74.49 29.50
C LYS B 763 59.28 75.01 28.08
N CYS B 764 58.27 74.86 27.23
CA CYS B 764 58.38 75.28 25.85
C CYS B 764 57.98 76.73 25.63
N ASN B 765 57.07 77.27 26.45
CA ASN B 765 56.57 78.63 26.31
C ASN B 765 56.96 79.43 27.54
N GLU B 766 57.57 80.59 27.32
CA GLU B 766 57.92 81.48 28.42
C GLU B 766 56.66 82.11 29.00
N LEU B 767 56.64 82.22 30.32
CA LEU B 767 55.44 82.69 31.02
C LEU B 767 55.15 84.15 30.72
N PRO B 768 53.96 84.49 30.16
CA PRO B 768 53.61 85.91 30.02
C PRO B 768 52.87 86.45 31.23
N LYS B 769 52.43 87.70 31.15
CA LYS B 769 51.77 88.33 32.30
C LYS B 769 50.36 87.78 32.51
N SER B 770 49.68 87.40 31.43
CA SER B 770 48.28 86.98 31.55
C SER B 770 48.16 85.74 32.43
N ILE B 771 48.93 84.69 32.13
CA ILE B 771 48.87 83.48 32.93
C ILE B 771 49.32 83.78 34.35
N ILE B 772 50.25 84.73 34.52
CA ILE B 772 50.65 85.15 35.85
C ILE B 772 49.46 85.70 36.62
N SER B 773 48.65 86.53 35.97
CA SER B 773 47.45 87.05 36.60
C SER B 773 46.49 85.92 36.96
N ILE B 774 46.34 84.94 36.08
CA ILE B 774 45.43 83.83 36.35
C ILE B 774 45.88 83.06 37.58
N ILE B 775 47.18 82.76 37.68
CA ILE B 775 47.66 82.00 38.82
C ILE B 775 47.54 82.84 40.09
N ASP B 776 47.74 84.16 39.99
CA ASP B 776 47.51 85.03 41.13
C ASP B 776 46.06 84.96 41.59
N ASP B 777 45.12 84.94 40.64
CA ASP B 777 43.72 84.80 40.99
C ASP B 777 43.49 83.47 41.71
N PHE B 778 44.12 82.40 41.24
CA PHE B 778 43.97 81.11 41.91
C PHE B 778 44.50 81.17 43.34
N LEU B 779 45.66 81.78 43.53
CA LEU B 779 46.22 81.90 44.88
C LEU B 779 45.31 82.71 45.78
N VAL B 780 44.74 83.81 45.26
CA VAL B 780 43.82 84.62 46.05
C VAL B 780 42.59 83.80 46.43
N LEU B 781 42.08 83.02 45.48
CA LEU B 781 40.90 82.21 45.76
C LEU B 781 41.19 81.17 46.85
N GLN B 782 42.37 80.55 46.79
CA GLN B 782 42.74 79.61 47.84
C GLN B 782 42.88 80.31 49.19
N ALA B 783 43.42 81.53 49.19
CA ALA B 783 43.51 82.29 50.43
C ALA B 783 42.13 82.53 51.01
N GLU B 784 41.16 82.89 50.17
CA GLU B 784 39.78 83.03 50.66
C GLU B 784 39.22 81.70 51.16
N LYS B 785 39.50 80.61 50.44
CA LYS B 785 39.09 79.29 50.89
C LYS B 785 39.57 78.99 52.30
N HIS B 786 40.80 79.41 52.63
CA HIS B 786 41.38 79.09 53.92
C HIS B 786 40.71 79.78 55.10
N ILE B 787 39.64 80.55 54.87
CA ILE B 787 38.93 81.17 55.99
C ILE B 787 38.34 80.09 56.90
N ASP B 788 37.71 79.08 56.31
CA ASP B 788 37.11 78.01 57.10
C ASP B 788 38.16 77.29 57.93
N GLN B 789 37.80 76.97 59.18
CA GLN B 789 38.74 76.30 60.06
C GLN B 789 39.01 74.86 59.63
N ASN B 790 38.01 74.16 59.09
CA ASN B 790 38.20 72.76 58.72
C ASN B 790 38.99 72.62 57.42
N TYR B 791 39.03 73.66 56.60
CA TYR B 791 39.69 73.55 55.30
C TYR B 791 41.18 73.29 55.47
N SER B 792 41.71 72.39 54.64
CA SER B 792 43.13 72.05 54.69
C SER B 792 43.52 71.43 53.36
N GLU B 793 44.61 71.90 52.79
CA GLU B 793 45.10 71.37 51.52
C GLU B 793 45.58 69.93 51.68
N VAL B 794 45.23 69.08 50.72
CA VAL B 794 45.66 67.70 50.67
C VAL B 794 46.38 67.48 49.35
N SER B 795 47.61 66.99 49.42
CA SER B 795 48.43 66.74 48.24
C SER B 795 49.05 65.35 48.32
N SER B 796 49.22 64.73 47.16
CA SER B 796 49.79 63.40 47.06
C SER B 796 51.30 63.39 46.88
N ASN B 797 51.92 64.57 46.73
CA ASN B 797 53.36 64.64 46.51
C ASN B 797 54.03 65.75 47.31
N GLY B 798 53.32 66.35 48.26
CA GLY B 798 53.90 67.40 49.08
C GLY B 798 54.22 68.69 48.36
N LEU B 799 53.32 69.12 47.46
CA LEU B 799 53.45 70.39 46.76
C LEU B 799 52.22 71.24 47.07
N TYR B 800 52.44 72.48 47.50
CA TYR B 800 51.35 73.34 47.98
C TYR B 800 51.55 74.74 47.41
N SER B 801 50.77 75.69 47.93
CA SER B 801 50.70 77.03 47.36
C SER B 801 52.08 77.69 47.33
N ARG B 802 52.96 77.33 48.27
CA ARG B 802 54.31 77.87 48.25
C ARG B 802 54.97 77.62 46.90
N ASP B 803 54.73 76.44 46.31
CA ASP B 803 55.32 76.14 45.02
C ASP B 803 54.75 77.02 43.93
N TYR B 804 53.44 77.30 43.97
CA TYR B 804 52.85 78.23 43.02
C TYR B 804 53.50 79.60 43.13
N GLY B 805 53.68 80.08 44.36
CA GLY B 805 54.32 81.38 44.55
C GLY B 805 55.75 81.39 44.05
N ALA B 806 56.49 80.32 44.32
CA ALA B 806 57.87 80.24 43.84
C ALA B 806 57.91 80.25 42.31
N LEU B 807 57.00 79.53 41.67
CA LEU B 807 56.92 79.56 40.22
C LEU B 807 56.61 80.96 39.72
N ILE B 808 55.69 81.66 40.39
CA ILE B 808 55.38 83.04 40.02
C ILE B 808 56.64 83.89 40.07
N LYS B 809 57.39 83.79 41.17
CA LYS B 809 58.52 84.68 41.38
C LYS B 809 59.70 84.32 40.48
N HIS B 810 59.81 83.06 40.06
CA HIS B 810 60.99 82.64 39.31
C HIS B 810 61.13 83.41 38.00
N PHE B 811 60.04 83.58 37.26
CA PHE B 811 60.10 84.25 35.97
C PHE B 811 59.95 85.77 36.07
N GLU B 812 59.63 86.30 37.25
CA GLU B 812 59.51 87.74 37.45
C GLU B 812 60.00 88.03 38.87
N LYS B 813 61.21 88.55 38.98
CA LYS B 813 61.82 88.74 40.29
C LYS B 813 61.04 89.74 41.13
N ASN B 814 60.60 90.83 40.53
CA ASN B 814 59.84 91.86 41.23
C ASN B 814 58.36 91.62 40.94
N PHE B 815 57.57 91.46 42.00
CA PHE B 815 56.13 91.28 41.86
C PHE B 815 55.48 91.44 43.22
N ILE B 816 54.37 92.17 43.25
CA ILE B 816 53.59 92.39 44.46
C ILE B 816 52.13 92.07 44.13
N SER B 817 51.52 91.24 44.96
CA SER B 817 50.10 90.91 44.82
C SER B 817 49.30 91.94 45.59
N LYS B 818 48.49 92.72 44.88
CA LYS B 818 47.74 93.80 45.53
C LYS B 818 46.60 93.24 46.37
N ARG B 819 45.86 92.27 45.83
CA ARG B 819 44.74 91.68 46.57
C ARG B 819 45.24 90.97 47.82
N LEU B 820 46.33 90.20 47.70
CA LEU B 820 46.89 89.56 48.88
C LEU B 820 47.42 90.60 49.86
N SER B 821 48.00 91.68 49.35
CA SER B 821 48.49 92.74 50.22
C SER B 821 47.36 93.32 51.07
N GLU B 822 46.27 93.73 50.42
CA GLU B 822 45.15 94.29 51.17
C GLU B 822 44.50 93.25 52.07
N ILE B 823 44.53 91.98 51.67
CA ILE B 823 44.05 90.92 52.55
C ILE B 823 44.87 90.88 53.82
N THR B 824 46.19 90.99 53.69
CA THR B 824 47.05 90.99 54.86
C THR B 824 46.81 92.22 55.72
N LEU B 825 46.58 93.38 55.09
CA LEU B 825 46.44 94.61 55.86
C LEU B 825 45.23 94.56 56.79
N CYS B 826 44.18 93.83 56.42
CA CYS B 826 43.03 93.64 57.28
C CYS B 826 43.18 92.40 58.17
N LEU B 827 44.33 91.75 58.13
CA LEU B 827 44.54 90.53 58.89
C LEU B 827 44.57 90.80 60.39
N THR B 828 44.22 89.78 61.17
CA THR B 828 44.17 89.87 62.62
C THR B 828 44.76 88.62 63.23
N GLN B 829 45.04 88.69 64.54
CA GLN B 829 45.76 87.62 65.22
C GLN B 829 44.96 86.31 65.22
N ASP B 830 43.65 86.39 65.47
CA ASP B 830 42.87 85.17 65.65
C ASP B 830 42.76 84.35 64.36
N LYS B 831 43.14 84.90 63.22
CA LYS B 831 43.10 84.17 61.95
C LYS B 831 44.39 83.37 61.75
N GLN B 832 44.70 82.55 62.76
CA GLN B 832 45.99 81.85 62.79
C GLN B 832 46.20 81.01 61.54
N LYS B 833 45.13 80.42 61.01
CA LYS B 833 45.26 79.61 59.81
C LYS B 833 45.65 80.47 58.61
N GLN B 834 45.03 81.65 58.47
CA GLN B 834 45.44 82.57 57.41
C GLN B 834 46.87 83.03 57.64
N ILE B 835 47.23 83.31 58.90
CA ILE B 835 48.61 83.66 59.24
C ILE B 835 49.57 82.63 58.65
N ASP B 836 49.36 81.37 59.01
CA ASP B 836 50.26 80.31 58.55
C ASP B 836 50.22 80.17 57.04
N PHE B 837 49.03 80.25 56.44
CA PHE B 837 48.90 80.04 55.00
C PHE B 837 49.70 81.09 54.23
N LEU B 838 49.51 82.36 54.54
CA LEU B 838 50.21 83.40 53.80
C LEU B 838 51.60 83.69 54.33
N PHE B 839 52.03 83.00 55.41
CA PHE B 839 53.45 82.98 55.72
C PHE B 839 54.27 82.31 54.62
N LYS B 840 53.65 81.47 53.80
CA LYS B 840 54.36 80.81 52.71
C LYS B 840 54.48 81.69 51.48
N LEU B 841 53.84 82.86 51.46
CA LEU B 841 53.81 83.73 50.29
C LEU B 841 54.42 85.10 50.59
N LEU B 842 55.46 85.13 51.43
CA LEU B 842 56.06 86.41 51.80
C LEU B 842 56.58 87.19 50.62
N PRO B 843 57.32 86.60 49.68
CA PRO B 843 57.88 87.42 48.58
C PRO B 843 56.82 88.13 47.76
N LEU B 844 55.60 87.62 47.71
CA LEU B 844 54.54 88.25 46.93
C LEU B 844 53.88 89.41 47.65
N LEU B 845 54.14 89.60 48.94
CA LEU B 845 53.52 90.67 49.70
C LEU B 845 54.31 91.97 49.57
N SER B 846 53.68 93.06 50.01
CA SER B 846 54.29 94.38 49.97
C SER B 846 55.11 94.64 51.22
N THR B 847 55.87 95.74 51.20
CA THR B 847 56.76 96.05 52.31
C THR B 847 55.99 96.25 53.61
N ASN B 848 54.97 97.11 53.57
CA ASN B 848 54.18 97.36 54.78
C ASN B 848 53.43 96.09 55.19
N ALA B 849 52.93 95.32 54.23
CA ALA B 849 52.22 94.09 54.55
C ALA B 849 53.15 93.10 55.24
N LYS B 850 54.35 92.90 54.71
CA LYS B 850 55.28 91.96 55.33
C LYS B 850 55.76 92.47 56.69
N SER B 851 55.94 93.78 56.83
CA SER B 851 56.29 94.33 58.14
C SER B 851 55.19 94.03 59.16
N HIS B 852 53.93 94.26 58.76
CA HIS B 852 52.81 93.97 59.65
C HIS B 852 52.81 92.49 60.03
N LEU B 853 53.01 91.62 59.05
CA LEU B 853 52.95 90.18 59.32
C LEU B 853 54.07 89.75 60.25
N LEU B 854 55.31 90.15 59.95
CA LEU B 854 56.42 89.82 60.84
C LEU B 854 56.26 90.44 62.21
N SER B 855 55.45 91.50 62.33
CA SER B 855 55.15 92.06 63.64
C SER B 855 54.39 91.07 64.53
N PHE B 856 53.81 90.02 63.95
CA PHE B 856 52.99 89.08 64.70
C PHE B 856 53.78 87.91 65.28
N LYS B 857 54.90 87.54 64.67
CA LYS B 857 55.65 86.35 65.05
C LYS B 857 57.12 86.71 65.23
N SER B 858 57.82 85.85 65.97
CA SER B 858 59.22 86.05 66.29
C SER B 858 59.83 84.70 66.58
N VAL B 859 61.16 84.69 66.76
CA VAL B 859 61.91 83.48 67.05
C VAL B 859 62.57 83.64 68.42
N GLU B 860 62.48 82.60 69.24
CA GLU B 860 63.01 82.63 70.60
C GLU B 860 63.91 81.44 70.94
N ASN B 861 63.93 80.38 70.14
CA ASN B 861 64.76 79.22 70.41
C ASN B 861 65.21 78.62 69.10
N ILE B 862 66.12 77.65 69.18
CA ILE B 862 66.63 77.01 67.97
C ILE B 862 65.49 76.32 67.22
N ASN B 863 64.60 75.66 67.95
CA ASN B 863 63.47 75.00 67.31
C ASN B 863 62.63 76.01 66.54
N ASP B 864 62.36 77.16 67.15
CA ASP B 864 61.64 78.22 66.45
C ASP B 864 62.43 78.71 65.24
N LEU B 865 63.76 78.77 65.38
CA LEU B 865 64.60 79.23 64.27
C LEU B 865 64.42 78.33 63.05
N MET B 866 64.51 77.01 63.25
CA MET B 866 64.40 76.12 62.10
C MET B 866 62.95 75.98 61.63
N ASN B 867 61.98 76.14 62.53
CA ASN B 867 60.59 76.18 62.06
C ASN B 867 60.37 77.38 61.15
N GLY B 868 60.92 78.54 61.51
CA GLY B 868 60.82 79.70 60.64
C GLY B 868 61.56 79.52 59.34
N ILE B 869 62.77 78.96 59.41
CA ILE B 869 63.56 78.75 58.19
C ILE B 869 62.82 77.83 57.24
N ARG B 870 62.34 76.70 57.75
CA ARG B 870 61.55 75.78 56.93
C ARG B 870 60.27 76.46 56.47
N ILE B 871 59.41 76.85 57.40
CA ILE B 871 58.17 77.55 57.12
C ILE B 871 58.25 78.91 57.81
N GLY B 872 58.45 79.97 57.01
CA GLY B 872 58.63 81.30 57.55
C GLY B 872 59.69 82.06 56.78
N LEU B 873 60.57 81.33 56.08
CA LEU B 873 61.54 81.90 55.16
C LEU B 873 62.41 82.96 55.85
N ILE B 874 63.17 82.52 56.84
CA ILE B 874 64.14 83.37 57.51
C ILE B 874 65.36 83.45 56.60
N ASP B 875 65.45 84.52 55.82
CA ASP B 875 66.47 84.60 54.77
C ASP B 875 67.87 84.74 55.35
N GLU B 876 68.03 85.55 56.40
CA GLU B 876 69.33 85.90 56.93
C GLU B 876 69.47 85.44 58.37
N PHE B 877 70.66 84.94 58.70
CA PHE B 877 71.00 84.56 60.08
C PHE B 877 71.40 85.82 60.84
N THR B 878 70.51 86.30 61.70
CA THR B 878 70.84 87.46 62.51
C THR B 878 71.95 87.11 63.50
N PRO B 879 72.71 88.11 63.96
CA PRO B 879 73.79 87.79 64.92
C PRO B 879 73.30 87.06 66.16
N GLU B 880 72.12 87.44 66.67
CA GLU B 880 71.57 86.74 67.84
C GLU B 880 71.25 85.29 67.50
N HIS B 881 70.78 85.03 66.28
CA HIS B 881 70.58 83.65 65.86
C HIS B 881 71.90 82.88 65.89
N GLU B 882 72.98 83.50 65.42
CA GLU B 882 74.28 82.84 65.45
C GLU B 882 74.72 82.56 66.88
N GLU B 883 74.53 83.53 67.79
CA GLU B 883 74.90 83.31 69.18
C GLU B 883 74.09 82.19 69.80
N LEU B 884 72.79 82.11 69.47
CA LEU B 884 71.96 81.01 69.93
C LEU B 884 72.48 79.68 69.41
N ILE B 885 72.90 79.66 68.14
CA ILE B 885 73.46 78.43 67.56
C ILE B 885 74.71 78.01 68.31
N ILE B 886 75.58 78.99 68.63
CA ILE B 886 76.80 78.67 69.36
C ILE B 886 76.47 78.15 70.75
N GLU B 887 75.44 78.73 71.39
CA GLU B 887 75.02 78.24 72.70
C GLU B 887 74.56 76.79 72.61
N TYR B 888 73.79 76.47 71.58
CA TYR B 888 73.36 75.08 71.38
C TYR B 888 74.60 74.21 71.19
N LEU B 889 75.56 74.67 70.40
CA LEU B 889 76.73 73.84 70.10
C LEU B 889 77.54 73.56 71.36
N GLU B 890 77.70 74.57 72.22
CA GLU B 890 78.43 74.34 73.47
C GLU B 890 77.65 73.42 74.40
N THR B 891 76.33 73.58 74.47
CA THR B 891 75.53 72.66 75.28
C THR B 891 75.68 71.24 74.79
N ARG B 892 75.65 71.04 73.47
CA ARG B 892 75.82 69.71 72.92
C ARG B 892 77.24 69.19 73.11
N LYS B 893 78.23 70.09 73.16
CA LYS B 893 79.58 69.67 73.52
C LYS B 893 79.62 69.10 74.93
N VAL B 894 78.98 69.79 75.87
CA VAL B 894 78.91 69.29 77.24
C VAL B 894 78.18 67.94 77.27
N ASN B 895 77.06 67.86 76.56
CA ASN B 895 76.31 66.61 76.51
C ASN B 895 77.12 65.49 75.88
N TYR B 896 77.95 65.80 74.89
CA TYR B 896 78.77 64.78 74.26
C TYR B 896 79.89 64.32 75.17
N ILE B 897 80.44 65.23 75.98
CA ILE B 897 81.42 64.82 76.98
C ILE B 897 80.76 63.87 77.99
N VAL B 898 79.57 64.23 78.46
CA VAL B 898 78.86 63.37 79.39
C VAL B 898 78.50 62.05 78.71
N GLU B 899 78.32 62.06 77.38
CA GLU B 899 78.04 60.83 76.66
C GLU B 899 79.28 59.95 76.56
N LYS B 900 80.44 60.54 76.29
CA LYS B 900 81.70 59.81 76.39
C LYS B 900 81.80 59.14 77.74
N GLU B 901 81.43 59.87 78.80
CA GLU B 901 81.38 59.25 80.12
C GLU B 901 80.39 58.10 80.16
N LYS B 902 79.21 58.28 79.56
CA LYS B 902 78.21 57.22 79.52
C LYS B 902 78.68 56.06 78.65
N GLY B 903 79.12 56.35 77.43
CA GLY B 903 79.38 55.30 76.46
C GLY B 903 78.13 54.67 75.88
N ILE B 904 76.99 55.34 76.00
CA ILE B 904 75.70 54.81 75.56
C ILE B 904 74.99 55.86 74.73
N GLN B 905 74.35 55.43 73.64
CA GLN B 905 73.55 56.30 72.79
C GLN B 905 72.35 55.51 72.31
N THR B 906 71.17 55.86 72.81
CA THR B 906 69.95 55.12 72.49
C THR B 906 69.63 55.19 71.00
N PHE B 907 69.33 56.38 70.49
CA PHE B 907 68.95 56.53 69.09
C PHE B 907 69.04 58.01 68.72
N SER B 908 69.04 58.27 67.42
CA SER B 908 69.02 59.62 66.87
C SER B 908 68.07 59.68 65.70
N SER B 909 67.46 60.85 65.51
CA SER B 909 66.47 61.06 64.45
C SER B 909 66.94 62.09 63.43
N ASN B 910 67.26 63.30 63.86
CA ASN B 910 67.66 64.38 62.97
C ASN B 910 68.98 64.98 63.45
N ASP B 911 69.93 65.12 62.53
CA ASP B 911 71.26 65.64 62.83
C ASP B 911 71.24 67.16 62.65
N TYR B 912 70.96 67.88 63.74
CA TYR B 912 71.00 69.34 63.69
C TYR B 912 72.39 69.87 63.37
N MET B 913 73.45 69.14 63.75
CA MET B 913 74.80 69.63 63.49
C MET B 913 75.09 69.68 61.99
N SER B 914 74.60 68.68 61.25
CA SER B 914 74.91 68.62 59.82
C SER B 914 74.36 69.83 59.08
N THR B 915 73.15 70.28 59.44
CA THR B 915 72.58 71.45 58.78
C THR B 915 73.45 72.68 59.03
N PHE B 916 73.90 72.86 60.27
CA PHE B 916 74.75 74.01 60.58
C PHE B 916 76.06 73.93 59.82
N GLY B 917 76.66 72.74 59.74
CA GLY B 917 77.91 72.60 59.00
C GLY B 917 77.73 72.91 57.52
N ILE B 918 76.64 72.44 56.93
CA ILE B 918 76.38 72.70 55.52
C ILE B 918 76.13 74.18 55.29
N TRP B 919 75.40 74.83 56.20
CA TRP B 919 75.18 76.26 56.09
C TRP B 919 76.50 77.02 56.15
N TYR B 920 77.39 76.61 57.06
CA TYR B 920 78.71 77.22 57.14
C TYR B 920 79.48 77.03 55.84
N PHE B 921 79.41 75.83 55.26
CA PHE B 921 80.03 75.61 53.96
C PHE B 921 79.39 76.48 52.88
N LEU B 922 78.09 76.71 52.97
CA LEU B 922 77.39 77.56 52.01
C LEU B 922 77.57 79.04 52.29
N GLU B 923 78.54 79.42 53.13
CA GLU B 923 78.81 80.82 53.44
C GLU B 923 77.58 81.52 54.00
N GLU B 924 76.88 80.83 54.90
CA GLU B 924 75.71 81.37 55.56
C GLU B 924 75.97 81.79 57.01
N ILE B 925 76.85 81.10 57.71
CA ILE B 925 77.25 81.45 59.06
C ILE B 925 78.69 81.95 59.02
N ASN B 926 78.88 83.24 59.32
CA ASN B 926 80.19 83.86 59.22
C ASN B 926 81.03 83.74 60.48
N ASN B 927 80.44 83.27 61.58
CA ASN B 927 81.20 83.10 62.82
C ASN B 927 82.17 81.93 62.69
N SER B 928 83.20 81.93 63.52
CA SER B 928 84.22 80.90 63.51
C SER B 928 84.32 80.13 64.82
N LYS B 929 83.47 80.44 65.81
CA LYS B 929 83.58 79.78 67.10
C LYS B 929 83.32 78.28 66.99
N MET B 930 82.34 77.88 66.18
CA MET B 930 82.01 76.45 66.09
C MET B 930 83.18 75.63 65.59
N GLU B 931 84.16 76.25 64.92
CA GLU B 931 85.36 75.51 64.52
C GLU B 931 86.02 74.88 65.72
N GLU B 932 85.96 75.52 66.88
CA GLU B 932 86.40 74.88 68.12
C GLU B 932 85.55 73.65 68.41
N PHE B 933 84.24 73.75 68.22
CA PHE B 933 83.31 72.64 68.40
C PHE B 933 83.43 71.72 67.17
N ILE B 934 84.46 70.89 67.18
CA ILE B 934 84.72 69.95 66.10
C ILE B 934 85.03 68.58 66.69
N GLY B 935 84.69 67.55 65.92
CA GLY B 935 84.95 66.18 66.30
C GLY B 935 83.77 65.38 66.79
N MET B 936 82.54 65.88 66.60
CA MET B 936 81.35 65.15 67.02
C MET B 936 80.77 64.31 65.89
N ASP B 937 80.39 64.94 64.80
CA ASP B 937 79.75 64.28 63.66
C ASP B 937 80.69 64.30 62.47
N ASP B 938 80.92 63.13 61.88
CA ASP B 938 81.85 63.04 60.76
C ASP B 938 81.41 63.94 59.61
N GLN B 939 80.10 64.00 59.36
CA GLN B 939 79.58 64.87 58.31
C GLN B 939 79.87 66.34 58.62
N TYR B 940 79.71 66.74 59.88
CA TYR B 940 79.99 68.11 60.27
C TYR B 940 81.46 68.45 60.06
N ASP B 941 82.35 67.54 60.47
CA ASP B 941 83.78 67.76 60.24
C ASP B 941 84.08 67.87 58.75
N PHE B 942 83.47 66.98 57.95
CA PHE B 942 83.66 67.03 56.52
C PHE B 942 83.20 68.37 55.95
N PHE B 943 82.16 68.94 56.52
CA PHE B 943 81.57 70.17 55.99
C PHE B 943 82.14 71.45 56.58
N VAL B 944 83.01 71.36 57.58
CA VAL B 944 83.65 72.54 58.17
C VAL B 944 85.14 72.62 57.81
N ASP B 945 85.88 71.53 57.96
CA ASP B 945 87.31 71.49 57.63
C ASP B 945 87.57 70.31 56.71
N PRO B 946 87.19 70.43 55.42
CA PRO B 946 87.40 69.31 54.51
C PRO B 946 88.85 68.91 54.36
N GLU B 947 89.78 69.86 54.43
CA GLU B 947 91.19 69.55 54.23
C GLU B 947 91.69 68.58 55.28
N ASN B 948 91.34 68.81 56.55
CA ASN B 948 91.85 68.01 57.65
C ASN B 948 90.93 66.84 58.03
N PHE B 949 89.74 66.75 57.43
CA PHE B 949 88.85 65.65 57.78
C PHE B 949 89.42 64.32 57.32
N ASP B 950 89.20 63.28 58.12
CA ASP B 950 89.65 61.94 57.78
C ASP B 950 88.63 61.33 56.81
N TYR B 951 89.07 61.05 55.59
CA TYR B 951 88.17 60.63 54.53
C TYR B 951 87.89 59.14 54.52
N LYS B 952 88.62 58.33 55.29
CA LYS B 952 88.28 56.92 55.37
C LYS B 952 86.93 56.70 56.05
N LYS B 953 86.45 57.69 56.80
CA LYS B 953 85.13 57.64 57.41
C LYS B 953 84.03 58.08 56.47
N PHE B 954 84.37 58.59 55.28
CA PHE B 954 83.36 59.08 54.36
C PHE B 954 82.42 57.96 53.94
N ILE B 955 81.13 58.26 53.90
CA ILE B 955 80.09 57.33 53.49
C ILE B 955 79.60 57.76 52.11
N PRO B 956 79.76 56.94 51.06
CA PRO B 956 79.32 57.38 49.73
C PRO B 956 77.84 57.70 49.66
N SER B 957 77.01 57.01 50.44
CA SER B 957 75.56 57.26 50.41
C SER B 957 75.22 58.70 50.76
N TRP B 958 76.13 59.41 51.44
CA TRP B 958 75.89 60.82 51.72
C TRP B 958 75.60 61.60 50.45
N LEU B 959 76.22 61.22 49.33
CA LEU B 959 76.03 61.94 48.08
C LEU B 959 74.62 61.78 47.52
N LYS B 960 73.82 60.85 48.04
CA LYS B 960 72.51 60.57 47.46
C LYS B 960 71.41 61.48 48.00
N ASN B 961 71.73 62.41 48.90
CA ASN B 961 70.75 63.34 49.44
C ASN B 961 70.97 64.78 48.99
N TYR B 962 72.17 65.13 48.55
CA TYR B 962 72.45 66.50 48.13
C TYR B 962 71.75 66.82 46.81
N ASN B 963 71.43 68.10 46.63
CA ASN B 963 70.76 68.58 45.43
C ASN B 963 71.79 69.15 44.47
N ASP B 964 71.31 69.75 43.38
CA ASP B 964 72.20 70.18 42.30
C ASP B 964 73.18 71.25 42.78
N LYS B 965 72.68 72.26 43.50
CA LYS B 965 73.55 73.36 43.92
C LYS B 965 74.63 72.87 44.88
N LEU B 966 74.27 72.00 45.82
CA LEU B 966 75.24 71.51 46.78
C LEU B 966 76.32 70.67 46.10
N LEU B 967 75.92 69.83 45.14
CA LEU B 967 76.90 69.03 44.40
C LEU B 967 77.81 69.92 43.57
N GLY B 968 77.26 70.95 42.95
CA GLY B 968 78.10 71.91 42.24
C GLY B 968 79.10 72.58 43.17
N LYS B 969 78.65 72.95 44.37
CA LYS B 969 79.55 73.56 45.33
C LYS B 969 80.67 72.59 45.73
N ILE B 970 80.31 71.33 45.99
CA ILE B 970 81.32 70.33 46.35
C ILE B 970 82.32 70.17 45.22
N ALA B 971 81.85 70.20 43.97
CA ALA B 971 82.76 70.19 42.84
C ALA B 971 83.63 71.44 42.83
N GLY B 972 83.12 72.56 43.33
CA GLY B 972 83.88 73.79 43.30
C GLY B 972 85.12 73.74 44.17
N ASN B 973 85.00 73.20 45.37
CA ASN B 973 86.12 73.15 46.30
C ASN B 973 87.20 72.21 45.79
N LYS B 974 88.45 72.53 46.13
CA LYS B 974 89.60 71.78 45.63
C LYS B 974 90.05 70.69 46.59
N HIS B 975 89.87 70.90 47.91
CA HIS B 975 90.32 69.93 48.89
C HIS B 975 89.54 68.62 48.86
N MET B 976 88.42 68.57 48.13
CA MET B 976 87.49 67.46 48.23
C MET B 976 87.06 66.91 46.87
N LYS B 977 87.74 67.28 45.78
CA LYS B 977 87.28 66.88 44.46
C LYS B 977 87.77 65.47 44.11
N HIS B 978 89.09 65.28 44.08
CA HIS B 978 89.64 64.02 43.58
C HIS B 978 89.36 62.85 44.51
N HIS B 979 89.27 63.07 45.82
CA HIS B 979 88.92 61.99 46.72
C HIS B 979 87.52 61.45 46.42
N VAL B 980 86.57 62.37 46.24
CA VAL B 980 85.22 61.95 45.90
C VAL B 980 85.19 61.34 44.50
N ILE B 981 86.03 61.83 43.60
CA ILE B 981 86.18 61.18 42.30
C ILE B 981 86.54 59.72 42.49
N GLU B 982 87.52 59.46 43.36
CA GLU B 982 87.99 58.10 43.58
C GLU B 982 86.88 57.23 44.17
N VAL B 983 86.19 57.73 45.20
CA VAL B 983 85.18 56.91 45.85
C VAL B 983 84.02 56.63 44.90
N LEU B 984 83.59 57.64 44.13
CA LEU B 984 82.52 57.43 43.17
C LEU B 984 82.94 56.43 42.10
N LYS B 985 84.18 56.55 41.61
CA LYS B 985 84.67 55.61 40.61
C LYS B 985 84.64 54.19 41.15
N GLU B 986 85.14 53.99 42.37
CA GLU B 986 85.16 52.66 42.95
C GLU B 986 83.75 52.10 43.09
N ARG B 987 82.82 52.94 43.57
CA ARG B 987 81.46 52.46 43.78
C ARG B 987 80.80 52.09 42.45
N VAL B 988 80.97 52.92 41.43
CA VAL B 988 80.33 52.62 40.14
C VAL B 988 80.94 51.38 39.52
N LYS B 989 82.25 51.16 39.73
CA LYS B 989 82.86 49.93 39.27
C LYS B 989 82.24 48.72 39.95
N ASN B 990 82.21 48.73 41.29
CA ASN B 990 81.73 47.57 42.02
C ASN B 990 80.21 47.44 41.92
N SER B 991 79.50 48.52 42.24
CA SER B 991 78.03 48.47 42.29
C SER B 991 77.39 48.48 40.91
N ASN B 992 78.02 49.16 39.95
CA ASN B 992 77.43 49.36 38.63
C ASN B 992 76.10 50.10 38.74
N ASP B 993 75.96 50.93 39.77
CA ASP B 993 74.75 51.72 39.93
C ASP B 993 74.70 52.85 38.92
N LYS B 994 73.48 53.28 38.59
CA LYS B 994 73.28 54.33 37.61
C LYS B 994 73.30 55.72 38.22
N ARG B 995 72.76 55.88 39.43
CA ARG B 995 72.77 57.18 40.08
C ARG B 995 74.20 57.66 40.34
N TYR B 996 75.05 56.76 40.83
CA TYR B 996 76.45 57.14 41.08
C TYR B 996 77.15 57.53 39.78
N LEU B 997 76.87 56.83 38.69
CA LEU B 997 77.46 57.16 37.36
C LEU B 997 76.94 58.53 36.94
N GLU B 998 75.66 58.82 37.15
CA GLU B 998 75.04 60.11 36.75
C GLU B 998 75.78 61.25 37.44
N ILE B 999 75.98 61.16 38.76
CA ILE B 999 76.66 62.23 39.56
C ILE B 999 78.11 62.37 39.07
N LEU B 1000 78.81 61.24 38.85
CA LEU B 1000 80.25 61.27 38.48
C LEU B 1000 80.42 61.81 37.06
N MET B 1001 79.40 61.74 36.21
CA MET B 1001 79.50 62.16 34.79
C MET B 1001 78.99 63.60 34.64
N ASN B 1002 77.78 63.89 35.10
CA ASN B 1002 77.15 65.23 34.95
C ASN B 1002 77.92 66.23 35.81
N TYR B 1003 78.26 65.86 37.06
CA TYR B 1003 79.04 66.72 37.98
C TYR B 1003 80.46 66.18 38.06
N PHE B 1004 81.30 66.73 38.94
CA PHE B 1004 82.71 66.29 39.12
C PHE B 1004 83.35 66.14 37.75
N ILE B 1005 84.01 65.01 37.44
CA ILE B 1005 84.73 64.80 36.16
C ILE B 1005 83.72 64.58 35.03
N LYS C 14 -0.93 -40.37 -33.21
CA LYS C 14 -0.39 -39.25 -32.38
C LYS C 14 -1.29 -38.98 -31.18
N LEU C 15 -2.58 -38.75 -31.45
CA LEU C 15 -3.51 -38.47 -30.36
C LEU C 15 -3.58 -39.64 -29.39
N LYS C 16 -3.64 -40.87 -29.91
CA LYS C 16 -3.60 -42.04 -29.02
C LYS C 16 -2.26 -42.14 -28.31
N GLU C 17 -1.17 -41.88 -29.03
CA GLU C 17 0.14 -41.87 -28.39
C GLU C 17 0.22 -40.78 -27.33
N VAL C 18 -0.38 -39.62 -27.60
CA VAL C 18 -0.42 -38.55 -26.61
C VAL C 18 -1.17 -39.02 -25.37
N PHE C 19 -2.32 -39.66 -25.57
CA PHE C 19 -3.11 -40.15 -24.44
C PHE C 19 -2.33 -41.17 -23.62
N LEU C 20 -1.60 -42.06 -24.29
CA LEU C 20 -0.89 -43.11 -23.58
C LEU C 20 0.17 -42.53 -22.66
N MET C 21 0.89 -41.51 -23.11
CA MET C 21 2.00 -40.95 -22.36
C MET C 21 1.60 -39.64 -21.66
N LEU C 22 0.40 -39.60 -21.10
CA LEU C 22 -0.01 -38.44 -20.31
C LEU C 22 0.54 -38.57 -18.90
N ASP C 23 1.35 -37.59 -18.50
CA ASP C 23 1.82 -37.54 -17.13
C ASP C 23 0.64 -37.40 -16.19
N ASN C 24 0.88 -37.73 -14.92
CA ASN C 24 -0.19 -37.64 -13.92
C ASN C 24 -0.68 -36.20 -13.76
N ASN C 25 0.24 -35.24 -13.79
CA ASN C 25 -0.15 -33.84 -13.62
C ASN C 25 -1.08 -33.38 -14.73
N VAL C 26 -0.76 -33.75 -15.98
CA VAL C 26 -1.61 -33.34 -17.10
C VAL C 26 -2.99 -33.95 -16.97
N VAL C 27 -3.07 -35.22 -16.58
CA VAL C 27 -4.36 -35.87 -16.41
C VAL C 27 -5.15 -35.18 -15.31
N GLU C 28 -4.49 -34.81 -14.22
CA GLU C 28 -5.17 -34.11 -13.14
C GLU C 28 -5.74 -32.77 -13.62
N CYS C 29 -4.93 -32.02 -14.38
CA CYS C 29 -5.41 -30.73 -14.88
C CYS C 29 -6.59 -30.91 -15.82
N ILE C 30 -6.52 -31.91 -16.71
CA ILE C 30 -7.62 -32.16 -17.63
C ILE C 30 -8.89 -32.53 -16.86
N LYS C 31 -8.74 -33.39 -15.85
CA LYS C 31 -9.90 -33.80 -15.06
C LYS C 31 -10.52 -32.61 -14.36
N GLU C 32 -9.70 -31.75 -13.75
CA GLU C 32 -10.23 -30.60 -13.03
C GLU C 32 -10.93 -29.64 -13.98
N ILE C 33 -10.34 -29.37 -15.15
CA ILE C 33 -10.96 -28.47 -16.10
C ILE C 33 -12.29 -29.04 -16.57
N THR C 34 -12.34 -30.33 -16.85
CA THR C 34 -13.59 -30.94 -17.31
C THR C 34 -14.66 -30.88 -16.24
N GLU C 35 -14.30 -31.18 -15.00
CA GLU C 35 -15.27 -31.13 -13.91
C GLU C 35 -15.81 -29.72 -13.73
N SER C 36 -14.92 -28.72 -13.77
CA SER C 36 -15.37 -27.34 -13.62
C SER C 36 -16.28 -26.94 -14.78
N SER C 37 -15.95 -27.36 -16.00
CA SER C 37 -16.81 -27.06 -17.13
C SER C 37 -18.18 -27.68 -16.96
N ARG C 38 -18.23 -28.93 -16.48
CA ARG C 38 -19.52 -29.59 -16.27
C ARG C 38 -20.34 -28.88 -15.20
N ASN C 39 -19.69 -28.43 -14.13
CA ASN C 39 -20.41 -27.76 -13.05
C ASN C 39 -20.98 -26.41 -13.46
N GLY C 40 -20.59 -25.89 -14.62
CA GLY C 40 -21.05 -24.58 -15.05
C GLY C 40 -20.22 -23.42 -14.58
N LYS C 41 -18.97 -23.66 -14.17
CA LYS C 41 -18.06 -22.62 -13.69
C LYS C 41 -16.75 -22.73 -14.46
N LEU C 42 -16.70 -22.09 -15.62
CA LEU C 42 -15.48 -22.01 -16.41
C LEU C 42 -15.40 -20.63 -17.04
N VAL C 43 -14.21 -20.04 -17.01
CA VAL C 43 -13.94 -18.74 -17.60
C VAL C 43 -12.65 -18.84 -18.39
N PHE C 44 -12.62 -18.18 -19.55
CA PHE C 44 -11.47 -18.21 -20.44
C PHE C 44 -10.82 -16.83 -20.48
N PHE C 45 -9.49 -16.80 -20.36
CA PHE C 45 -8.70 -15.59 -20.46
C PHE C 45 -7.89 -15.71 -21.74
N VAL C 46 -8.47 -15.26 -22.84
CA VAL C 46 -7.86 -15.43 -24.17
C VAL C 46 -6.87 -14.31 -24.41
N GLY C 47 -5.80 -14.64 -25.14
CA GLY C 47 -4.72 -13.71 -25.37
C GLY C 47 -4.72 -13.11 -26.76
N ALA C 48 -3.53 -12.81 -27.29
CA ALA C 48 -3.40 -12.21 -28.61
C ALA C 48 -2.86 -13.17 -29.67
N GLY C 49 -2.11 -14.19 -29.26
CA GLY C 49 -1.61 -15.15 -30.25
C GLY C 49 -2.73 -15.88 -30.95
N VAL C 50 -3.76 -16.26 -30.21
CA VAL C 50 -4.92 -16.92 -30.81
C VAL C 50 -5.55 -16.03 -31.86
N SER C 51 -5.52 -14.71 -31.65
CA SER C 51 -6.07 -13.77 -32.61
C SER C 51 -5.11 -13.46 -33.74
N THR C 52 -3.83 -13.85 -33.63
CA THR C 52 -2.90 -13.74 -34.74
C THR C 52 -2.83 -15.01 -35.57
N LEU C 53 -3.32 -16.13 -35.05
CA LEU C 53 -3.48 -17.32 -35.89
C LEU C 53 -4.29 -16.96 -37.14
N SER C 54 -5.42 -16.29 -36.94
CA SER C 54 -6.04 -15.56 -38.03
C SER C 54 -5.21 -14.32 -38.31
N ASP C 55 -4.91 -14.07 -39.58
CA ASP C 55 -4.09 -12.92 -39.93
C ASP C 55 -4.69 -11.64 -39.37
N TYR C 56 -3.99 -11.03 -38.42
CA TYR C 56 -4.45 -9.82 -37.80
C TYR C 56 -3.23 -8.97 -37.46
N PRO C 57 -3.21 -7.68 -37.83
CA PRO C 57 -2.00 -6.88 -37.60
C PRO C 57 -1.50 -6.92 -36.17
N GLN C 58 -0.32 -7.49 -35.95
CA GLN C 58 0.27 -7.47 -34.62
C GLN C 58 0.72 -6.05 -34.29
N TRP C 59 0.82 -5.77 -32.98
CA TRP C 59 1.16 -4.43 -32.53
C TRP C 59 2.54 -4.00 -32.99
N TRP C 60 3.44 -4.95 -33.27
CA TRP C 60 4.80 -4.56 -33.65
C TRP C 60 4.85 -3.98 -35.05
N ARG C 61 3.92 -4.36 -35.94
CA ARG C 61 3.83 -3.68 -37.23
C ARG C 61 3.49 -2.20 -37.04
N LEU C 62 2.55 -1.92 -36.14
CA LEU C 62 2.20 -0.53 -35.85
C LEU C 62 3.37 0.20 -35.21
N VAL C 63 4.10 -0.45 -34.31
CA VAL C 63 5.27 0.19 -33.73
C VAL C 63 6.29 0.51 -34.81
N ASP C 64 6.48 -0.41 -35.76
CA ASP C 64 7.40 -0.16 -36.86
C ASP C 64 6.96 1.03 -37.69
N LYS C 65 5.67 1.10 -38.02
CA LYS C 65 5.18 2.21 -38.84
C LYS C 65 5.30 3.53 -38.10
N TYR C 66 5.00 3.54 -36.80
CA TYR C 66 5.14 4.74 -36.00
C TYR C 66 6.60 5.19 -35.97
N HIS C 67 7.51 4.24 -35.77
CA HIS C 67 8.93 4.58 -35.76
C HIS C 67 9.37 5.16 -37.09
N GLU C 68 8.93 4.54 -38.19
CA GLU C 68 9.32 5.00 -39.52
C GLU C 68 8.79 6.41 -39.77
N GLU C 69 7.56 6.69 -39.37
CA GLU C 69 6.99 8.01 -39.59
C GLU C 69 7.59 9.06 -38.66
N LEU C 70 8.03 8.68 -37.46
CA LEU C 70 8.55 9.66 -36.51
C LEU C 70 9.98 10.04 -36.87
N TYR C 71 10.89 9.07 -36.86
CA TYR C 71 12.24 9.28 -37.36
C TYR C 71 12.28 8.89 -38.83
N GLY C 72 12.88 9.75 -39.65
CA GLY C 72 12.93 9.48 -41.08
C GLY C 72 13.55 8.14 -41.41
N SER C 73 14.49 7.68 -40.58
CA SER C 73 15.09 6.38 -40.78
C SER C 73 14.08 5.27 -40.50
N PRO C 74 14.26 4.10 -41.09
CA PRO C 74 13.38 2.96 -40.78
C PRO C 74 13.84 2.25 -39.52
N LYS C 75 13.17 1.14 -39.21
CA LYS C 75 13.47 0.35 -38.03
C LYS C 75 14.96 -0.01 -37.98
N LYS C 76 15.49 -0.21 -36.77
CA LYS C 76 16.87 -0.59 -36.60
C LYS C 76 17.02 -1.43 -35.34
N GLY C 77 18.05 -2.27 -35.33
CA GLY C 77 18.37 -3.04 -34.13
C GLY C 77 17.22 -3.91 -33.69
N ASN C 78 16.90 -3.84 -32.40
CA ASN C 78 15.80 -4.59 -31.81
C ASN C 78 15.08 -3.70 -30.82
N TYR C 79 13.80 -4.02 -30.59
CA TYR C 79 12.94 -3.23 -29.72
C TYR C 79 12.90 -3.85 -28.33
N SER C 80 13.11 -3.01 -27.31
CA SER C 80 13.03 -3.45 -25.93
C SER C 80 11.57 -3.52 -25.48
N SER C 81 11.37 -4.07 -24.29
CA SER C 81 10.00 -4.22 -23.78
C SER C 81 9.33 -2.87 -23.59
N ASP C 82 10.06 -1.89 -23.05
CA ASP C 82 9.47 -0.58 -22.80
C ASP C 82 9.28 0.23 -24.09
N GLU C 83 10.01 -0.12 -25.16
CA GLU C 83 9.92 0.65 -26.39
C GLU C 83 8.54 0.57 -27.02
N TYR C 84 7.87 -0.58 -26.93
CA TYR C 84 6.55 -0.73 -27.54
C TYR C 84 5.56 0.24 -26.92
N LEU C 85 5.71 0.54 -25.63
CA LEU C 85 4.85 1.51 -24.97
C LEU C 85 5.39 2.93 -25.05
N ARG C 86 6.69 3.09 -25.33
CA ARG C 86 7.28 4.42 -25.39
C ARG C 86 7.06 5.08 -26.74
N ILE C 87 7.33 4.37 -27.83
CA ILE C 87 7.32 4.96 -29.17
C ILE C 87 5.93 5.50 -29.53
N PRO C 88 4.85 4.73 -29.34
CA PRO C 88 3.52 5.30 -29.63
C PRO C 88 3.23 6.52 -28.79
N GLN C 89 3.70 6.53 -27.54
CA GLN C 89 3.47 7.68 -26.68
C GLN C 89 4.16 8.92 -27.24
N ILE C 90 5.41 8.77 -27.71
CA ILE C 90 6.12 9.90 -28.28
C ILE C 90 5.43 10.38 -29.55
N PHE C 91 4.98 9.45 -30.39
CA PHE C 91 4.27 9.84 -31.60
C PHE C 91 3.02 10.64 -31.26
N TYR C 92 2.23 10.15 -30.32
CA TYR C 92 1.01 10.84 -29.91
C TYR C 92 1.33 12.21 -29.35
N ASN C 93 2.40 12.32 -28.56
CA ASN C 93 2.75 13.59 -27.95
C ASN C 93 3.17 14.62 -28.99
N VAL C 94 4.06 14.23 -29.90
CA VAL C 94 4.70 15.19 -30.78
C VAL C 94 3.87 15.46 -32.03
N LYS C 95 3.47 14.41 -32.74
CA LYS C 95 2.81 14.58 -34.03
C LYS C 95 1.31 14.82 -33.91
N GLY C 96 0.79 14.93 -32.70
CA GLY C 96 -0.62 15.16 -32.48
C GLY C 96 -1.36 13.85 -32.19
N GLU C 97 -2.67 13.99 -32.04
CA GLU C 97 -3.54 12.85 -31.77
C GLU C 97 -4.29 12.38 -33.01
N MET C 98 -4.18 13.11 -34.12
CA MET C 98 -4.88 12.74 -35.34
C MET C 98 -4.06 11.83 -36.22
N ALA C 99 -2.73 11.96 -36.20
CA ALA C 99 -1.88 11.02 -36.93
C ALA C 99 -1.92 9.63 -36.31
N PHE C 100 -1.83 9.57 -34.97
CA PHE C 100 -2.02 8.31 -34.27
C PHE C 100 -3.32 7.64 -34.68
N ASP C 101 -4.41 8.40 -34.65
CA ASP C 101 -5.72 7.84 -35.02
C ASP C 101 -5.77 7.44 -36.47
N GLY C 102 -5.18 8.23 -37.36
CA GLY C 102 -5.16 7.87 -38.77
C GLY C 102 -4.44 6.55 -39.01
N ILE C 103 -3.28 6.38 -38.38
CA ILE C 103 -2.53 5.13 -38.51
C ILE C 103 -3.36 3.98 -37.97
N LEU C 104 -3.97 4.18 -36.80
CA LEU C 104 -4.74 3.12 -36.16
C LEU C 104 -5.89 2.67 -37.07
N LYS C 105 -6.63 3.63 -37.61
CA LYS C 105 -7.78 3.30 -38.45
C LYS C 105 -7.35 2.71 -39.79
N ASP C 106 -6.23 3.17 -40.35
CA ASP C 106 -5.75 2.60 -41.59
C ASP C 106 -5.33 1.14 -41.42
N PHE C 107 -4.74 0.82 -40.27
CA PHE C 107 -4.26 -0.55 -40.05
C PHE C 107 -5.39 -1.48 -39.65
N PHE C 108 -6.09 -1.17 -38.56
CA PHE C 108 -6.95 -2.16 -37.93
C PHE C 108 -8.26 -2.39 -38.67
N GLN C 109 -8.74 -1.42 -39.44
CA GLN C 109 -10.06 -1.55 -40.05
C GLN C 109 -10.02 -2.54 -41.20
N VAL C 110 -9.97 -3.82 -40.87
CA VAL C 110 -9.93 -4.90 -41.86
C VAL C 110 -10.68 -6.09 -41.30
N ASP C 111 -11.41 -6.79 -42.17
CA ASP C 111 -12.21 -7.94 -41.80
C ASP C 111 -11.43 -9.21 -42.11
N LYS C 112 -11.31 -10.09 -41.12
CA LYS C 112 -10.57 -11.33 -41.26
C LYS C 112 -11.39 -12.49 -40.70
N PRO C 113 -11.18 -13.69 -41.22
CA PRO C 113 -11.99 -14.84 -40.78
C PRO C 113 -11.55 -15.38 -39.43
N THR C 114 -12.42 -16.19 -38.85
CA THR C 114 -12.11 -16.87 -37.60
C THR C 114 -11.26 -18.11 -37.87
N ASN C 115 -10.90 -18.82 -36.81
CA ASN C 115 -10.12 -20.04 -36.92
C ASN C 115 -10.68 -21.09 -35.99
N PRO C 116 -10.32 -22.37 -36.16
CA PRO C 116 -10.95 -23.42 -35.35
C PRO C 116 -10.77 -23.24 -33.86
N ILE C 117 -9.73 -22.54 -33.41
CA ILE C 117 -9.48 -22.40 -31.98
C ILE C 117 -10.64 -21.67 -31.31
N HIS C 118 -11.15 -20.62 -31.94
CA HIS C 118 -12.30 -19.92 -31.39
C HIS C 118 -13.49 -20.87 -31.26
N ASP C 119 -13.72 -21.69 -32.29
CA ASP C 119 -14.85 -22.61 -32.26
C ASP C 119 -14.71 -23.59 -31.11
N LYS C 120 -13.52 -24.15 -30.91
CA LYS C 120 -13.32 -25.07 -29.80
C LYS C 120 -13.51 -24.38 -28.46
N ILE C 121 -12.97 -23.17 -28.32
CA ILE C 121 -13.09 -22.43 -27.07
C ILE C 121 -14.55 -22.23 -26.72
N LEU C 122 -15.35 -21.81 -27.70
CA LEU C 122 -16.78 -21.62 -27.43
C LEU C 122 -17.47 -22.95 -27.15
N ALA C 123 -17.12 -24.00 -27.90
CA ALA C 123 -17.72 -25.31 -27.69
C ALA C 123 -17.39 -25.89 -26.33
N MET C 124 -16.38 -25.36 -25.63
CA MET C 124 -16.13 -25.79 -24.26
C MET C 124 -17.23 -25.36 -23.29
N ASN C 125 -18.15 -24.50 -23.71
CA ASN C 125 -19.24 -24.00 -22.88
C ASN C 125 -18.70 -23.22 -21.68
N PRO C 126 -18.10 -22.06 -21.89
CA PRO C 126 -17.64 -21.25 -20.75
C PRO C 126 -18.80 -20.49 -20.12
N ALA C 127 -18.57 -20.03 -18.89
CA ALA C 127 -19.54 -19.18 -18.21
C ALA C 127 -19.44 -17.73 -18.69
N HIS C 128 -18.28 -17.11 -18.47
CA HIS C 128 -17.95 -15.80 -19.01
C HIS C 128 -16.77 -15.92 -19.96
N VAL C 129 -16.38 -14.79 -20.54
CA VAL C 129 -15.16 -14.72 -21.32
C VAL C 129 -14.46 -13.41 -20.98
N ILE C 130 -13.14 -13.46 -20.80
CA ILE C 130 -12.29 -12.27 -20.52
C ILE C 130 -11.28 -12.20 -21.66
N THR C 131 -10.98 -11.02 -22.20
CA THR C 131 -10.07 -10.87 -23.38
C THR C 131 -9.30 -9.56 -23.30
N THR C 132 -8.01 -9.54 -23.68
CA THR C 132 -7.15 -8.32 -23.63
C THR C 132 -7.03 -7.71 -25.02
N ASN C 133 -7.72 -8.25 -26.03
CA ASN C 133 -7.64 -7.76 -27.43
C ASN C 133 -8.83 -6.85 -27.73
N TYR C 134 -8.83 -6.15 -28.86
CA TYR C 134 -9.90 -5.19 -29.24
C TYR C 134 -10.54 -5.65 -30.57
N ASP C 135 -10.29 -6.89 -30.99
CA ASP C 135 -10.88 -7.47 -32.22
C ASP C 135 -12.30 -7.95 -31.90
N ASN C 136 -13.06 -8.42 -32.89
CA ASN C 136 -14.40 -8.97 -32.65
C ASN C 136 -14.52 -10.42 -33.07
N LEU C 137 -13.39 -11.12 -33.25
CA LEU C 137 -13.45 -12.49 -33.75
C LEU C 137 -14.18 -13.41 -32.78
N ILE C 138 -13.96 -13.24 -31.48
CA ILE C 138 -14.71 -14.02 -30.51
C ILE C 138 -16.18 -13.65 -30.55
N ASP C 139 -16.49 -12.37 -30.75
CA ASP C 139 -17.88 -11.96 -30.88
C ASP C 139 -18.54 -12.60 -32.09
N THR C 140 -17.83 -12.60 -33.23
CA THR C 140 -18.38 -13.24 -34.43
C THR C 140 -18.57 -14.73 -34.22
N ALA C 141 -17.61 -15.39 -33.56
CA ALA C 141 -17.75 -16.81 -33.29
C ALA C 141 -18.94 -17.09 -32.38
N CYS C 142 -19.16 -16.23 -31.38
CA CYS C 142 -20.34 -16.37 -30.53
C CYS C 142 -21.62 -16.22 -31.35
N TRP C 143 -21.62 -15.25 -32.27
CA TRP C 143 -22.80 -15.06 -33.12
C TRP C 143 -23.08 -16.31 -33.93
N LYS C 144 -22.04 -16.93 -34.49
CA LYS C 144 -22.16 -18.18 -35.29
C LYS C 144 -22.48 -19.35 -34.37
N ARG C 145 -21.92 -19.38 -33.15
CA ARG C 145 -22.08 -20.49 -32.18
C ARG C 145 -23.53 -20.52 -31.69
N GLY C 146 -24.17 -19.35 -31.53
CA GLY C 146 -25.54 -19.25 -30.97
C GLY C 146 -25.48 -18.99 -29.49
N LYS C 147 -24.26 -18.97 -28.91
CA LYS C 147 -24.06 -18.68 -27.47
C LYS C 147 -24.29 -17.19 -27.24
N TYR C 148 -25.13 -16.81 -26.27
CA TYR C 148 -25.49 -15.39 -26.03
C TYR C 148 -24.70 -14.82 -24.85
N PHE C 149 -23.77 -13.88 -25.10
CA PHE C 149 -23.02 -13.21 -24.06
C PHE C 149 -23.27 -11.72 -24.15
N SER C 150 -23.27 -11.06 -22.99
CA SER C 150 -23.39 -9.60 -22.94
C SER C 150 -21.99 -8.99 -22.98
N VAL C 151 -21.78 -8.09 -23.92
CA VAL C 151 -20.46 -7.52 -24.17
C VAL C 151 -20.26 -6.29 -23.30
N ILE C 152 -19.13 -6.25 -22.62
CA ILE C 152 -18.77 -5.11 -21.76
C ILE C 152 -17.37 -4.65 -22.14
N SER C 153 -17.29 -3.56 -22.91
CA SER C 153 -16.02 -3.03 -23.37
C SER C 153 -15.77 -1.60 -22.91
N ALA C 154 -16.73 -0.97 -22.24
CA ALA C 154 -16.56 0.36 -21.67
C ALA C 154 -17.04 0.31 -20.23
N GLU C 155 -16.97 1.44 -19.54
CA GLU C 155 -17.37 1.51 -18.15
C GLU C 155 -18.86 1.79 -17.97
N GLU C 156 -19.52 2.35 -18.99
CA GLU C 156 -20.95 2.56 -18.93
C GLU C 156 -21.73 1.26 -19.08
N ASP C 157 -21.11 0.21 -19.62
CA ASP C 157 -21.78 -1.06 -19.86
C ASP C 157 -21.72 -2.00 -18.67
N VAL C 158 -20.97 -1.66 -17.62
CA VAL C 158 -20.87 -2.55 -16.47
C VAL C 158 -22.19 -2.59 -15.71
N ALA C 159 -22.86 -1.45 -15.58
CA ALA C 159 -24.10 -1.38 -14.82
C ALA C 159 -25.25 -2.03 -15.58
N ASN C 160 -25.57 -1.50 -16.76
CA ASN C 160 -26.75 -1.93 -17.51
C ASN C 160 -26.48 -3.22 -18.29
N ALA C 161 -26.10 -4.26 -17.55
CA ALA C 161 -25.91 -5.57 -18.16
C ALA C 161 -27.25 -6.14 -18.59
N THR C 162 -27.25 -6.79 -19.76
CA THR C 162 -28.48 -7.38 -20.30
C THR C 162 -28.71 -8.78 -19.75
N SER C 163 -27.78 -9.68 -19.98
CA SER C 163 -27.84 -11.06 -19.51
C SER C 163 -27.03 -11.18 -18.20
N SER C 164 -26.80 -12.41 -17.75
CA SER C 164 -25.96 -12.68 -16.59
C SER C 164 -24.66 -13.38 -16.98
N ARG C 165 -24.29 -13.35 -18.25
CA ARG C 165 -23.02 -13.86 -18.73
C ARG C 165 -22.31 -12.76 -19.50
N TYR C 166 -21.03 -12.55 -19.20
CA TYR C 166 -20.30 -11.38 -19.68
C TYR C 166 -19.22 -11.77 -20.68
N LEU C 167 -19.05 -10.93 -21.69
CA LEU C 167 -17.91 -10.95 -22.59
C LEU C 167 -17.13 -9.66 -22.29
N LEU C 168 -16.15 -9.78 -21.40
CA LEU C 168 -15.46 -8.63 -20.83
C LEU C 168 -14.12 -8.44 -21.54
N LYS C 169 -13.96 -7.30 -22.20
CA LYS C 169 -12.70 -6.92 -22.81
C LYS C 169 -12.02 -5.92 -21.88
N VAL C 170 -11.00 -6.39 -21.16
CA VAL C 170 -10.40 -5.56 -20.12
C VAL C 170 -9.70 -4.34 -20.74
N HIS C 171 -9.09 -4.50 -21.91
CA HIS C 171 -8.33 -3.42 -22.54
C HIS C 171 -9.10 -2.72 -23.64
N GLY C 172 -10.42 -2.97 -23.76
CA GLY C 172 -11.28 -2.21 -24.68
C GLY C 172 -11.43 -2.81 -26.06
N ASP C 173 -12.11 -2.09 -26.98
CA ASP C 173 -12.33 -2.54 -28.38
C ASP C 173 -12.43 -1.30 -29.29
N PHE C 174 -12.87 -1.46 -30.54
CA PHE C 174 -13.06 -0.32 -31.49
C PHE C 174 -14.48 -0.39 -32.08
N ARG C 175 -15.51 -0.54 -31.25
CA ARG C 175 -16.92 -0.66 -31.72
C ARG C 175 -17.60 0.71 -31.66
N LYS C 176 -17.00 1.70 -30.98
CA LYS C 176 -17.53 3.09 -30.88
C LYS C 176 -16.60 4.01 -31.68
N GLY C 177 -16.09 3.56 -32.83
CA GLY C 177 -15.12 4.30 -33.60
C GLY C 177 -13.74 3.70 -33.45
N PHE C 178 -12.80 4.29 -34.20
CA PHE C 178 -11.44 3.78 -34.19
C PHE C 178 -10.51 4.76 -33.48
N LYS C 179 -11.01 5.42 -32.45
CA LYS C 179 -10.22 6.35 -31.68
C LYS C 179 -9.39 5.61 -30.63
N GLY C 180 -8.27 6.21 -30.25
CA GLY C 180 -7.40 5.60 -29.27
C GLY C 180 -7.84 5.81 -27.84
N GLU C 181 -8.96 6.51 -27.65
CA GLU C 181 -9.49 6.76 -26.32
C GLU C 181 -10.42 5.66 -25.83
N ASN C 182 -10.86 4.76 -26.71
CA ASN C 182 -11.67 3.62 -26.31
C ASN C 182 -10.85 2.39 -25.96
N VAL C 183 -9.54 2.43 -26.17
CA VAL C 183 -8.67 1.26 -26.06
C VAL C 183 -7.46 1.66 -25.20
N VAL C 184 -6.62 0.68 -24.89
CA VAL C 184 -5.47 0.86 -24.01
C VAL C 184 -4.25 0.30 -24.72
N LEU C 185 -3.48 1.16 -25.38
CA LEU C 185 -2.30 0.69 -26.12
C LEU C 185 -1.10 1.63 -26.05
N LYS C 186 -1.05 2.56 -25.10
CA LYS C 186 0.12 3.40 -24.87
C LYS C 186 0.40 3.47 -23.38
N GLU C 187 1.60 3.95 -23.03
CA GLU C 187 2.03 3.85 -21.63
C GLU C 187 1.14 4.66 -20.70
N ASP C 188 0.69 5.83 -21.14
CA ASP C 188 -0.21 6.63 -20.31
C ASP C 188 -1.47 5.84 -19.95
N ASP C 189 -1.97 5.04 -20.88
CA ASP C 189 -3.14 4.21 -20.59
C ASP C 189 -2.83 3.17 -19.54
N TYR C 190 -1.66 2.55 -19.61
CA TYR C 190 -1.28 1.54 -18.62
C TYR C 190 -0.98 2.16 -17.26
N LEU C 191 -0.62 3.44 -17.21
CA LEU C 191 -0.33 4.07 -15.93
C LEU C 191 -1.59 4.49 -15.19
N ASN C 192 -2.58 5.02 -15.92
CA ASN C 192 -3.82 5.52 -15.35
C ASN C 192 -4.95 4.50 -15.48
N TYR C 193 -4.64 3.21 -15.40
CA TYR C 193 -5.66 2.19 -15.58
C TYR C 193 -6.59 2.11 -14.38
N ASP C 194 -6.02 1.96 -13.19
CA ASP C 194 -6.82 1.80 -11.97
C ASP C 194 -7.68 3.03 -11.71
N GLN C 195 -7.34 4.16 -12.33
CA GLN C 195 -8.09 5.40 -12.16
C GLN C 195 -9.19 5.57 -13.20
N ASN C 196 -9.06 4.95 -14.37
CA ASN C 196 -10.03 5.14 -15.45
C ASN C 196 -11.01 3.98 -15.59
N TYR C 197 -10.65 2.78 -15.15
CA TYR C 197 -11.50 1.60 -15.27
C TYR C 197 -11.59 0.92 -13.91
N PRO C 198 -12.24 1.56 -12.93
CA PRO C 198 -12.39 0.90 -11.62
C PRO C 198 -13.41 -0.23 -11.62
N LEU C 199 -14.57 -0.03 -12.24
CA LEU C 199 -15.62 -1.05 -12.18
C LEU C 199 -15.25 -2.28 -13.00
N ILE C 200 -14.60 -2.09 -14.15
CA ILE C 200 -14.19 -3.23 -14.95
C ILE C 200 -13.16 -4.06 -14.19
N SER C 201 -12.21 -3.39 -13.54
CA SER C 201 -11.22 -4.11 -12.74
C SER C 201 -11.88 -4.85 -11.59
N ASN C 202 -12.84 -4.21 -10.92
CA ASN C 202 -13.56 -4.88 -9.84
C ASN C 202 -14.25 -6.13 -10.35
N LEU C 203 -14.94 -6.02 -11.50
CA LEU C 203 -15.66 -7.15 -12.05
C LEU C 203 -14.71 -8.28 -12.40
N MET C 204 -13.59 -7.95 -13.04
CA MET C 204 -12.63 -8.98 -13.44
C MET C 204 -12.06 -9.68 -12.22
N LYS C 205 -11.74 -8.93 -11.17
CA LYS C 205 -11.20 -9.56 -9.96
C LYS C 205 -12.24 -10.45 -9.28
N THR C 206 -13.50 -10.00 -9.25
CA THR C 206 -14.56 -10.84 -8.69
C THR C 206 -14.71 -12.13 -9.47
N ILE C 207 -14.68 -12.04 -10.81
CA ILE C 207 -14.80 -13.24 -11.64
C ILE C 207 -13.64 -14.18 -11.39
N ILE C 208 -12.42 -13.64 -11.30
CA ILE C 208 -11.25 -14.48 -11.06
C ILE C 208 -11.34 -15.15 -9.71
N ALA C 209 -11.91 -14.47 -8.71
CA ALA C 209 -11.92 -15.00 -7.35
C ALA C 209 -12.98 -16.06 -7.11
N THR C 210 -13.95 -16.23 -8.02
CA THR C 210 -15.06 -17.14 -7.78
C THR C 210 -15.30 -18.13 -8.91
N HIS C 211 -14.36 -18.30 -9.83
CA HIS C 211 -14.52 -19.18 -10.98
C HIS C 211 -13.23 -19.96 -11.16
N THR C 212 -13.13 -20.69 -12.27
CA THR C 212 -11.91 -21.37 -12.67
C THR C 212 -11.43 -20.74 -13.98
N ILE C 213 -10.17 -20.32 -14.00
CA ILE C 213 -9.63 -19.50 -15.08
C ILE C 213 -8.65 -20.32 -15.90
N VAL C 214 -8.68 -20.13 -17.21
CA VAL C 214 -7.75 -20.77 -18.13
C VAL C 214 -7.12 -19.69 -19.00
N PHE C 215 -5.80 -19.68 -19.09
CA PHE C 215 -5.05 -18.73 -19.90
C PHE C 215 -4.63 -19.41 -21.19
N ILE C 216 -4.98 -18.82 -22.32
CA ILE C 216 -4.68 -19.38 -23.64
C ILE C 216 -4.14 -18.27 -24.53
N GLY C 217 -2.97 -18.50 -25.11
CA GLY C 217 -2.44 -17.63 -26.13
C GLY C 217 -1.54 -16.51 -25.66
N TYR C 218 -1.03 -16.56 -24.43
CA TYR C 218 -0.26 -15.45 -23.87
C TYR C 218 1.24 -15.69 -23.94
N GLY C 219 1.72 -16.77 -23.31
CA GLY C 219 3.15 -16.96 -23.15
C GLY C 219 3.65 -16.29 -21.89
N LEU C 220 4.39 -17.02 -21.06
CA LEU C 220 4.85 -16.46 -19.80
C LEU C 220 5.77 -15.27 -20.04
N GLY C 221 5.66 -14.27 -19.18
CA GLY C 221 6.44 -13.06 -19.31
C GLY C 221 5.71 -11.89 -19.91
N ASP C 222 4.41 -11.99 -20.14
CA ASP C 222 3.63 -10.85 -20.61
C ASP C 222 3.38 -9.88 -19.46
N TYR C 223 2.96 -8.67 -19.81
CA TYR C 223 2.71 -7.65 -18.80
C TYR C 223 1.50 -8.02 -17.93
N ASN C 224 0.40 -8.42 -18.58
CA ASN C 224 -0.83 -8.68 -17.84
C ASN C 224 -0.67 -9.84 -16.88
N ILE C 225 0.02 -10.90 -17.29
CA ILE C 225 0.21 -12.04 -16.40
C ILE C 225 0.96 -11.62 -15.16
N ASN C 226 2.01 -10.82 -15.32
CA ASN C 226 2.79 -10.37 -14.18
C ASN C 226 1.98 -9.47 -13.27
N MET C 227 1.20 -8.56 -13.84
CA MET C 227 0.35 -7.70 -13.02
C MET C 227 -0.65 -8.54 -12.20
N LEU C 228 -1.28 -9.52 -12.85
CA LEU C 228 -2.23 -10.36 -12.15
C LEU C 228 -1.56 -11.15 -11.04
N LEU C 229 -0.36 -11.68 -11.30
CA LEU C 229 0.33 -12.45 -10.28
C LEU C 229 0.74 -11.57 -9.11
N ASN C 230 1.13 -10.32 -9.38
CA ASN C 230 1.42 -9.40 -8.28
C ASN C 230 0.19 -9.12 -7.44
N TRP C 231 -0.95 -8.89 -8.08
CA TRP C 231 -2.18 -8.69 -7.31
C TRP C 231 -2.49 -9.93 -6.47
N VAL C 232 -2.32 -11.10 -7.06
CA VAL C 232 -2.63 -12.34 -6.34
C VAL C 232 -1.73 -12.47 -5.12
N ARG C 233 -0.44 -12.21 -5.27
CA ARG C 233 0.47 -12.42 -4.17
C ARG C 233 0.28 -11.38 -3.06
N LYS C 234 -0.05 -10.14 -3.44
CA LYS C 234 0.02 -9.05 -2.46
C LYS C 234 -0.96 -9.24 -1.31
N LEU C 235 -2.20 -9.66 -1.61
CA LEU C 235 -3.27 -9.60 -0.63
C LEU C 235 -3.97 -10.92 -0.34
N GLN C 236 -3.81 -11.94 -1.19
CA GLN C 236 -4.47 -13.21 -0.93
C GLN C 236 -3.81 -13.90 0.26
N LYS C 237 -4.51 -14.89 0.82
CA LYS C 237 -4.05 -15.61 2.00
C LYS C 237 -4.21 -17.11 1.82
N ASP C 238 -3.83 -17.62 0.65
CA ASP C 238 -4.04 -19.03 0.32
C ASP C 238 -5.52 -19.38 0.39
N SER C 239 -6.35 -18.53 -0.20
CA SER C 239 -7.80 -18.64 -0.16
C SER C 239 -8.40 -18.46 -1.54
N PHE C 240 -7.82 -19.13 -2.54
CA PHE C 240 -8.30 -19.00 -3.91
C PHE C 240 -7.81 -20.21 -4.71
N HIS C 241 -8.26 -20.28 -5.96
CA HIS C 241 -7.95 -21.41 -6.84
C HIS C 241 -6.91 -20.98 -7.85
N LYS C 242 -5.85 -21.78 -7.98
CA LYS C 242 -4.72 -21.40 -8.83
C LYS C 242 -5.13 -21.45 -10.30
N PRO C 243 -4.88 -20.40 -11.08
CA PRO C 243 -5.26 -20.43 -12.49
C PRO C 243 -4.42 -21.39 -13.31
N PHE C 244 -4.95 -21.73 -14.48
CA PHE C 244 -4.30 -22.61 -15.44
C PHE C 244 -3.70 -21.80 -16.58
N PHE C 245 -2.56 -22.26 -17.08
CA PHE C 245 -1.85 -21.62 -18.19
C PHE C 245 -1.55 -22.68 -19.23
N ILE C 246 -1.78 -22.37 -20.50
CA ILE C 246 -1.53 -23.28 -21.60
C ILE C 246 -0.39 -22.68 -22.42
N ARG C 247 0.81 -23.21 -22.23
CA ARG C 247 2.00 -22.70 -22.90
C ARG C 247 2.17 -23.38 -24.24
N THR C 248 2.42 -22.59 -25.28
CA THR C 248 2.57 -23.08 -26.65
C THR C 248 3.75 -22.35 -27.29
N ASP C 249 4.93 -22.95 -27.19
CA ASP C 249 6.16 -22.39 -27.73
C ASP C 249 6.90 -23.46 -28.53
N PRO C 250 7.75 -23.05 -29.47
CA PRO C 250 8.42 -24.04 -30.32
C PRO C 250 9.34 -24.98 -29.55
N SER C 251 9.77 -24.61 -28.35
CA SER C 251 10.75 -25.39 -27.61
C SER C 251 10.19 -25.78 -26.23
N PRO C 252 10.67 -26.88 -25.65
CA PRO C 252 10.21 -27.25 -24.32
C PRO C 252 10.69 -26.28 -23.26
N ILE C 253 9.93 -26.19 -22.17
CA ILE C 253 10.23 -25.26 -21.10
C ILE C 253 11.32 -25.84 -20.21
N GLU C 254 12.21 -24.98 -19.72
CA GLU C 254 13.24 -25.40 -18.78
C GLU C 254 12.63 -25.62 -17.40
N ASN C 255 13.25 -26.52 -16.64
CA ASN C 255 12.68 -26.92 -15.36
C ASN C 255 12.62 -25.74 -14.39
N GLU C 256 13.67 -24.90 -14.38
CA GLU C 256 13.74 -23.82 -13.40
C GLU C 256 12.59 -22.83 -13.57
N THR C 257 12.32 -22.42 -14.80
CA THR C 257 11.21 -21.52 -15.03
C THR C 257 9.89 -22.16 -14.62
N LEU C 258 9.73 -23.46 -14.93
CA LEU C 258 8.50 -24.16 -14.55
C LEU C 258 8.30 -24.11 -13.05
N ILE C 259 9.32 -24.48 -12.27
CA ILE C 259 9.15 -24.51 -10.82
C ILE C 259 8.91 -23.11 -10.29
N TYR C 260 9.61 -22.11 -10.83
CA TYR C 260 9.44 -20.74 -10.36
C TYR C 260 8.01 -20.27 -10.56
N TYR C 261 7.49 -20.40 -11.77
CA TYR C 261 6.14 -19.90 -12.03
C TYR C 261 5.07 -20.76 -11.36
N GLU C 262 5.33 -22.06 -11.17
CA GLU C 262 4.39 -22.88 -10.42
C GLU C 262 4.34 -22.46 -8.96
N ASN C 263 5.49 -22.06 -8.41
CA ASN C 263 5.52 -21.53 -7.05
C ASN C 263 4.91 -20.14 -6.97
N LYS C 264 4.83 -19.41 -8.08
CA LYS C 264 4.20 -18.10 -8.10
C LYS C 264 2.69 -18.19 -8.34
N GLY C 265 2.12 -19.38 -8.38
CA GLY C 265 0.68 -19.52 -8.47
C GLY C 265 0.10 -19.71 -9.86
N LEU C 266 0.59 -20.70 -10.59
CA LEU C 266 0.04 -21.06 -11.89
C LEU C 266 0.16 -22.57 -12.06
N ARG C 267 -0.70 -23.13 -12.92
CA ARG C 267 -0.61 -24.54 -13.28
C ARG C 267 -0.40 -24.62 -14.79
N ILE C 268 0.80 -25.00 -15.21
CA ILE C 268 1.22 -24.89 -16.59
C ILE C 268 1.03 -26.22 -17.31
N ILE C 269 0.48 -26.15 -18.52
CA ILE C 269 0.35 -27.29 -19.42
C ILE C 269 1.13 -26.95 -20.68
N ASP C 270 2.16 -27.76 -20.98
CA ASP C 270 3.07 -27.47 -22.08
C ASP C 270 2.67 -28.24 -23.33
N ALA C 271 2.80 -27.58 -24.48
CA ALA C 271 2.43 -28.18 -25.76
C ALA C 271 3.59 -28.94 -26.40
N ALA C 272 4.79 -28.37 -26.37
CA ALA C 272 5.93 -29.00 -27.03
C ALA C 272 6.20 -30.39 -26.46
N SER C 273 6.03 -30.55 -25.14
CA SER C 273 6.23 -31.86 -24.53
C SER C 273 5.25 -32.88 -25.07
N LEU C 274 3.98 -32.49 -25.22
CA LEU C 274 2.97 -33.44 -25.69
C LEU C 274 3.23 -33.86 -27.13
N ILE C 275 3.56 -32.90 -28.00
CA ILE C 275 3.74 -33.15 -29.43
C ILE C 275 4.94 -32.37 -29.93
N ASP C 276 5.72 -33.00 -30.80
CA ASP C 276 6.79 -32.33 -31.52
C ASP C 276 6.26 -31.72 -32.81
N SER C 277 6.97 -30.70 -33.29
CA SER C 277 6.55 -30.03 -34.51
C SER C 277 7.63 -29.04 -34.97
N ASN C 278 7.39 -28.38 -36.10
CA ASN C 278 8.34 -27.43 -36.64
C ASN C 278 8.28 -26.12 -35.84
N GLU C 279 9.30 -25.29 -36.05
CA GLU C 279 9.43 -24.06 -35.26
C GLU C 279 8.27 -23.12 -35.51
N TYR C 280 7.88 -22.93 -36.78
CA TYR C 280 6.92 -21.90 -37.16
C TYR C 280 5.50 -22.44 -37.31
N ASP C 281 5.27 -23.69 -36.93
CA ASP C 281 3.98 -24.34 -37.12
C ASP C 281 3.22 -24.31 -35.80
N TYR C 282 2.48 -23.21 -35.61
CA TYR C 282 1.82 -22.97 -34.32
C TYR C 282 0.44 -23.61 -34.23
N LEU C 283 -0.27 -23.70 -35.36
CA LEU C 283 -1.67 -24.07 -35.31
C LEU C 283 -1.87 -25.48 -34.76
N GLU C 284 -1.00 -26.41 -35.15
CA GLU C 284 -1.15 -27.78 -34.68
C GLU C 284 -1.00 -27.87 -33.17
N ARG C 285 0.07 -27.31 -32.63
CA ARG C 285 0.27 -27.38 -31.18
C ARG C 285 -0.80 -26.59 -30.43
N TYR C 286 -1.36 -25.54 -31.03
CA TYR C 286 -2.49 -24.86 -30.42
C TYR C 286 -3.71 -25.76 -30.35
N SER C 287 -4.02 -26.44 -31.45
CA SER C 287 -5.27 -27.16 -31.60
C SER C 287 -5.11 -28.65 -31.31
N ALA C 288 -4.13 -29.29 -31.94
CA ALA C 288 -4.01 -30.74 -31.86
C ALA C 288 -3.88 -31.20 -30.41
N VAL C 289 -3.40 -30.34 -29.52
CA VAL C 289 -3.18 -30.72 -28.14
C VAL C 289 -3.61 -29.60 -27.20
N MET C 290 -4.22 -30.01 -26.09
CA MET C 290 -4.78 -29.13 -25.06
C MET C 290 -6.07 -28.45 -25.51
N ASP C 291 -6.47 -28.63 -26.76
CA ASP C 291 -7.78 -28.17 -27.19
C ASP C 291 -8.61 -29.33 -27.76
N LEU C 292 -8.08 -30.08 -28.72
CA LEU C 292 -8.69 -31.35 -29.08
C LEU C 292 -8.68 -32.30 -27.89
N LEU C 293 -7.65 -32.22 -27.07
CA LEU C 293 -7.54 -33.11 -25.91
C LEU C 293 -8.65 -32.84 -24.92
N ILE C 294 -8.84 -31.58 -24.52
CA ILE C 294 -9.89 -31.28 -23.54
C ILE C 294 -11.27 -31.62 -24.12
N GLU C 295 -11.50 -31.27 -25.39
CA GLU C 295 -12.81 -31.52 -25.99
C GLU C 295 -13.10 -33.01 -26.05
N SER C 296 -12.12 -33.82 -26.43
CA SER C 296 -12.34 -35.24 -26.60
C SER C 296 -12.39 -35.99 -25.27
N GLN C 297 -11.66 -35.52 -24.26
CA GLN C 297 -11.53 -36.24 -23.00
C GLN C 297 -12.56 -35.82 -21.98
N GLU C 298 -13.73 -35.34 -22.42
CA GLU C 298 -14.84 -35.13 -21.50
C GLU C 298 -15.43 -36.44 -20.99
N ASN C 299 -15.02 -37.57 -21.55
CA ASN C 299 -15.46 -38.87 -21.06
C ASN C 299 -14.79 -39.17 -19.72
N LYS C 300 -15.03 -40.38 -19.22
CA LYS C 300 -14.54 -40.77 -17.91
C LYS C 300 -13.10 -41.24 -17.99
N PHE C 301 -12.33 -40.93 -16.95
CA PHE C 301 -10.94 -41.37 -16.83
C PHE C 301 -10.89 -42.63 -15.95
N ILE C 302 -11.29 -43.74 -16.55
CA ILE C 302 -11.45 -45.01 -15.85
C ILE C 302 -10.67 -46.07 -16.62
N THR C 303 -9.64 -46.62 -15.98
CA THR C 303 -8.88 -47.72 -16.54
C THR C 303 -8.47 -48.77 -15.50
N LYS C 304 -8.91 -48.63 -14.25
CA LYS C 304 -8.52 -49.53 -13.17
C LYS C 304 -9.75 -49.92 -12.36
N ASP C 305 -9.69 -51.10 -11.76
CA ASP C 305 -10.82 -51.58 -10.97
C ASP C 305 -11.08 -50.68 -9.76
N ASP C 306 -10.00 -50.21 -9.11
CA ASP C 306 -10.18 -49.29 -8.00
C ASP C 306 -10.91 -48.03 -8.45
N GLU C 307 -10.58 -47.54 -9.65
CA GLU C 307 -11.32 -46.41 -10.20
C GLU C 307 -12.79 -46.76 -10.42
N VAL C 308 -13.07 -47.98 -10.87
CA VAL C 308 -14.45 -48.41 -11.05
C VAL C 308 -15.21 -48.29 -9.73
N ILE C 309 -14.63 -48.84 -8.67
CA ILE C 309 -15.33 -48.84 -7.38
C ILE C 309 -15.47 -47.42 -6.87
N ASP C 310 -14.42 -46.61 -6.99
CA ASP C 310 -14.49 -45.24 -6.50
C ASP C 310 -15.58 -44.45 -7.21
N TYR C 311 -15.63 -44.54 -8.54
CA TYR C 311 -16.62 -43.77 -9.29
C TYR C 311 -18.04 -44.23 -8.97
N ILE C 312 -18.26 -45.55 -8.96
CA ILE C 312 -19.61 -46.04 -8.69
C ILE C 312 -20.03 -45.67 -7.28
N TYR C 313 -19.10 -45.74 -6.32
CA TYR C 313 -19.43 -45.36 -4.95
C TYR C 313 -19.76 -43.88 -4.84
N GLY C 314 -18.98 -43.03 -5.51
CA GLY C 314 -19.30 -41.62 -5.51
C GLY C 314 -20.67 -41.34 -6.08
N LYS C 315 -21.04 -42.05 -7.14
CA LYS C 315 -22.35 -41.82 -7.75
C LYS C 315 -23.48 -42.35 -6.88
N ILE C 316 -23.23 -43.45 -6.16
CA ILE C 316 -24.31 -44.13 -5.43
C ILE C 316 -24.48 -43.65 -4.00
N SER C 317 -23.45 -43.04 -3.40
CA SER C 317 -23.50 -42.72 -1.97
C SER C 317 -24.70 -41.88 -1.57
N PRO C 318 -25.07 -40.82 -2.28
CA PRO C 318 -26.15 -39.94 -1.77
C PRO C 318 -27.47 -40.66 -1.52
N LEU C 319 -27.77 -41.69 -2.32
CA LEU C 319 -29.07 -42.34 -2.22
C LEU C 319 -29.26 -43.10 -0.91
N PHE C 320 -28.19 -43.30 -0.13
CA PHE C 320 -28.35 -43.99 1.15
C PHE C 320 -29.28 -43.25 2.10
N ALA C 321 -29.52 -41.96 1.86
CA ALA C 321 -30.50 -41.24 2.68
C ALA C 321 -31.89 -41.83 2.51
N LEU C 322 -32.26 -42.17 1.28
CA LEU C 322 -33.58 -42.74 1.00
C LEU C 322 -33.54 -44.26 1.14
N GLN C 323 -34.63 -44.82 1.65
CA GLN C 323 -34.67 -46.24 1.95
C GLN C 323 -34.66 -47.09 0.69
N TYR C 324 -35.54 -46.78 -0.28
CA TYR C 324 -35.72 -47.60 -1.47
C TYR C 324 -35.74 -46.71 -2.70
N ILE C 325 -34.95 -47.09 -3.71
CA ILE C 325 -34.85 -46.35 -4.96
C ILE C 325 -35.50 -47.18 -6.05
N ARG C 326 -36.43 -46.58 -6.80
CA ARG C 326 -37.09 -47.28 -7.89
C ARG C 326 -36.06 -47.73 -8.91
N LYS C 327 -36.40 -48.76 -9.69
CA LYS C 327 -35.47 -49.25 -10.70
C LYS C 327 -35.41 -48.33 -11.91
N ILE C 328 -36.53 -47.72 -12.27
CA ILE C 328 -36.57 -46.83 -13.43
C ILE C 328 -35.67 -45.62 -13.19
N ASP C 329 -35.82 -44.98 -12.02
CA ASP C 329 -35.13 -43.72 -11.79
C ASP C 329 -33.61 -43.87 -11.87
N LEU C 330 -33.09 -45.07 -11.60
CA LEU C 330 -31.65 -45.27 -11.66
C LEU C 330 -31.10 -44.96 -13.04
N LYS C 331 -31.90 -45.15 -14.08
CA LYS C 331 -31.48 -44.77 -15.43
C LYS C 331 -30.98 -43.33 -15.47
N HIS C 332 -31.68 -42.43 -14.76
CA HIS C 332 -31.28 -41.03 -14.75
C HIS C 332 -30.01 -40.82 -13.92
N VAL C 333 -29.77 -41.65 -12.91
CA VAL C 333 -28.60 -41.47 -12.06
C VAL C 333 -27.32 -41.82 -12.80
N PHE C 334 -27.41 -42.51 -13.93
CA PHE C 334 -26.24 -42.94 -14.69
C PHE C 334 -26.26 -42.39 -16.11
N GLU C 335 -26.90 -41.25 -16.31
CA GLU C 335 -26.87 -40.50 -17.57
C GLU C 335 -27.10 -41.40 -18.78
N TYR C 336 -28.14 -42.22 -18.70
CA TYR C 336 -28.60 -43.07 -19.79
C TYR C 336 -27.55 -44.08 -20.24
N ASP C 337 -26.48 -44.28 -19.46
CA ASP C 337 -25.43 -45.20 -19.88
C ASP C 337 -25.91 -46.65 -19.92
N TYR C 338 -27.01 -46.97 -19.25
CA TYR C 338 -27.48 -48.34 -19.16
C TYR C 338 -29.00 -48.34 -19.03
N HIS C 339 -29.59 -49.49 -19.31
CA HIS C 339 -31.03 -49.72 -19.13
C HIS C 339 -31.21 -50.70 -17.98
N PHE C 340 -31.95 -50.26 -16.96
CA PHE C 340 -32.24 -51.08 -15.79
C PHE C 340 -33.67 -51.58 -15.93
N GLU C 341 -33.82 -52.83 -16.35
CA GLU C 341 -35.14 -53.40 -16.52
C GLU C 341 -35.78 -53.68 -15.16
N VAL C 342 -37.11 -53.70 -15.15
CA VAL C 342 -37.84 -53.89 -13.89
C VAL C 342 -37.50 -55.24 -13.28
N ASN C 343 -37.33 -56.26 -14.11
CA ASN C 343 -37.06 -57.61 -13.59
C ASN C 343 -35.75 -57.68 -12.81
N GLY C 344 -34.84 -56.72 -13.01
CA GLY C 344 -33.58 -56.70 -12.29
C GLY C 344 -32.40 -57.05 -13.16
N THR C 345 -32.45 -56.65 -14.43
CA THR C 345 -31.38 -56.93 -15.39
C THR C 345 -30.87 -55.63 -15.98
N VAL C 346 -29.56 -55.55 -16.15
CA VAL C 346 -28.89 -54.35 -16.65
C VAL C 346 -28.42 -54.64 -18.08
N VAL C 347 -28.66 -53.68 -18.97
CA VAL C 347 -28.33 -53.83 -20.38
C VAL C 347 -27.52 -52.60 -20.81
N ARG C 348 -26.43 -52.83 -21.53
CA ARG C 348 -25.65 -51.70 -22.04
C ARG C 348 -26.46 -50.94 -23.09
N HIS C 349 -26.43 -49.62 -23.00
CA HIS C 349 -27.19 -48.78 -23.92
C HIS C 349 -26.56 -47.39 -23.96
N LYS C 350 -26.26 -46.91 -25.17
CA LYS C 350 -25.72 -45.57 -25.37
C LYS C 350 -24.46 -45.34 -24.53
N ASN C 351 -23.63 -46.38 -24.44
CA ASN C 351 -22.36 -46.32 -23.72
C ASN C 351 -21.23 -46.68 -24.68
N LYS C 352 -20.23 -45.80 -24.76
CA LYS C 352 -19.08 -46.00 -25.63
C LYS C 352 -17.77 -46.13 -24.89
N GLY C 353 -17.68 -45.68 -23.64
CA GLY C 353 -16.49 -45.83 -22.85
C GLY C 353 -16.38 -47.23 -22.25
N PHE C 354 -15.37 -47.40 -21.41
CA PHE C 354 -15.17 -48.68 -20.74
C PHE C 354 -16.40 -49.03 -19.91
N GLY C 355 -16.86 -50.26 -20.03
CA GLY C 355 -18.02 -50.71 -19.27
C GLY C 355 -17.63 -50.96 -17.83
N TYR C 356 -18.27 -50.24 -16.91
CA TYR C 356 -17.95 -50.38 -15.49
C TYR C 356 -18.93 -51.29 -14.75
N MET C 357 -20.20 -51.33 -15.20
CA MET C 357 -21.14 -52.26 -14.60
C MET C 357 -20.71 -53.70 -14.84
N GLU C 358 -20.18 -53.99 -16.03
CA GLU C 358 -19.67 -55.33 -16.31
C GLU C 358 -18.59 -55.71 -15.32
N ARG C 359 -17.64 -54.80 -15.07
CA ARG C 359 -16.54 -55.08 -14.17
C ARG C 359 -17.06 -55.24 -12.74
N PHE C 360 -18.01 -54.40 -12.33
CA PHE C 360 -18.56 -54.51 -10.98
C PHE C 360 -19.23 -55.87 -10.80
N PHE C 361 -20.03 -56.29 -11.77
CA PHE C 361 -20.70 -57.59 -11.65
C PHE C 361 -19.70 -58.74 -11.66
N GLU C 362 -18.65 -58.63 -12.48
CA GLU C 362 -17.62 -59.66 -12.48
C GLU C 362 -16.95 -59.76 -11.12
N LEU C 363 -16.67 -58.62 -10.49
CA LEU C 363 -16.14 -58.63 -9.14
C LEU C 363 -17.13 -59.27 -8.17
N LYS C 364 -18.41 -58.99 -8.35
CA LYS C 364 -19.42 -59.59 -7.49
C LYS C 364 -19.41 -61.10 -7.59
N GLU C 365 -19.26 -61.63 -8.82
CA GLU C 365 -19.34 -63.07 -9.01
C GLU C 365 -18.14 -63.79 -8.39
N SER C 366 -16.93 -63.29 -8.65
CA SER C 366 -15.71 -63.96 -8.23
C SER C 366 -15.12 -63.30 -6.99
N CYS C 367 -14.49 -64.09 -6.14
CA CYS C 367 -13.91 -63.61 -4.89
C CYS C 367 -12.44 -63.22 -5.02
N ASP C 368 -11.70 -63.86 -5.92
CA ASP C 368 -10.30 -63.48 -6.10
C ASP C 368 -10.19 -62.04 -6.60
N GLU C 369 -11.04 -61.65 -7.54
CA GLU C 369 -11.03 -60.27 -8.00
C GLU C 369 -11.40 -59.30 -6.88
N ARG C 370 -12.33 -59.70 -6.02
CA ARG C 370 -12.62 -58.91 -4.83
C ARG C 370 -11.37 -58.74 -3.98
N SER C 371 -10.60 -59.82 -3.81
CA SER C 371 -9.36 -59.74 -3.05
C SER C 371 -8.35 -58.82 -3.72
N LYS C 372 -8.40 -58.71 -5.05
CA LYS C 372 -7.44 -57.87 -5.76
C LYS C 372 -7.56 -56.41 -5.34
N LEU C 373 -8.71 -55.99 -4.84
CA LEU C 373 -8.94 -54.59 -4.52
C LEU C 373 -8.13 -54.17 -3.29
N SER C 374 -7.98 -52.86 -3.12
CA SER C 374 -7.27 -52.29 -1.98
C SER C 374 -8.15 -52.33 -0.73
N LYS C 375 -7.53 -52.04 0.41
CA LYS C 375 -8.25 -52.09 1.68
C LYS C 375 -9.38 -51.07 1.69
N LYS C 376 -9.12 -49.85 1.23
CA LYS C 376 -10.11 -48.79 1.33
C LYS C 376 -11.36 -49.12 0.52
N GLN C 377 -11.19 -49.71 -0.66
CA GLN C 377 -12.32 -49.94 -1.55
C GLN C 377 -13.12 -51.19 -1.20
N TYR C 378 -12.61 -52.05 -0.32
CA TYR C 378 -13.35 -53.26 0.03
C TYR C 378 -14.66 -52.93 0.75
N GLU C 379 -14.62 -52.00 1.70
CA GLU C 379 -15.84 -51.60 2.40
C GLU C 379 -16.79 -50.87 1.45
N ARG C 380 -16.24 -50.08 0.52
CA ARG C 380 -17.07 -49.45 -0.49
C ARG C 380 -17.80 -50.51 -1.31
N PHE C 381 -17.08 -51.57 -1.71
CA PHE C 381 -17.70 -52.66 -2.46
C PHE C 381 -18.79 -53.31 -1.62
N ASN C 382 -18.53 -53.53 -0.34
CA ASN C 382 -19.54 -54.14 0.52
C ASN C 382 -20.81 -53.29 0.54
N ALA C 383 -20.65 -51.97 0.75
CA ALA C 383 -21.81 -51.09 0.81
C ALA C 383 -22.58 -51.11 -0.50
N LEU C 384 -21.86 -51.04 -1.63
CA LEU C 384 -22.54 -51.11 -2.92
C LEU C 384 -23.29 -52.41 -3.06
N PHE C 385 -22.70 -53.52 -2.60
CA PHE C 385 -23.35 -54.82 -2.72
C PHE C 385 -24.66 -54.85 -1.94
N ASN C 386 -24.64 -54.37 -0.68
CA ASN C 386 -25.88 -54.39 0.09
C ASN C 386 -26.92 -53.49 -0.57
N PHE C 387 -26.51 -52.31 -1.04
CA PHE C 387 -27.47 -51.39 -1.66
C PHE C 387 -28.12 -52.03 -2.89
N PHE C 388 -27.30 -52.57 -3.79
CA PHE C 388 -27.84 -53.15 -5.02
C PHE C 388 -28.70 -54.38 -4.73
N GLU C 389 -28.28 -55.21 -3.76
CA GLU C 389 -29.10 -56.37 -3.41
C GLU C 389 -30.45 -55.92 -2.84
N LYS C 390 -30.46 -54.89 -2.00
CA LYS C 390 -31.71 -54.39 -1.46
C LYS C 390 -32.63 -53.87 -2.55
N ASN C 391 -32.07 -53.13 -3.51
CA ASN C 391 -32.90 -52.56 -4.57
C ASN C 391 -33.50 -53.64 -5.46
N GLY C 392 -32.69 -54.61 -5.88
CA GLY C 392 -33.16 -55.71 -6.70
C GLY C 392 -32.36 -55.98 -7.96
N VAL C 393 -31.31 -55.20 -8.25
CA VAL C 393 -30.49 -55.46 -9.44
C VAL C 393 -29.60 -56.67 -9.17
N ILE C 394 -29.69 -57.66 -10.05
CA ILE C 394 -29.03 -58.95 -9.86
C ILE C 394 -27.83 -59.12 -10.77
N CYS C 395 -28.05 -59.13 -12.09
CA CYS C 395 -26.99 -59.36 -13.05
C CYS C 395 -27.51 -58.99 -14.44
N MET C 396 -26.63 -59.09 -15.43
CA MET C 396 -26.98 -58.64 -16.77
C MET C 396 -27.98 -59.58 -17.42
N ALA C 397 -28.71 -59.04 -18.40
CA ALA C 397 -29.70 -59.84 -19.12
C ALA C 397 -29.04 -60.94 -19.94
N LYS C 398 -27.79 -60.73 -20.38
CA LYS C 398 -27.10 -61.81 -21.09
C LYS C 398 -26.93 -63.04 -20.20
N ASP C 399 -26.54 -62.84 -18.95
CA ASP C 399 -26.35 -63.93 -18.00
C ASP C 399 -27.54 -64.06 -17.05
N ALA C 400 -28.72 -63.65 -17.48
CA ALA C 400 -29.89 -63.70 -16.61
C ALA C 400 -30.23 -65.14 -16.24
N GLY C 401 -30.64 -65.33 -14.99
CA GLY C 401 -31.08 -66.62 -14.49
C GLY C 401 -32.58 -66.69 -14.39
N THR C 402 -33.07 -67.31 -13.32
CA THR C 402 -34.50 -67.45 -13.06
C THR C 402 -34.93 -66.27 -12.20
N LEU C 403 -35.43 -65.22 -12.84
CA LEU C 403 -35.89 -64.05 -12.11
C LEU C 403 -37.10 -64.41 -11.25
N ASN C 404 -37.12 -63.89 -10.03
CA ASN C 404 -38.19 -64.14 -9.08
C ASN C 404 -38.90 -62.83 -8.75
N THR C 405 -40.20 -62.94 -8.46
CA THR C 405 -41.03 -61.81 -8.08
C THR C 405 -41.40 -61.94 -6.61
N SER C 406 -41.09 -60.90 -5.85
CA SER C 406 -41.36 -60.89 -4.42
C SER C 406 -41.90 -59.52 -4.02
N ILE C 407 -42.70 -59.51 -2.95
CA ILE C 407 -43.31 -58.30 -2.41
C ILE C 407 -42.97 -58.24 -0.92
N GLU C 408 -42.39 -57.12 -0.49
CA GLU C 408 -42.07 -56.94 0.92
C GLU C 408 -42.18 -55.45 1.23
N ILE C 409 -43.25 -55.07 1.92
CA ILE C 409 -43.48 -53.70 2.38
C ILE C 409 -43.58 -53.73 3.89
N ASN C 410 -42.67 -53.03 4.56
CA ASN C 410 -42.64 -53.00 6.02
C ASN C 410 -43.35 -51.79 6.59
N SER C 411 -44.01 -50.98 5.77
CA SER C 411 -44.63 -49.76 6.25
C SER C 411 -45.82 -50.10 7.14
N LEU C 412 -45.73 -49.70 8.41
CA LEU C 412 -46.83 -49.90 9.35
C LEU C 412 -48.11 -49.27 8.83
N ALA C 413 -48.00 -48.13 8.14
CA ALA C 413 -49.18 -47.46 7.63
C ALA C 413 -49.90 -48.26 6.55
N TYR C 414 -49.22 -49.22 5.93
CA TYR C 414 -49.83 -49.94 4.82
C TYR C 414 -50.89 -50.92 5.28
N HIS C 415 -50.63 -51.66 6.36
CA HIS C 415 -51.51 -52.74 6.78
C HIS C 415 -52.68 -52.26 7.63
N GLY C 416 -52.51 -51.16 8.37
CA GLY C 416 -53.59 -50.63 9.18
C GLY C 416 -53.51 -51.00 10.64
N LYS C 417 -52.32 -50.90 11.24
CA LYS C 417 -52.13 -51.16 12.66
C LYS C 417 -52.21 -49.84 13.44
N TYR C 418 -53.44 -49.30 13.50
CA TYR C 418 -53.65 -47.97 14.07
C TYR C 418 -53.09 -47.86 15.48
N ASP C 419 -53.29 -48.90 16.30
CA ASP C 419 -52.80 -48.87 17.67
C ASP C 419 -51.30 -48.64 17.70
N VAL C 420 -50.54 -49.36 16.87
CA VAL C 420 -49.09 -49.24 16.86
C VAL C 420 -48.68 -47.83 16.46
N MET C 421 -49.39 -47.24 15.49
CA MET C 421 -49.09 -45.86 15.11
C MET C 421 -49.31 -44.92 16.29
N LYS C 422 -50.39 -45.14 17.04
CA LYS C 422 -50.64 -44.30 18.21
C LYS C 422 -49.50 -44.43 19.22
N LYS C 423 -49.08 -45.66 19.52
CA LYS C 423 -48.01 -45.84 20.50
C LYS C 423 -46.73 -45.18 20.02
N PHE C 424 -46.40 -45.34 18.74
CA PHE C 424 -45.19 -44.72 18.22
C PHE C 424 -45.30 -43.20 18.23
N ILE C 425 -46.52 -42.67 18.13
CA ILE C 425 -46.73 -41.24 18.29
C ILE C 425 -46.42 -40.81 19.71
N GLU C 426 -46.89 -41.58 20.70
CA GLU C 426 -46.72 -41.17 22.09
C GLU C 426 -45.25 -41.08 22.49
N GLU C 427 -44.44 -42.04 22.04
CA GLU C 427 -43.05 -42.09 22.50
C GLU C 427 -42.27 -40.86 22.06
N GLN C 428 -41.31 -40.47 22.88
CA GLN C 428 -40.42 -39.37 22.53
C GLN C 428 -39.53 -39.75 21.36
N SER C 429 -39.13 -38.75 20.58
CA SER C 429 -38.30 -38.94 19.41
C SER C 429 -36.91 -38.35 19.65
N VAL C 430 -35.89 -39.10 19.24
CA VAL C 430 -34.51 -38.68 19.45
C VAL C 430 -33.87 -38.10 18.18
N SER C 431 -34.46 -38.31 17.02
CA SER C 431 -33.89 -37.84 15.76
C SER C 431 -34.98 -37.24 14.89
N ILE C 432 -34.55 -36.54 13.84
CA ILE C 432 -35.48 -35.86 12.95
C ILE C 432 -36.29 -36.87 12.15
N GLU C 433 -35.69 -38.01 11.83
CA GLU C 433 -36.40 -39.05 11.08
C GLU C 433 -37.63 -39.54 11.86
N ASP C 434 -37.49 -39.68 13.18
CA ASP C 434 -38.61 -40.11 14.00
C ASP C 434 -39.75 -39.10 13.94
N ASP C 435 -39.43 -37.81 14.00
CA ASP C 435 -40.46 -36.79 13.90
C ASP C 435 -41.11 -36.80 12.51
N TYR C 436 -40.32 -37.06 11.47
CA TYR C 436 -40.88 -37.16 10.12
C TYR C 436 -41.89 -38.30 10.04
N LYS C 437 -41.52 -39.46 10.57
CA LYS C 437 -42.45 -40.60 10.59
C LYS C 437 -43.70 -40.28 11.42
N LYS C 438 -43.51 -39.61 12.56
CA LYS C 438 -44.65 -39.23 13.40
C LYS C 438 -45.59 -38.32 12.64
N ALA C 439 -45.03 -37.34 11.92
CA ALA C 439 -45.87 -36.43 11.15
C ALA C 439 -46.65 -37.17 10.09
N PHE C 440 -45.99 -38.10 9.38
CA PHE C 440 -46.72 -38.85 8.35
C PHE C 440 -47.82 -39.69 8.97
N PHE C 441 -47.56 -40.35 10.09
CA PHE C 441 -48.57 -41.19 10.71
C PHE C 441 -49.76 -40.35 11.22
N LEU C 442 -49.46 -39.19 11.82
CA LEU C 442 -50.54 -38.29 12.24
C LEU C 442 -51.37 -37.85 11.05
N ALA C 443 -50.71 -37.50 9.94
CA ALA C 443 -51.43 -37.13 8.73
C ALA C 443 -52.32 -38.27 8.27
N CYS C 444 -51.83 -39.51 8.40
CA CYS C 444 -52.64 -40.67 8.06
C CYS C 444 -53.86 -40.78 8.97
N LEU C 445 -53.69 -40.50 10.26
CA LEU C 445 -54.75 -40.69 11.24
C LEU C 445 -55.73 -39.53 11.33
N GLY C 446 -55.46 -38.41 10.67
CA GLY C 446 -56.37 -37.30 10.64
C GLY C 446 -56.07 -36.15 11.56
N ARG C 447 -54.94 -36.19 12.28
CA ARG C 447 -54.51 -35.06 13.08
C ARG C 447 -53.63 -34.14 12.24
N TRP C 448 -54.28 -33.47 11.28
CA TRP C 448 -53.55 -32.62 10.35
C TRP C 448 -53.07 -31.33 11.01
N GLU C 449 -53.80 -30.85 12.03
CA GLU C 449 -53.38 -29.65 12.73
C GLU C 449 -52.03 -29.84 13.41
N GLU C 450 -51.79 -31.03 13.96
CA GLU C 450 -50.48 -31.32 14.51
C GLU C 450 -49.50 -31.72 13.42
N SER C 451 -50.01 -32.22 12.29
CA SER C 451 -49.14 -32.57 11.17
C SER C 451 -48.40 -31.36 10.66
N TYR C 452 -49.12 -30.26 10.40
CA TYR C 452 -48.45 -29.06 9.91
C TYR C 452 -47.42 -28.57 10.91
N ASP C 453 -47.76 -28.57 12.19
CA ASP C 453 -46.83 -28.06 13.20
C ASP C 453 -45.58 -28.93 13.28
N LEU C 454 -45.75 -30.25 13.24
CA LEU C 454 -44.61 -31.15 13.25
C LEU C 454 -43.72 -30.93 12.03
N TYR C 455 -44.32 -30.79 10.85
CA TYR C 455 -43.53 -30.59 9.65
C TYR C 455 -42.75 -29.27 9.73
N SER C 456 -43.41 -28.21 10.20
CA SER C 456 -42.70 -26.94 10.38
C SER C 456 -41.56 -27.09 11.38
N ASN C 457 -41.78 -27.88 12.44
CA ASN C 457 -40.74 -28.08 13.44
C ASN C 457 -39.53 -28.77 12.82
N ILE C 458 -39.75 -29.83 12.05
CA ILE C 458 -38.59 -30.50 11.46
C ILE C 458 -37.95 -29.59 10.42
N ILE C 459 -38.73 -28.72 9.79
CA ILE C 459 -38.17 -27.81 8.80
C ILE C 459 -37.20 -26.84 9.47
N LEU C 460 -37.60 -26.24 10.59
CA LEU C 460 -36.69 -25.26 11.21
C LEU C 460 -35.64 -25.93 12.08
N ASN C 461 -35.76 -27.23 12.35
CA ASN C 461 -34.76 -27.96 13.12
C ASN C 461 -33.68 -28.58 12.24
N SER C 462 -33.72 -28.36 10.93
CA SER C 462 -32.75 -28.91 10.00
C SER C 462 -31.56 -27.96 9.79
N ILE C 463 -31.25 -27.12 10.77
CA ILE C 463 -30.18 -26.14 10.63
C ILE C 463 -28.85 -26.84 10.40
N ASP C 464 -28.60 -27.92 11.15
CA ASP C 464 -27.29 -28.55 11.15
C ASP C 464 -26.94 -29.08 9.77
N GLU C 465 -25.64 -29.13 9.48
CA GLU C 465 -25.16 -29.62 8.20
C GLU C 465 -25.68 -31.03 7.93
N SER C 466 -26.20 -31.23 6.72
CA SER C 466 -26.74 -32.54 6.34
C SER C 466 -27.03 -32.56 4.84
N ASN C 467 -27.62 -33.65 4.36
CA ASN C 467 -27.95 -33.72 2.93
C ASN C 467 -29.18 -32.89 2.60
N GLY C 468 -30.08 -32.70 3.55
CA GLY C 468 -31.27 -31.91 3.34
C GLY C 468 -32.41 -32.64 2.67
N CYS C 469 -32.26 -33.94 2.39
CA CYS C 469 -33.35 -34.68 1.75
C CYS C 469 -34.62 -34.64 2.58
N VAL C 470 -34.50 -34.86 3.89
CA VAL C 470 -35.67 -34.79 4.76
C VAL C 470 -36.21 -33.37 4.80
N TYR C 471 -35.33 -32.37 4.74
CA TYR C 471 -35.77 -30.98 4.75
C TYR C 471 -36.60 -30.67 3.50
N TYR C 472 -36.13 -31.12 2.33
CA TYR C 472 -36.85 -30.90 1.09
C TYR C 472 -38.19 -31.64 1.08
N LEU C 473 -38.18 -32.92 1.49
CA LEU C 473 -39.41 -33.69 1.50
C LEU C 473 -40.40 -33.14 2.51
N SER C 474 -39.91 -32.62 3.64
CA SER C 474 -40.78 -32.03 4.64
C SER C 474 -41.40 -30.73 4.13
N GLN C 475 -40.63 -29.91 3.41
CA GLN C 475 -41.23 -28.74 2.77
C GLN C 475 -42.36 -29.16 1.84
N ILE C 476 -42.09 -30.14 0.98
CA ILE C 476 -43.11 -30.58 0.02
C ILE C 476 -44.33 -31.11 0.75
N ASN C 477 -44.12 -31.88 1.82
CA ASN C 477 -45.23 -32.51 2.52
C ASN C 477 -46.02 -31.50 3.35
N ARG C 478 -45.36 -30.50 3.94
CA ARG C 478 -46.08 -29.45 4.62
C ARG C 478 -46.98 -28.70 3.63
N TYR C 479 -46.45 -28.38 2.45
CA TYR C 479 -47.30 -27.73 1.46
C TYR C 479 -48.46 -28.64 1.07
N ARG C 480 -48.18 -29.93 0.89
CA ARG C 480 -49.24 -30.85 0.46
C ARG C 480 -50.32 -30.98 1.52
N ILE C 481 -49.91 -31.07 2.79
CA ILE C 481 -50.88 -31.23 3.87
C ILE C 481 -51.67 -29.94 4.07
N TYR C 482 -51.02 -28.79 3.88
CA TYR C 482 -51.75 -27.52 3.89
C TYR C 482 -52.78 -27.47 2.77
N GLN C 483 -52.42 -27.96 1.59
CA GLN C 483 -53.39 -28.04 0.50
C GLN C 483 -54.58 -28.92 0.91
N SER C 484 -54.29 -30.06 1.54
CA SER C 484 -55.39 -30.94 1.96
C SER C 484 -56.29 -30.25 2.97
N ILE C 485 -55.68 -29.53 3.93
CA ILE C 485 -56.46 -28.81 4.93
C ILE C 485 -57.35 -27.77 4.26
N THR C 486 -56.78 -26.99 3.33
CA THR C 486 -57.55 -25.95 2.67
C THR C 486 -58.72 -26.55 1.90
N GLN C 487 -58.46 -27.59 1.10
CA GLN C 487 -59.53 -28.21 0.33
C GLN C 487 -60.56 -28.87 1.23
N ALA C 488 -60.13 -29.44 2.37
CA ALA C 488 -61.06 -30.10 3.26
C ALA C 488 -61.96 -29.09 3.97
N VAL C 489 -61.40 -27.97 4.40
CA VAL C 489 -62.21 -26.92 5.00
C VAL C 489 -63.18 -26.35 3.97
N THR C 490 -62.71 -26.18 2.73
CA THR C 490 -63.60 -25.72 1.67
C THR C 490 -64.74 -26.69 1.46
N GLN C 491 -64.45 -27.99 1.46
CA GLN C 491 -65.50 -29.00 1.34
C GLN C 491 -66.46 -28.94 2.51
N PHE C 492 -65.93 -28.76 3.73
CA PHE C 492 -66.77 -28.74 4.92
C PHE C 492 -67.73 -27.57 4.90
N ASN C 493 -67.22 -26.38 4.54
CA ASN C 493 -68.09 -25.21 4.45
C ASN C 493 -69.17 -25.40 3.40
N GLY C 494 -68.86 -26.13 2.33
CA GLY C 494 -69.85 -26.39 1.31
C GLY C 494 -70.96 -27.31 1.80
N LEU C 495 -72.09 -27.23 1.10
CA LEU C 495 -73.25 -28.02 1.48
C LEU C 495 -73.00 -29.51 1.22
N GLY C 496 -73.79 -30.35 1.88
CA GLY C 496 -73.62 -31.79 1.81
C GLY C 496 -73.17 -32.35 3.13
N LEU C 497 -72.31 -31.60 3.83
CA LEU C 497 -71.87 -32.01 5.16
C LEU C 497 -72.99 -31.88 6.19
N LEU C 498 -74.01 -31.06 5.91
CA LEU C 498 -75.09 -30.89 6.87
C LEU C 498 -75.81 -32.21 7.14
N THR C 499 -75.79 -33.13 6.17
CA THR C 499 -76.41 -34.43 6.37
C THR C 499 -75.71 -35.25 7.45
N PHE C 500 -74.47 -34.90 7.80
CA PHE C 500 -73.69 -35.61 8.80
C PHE C 500 -73.65 -34.88 10.13
N GLY C 501 -74.62 -34.01 10.40
CA GLY C 501 -74.66 -33.26 11.64
C GLY C 501 -73.87 -31.97 11.63
N ARG C 502 -73.26 -31.60 10.49
CA ARG C 502 -72.50 -30.37 10.38
C ARG C 502 -71.35 -30.32 11.39
N HIS C 503 -70.43 -31.27 11.22
CA HIS C 503 -69.22 -31.28 12.04
C HIS C 503 -68.29 -30.15 11.63
N TYR C 504 -67.68 -29.51 12.63
CA TYR C 504 -66.81 -28.36 12.41
C TYR C 504 -65.35 -28.78 12.51
N LYS C 505 -64.55 -28.32 11.56
CA LYS C 505 -63.13 -28.62 11.59
C LYS C 505 -62.51 -28.05 12.86
N PRO C 506 -61.69 -28.82 13.59
CA PRO C 506 -61.13 -28.29 14.85
C PRO C 506 -60.24 -27.08 14.66
N PHE C 507 -59.90 -26.71 13.44
CA PHE C 507 -59.02 -25.57 13.20
C PHE C 507 -59.68 -24.29 13.67
N THR C 508 -58.89 -23.41 14.27
CA THR C 508 -59.33 -22.09 14.66
C THR C 508 -59.03 -21.08 13.56
N ASP C 509 -59.77 -19.98 13.57
CA ASP C 509 -59.62 -18.97 12.52
C ASP C 509 -58.24 -18.32 12.56
N GLU C 510 -57.64 -18.20 13.76
CA GLU C 510 -56.30 -17.64 13.83
C GLU C 510 -55.28 -18.55 13.14
N PHE C 511 -55.43 -19.87 13.31
CA PHE C 511 -54.54 -20.79 12.62
C PHE C 511 -54.70 -20.68 11.12
N LEU C 512 -55.94 -20.56 10.64
CA LEU C 512 -56.17 -20.43 9.21
C LEU C 512 -55.58 -19.12 8.68
N ALA C 513 -55.70 -18.04 9.44
CA ALA C 513 -55.08 -16.79 9.03
C ALA C 513 -53.57 -16.95 8.92
N ARG C 514 -52.95 -17.58 9.92
CA ARG C 514 -51.49 -17.75 9.88
C ARG C 514 -51.06 -18.64 8.74
N ILE C 515 -51.79 -19.74 8.50
CA ILE C 515 -51.39 -20.67 7.45
C ILE C 515 -51.59 -20.04 6.08
N GLU C 516 -52.63 -19.23 5.91
CA GLU C 516 -52.80 -18.49 4.67
C GLU C 516 -51.68 -17.49 4.47
N ARG C 517 -51.27 -16.81 5.56
CA ARG C 517 -50.19 -15.84 5.45
C ARG C 517 -48.88 -16.50 5.05
N GLU C 518 -48.47 -17.54 5.77
CA GLU C 518 -47.15 -18.12 5.54
C GLU C 518 -47.05 -18.78 4.17
N MET C 519 -48.06 -19.57 3.79
CA MET C 519 -48.11 -20.14 2.44
C MET C 519 -48.92 -19.28 1.49
N THR C 520 -48.56 -18.00 1.37
CA THR C 520 -49.11 -17.14 0.33
C THR C 520 -48.11 -16.88 -0.79
N ASN C 521 -46.82 -16.99 -0.49
CA ASN C 521 -45.77 -16.77 -1.47
C ASN C 521 -45.07 -18.07 -1.89
N PHE C 522 -45.18 -19.12 -1.09
CA PHE C 522 -44.48 -20.36 -1.39
C PHE C 522 -44.91 -20.91 -2.75
N ASN C 523 -43.94 -21.27 -3.57
CA ASN C 523 -44.17 -21.81 -4.90
C ASN C 523 -43.51 -23.17 -4.97
N ILE C 524 -44.31 -24.21 -5.25
CA ILE C 524 -43.77 -25.56 -5.30
C ILE C 524 -42.90 -25.76 -6.54
N ASP C 525 -43.23 -25.05 -7.63
CA ASP C 525 -42.52 -25.27 -8.88
C ASP C 525 -41.04 -24.90 -8.75
N ASP C 526 -40.74 -23.81 -8.06
CA ASP C 526 -39.38 -23.30 -7.96
C ASP C 526 -38.62 -23.86 -6.77
N LEU C 527 -39.20 -24.81 -6.03
CA LEU C 527 -38.54 -25.31 -4.84
C LEU C 527 -37.21 -25.98 -5.18
N PHE C 528 -37.21 -26.85 -6.20
CA PHE C 528 -36.00 -27.59 -6.52
C PHE C 528 -34.87 -26.66 -6.93
N ASN C 529 -35.16 -25.65 -7.73
CA ASN C 529 -34.12 -24.74 -8.21
C ASN C 529 -33.57 -23.83 -7.12
N GLY C 530 -34.21 -23.77 -5.96
CA GLY C 530 -33.75 -22.91 -4.88
C GLY C 530 -32.74 -23.53 -3.94
N MET C 531 -32.47 -24.82 -4.07
CA MET C 531 -31.57 -25.53 -3.18
C MET C 531 -30.12 -25.35 -3.63
N PRO C 532 -29.15 -25.60 -2.76
CA PRO C 532 -27.75 -25.42 -3.15
C PRO C 532 -27.36 -26.30 -4.33
N PHE C 533 -26.41 -25.79 -5.13
CA PHE C 533 -26.04 -26.46 -6.36
C PHE C 533 -25.61 -27.91 -6.11
N GLU C 534 -24.87 -28.14 -5.02
CA GLU C 534 -24.42 -29.50 -4.73
C GLU C 534 -25.60 -30.43 -4.50
N PHE C 535 -26.72 -29.89 -3.99
CA PHE C 535 -27.90 -30.72 -3.82
C PHE C 535 -28.62 -30.94 -5.14
N GLN C 536 -28.58 -29.96 -6.05
CA GLN C 536 -29.26 -30.13 -7.33
C GLN C 536 -28.52 -31.12 -8.22
N LYS C 537 -27.19 -31.08 -8.21
CA LYS C 537 -26.43 -32.04 -9.00
C LYS C 537 -26.73 -33.46 -8.57
N LYS C 538 -26.75 -33.69 -7.26
CA LYS C 538 -27.25 -34.95 -6.72
C LYS C 538 -28.77 -34.90 -6.65
N TYR C 539 -29.38 -36.00 -6.21
CA TYR C 539 -30.82 -36.05 -5.94
C TYR C 539 -31.65 -35.50 -7.10
N LYS C 540 -31.15 -35.60 -8.32
CA LYS C 540 -31.91 -35.10 -9.46
C LYS C 540 -33.17 -35.90 -9.70
N ILE C 541 -33.26 -37.10 -9.12
CA ILE C 541 -34.43 -37.96 -9.31
C ILE C 541 -35.64 -37.48 -8.52
N LEU C 542 -35.46 -36.56 -7.57
CA LEU C 542 -36.55 -36.13 -6.70
C LEU C 542 -37.35 -34.96 -7.27
N GLU C 543 -36.82 -34.26 -8.27
CA GLU C 543 -37.55 -33.13 -8.84
C GLU C 543 -38.87 -33.57 -9.45
N PHE C 544 -39.03 -34.86 -9.75
CA PHE C 544 -40.28 -35.36 -10.30
C PHE C 544 -41.40 -35.40 -9.26
N LEU C 545 -41.06 -35.46 -7.97
CA LEU C 545 -42.10 -35.60 -6.95
C LEU C 545 -43.04 -34.42 -6.93
N SER C 546 -42.54 -33.22 -7.25
CA SER C 546 -43.35 -32.01 -7.11
C SER C 546 -44.54 -32.02 -8.06
N ASP C 547 -44.37 -32.57 -9.27
CA ASP C 547 -45.37 -32.53 -10.32
C ASP C 547 -45.82 -33.94 -10.67
N ASN C 548 -46.63 -34.05 -11.73
CA ASN C 548 -47.11 -35.33 -12.21
C ASN C 548 -46.08 -36.10 -13.01
N GLN C 549 -44.92 -35.50 -13.30
CA GLN C 549 -43.93 -36.17 -14.14
C GLN C 549 -43.53 -37.51 -13.58
N PHE C 550 -43.44 -37.62 -12.24
CA PHE C 550 -43.01 -38.87 -11.64
C PHE C 550 -43.93 -40.03 -11.99
N LEU C 551 -45.18 -39.74 -12.36
CA LEU C 551 -46.15 -40.75 -12.73
C LEU C 551 -46.31 -40.91 -14.23
N TYR C 552 -45.57 -40.14 -15.03
CA TYR C 552 -45.80 -40.11 -16.47
C TYR C 552 -45.52 -41.45 -17.14
N ASP C 553 -44.26 -41.89 -17.11
CA ASP C 553 -43.84 -43.00 -17.95
C ASP C 553 -44.72 -44.22 -17.77
N ASP C 554 -44.99 -44.59 -16.52
CA ASP C 554 -45.81 -45.78 -16.25
C ASP C 554 -47.13 -45.71 -17.02
N THR C 555 -47.81 -44.58 -16.93
CA THR C 555 -49.09 -44.43 -17.64
C THR C 555 -48.92 -44.71 -19.12
N VAL C 556 -47.88 -44.12 -19.73
CA VAL C 556 -47.65 -44.32 -21.15
C VAL C 556 -47.40 -45.80 -21.44
N LYS C 557 -46.71 -46.49 -20.53
CA LYS C 557 -46.46 -47.91 -20.74
C LYS C 557 -47.74 -48.72 -20.57
N LEU C 558 -48.68 -48.22 -19.76
CA LEU C 558 -49.89 -48.99 -19.49
C LEU C 558 -50.77 -49.07 -20.73
N PHE C 559 -51.23 -47.90 -21.22
CA PHE C 559 -52.14 -47.84 -22.35
C PHE C 559 -51.72 -48.79 -23.47
N GLU C 560 -50.51 -48.60 -23.99
CA GLU C 560 -49.96 -49.47 -25.01
C GLU C 560 -50.21 -50.92 -24.66
N LEU C 561 -49.67 -51.37 -23.53
CA LEU C 561 -49.83 -52.77 -23.13
C LEU C 561 -51.29 -53.18 -23.13
N THR C 562 -52.15 -52.34 -22.53
CA THR C 562 -53.57 -52.65 -22.51
C THR C 562 -54.04 -53.02 -23.91
N ASN C 563 -53.82 -52.11 -24.87
CA ASN C 563 -54.28 -52.35 -26.23
C ASN C 563 -53.74 -53.68 -26.73
N LYS C 564 -52.45 -53.93 -26.53
CA LYS C 564 -51.84 -55.19 -26.93
C LYS C 564 -52.69 -56.34 -26.42
N VAL C 565 -52.87 -56.41 -25.09
CA VAL C 565 -53.63 -57.50 -24.50
C VAL C 565 -55.02 -57.54 -25.12
N ARG C 566 -55.65 -56.37 -25.25
CA ARG C 566 -56.99 -56.32 -25.81
C ARG C 566 -57.01 -56.92 -27.21
N SER C 567 -56.01 -56.58 -28.03
CA SER C 567 -55.94 -57.18 -29.36
C SER C 567 -55.85 -58.70 -29.25
N GLU C 568 -54.98 -59.18 -28.35
CA GLU C 568 -54.85 -60.62 -28.18
C GLU C 568 -56.15 -61.23 -27.65
N MET C 569 -56.93 -60.44 -26.89
CA MET C 569 -58.24 -60.91 -26.49
C MET C 569 -59.13 -61.16 -27.71
N SER C 570 -59.13 -60.23 -28.66
CA SER C 570 -60.09 -60.29 -29.76
C SER C 570 -59.62 -61.20 -30.90
N GLU C 571 -58.43 -61.77 -30.81
CA GLU C 571 -57.89 -62.64 -31.83
C GLU C 571 -57.84 -64.10 -31.42
N GLY C 572 -57.98 -64.40 -30.13
CA GLY C 572 -57.92 -65.78 -29.67
C GLY C 572 -56.57 -66.43 -29.84
N SER C 573 -55.49 -65.71 -29.54
CA SER C 573 -54.13 -66.23 -29.64
C SER C 573 -53.65 -66.64 -28.25
N TYR C 574 -53.48 -67.95 -28.05
CA TYR C 574 -53.10 -68.50 -26.75
C TYR C 574 -51.62 -68.88 -26.82
N SER C 575 -50.76 -68.03 -26.26
CA SER C 575 -49.33 -68.31 -26.22
C SER C 575 -48.98 -69.07 -24.95
N PHE C 576 -47.93 -69.89 -25.04
CA PHE C 576 -47.48 -70.72 -23.93
C PHE C 576 -46.33 -70.09 -23.16
N GLY C 577 -45.90 -68.88 -23.51
CA GLY C 577 -44.81 -68.23 -22.84
C GLY C 577 -45.24 -67.48 -21.60
N MET C 578 -44.25 -66.92 -20.91
CA MET C 578 -44.52 -66.10 -19.72
C MET C 578 -45.54 -65.02 -20.06
N SER C 579 -46.25 -64.57 -19.02
CA SER C 579 -47.27 -63.56 -19.21
C SER C 579 -46.65 -62.27 -19.72
N SER C 580 -47.35 -61.61 -20.65
CA SER C 580 -46.92 -60.33 -21.19
C SER C 580 -47.42 -59.14 -20.37
N ASP C 581 -47.76 -59.37 -19.10
CA ASP C 581 -48.25 -58.32 -18.22
C ASP C 581 -47.47 -58.20 -16.93
N ILE C 582 -46.45 -59.03 -16.71
CA ILE C 582 -45.71 -59.00 -15.45
C ILE C 582 -45.08 -57.63 -15.22
N VAL C 583 -44.78 -56.91 -16.30
CA VAL C 583 -44.20 -55.58 -16.15
C VAL C 583 -45.16 -54.66 -15.40
N VAL C 584 -46.46 -54.77 -15.69
CA VAL C 584 -47.44 -53.92 -15.03
C VAL C 584 -47.40 -54.16 -13.52
N LEU C 585 -47.47 -55.42 -13.11
CA LEU C 585 -47.45 -55.73 -11.69
C LEU C 585 -46.15 -55.30 -11.03
N LEU C 586 -45.02 -55.53 -11.70
CA LEU C 586 -43.74 -55.16 -11.11
C LEU C 586 -43.64 -53.66 -10.90
N ARG C 587 -44.04 -52.88 -11.91
CA ARG C 587 -44.01 -51.42 -11.76
C ARG C 587 -44.99 -50.95 -10.69
N LEU C 588 -46.15 -51.62 -10.59
CA LEU C 588 -47.11 -51.28 -9.55
C LEU C 588 -46.50 -51.46 -8.17
N TYR C 589 -45.87 -52.61 -7.93
CA TYR C 589 -45.24 -52.85 -6.64
C TYR C 589 -44.11 -51.86 -6.41
N ASP C 590 -43.33 -51.54 -7.44
CA ASP C 590 -42.24 -50.59 -7.27
C ASP C 590 -42.77 -49.23 -6.83
N ASN C 591 -43.83 -48.74 -7.49
CA ASN C 591 -44.38 -47.44 -7.13
C ASN C 591 -44.93 -47.46 -5.71
N LEU C 592 -45.67 -48.51 -5.36
CA LEU C 592 -46.24 -48.57 -4.00
C LEU C 592 -45.14 -48.59 -2.95
N ARG C 593 -44.13 -49.44 -3.13
CA ARG C 593 -43.06 -49.52 -2.15
C ARG C 593 -42.34 -48.18 -2.04
N PHE C 594 -42.04 -47.54 -3.18
CA PHE C 594 -41.32 -46.28 -3.12
C PHE C 594 -42.12 -45.22 -2.39
N LEU C 595 -43.43 -45.13 -2.65
CA LEU C 595 -44.21 -44.06 -2.05
C LEU C 595 -44.48 -44.31 -0.58
N TYR C 596 -44.63 -45.56 -0.17
CA TYR C 596 -44.98 -45.84 1.23
C TYR C 596 -43.73 -45.91 2.11
N GLU C 597 -42.72 -46.67 1.69
CA GLU C 597 -41.50 -46.80 2.49
C GLU C 597 -40.87 -45.45 2.76
N ASN C 598 -40.95 -44.52 1.80
CA ASN C 598 -40.43 -43.18 1.98
C ASN C 598 -41.39 -42.27 2.72
N CYS C 599 -42.65 -42.69 2.91
CA CYS C 599 -43.62 -41.94 3.70
C CYS C 599 -43.85 -40.54 3.11
N LEU C 600 -44.38 -40.52 1.89
CA LEU C 600 -44.79 -39.30 1.24
C LEU C 600 -46.31 -39.31 1.08
N TRP C 601 -46.95 -38.20 1.41
CA TRP C 601 -48.41 -38.15 1.47
C TRP C 601 -49.05 -38.33 0.10
N SER C 602 -48.27 -38.26 -0.98
CA SER C 602 -48.80 -38.34 -2.34
C SER C 602 -49.69 -39.55 -2.58
N VAL C 603 -49.63 -40.57 -1.72
CA VAL C 603 -50.49 -41.75 -1.89
C VAL C 603 -51.96 -41.43 -1.74
N SER C 604 -52.31 -40.24 -1.24
CA SER C 604 -53.71 -39.85 -1.09
C SER C 604 -54.28 -39.19 -2.33
N PHE C 605 -53.50 -39.06 -3.41
CA PHE C 605 -54.00 -38.43 -4.63
C PHE C 605 -55.06 -39.30 -5.30
N HIS C 606 -55.87 -38.65 -6.13
CA HIS C 606 -56.83 -39.38 -6.95
C HIS C 606 -56.15 -40.03 -8.16
N GLU C 607 -55.11 -39.42 -8.70
CA GLU C 607 -54.45 -39.97 -9.88
C GLU C 607 -53.81 -41.32 -9.57
N PHE C 608 -53.12 -41.41 -8.42
CA PHE C 608 -52.53 -42.70 -8.05
C PHE C 608 -53.60 -43.75 -7.87
N HIS C 609 -54.73 -43.38 -7.25
CA HIS C 609 -55.81 -44.34 -7.06
C HIS C 609 -56.34 -44.84 -8.40
N GLN C 610 -56.55 -43.93 -9.35
CA GLN C 610 -57.04 -44.33 -10.66
C GLN C 610 -56.04 -45.24 -11.38
N TYR C 611 -54.76 -44.90 -11.32
CA TYR C 611 -53.75 -45.70 -11.99
C TYR C 611 -53.71 -47.11 -11.40
N ILE C 612 -53.73 -47.21 -10.07
CA ILE C 612 -53.73 -48.52 -9.43
C ILE C 612 -54.98 -49.30 -9.82
N ARG C 613 -56.13 -48.63 -9.85
CA ARG C 613 -57.37 -49.29 -10.24
C ARG C 613 -57.26 -49.87 -11.63
N ASN C 614 -56.78 -49.07 -12.59
CA ASN C 614 -56.70 -49.55 -13.97
C ASN C 614 -55.73 -50.72 -14.09
N SER C 615 -54.57 -50.63 -13.45
CA SER C 615 -53.62 -51.73 -13.50
C SER C 615 -54.25 -53.01 -12.95
N MET C 616 -54.88 -52.92 -11.78
CA MET C 616 -55.47 -54.10 -11.17
C MET C 616 -56.59 -54.68 -12.04
N SER C 617 -57.44 -53.81 -12.59
CA SER C 617 -58.57 -54.30 -13.38
C SER C 617 -58.09 -55.01 -14.65
N LEU C 618 -57.08 -54.44 -15.33
CA LEU C 618 -56.50 -55.13 -16.47
C LEU C 618 -55.93 -56.48 -16.04
N LEU C 619 -55.26 -56.51 -14.90
CA LEU C 619 -54.68 -57.77 -14.43
C LEU C 619 -55.77 -58.82 -14.22
N ILE C 620 -56.89 -58.44 -13.60
CA ILE C 620 -57.92 -59.42 -13.29
C ILE C 620 -58.63 -59.89 -14.56
N GLU C 621 -58.84 -58.98 -15.52
CA GLU C 621 -59.41 -59.39 -16.79
C GLU C 621 -58.51 -60.41 -17.48
N LYS C 622 -57.21 -60.12 -17.52
CA LYS C 622 -56.27 -61.08 -18.09
C LYS C 622 -56.23 -62.37 -17.28
N ALA C 623 -56.51 -62.29 -15.97
CA ALA C 623 -56.51 -63.49 -15.15
C ALA C 623 -57.69 -64.40 -15.47
N GLU C 624 -58.87 -63.81 -15.66
CA GLU C 624 -60.00 -64.61 -16.14
C GLU C 624 -59.69 -65.21 -17.50
N TYR C 625 -59.06 -64.42 -18.37
CA TYR C 625 -58.61 -64.95 -19.66
C TYR C 625 -57.65 -66.11 -19.48
N GLU C 626 -56.78 -66.03 -18.47
CA GLU C 626 -55.82 -67.11 -18.22
C GLU C 626 -56.53 -68.36 -17.70
N ARG C 627 -57.53 -68.20 -16.84
CA ARG C 627 -58.33 -69.34 -16.41
C ARG C 627 -58.96 -70.04 -17.60
N THR C 628 -59.67 -69.28 -18.44
CA THR C 628 -60.28 -69.88 -19.62
C THR C 628 -59.24 -70.44 -20.57
N ARG C 629 -58.06 -69.83 -20.64
CA ARG C 629 -57.00 -70.30 -21.52
C ARG C 629 -56.48 -71.65 -21.06
N ASP C 630 -56.25 -71.80 -19.74
CA ASP C 630 -55.83 -73.09 -19.21
C ASP C 630 -56.89 -74.15 -19.47
N ILE C 631 -58.16 -73.81 -19.25
CA ILE C 631 -59.23 -74.78 -19.49
C ILE C 631 -59.24 -75.21 -20.95
N ASP C 632 -59.16 -74.24 -21.86
CA ASP C 632 -59.21 -74.53 -23.29
C ASP C 632 -57.99 -75.35 -23.73
N GLU C 633 -56.81 -74.99 -23.24
CA GLU C 633 -55.60 -75.70 -23.61
C GLU C 633 -55.64 -77.15 -23.16
N LEU C 634 -56.08 -77.39 -21.91
CA LEU C 634 -56.16 -78.76 -21.42
C LEU C 634 -57.37 -79.50 -21.94
N GLY C 635 -58.33 -78.81 -22.56
CA GLY C 635 -59.45 -79.48 -23.17
C GLY C 635 -59.22 -79.91 -24.60
N PHE C 636 -58.77 -78.98 -25.44
CA PHE C 636 -58.56 -79.27 -26.85
C PHE C 636 -57.24 -79.95 -27.15
N SER C 637 -56.30 -79.95 -26.21
CA SER C 637 -55.01 -80.60 -26.43
C SER C 637 -54.47 -81.09 -25.10
N PHE C 638 -53.62 -82.12 -25.15
CA PHE C 638 -52.97 -82.59 -23.94
C PHE C 638 -52.03 -81.54 -23.38
N PHE C 639 -51.25 -80.89 -24.25
CA PHE C 639 -50.32 -79.87 -23.79
C PHE C 639 -51.07 -78.65 -23.29
N GLY C 640 -50.57 -78.07 -22.20
CA GLY C 640 -51.21 -76.91 -21.61
C GLY C 640 -50.31 -76.29 -20.57
N LYS C 641 -50.79 -75.18 -20.01
CA LYS C 641 -50.07 -74.42 -19.00
C LYS C 641 -50.84 -74.50 -17.68
N LYS C 642 -50.13 -74.80 -16.60
CA LYS C 642 -50.71 -74.84 -15.26
C LYS C 642 -50.49 -73.54 -14.48
N SER C 643 -49.87 -72.53 -15.09
CA SER C 643 -49.66 -71.27 -14.40
C SER C 643 -50.99 -70.61 -14.10
N GLY C 644 -51.07 -69.96 -12.93
CA GLY C 644 -52.29 -69.33 -12.50
C GLY C 644 -51.99 -68.03 -11.77
N PHE C 645 -53.00 -67.17 -11.74
CA PHE C 645 -52.93 -65.90 -11.03
C PHE C 645 -53.89 -65.95 -9.85
N PHE C 646 -53.37 -65.70 -8.65
CA PHE C 646 -54.13 -65.82 -7.42
C PHE C 646 -54.11 -64.50 -6.65
N MET C 647 -55.02 -64.41 -5.68
CA MET C 647 -55.16 -63.22 -4.86
C MET C 647 -54.42 -63.42 -3.54
N GLU C 648 -53.65 -62.42 -3.15
CA GLU C 648 -52.94 -62.42 -1.88
C GLU C 648 -53.42 -61.23 -1.04
N TYR C 649 -52.80 -61.06 0.12
CA TYR C 649 -53.23 -60.01 1.05
C TYR C 649 -53.00 -58.62 0.44
N TYR C 650 -51.87 -58.42 -0.23
CA TYR C 650 -51.61 -57.13 -0.87
C TYR C 650 -52.66 -56.84 -1.94
N ASP C 651 -53.06 -57.87 -2.69
CA ASP C 651 -54.09 -57.67 -3.71
C ASP C 651 -55.39 -57.20 -3.08
N PHE C 652 -55.79 -57.82 -1.96
CA PHE C 652 -57.01 -57.40 -1.29
C PHE C 652 -56.89 -55.96 -0.77
N VAL C 653 -55.73 -55.61 -0.22
CA VAL C 653 -55.55 -54.24 0.28
C VAL C 653 -55.69 -53.24 -0.87
N ASN C 654 -55.05 -53.54 -2.01
CA ASN C 654 -55.13 -52.65 -3.17
C ASN C 654 -56.56 -52.53 -3.66
N ILE C 655 -57.27 -53.66 -3.74
CA ILE C 655 -58.64 -53.64 -4.25
C ILE C 655 -59.56 -52.89 -3.29
N SER C 656 -59.31 -52.97 -1.99
CA SER C 656 -60.14 -52.27 -1.02
C SER C 656 -59.88 -50.76 -1.10
N ARG C 657 -58.63 -50.36 -0.93
CA ARG C 657 -58.33 -48.93 -0.79
C ARG C 657 -58.57 -48.17 -2.09
N HIS C 658 -58.09 -48.71 -3.21
CA HIS C 658 -57.99 -47.97 -4.46
C HIS C 658 -59.15 -48.27 -5.41
N PHE C 659 -60.35 -48.46 -4.89
CA PHE C 659 -61.54 -48.70 -5.71
C PHE C 659 -62.70 -47.91 -5.13
N LYS C 660 -63.81 -47.91 -5.88
CA LYS C 660 -65.10 -47.48 -5.39
C LYS C 660 -66.08 -48.64 -5.57
N ILE C 661 -67.24 -48.51 -4.93
CA ILE C 661 -68.22 -49.59 -4.98
C ILE C 661 -68.69 -49.83 -6.41
N ASP C 662 -68.92 -48.75 -7.17
CA ASP C 662 -69.40 -48.91 -8.53
C ASP C 662 -68.38 -49.64 -9.41
N ASP C 663 -67.11 -49.32 -9.25
CA ASP C 663 -66.08 -49.95 -10.07
C ASP C 663 -65.97 -51.44 -9.77
N ILE C 664 -65.99 -51.83 -8.50
CA ILE C 664 -65.93 -53.25 -8.16
C ILE C 664 -67.18 -53.96 -8.65
N LYS C 665 -68.33 -53.28 -8.59
CA LYS C 665 -69.55 -53.88 -9.10
C LYS C 665 -69.47 -54.12 -10.60
N ASN C 666 -68.93 -53.15 -11.35
CA ASN C 666 -68.75 -53.33 -12.78
C ASN C 666 -67.75 -54.46 -13.06
N LEU C 667 -66.69 -54.54 -12.28
CA LEU C 667 -65.74 -55.64 -12.43
C LEU C 667 -66.43 -56.98 -12.21
N GLU C 668 -67.29 -57.06 -11.19
CA GLU C 668 -68.05 -58.28 -10.96
C GLU C 668 -68.93 -58.61 -12.16
N ARG C 669 -69.60 -57.61 -12.71
CA ARG C 669 -70.41 -57.83 -13.90
C ARG C 669 -69.56 -58.27 -15.08
N SER C 670 -68.27 -57.94 -15.07
CA SER C 670 -67.37 -58.29 -16.16
C SER C 670 -66.80 -59.69 -16.01
N CYS C 671 -66.10 -59.97 -14.91
CA CYS C 671 -65.46 -61.26 -14.68
C CYS C 671 -65.80 -61.75 -13.28
N SER C 672 -65.81 -63.08 -13.13
CA SER C 672 -66.25 -63.72 -11.91
C SER C 672 -65.08 -63.82 -10.93
N ILE C 673 -65.17 -63.11 -9.81
CA ILE C 673 -64.12 -63.15 -8.81
C ILE C 673 -64.10 -64.49 -8.09
N ASP C 674 -65.28 -65.05 -7.81
CA ASP C 674 -65.36 -66.25 -6.98
C ASP C 674 -64.49 -67.37 -7.54
N LYS C 675 -64.38 -67.47 -8.87
CA LYS C 675 -63.55 -68.51 -9.47
C LYS C 675 -62.07 -68.27 -9.20
N ILE C 676 -61.68 -67.06 -8.85
CA ILE C 676 -60.27 -66.75 -8.57
C ILE C 676 -59.96 -67.17 -7.14
N ARG C 677 -58.85 -67.87 -6.96
CA ARG C 677 -58.46 -68.32 -5.64
C ARG C 677 -57.98 -67.15 -4.79
N PHE C 678 -57.95 -67.38 -3.47
CA PHE C 678 -57.47 -66.39 -2.51
C PHE C 678 -56.58 -67.09 -1.50
N GLY C 679 -55.50 -66.42 -1.10
CA GLY C 679 -54.56 -66.94 -0.14
C GLY C 679 -54.31 -65.96 0.99
N GLU C 680 -53.49 -66.42 1.94
CA GLU C 680 -53.12 -65.62 3.10
C GLU C 680 -54.36 -65.12 3.84
N GLN C 681 -55.35 -66.02 3.97
CA GLN C 681 -56.63 -65.61 4.54
C GLN C 681 -56.50 -65.16 5.99
N GLU C 682 -55.52 -65.70 6.72
CA GLU C 682 -55.33 -65.27 8.10
C GLU C 682 -54.95 -63.79 8.16
N LYS C 683 -54.08 -63.34 7.25
CA LYS C 683 -53.72 -61.93 7.21
C LYS C 683 -54.92 -61.07 6.85
N ILE C 684 -55.74 -61.55 5.92
CA ILE C 684 -56.96 -60.81 5.55
C ILE C 684 -57.87 -60.68 6.77
N GLU C 685 -58.04 -61.77 7.51
CA GLU C 685 -58.88 -61.73 8.71
C GLU C 685 -58.32 -60.75 9.73
N GLU C 686 -57.00 -60.75 9.91
CA GLU C 686 -56.40 -59.76 10.81
C GLU C 686 -56.69 -58.35 10.34
N TYR C 687 -56.60 -58.10 9.03
CA TYR C 687 -56.81 -56.77 8.49
C TYR C 687 -58.24 -56.29 8.74
N LEU C 688 -59.23 -57.09 8.37
CA LEU C 688 -60.60 -56.59 8.54
C LEU C 688 -61.06 -56.64 9.99
N VAL C 689 -60.45 -57.47 10.84
CA VAL C 689 -60.72 -57.38 12.26
C VAL C 689 -60.15 -56.09 12.83
N GLY C 690 -58.96 -55.70 12.38
CA GLY C 690 -58.44 -54.40 12.74
C GLY C 690 -59.36 -53.27 12.32
N ILE C 691 -59.90 -53.37 11.11
CA ILE C 691 -60.85 -52.36 10.63
C ILE C 691 -62.07 -52.32 11.53
N ALA C 692 -62.60 -53.50 11.88
CA ALA C 692 -63.79 -53.57 12.72
C ALA C 692 -63.54 -52.93 14.08
N GLU C 693 -62.42 -53.26 14.72
CA GLU C 693 -62.13 -52.68 16.03
C GLU C 693 -61.86 -51.18 15.92
N GLU C 694 -61.25 -50.73 14.82
CA GLU C 694 -61.04 -49.30 14.65
C GLU C 694 -62.37 -48.55 14.57
N ILE C 695 -63.30 -49.06 13.76
CA ILE C 695 -64.60 -48.38 13.65
C ILE C 695 -65.34 -48.47 14.98
N THR C 696 -65.21 -49.59 15.68
CA THR C 696 -65.84 -49.73 17.00
C THR C 696 -65.31 -48.65 17.96
N LYS C 697 -63.98 -48.51 18.03
CA LYS C 697 -63.40 -47.53 18.93
C LYS C 697 -63.82 -46.12 18.54
N GLN C 698 -63.80 -45.81 17.24
CA GLN C 698 -64.14 -44.46 16.82
C GLN C 698 -65.58 -44.12 17.13
N PHE C 699 -66.50 -45.06 16.89
CA PHE C 699 -67.92 -44.78 17.12
C PHE C 699 -68.31 -44.91 18.59
N SER C 700 -67.47 -45.54 19.42
CA SER C 700 -67.83 -45.75 20.81
C SER C 700 -68.06 -44.44 21.53
N ALA C 701 -67.21 -43.45 21.31
CA ALA C 701 -67.29 -42.16 21.98
C ALA C 701 -67.65 -41.07 20.97
N ASN C 702 -68.31 -40.02 21.47
CA ASN C 702 -68.67 -38.90 20.60
C ASN C 702 -67.43 -38.22 20.04
N GLY C 703 -66.39 -38.07 20.86
CA GLY C 703 -65.14 -37.51 20.39
C GLY C 703 -64.59 -38.29 19.21
N MET C 704 -64.29 -37.59 18.12
CA MET C 704 -63.89 -38.22 16.88
C MET C 704 -62.78 -37.41 16.22
N ASN C 705 -62.01 -38.09 15.37
CA ASN C 705 -61.10 -37.42 14.45
C ASN C 705 -61.93 -37.06 13.22
N VAL C 706 -62.29 -35.78 13.09
CA VAL C 706 -63.30 -35.37 12.13
C VAL C 706 -62.85 -35.70 10.71
N VAL C 707 -61.60 -35.35 10.37
CA VAL C 707 -61.15 -35.50 8.99
C VAL C 707 -60.95 -36.99 8.65
N PHE C 708 -60.43 -37.76 9.59
CA PHE C 708 -60.12 -39.20 9.38
C PHE C 708 -61.40 -39.98 9.06
N TYR C 709 -62.57 -39.44 9.41
CA TYR C 709 -63.87 -40.13 9.21
C TYR C 709 -64.23 -40.25 7.73
N THR C 710 -63.84 -39.30 6.88
CA THR C 710 -64.24 -39.27 5.45
C THR C 710 -63.39 -40.24 4.61
N GLN C 711 -62.09 -40.36 4.91
CA GLN C 711 -61.19 -41.24 4.16
C GLN C 711 -61.26 -42.68 4.66
N PHE C 712 -61.62 -42.88 5.93
CA PHE C 712 -61.69 -44.25 6.46
C PHE C 712 -62.96 -44.95 6.01
N ILE C 713 -64.06 -44.20 5.86
CA ILE C 713 -65.36 -44.85 5.61
C ILE C 713 -65.34 -45.59 4.28
N SER C 714 -64.77 -44.98 3.23
CA SER C 714 -64.78 -45.62 1.91
C SER C 714 -63.94 -46.90 1.92
N GLU C 715 -62.78 -46.85 2.56
CA GLU C 715 -61.93 -48.03 2.63
C GLU C 715 -62.62 -49.16 3.37
N ALA C 716 -63.24 -48.84 4.50
CA ALA C 716 -63.96 -49.87 5.25
C ALA C 716 -65.11 -50.44 4.44
N LYS C 717 -65.84 -49.56 3.74
CA LYS C 717 -66.96 -49.99 2.89
C LYS C 717 -66.47 -50.98 1.85
N ALA C 718 -65.39 -50.62 1.13
CA ALA C 718 -64.86 -51.51 0.10
C ALA C 718 -64.38 -52.82 0.69
N ALA C 719 -63.68 -52.77 1.83
CA ALA C 719 -63.16 -54.00 2.42
C ALA C 719 -64.28 -54.94 2.80
N LEU C 720 -65.32 -54.42 3.46
CA LEU C 720 -66.44 -55.28 3.85
C LEU C 720 -67.17 -55.83 2.64
N TYR C 721 -67.35 -55.00 1.60
CA TYR C 721 -68.04 -55.49 0.40
C TYR C 721 -67.25 -56.59 -0.28
N PHE C 722 -65.93 -56.46 -0.37
CA PHE C 722 -65.12 -57.46 -1.06
C PHE C 722 -64.75 -58.64 -0.18
N ALA C 723 -65.04 -58.59 1.12
CA ALA C 723 -64.76 -59.71 2.02
C ALA C 723 -65.69 -60.89 1.77
N LYS C 724 -66.63 -60.77 0.82
CA LYS C 724 -67.57 -61.84 0.54
C LYS C 724 -66.88 -63.13 0.13
N TYR C 725 -65.66 -63.06 -0.39
CA TYR C 725 -65.01 -64.20 -1.02
C TYR C 725 -63.86 -64.76 -0.19
N VAL C 726 -63.91 -64.58 1.13
CA VAL C 726 -62.89 -65.09 2.03
C VAL C 726 -63.57 -65.80 3.18
N LYS C 727 -62.86 -66.77 3.76
CA LYS C 727 -63.37 -67.56 4.89
C LYS C 727 -62.84 -66.96 6.19
N LEU C 728 -63.75 -66.73 7.15
CA LEU C 728 -63.37 -66.18 8.49
C LEU C 728 -63.94 -67.11 9.56
N SER C 729 -63.48 -67.01 10.80
CA SER C 729 -63.93 -67.87 11.93
C SER C 729 -65.28 -67.36 12.43
N GLU C 730 -65.79 -67.87 13.57
CA GLU C 730 -67.07 -67.43 14.17
C GLU C 730 -66.79 -66.37 15.23
N GLU C 731 -65.52 -66.16 15.61
CA GLU C 731 -65.14 -65.09 16.56
C GLU C 731 -64.87 -63.83 15.73
N GLY C 732 -64.10 -63.93 14.64
CA GLY C 732 -63.89 -62.84 13.70
C GLY C 732 -65.17 -62.42 13.01
N LEU C 733 -65.97 -63.40 12.59
CA LEU C 733 -67.25 -63.09 11.95
C LEU C 733 -68.15 -62.32 12.91
N GLY C 734 -68.21 -62.75 14.17
CA GLY C 734 -69.02 -62.04 15.13
C GLY C 734 -68.56 -60.61 15.36
N LYS C 735 -67.24 -60.41 15.48
CA LYS C 735 -66.71 -59.07 15.66
C LYS C 735 -67.04 -58.19 14.45
N ILE C 736 -66.87 -58.75 13.25
CA ILE C 736 -67.14 -57.98 12.04
C ILE C 736 -68.60 -57.59 11.97
N VAL C 737 -69.49 -58.53 12.26
CA VAL C 737 -70.93 -58.24 12.21
C VAL C 737 -71.28 -57.18 13.25
N LYS C 738 -70.74 -57.30 14.46
CA LYS C 738 -71.03 -56.32 15.50
C LYS C 738 -70.57 -54.93 15.09
N ALA C 739 -69.36 -54.84 14.54
CA ALA C 739 -68.86 -53.54 14.10
C ALA C 739 -69.72 -52.97 12.97
N LEU C 740 -70.11 -53.82 12.02
CA LEU C 740 -70.92 -53.36 10.90
C LEU C 740 -72.32 -52.93 11.34
N LEU C 741 -72.84 -53.52 12.42
CA LEU C 741 -74.22 -53.27 12.82
C LEU C 741 -74.35 -52.11 13.81
N PHE C 742 -73.58 -52.14 14.90
CA PHE C 742 -73.76 -51.19 15.98
C PHE C 742 -72.76 -50.04 15.97
N TYR C 743 -71.84 -49.99 15.01
CA TYR C 743 -70.83 -48.95 14.97
C TYR C 743 -70.62 -48.36 13.58
N PHE C 744 -71.50 -48.66 12.62
CA PHE C 744 -71.43 -48.06 11.30
C PHE C 744 -72.33 -46.84 11.26
N PRO C 745 -71.81 -45.65 10.91
CA PRO C 745 -72.70 -44.48 10.84
C PRO C 745 -73.83 -44.70 9.84
N GLU C 746 -75.01 -44.21 10.19
CA GLU C 746 -76.18 -44.39 9.33
C GLU C 746 -76.13 -43.50 8.10
N ARG C 747 -75.43 -42.36 8.19
CA ARG C 747 -75.38 -41.44 7.07
C ARG C 747 -74.75 -42.09 5.84
N ASP C 748 -73.88 -43.07 6.03
CA ASP C 748 -73.22 -43.76 4.93
C ASP C 748 -73.90 -45.07 4.57
N LEU C 749 -74.22 -45.89 5.57
CA LEU C 749 -74.81 -47.21 5.37
C LEU C 749 -76.18 -47.24 6.03
N ASP C 750 -77.22 -47.52 5.24
CA ASP C 750 -78.59 -47.55 5.71
C ASP C 750 -79.00 -48.99 6.04
N ILE C 751 -80.28 -49.18 6.33
CA ILE C 751 -80.77 -50.51 6.71
C ILE C 751 -80.62 -51.48 5.56
N GLY C 752 -81.07 -51.09 4.36
CA GLY C 752 -81.02 -51.99 3.22
C GLY C 752 -79.60 -52.34 2.81
N LYS C 753 -78.71 -51.35 2.83
CA LYS C 753 -77.31 -51.61 2.51
C LYS C 753 -76.71 -52.60 3.50
N ARG C 754 -77.00 -52.42 4.79
CA ARG C 754 -76.53 -53.37 5.79
C ARG C 754 -77.07 -54.76 5.52
N TYR C 755 -78.37 -54.86 5.19
CA TYR C 755 -78.96 -56.16 4.93
C TYR C 755 -78.27 -56.86 3.76
N VAL C 756 -78.12 -56.15 2.64
CA VAL C 756 -77.55 -56.78 1.45
C VAL C 756 -76.09 -57.14 1.69
N TRP C 757 -75.36 -56.32 2.45
CA TRP C 757 -73.97 -56.64 2.75
C TRP C 757 -73.87 -57.88 3.64
N LEU C 758 -74.73 -57.99 4.66
CA LEU C 758 -74.72 -59.20 5.47
C LEU C 758 -75.09 -60.41 4.64
N GLU C 759 -76.05 -60.25 3.72
CA GLU C 759 -76.42 -61.33 2.83
C GLU C 759 -75.24 -61.77 1.97
N ARG C 760 -74.46 -60.80 1.46
CA ARG C 760 -73.25 -61.15 0.74
C ARG C 760 -72.26 -61.89 1.63
N LEU C 761 -72.10 -61.43 2.87
CA LEU C 761 -71.14 -62.03 3.78
C LEU C 761 -71.49 -63.48 4.08
N THR C 762 -72.78 -63.80 4.21
CA THR C 762 -73.20 -65.14 4.63
C THR C 762 -73.19 -66.14 3.49
N LYS C 763 -72.53 -65.85 2.37
CA LYS C 763 -72.41 -66.83 1.29
C LYS C 763 -71.34 -67.87 1.54
N CYS C 764 -70.20 -67.48 2.13
CA CYS C 764 -69.11 -68.40 2.37
C CYS C 764 -69.17 -69.05 3.75
N ASN C 765 -69.91 -68.46 4.68
CA ASN C 765 -70.09 -69.02 6.02
C ASN C 765 -71.57 -68.99 6.36
N GLU C 766 -72.16 -70.15 6.59
CA GLU C 766 -73.57 -70.22 6.97
C GLU C 766 -73.78 -69.60 8.34
N LEU C 767 -74.91 -68.93 8.51
CA LEU C 767 -75.23 -68.16 9.71
C LEU C 767 -74.97 -68.95 10.98
N PRO C 768 -73.95 -68.61 11.77
CA PRO C 768 -73.78 -69.27 13.07
C PRO C 768 -74.83 -68.81 14.07
N LYS C 769 -74.90 -69.55 15.19
CA LYS C 769 -75.90 -69.23 16.21
C LYS C 769 -75.64 -67.86 16.80
N SER C 770 -74.37 -67.53 17.06
CA SER C 770 -74.04 -66.25 17.66
C SER C 770 -74.47 -65.10 16.77
N ILE C 771 -74.25 -65.22 15.46
CA ILE C 771 -74.62 -64.15 14.54
C ILE C 771 -76.14 -64.00 14.50
N ILE C 772 -76.87 -65.11 14.58
CA ILE C 772 -78.32 -65.03 14.66
C ILE C 772 -78.74 -64.29 15.93
N SER C 773 -78.03 -64.54 17.04
CA SER C 773 -78.31 -63.80 18.27
C SER C 773 -78.04 -62.31 18.09
N ILE C 774 -76.97 -61.96 17.38
CA ILE C 774 -76.68 -60.56 17.11
C ILE C 774 -77.80 -59.93 16.32
N ILE C 775 -78.30 -60.65 15.30
CA ILE C 775 -79.39 -60.12 14.48
C ILE C 775 -80.65 -59.95 15.31
N ASP C 776 -80.92 -60.90 16.22
CA ASP C 776 -82.07 -60.76 17.10
C ASP C 776 -81.91 -59.56 18.01
N ASP C 777 -80.69 -59.30 18.50
CA ASP C 777 -80.45 -58.11 19.31
C ASP C 777 -80.71 -56.85 18.51
N PHE C 778 -80.28 -56.82 17.24
CA PHE C 778 -80.59 -55.68 16.37
C PHE C 778 -82.10 -55.52 16.22
N LEU C 779 -82.82 -56.63 16.04
CA LEU C 779 -84.27 -56.56 15.92
C LEU C 779 -84.90 -56.00 17.19
N VAL C 780 -84.40 -56.41 18.35
CA VAL C 780 -84.95 -55.91 19.61
C VAL C 780 -84.67 -54.43 19.77
N LEU C 781 -83.46 -53.99 19.38
CA LEU C 781 -83.14 -52.57 19.44
C LEU C 781 -84.06 -51.77 18.52
N GLN C 782 -84.32 -52.27 17.32
CA GLN C 782 -85.25 -51.60 16.41
C GLN C 782 -86.65 -51.56 17.00
N ALA C 783 -87.07 -52.64 17.65
CA ALA C 783 -88.38 -52.65 18.30
C ALA C 783 -88.46 -51.59 19.39
N GLU C 784 -87.40 -51.46 20.19
CA GLU C 784 -87.36 -50.42 21.20
C GLU C 784 -87.44 -49.03 20.56
N LYS C 785 -86.71 -48.83 19.46
CA LYS C 785 -86.78 -47.55 18.77
C LYS C 785 -88.16 -47.28 18.21
N HIS C 786 -88.93 -48.34 17.91
CA HIS C 786 -90.25 -48.19 17.34
C HIS C 786 -91.32 -47.75 18.35
N ILE C 787 -90.96 -47.68 19.64
CA ILE C 787 -91.94 -47.25 20.64
C ILE C 787 -92.42 -45.85 20.34
N ASP C 788 -91.49 -44.95 20.02
CA ASP C 788 -91.85 -43.58 19.69
C ASP C 788 -92.61 -43.55 18.36
N GLN C 789 -93.72 -42.81 18.33
CA GLN C 789 -94.52 -42.72 17.11
C GLN C 789 -93.85 -41.86 16.05
N ASN C 790 -92.99 -40.93 16.44
CA ASN C 790 -92.27 -40.07 15.50
C ASN C 790 -90.92 -40.70 15.14
N TYR C 791 -91.00 -41.88 14.53
CA TYR C 791 -89.81 -42.62 14.13
C TYR C 791 -90.14 -43.46 12.90
N SER C 792 -89.17 -43.59 12.00
CA SER C 792 -89.35 -44.39 10.80
C SER C 792 -87.99 -44.88 10.32
N GLU C 793 -88.01 -45.90 9.48
CA GLU C 793 -86.81 -46.48 8.89
C GLU C 793 -86.71 -46.04 7.44
N VAL C 794 -85.54 -45.53 7.06
CA VAL C 794 -85.28 -45.03 5.71
C VAL C 794 -84.28 -45.95 5.04
N SER C 795 -84.66 -46.51 3.90
CA SER C 795 -83.79 -47.34 3.09
C SER C 795 -83.89 -46.90 1.64
N SER C 796 -82.75 -46.80 0.97
CA SER C 796 -82.71 -46.33 -0.41
C SER C 796 -83.03 -47.42 -1.42
N ASN C 797 -83.21 -48.66 -0.98
CA ASN C 797 -83.49 -49.78 -1.88
C ASN C 797 -84.78 -50.51 -1.52
N GLY C 798 -85.56 -50.00 -0.59
CA GLY C 798 -86.80 -50.63 -0.20
C GLY C 798 -86.65 -51.83 0.70
N LEU C 799 -85.48 -52.02 1.32
CA LEU C 799 -85.21 -53.16 2.17
C LEU C 799 -85.17 -52.70 3.62
N TYR C 800 -85.85 -53.45 4.50
CA TYR C 800 -86.05 -53.02 5.88
C TYR C 800 -85.80 -54.16 6.86
N SER C 801 -86.19 -53.94 8.12
CA SER C 801 -85.85 -54.89 9.19
C SER C 801 -86.43 -56.27 8.92
N ARG C 802 -87.57 -56.33 8.23
CA ARG C 802 -88.21 -57.63 7.97
C ARG C 802 -87.27 -58.58 7.24
N ASP C 803 -86.42 -58.03 6.36
CA ASP C 803 -85.49 -58.87 5.61
C ASP C 803 -84.50 -59.57 6.54
N TYR C 804 -84.14 -58.95 7.66
CA TYR C 804 -83.21 -59.58 8.58
C TYR C 804 -83.84 -60.81 9.24
N GLY C 805 -85.07 -60.68 9.72
CA GLY C 805 -85.77 -61.83 10.24
C GLY C 805 -85.97 -62.90 9.18
N ALA C 806 -86.24 -62.48 7.95
CA ALA C 806 -86.36 -63.44 6.86
C ALA C 806 -85.06 -64.20 6.69
N LEU C 807 -83.93 -63.49 6.68
CA LEU C 807 -82.63 -64.15 6.52
C LEU C 807 -82.39 -65.14 7.65
N ILE C 808 -82.76 -64.77 8.88
CA ILE C 808 -82.69 -65.73 9.98
C ILE C 808 -83.52 -66.96 9.65
N LYS C 809 -84.71 -66.75 9.09
CA LYS C 809 -85.62 -67.87 8.86
C LYS C 809 -85.12 -68.81 7.76
N HIS C 810 -84.47 -68.28 6.72
CA HIS C 810 -83.96 -69.16 5.67
C HIS C 810 -82.97 -70.20 6.16
N PHE C 811 -82.32 -69.97 7.31
CA PHE C 811 -81.35 -70.92 7.83
C PHE C 811 -81.84 -71.70 9.05
N GLU C 812 -82.74 -71.14 9.86
CA GLU C 812 -83.27 -71.83 11.03
C GLU C 812 -84.75 -71.48 11.14
N LYS C 813 -85.61 -72.41 10.70
CA LYS C 813 -87.04 -72.17 10.67
C LYS C 813 -87.70 -72.25 12.05
N ASN C 814 -87.11 -72.98 12.99
CA ASN C 814 -87.74 -73.26 14.26
C ASN C 814 -87.45 -72.23 15.34
N PHE C 815 -86.58 -71.26 15.08
CA PHE C 815 -86.23 -70.28 16.10
C PHE C 815 -87.39 -69.32 16.34
N ILE C 816 -87.67 -69.09 17.62
CA ILE C 816 -88.70 -68.14 18.05
C ILE C 816 -88.09 -67.23 19.08
N SER C 817 -88.18 -65.92 18.86
CA SER C 817 -87.59 -64.96 19.78
C SER C 817 -88.35 -64.94 21.09
N LYS C 818 -87.63 -64.60 22.17
CA LYS C 818 -88.20 -64.54 23.52
C LYS C 818 -88.52 -63.11 23.93
N ARG C 819 -87.52 -62.23 23.88
CA ARG C 819 -87.76 -60.83 24.23
C ARG C 819 -88.79 -60.20 23.30
N LEU C 820 -88.67 -60.48 22.00
CA LEU C 820 -89.63 -59.94 21.04
C LEU C 820 -91.04 -60.47 21.31
N SER C 821 -91.14 -61.76 21.65
CA SER C 821 -92.45 -62.34 21.97
C SER C 821 -93.05 -61.67 23.20
N GLU C 822 -92.23 -61.42 24.22
CA GLU C 822 -92.72 -60.73 25.41
C GLU C 822 -93.17 -59.32 25.07
N ILE C 823 -92.40 -58.61 24.24
CA ILE C 823 -92.78 -57.25 23.84
C ILE C 823 -94.13 -57.28 23.13
N THR C 824 -94.32 -58.24 22.23
CA THR C 824 -95.60 -58.37 21.54
C THR C 824 -96.72 -58.67 22.52
N LEU C 825 -96.48 -59.57 23.46
CA LEU C 825 -97.51 -59.93 24.43
C LEU C 825 -97.91 -58.75 25.30
N CYS C 826 -96.96 -57.86 25.60
CA CYS C 826 -97.24 -56.68 26.41
C CYS C 826 -97.70 -55.48 25.59
N LEU C 827 -97.77 -55.63 24.26
CA LEU C 827 -98.14 -54.50 23.36
C LEU C 827 -99.58 -54.09 23.67
N THR C 828 -99.93 -52.82 23.44
CA THR C 828 -101.30 -52.30 23.67
C THR C 828 -101.79 -51.68 22.36
N GLN C 829 -103.10 -51.46 22.22
CA GLN C 829 -103.69 -50.95 20.95
C GLN C 829 -103.18 -49.53 20.69
N ASP C 830 -102.97 -48.73 21.73
CA ASP C 830 -102.51 -47.36 21.57
C ASP C 830 -101.20 -47.29 20.80
N LYS C 831 -100.33 -48.27 20.99
CA LYS C 831 -99.07 -48.34 20.24
C LYS C 831 -99.35 -48.98 18.88
N GLN C 832 -99.56 -48.15 17.87
CA GLN C 832 -99.90 -48.64 16.53
C GLN C 832 -98.66 -48.94 15.70
N LYS C 833 -97.60 -48.13 15.83
CA LYS C 833 -96.38 -48.37 15.07
C LYS C 833 -95.79 -49.73 15.43
N GLN C 834 -95.73 -50.03 16.72
CA GLN C 834 -95.17 -51.32 17.15
C GLN C 834 -96.01 -52.48 16.65
N ILE C 835 -97.33 -52.32 16.66
CA ILE C 835 -98.21 -53.40 16.20
C ILE C 835 -97.86 -53.78 14.77
N ASP C 836 -97.79 -52.78 13.88
CA ASP C 836 -97.49 -53.05 12.48
C ASP C 836 -96.08 -53.58 12.31
N PHE C 837 -95.12 -53.01 13.04
CA PHE C 837 -93.73 -53.44 12.90
C PHE C 837 -93.58 -54.91 13.29
N LEU C 838 -94.34 -55.34 14.31
CA LEU C 838 -94.31 -56.73 14.81
C LEU C 838 -95.08 -57.65 13.85
N PHE C 839 -96.02 -57.10 13.07
CA PHE C 839 -96.84 -57.89 12.11
C PHE C 839 -95.95 -58.38 10.97
N LYS C 840 -94.84 -57.70 10.69
CA LYS C 840 -93.91 -58.07 9.59
C LYS C 840 -92.94 -59.15 10.11
N LEU C 841 -92.74 -59.25 11.41
CA LEU C 841 -91.88 -60.30 12.04
C LEU C 841 -92.81 -61.32 12.70
N LEU C 842 -94.08 -61.36 12.28
CA LEU C 842 -95.10 -62.29 12.82
C LEU C 842 -94.61 -63.74 12.77
N PRO C 843 -93.91 -64.22 11.72
CA PRO C 843 -93.36 -65.57 11.69
C PRO C 843 -92.34 -65.90 12.79
N LEU C 844 -91.67 -64.88 13.37
CA LEU C 844 -90.61 -65.07 14.40
C LEU C 844 -91.24 -65.03 15.80
N LEU C 845 -92.55 -64.78 15.91
CA LEU C 845 -93.24 -64.65 17.19
C LEU C 845 -93.70 -66.01 17.71
N SER C 846 -94.06 -66.04 18.99
CA SER C 846 -94.56 -67.24 19.63
C SER C 846 -96.05 -67.42 19.34
N THR C 847 -96.57 -68.59 19.75
CA THR C 847 -97.98 -68.91 19.49
C THR C 847 -98.90 -67.91 20.19
N ASN C 848 -98.71 -67.72 21.49
CA ASN C 848 -99.54 -66.76 22.22
C ASN C 848 -99.31 -65.34 21.71
N ALA C 849 -98.04 -64.99 21.44
CA ALA C 849 -97.75 -63.68 20.86
C ALA C 849 -98.44 -63.52 19.51
N LYS C 850 -98.39 -64.56 18.68
CA LYS C 850 -99.04 -64.49 17.38
C LYS C 850 -100.55 -64.29 17.54
N SER C 851 -101.17 -65.01 18.47
CA SER C 851 -102.60 -64.86 18.70
C SER C 851 -102.93 -63.44 19.15
N HIS C 852 -102.14 -62.91 20.08
CA HIS C 852 -102.38 -61.56 20.56
C HIS C 852 -102.26 -60.55 19.43
N LEU C 853 -101.22 -60.69 18.61
CA LEU C 853 -100.98 -59.73 17.54
C LEU C 853 -102.07 -59.79 16.48
N LEU C 854 -102.44 -61.00 16.05
CA LEU C 854 -103.49 -61.12 15.04
C LEU C 854 -104.83 -60.68 15.59
N SER C 855 -105.04 -60.80 16.91
CA SER C 855 -106.24 -60.23 17.51
C SER C 855 -106.21 -58.70 17.46
N PHE C 856 -105.04 -58.10 17.69
CA PHE C 856 -104.95 -56.64 17.75
C PHE C 856 -104.98 -56.00 16.37
N LYS C 857 -104.54 -56.72 15.33
CA LYS C 857 -104.46 -56.17 13.98
C LYS C 857 -105.15 -57.09 12.99
N SER C 858 -105.68 -56.49 11.92
CA SER C 858 -106.34 -57.23 10.85
C SER C 858 -105.98 -56.60 9.51
N VAL C 859 -106.14 -57.39 8.46
CA VAL C 859 -105.79 -56.95 7.11
C VAL C 859 -106.90 -56.05 6.58
N GLU C 860 -106.59 -54.77 6.39
CA GLU C 860 -107.55 -53.79 5.87
C GLU C 860 -107.08 -53.15 4.57
N ASN C 861 -105.84 -52.67 4.52
CA ASN C 861 -105.34 -51.94 3.37
C ASN C 861 -104.44 -52.83 2.52
N ILE C 862 -103.82 -52.21 1.51
CA ILE C 862 -102.97 -52.96 0.59
C ILE C 862 -101.69 -53.42 1.29
N ASN C 863 -101.06 -52.52 2.06
CA ASN C 863 -99.78 -52.85 2.67
C ASN C 863 -99.90 -54.04 3.61
N ASP C 864 -100.97 -54.08 4.40
CA ASP C 864 -101.18 -55.20 5.31
C ASP C 864 -101.31 -56.50 4.54
N LEU C 865 -102.01 -56.47 3.40
CA LEU C 865 -102.22 -57.70 2.63
C LEU C 865 -100.92 -58.19 1.99
N MET C 866 -100.16 -57.27 1.38
CA MET C 866 -98.82 -57.62 0.92
C MET C 866 -97.97 -58.23 2.03
N ASN C 867 -97.95 -57.61 3.21
CA ASN C 867 -97.14 -58.16 4.30
C ASN C 867 -97.63 -59.54 4.71
N GLY C 868 -98.95 -59.72 4.77
CA GLY C 868 -99.48 -61.04 5.10
C GLY C 868 -99.09 -62.10 4.08
N ILE C 869 -99.13 -61.72 2.80
CA ILE C 869 -98.70 -62.65 1.76
C ILE C 869 -97.23 -62.99 1.93
N ARG C 870 -96.40 -61.99 2.24
CA ARG C 870 -94.98 -62.25 2.43
C ARG C 870 -94.74 -63.22 3.58
N ILE C 871 -95.41 -62.99 4.71
CA ILE C 871 -95.23 -63.86 5.88
C ILE C 871 -96.03 -65.14 5.80
N GLY C 872 -96.77 -65.36 4.72
CA GLY C 872 -97.59 -66.55 4.60
C GLY C 872 -98.90 -66.51 5.34
N LEU C 873 -99.30 -65.33 5.84
CA LEU C 873 -100.57 -65.23 6.56
C LEU C 873 -101.74 -65.63 5.68
N ILE C 874 -101.73 -65.17 4.43
CA ILE C 874 -102.78 -65.51 3.45
C ILE C 874 -102.08 -66.12 2.25
N ASP C 875 -102.48 -67.34 1.89
CA ASP C 875 -101.81 -68.06 0.81
C ASP C 875 -102.42 -67.72 -0.55
N GLU C 876 -103.73 -67.47 -0.60
CA GLU C 876 -104.44 -67.23 -1.85
C GLU C 876 -105.22 -65.93 -1.77
N PHE C 877 -105.40 -65.29 -2.91
CA PHE C 877 -106.09 -64.01 -2.99
C PHE C 877 -107.59 -64.24 -2.90
N THR C 878 -108.19 -63.82 -1.78
CA THR C 878 -109.62 -63.94 -1.59
C THR C 878 -110.35 -62.88 -2.40
N PRO C 879 -111.67 -63.05 -2.63
CA PRO C 879 -112.40 -62.04 -3.41
C PRO C 879 -112.32 -60.64 -2.84
N GLU C 880 -112.36 -60.50 -1.51
CA GLU C 880 -112.28 -59.16 -0.92
C GLU C 880 -110.95 -58.51 -1.25
N HIS C 881 -109.86 -59.27 -1.25
CA HIS C 881 -108.57 -58.74 -1.65
C HIS C 881 -108.60 -58.29 -3.10
N GLU C 882 -109.28 -59.05 -3.97
CA GLU C 882 -109.43 -58.63 -5.35
C GLU C 882 -110.18 -57.31 -5.43
N GLU C 883 -111.25 -57.14 -4.64
CA GLU C 883 -111.99 -55.88 -4.65
C GLU C 883 -111.11 -54.73 -4.19
N LEU C 884 -110.29 -54.95 -3.16
CA LEU C 884 -109.34 -53.92 -2.73
C LEU C 884 -108.39 -53.55 -3.86
N ILE C 885 -107.90 -54.56 -4.60
CA ILE C 885 -106.99 -54.30 -5.71
C ILE C 885 -107.69 -53.47 -6.78
N ILE C 886 -108.94 -53.82 -7.11
CA ILE C 886 -109.68 -53.05 -8.11
C ILE C 886 -109.90 -51.62 -7.64
N GLU C 887 -110.20 -51.44 -6.35
CA GLU C 887 -110.41 -50.10 -5.83
C GLU C 887 -109.15 -49.26 -5.96
N TYR C 888 -108.01 -49.83 -5.56
CA TYR C 888 -106.75 -49.10 -5.68
C TYR C 888 -106.45 -48.77 -7.14
N LEU C 889 -106.68 -49.75 -8.03
CA LEU C 889 -106.39 -49.53 -9.44
C LEU C 889 -107.28 -48.45 -10.03
N GLU C 890 -108.55 -48.43 -9.66
CA GLU C 890 -109.45 -47.37 -10.13
C GLU C 890 -109.01 -46.01 -9.61
N THR C 891 -108.64 -45.92 -8.34
CA THR C 891 -108.17 -44.65 -7.81
C THR C 891 -106.91 -44.18 -8.53
N ARG C 892 -105.97 -45.10 -8.78
CA ARG C 892 -104.76 -44.77 -9.49
C ARG C 892 -105.06 -44.32 -10.91
N LYS C 893 -106.00 -44.99 -11.57
CA LYS C 893 -106.37 -44.62 -12.93
C LYS C 893 -106.98 -43.22 -12.96
N VAL C 894 -107.84 -42.91 -11.99
CA VAL C 894 -108.45 -41.58 -11.93
C VAL C 894 -107.37 -40.52 -11.73
N ASN C 895 -106.44 -40.79 -10.80
CA ASN C 895 -105.38 -39.83 -10.54
C ASN C 895 -104.50 -39.63 -11.78
N TYR C 896 -104.17 -40.72 -12.47
CA TYR C 896 -103.35 -40.64 -13.67
C TYR C 896 -104.07 -39.86 -14.76
N ILE C 897 -105.37 -40.10 -14.93
CA ILE C 897 -106.14 -39.36 -15.94
C ILE C 897 -106.15 -37.87 -15.61
N VAL C 898 -106.36 -37.53 -14.34
CA VAL C 898 -106.37 -36.12 -13.94
C VAL C 898 -105.02 -35.49 -14.23
N GLU C 899 -103.93 -36.18 -13.87
CA GLU C 899 -102.60 -35.63 -14.10
C GLU C 899 -102.31 -35.47 -15.59
N LYS C 900 -102.72 -36.46 -16.39
CA LYS C 900 -102.52 -36.38 -17.83
C LYS C 900 -103.28 -35.20 -18.43
N GLU C 901 -104.52 -34.99 -17.97
CA GLU C 901 -105.26 -33.81 -18.41
C GLU C 901 -104.54 -32.53 -18.01
N LYS C 902 -103.99 -32.51 -16.79
CA LYS C 902 -103.19 -31.37 -16.35
C LYS C 902 -101.84 -31.29 -17.05
N GLY C 903 -101.42 -32.34 -17.76
CA GLY C 903 -100.12 -32.38 -18.38
C GLY C 903 -98.98 -32.67 -17.42
N ILE C 904 -99.29 -33.16 -16.21
CA ILE C 904 -98.29 -33.41 -15.18
C ILE C 904 -98.32 -34.88 -14.80
N GLN C 905 -98.59 -35.75 -15.79
CA GLN C 905 -98.70 -37.18 -15.55
C GLN C 905 -97.52 -37.70 -14.73
N THR C 906 -97.83 -38.21 -13.54
CA THR C 906 -96.80 -38.70 -12.63
C THR C 906 -96.41 -40.13 -12.99
N PHE C 907 -95.19 -40.50 -12.60
CA PHE C 907 -94.68 -41.83 -12.87
C PHE C 907 -95.12 -42.82 -11.80
N SER C 908 -95.24 -44.08 -12.18
CA SER C 908 -95.61 -45.13 -11.24
C SER C 908 -94.53 -45.30 -10.18
N SER C 909 -94.96 -45.63 -8.97
CA SER C 909 -94.05 -45.76 -7.84
C SER C 909 -94.54 -46.84 -6.90
N ASN C 910 -93.61 -47.36 -6.10
CA ASN C 910 -93.81 -48.33 -5.02
C ASN C 910 -94.06 -49.75 -5.54
N ASP C 911 -94.21 -49.94 -6.85
CA ASP C 911 -94.15 -51.24 -7.51
C ASP C 911 -95.35 -52.14 -7.26
N TYR C 912 -96.49 -51.62 -6.77
CA TYR C 912 -97.65 -52.51 -6.65
C TYR C 912 -98.15 -52.96 -8.01
N MET C 913 -98.19 -52.06 -8.99
CA MET C 913 -98.76 -52.41 -10.29
C MET C 913 -97.97 -53.52 -10.97
N SER C 914 -96.65 -53.54 -10.79
CA SER C 914 -95.85 -54.63 -11.34
C SER C 914 -96.25 -55.96 -10.70
N THR C 915 -96.44 -55.97 -9.38
CA THR C 915 -96.89 -57.18 -8.70
C THR C 915 -98.24 -57.63 -9.23
N PHE C 916 -99.16 -56.69 -9.42
CA PHE C 916 -100.48 -57.04 -9.94
C PHE C 916 -100.37 -57.62 -11.34
N GLY C 917 -99.52 -57.03 -12.18
CA GLY C 917 -99.36 -57.55 -13.53
C GLY C 917 -98.80 -58.95 -13.55
N ILE C 918 -97.77 -59.21 -12.76
CA ILE C 918 -97.19 -60.55 -12.73
C ILE C 918 -98.20 -61.55 -12.16
N TRP C 919 -98.97 -61.13 -11.14
CA TRP C 919 -99.99 -62.01 -10.60
C TRP C 919 -101.03 -62.36 -11.65
N TYR C 920 -101.48 -61.37 -12.42
CA TYR C 920 -102.45 -61.63 -13.48
C TYR C 920 -101.86 -62.56 -14.53
N PHE C 921 -100.59 -62.35 -14.89
CA PHE C 921 -99.95 -63.22 -15.88
C PHE C 921 -99.88 -64.65 -15.38
N LEU C 922 -99.58 -64.84 -14.10
CA LEU C 922 -99.56 -66.17 -13.49
C LEU C 922 -100.94 -66.66 -13.10
N GLU C 923 -101.98 -65.87 -13.33
CA GLU C 923 -103.36 -66.22 -12.99
C GLU C 923 -103.61 -66.28 -11.49
N GLU C 924 -102.72 -65.68 -10.69
CA GLU C 924 -102.94 -65.63 -9.25
C GLU C 924 -104.21 -64.85 -8.92
N ILE C 925 -104.44 -63.73 -9.62
CA ILE C 925 -105.63 -62.91 -9.46
C ILE C 925 -106.44 -63.02 -10.75
N ASN C 926 -107.70 -63.41 -10.62
CA ASN C 926 -108.59 -63.63 -11.76
C ASN C 926 -109.67 -62.56 -11.75
N ASN C 927 -109.59 -61.63 -12.70
CA ASN C 927 -110.59 -60.58 -12.84
C ASN C 927 -110.41 -59.87 -14.17
N SER C 928 -111.53 -59.61 -14.87
CA SER C 928 -111.46 -58.89 -16.14
C SER C 928 -111.02 -57.44 -15.97
N LYS C 929 -111.21 -56.87 -14.78
CA LYS C 929 -110.89 -55.46 -14.58
C LYS C 929 -109.41 -55.18 -14.80
N MET C 930 -108.54 -56.18 -14.60
CA MET C 930 -107.13 -55.99 -14.90
C MET C 930 -106.91 -55.58 -16.35
N GLU C 931 -107.71 -56.14 -17.27
CA GLU C 931 -107.57 -55.79 -18.68
C GLU C 931 -107.98 -54.35 -18.95
N GLU C 932 -108.71 -53.71 -18.04
CA GLU C 932 -109.13 -52.33 -18.19
C GLU C 932 -108.13 -51.33 -17.61
N PHE C 933 -107.08 -51.81 -16.93
CA PHE C 933 -106.08 -50.95 -16.31
C PHE C 933 -104.78 -50.92 -17.10
N ILE C 934 -104.87 -50.89 -18.43
CA ILE C 934 -103.70 -50.90 -19.31
C ILE C 934 -103.53 -49.52 -19.91
N GLY C 935 -102.29 -49.02 -19.91
CA GLY C 935 -101.99 -47.75 -20.54
C GLY C 935 -101.02 -46.88 -19.76
N MET C 936 -100.93 -47.09 -18.44
CA MET C 936 -100.11 -46.25 -17.58
C MET C 936 -98.74 -46.86 -17.28
N ASP C 937 -98.66 -48.18 -17.08
CA ASP C 937 -97.41 -48.87 -16.80
C ASP C 937 -97.08 -49.81 -17.94
N ASP C 938 -95.85 -49.73 -18.43
CA ASP C 938 -95.42 -50.60 -19.53
C ASP C 938 -95.37 -52.05 -19.08
N GLN C 939 -94.77 -52.31 -17.91
CA GLN C 939 -94.63 -53.68 -17.44
C GLN C 939 -95.98 -54.33 -17.16
N TYR C 940 -96.90 -53.57 -16.58
CA TYR C 940 -98.22 -54.10 -16.29
C TYR C 940 -98.95 -54.48 -17.58
N ASP C 941 -98.90 -53.61 -18.58
CA ASP C 941 -99.52 -53.92 -19.86
C ASP C 941 -98.85 -55.13 -20.51
N PHE C 942 -97.53 -55.22 -20.40
CA PHE C 942 -96.82 -56.38 -20.95
C PHE C 942 -97.31 -57.66 -20.31
N PHE C 943 -97.40 -57.68 -18.97
CA PHE C 943 -97.80 -58.91 -18.28
C PHE C 943 -99.29 -59.19 -18.43
N VAL C 944 -100.10 -58.20 -18.76
CA VAL C 944 -101.54 -58.40 -18.90
C VAL C 944 -101.93 -58.70 -20.34
N ASP C 945 -101.37 -57.97 -21.30
CA ASP C 945 -101.67 -58.14 -22.72
C ASP C 945 -100.36 -58.25 -23.50
N PRO C 946 -99.70 -59.41 -23.41
CA PRO C 946 -98.43 -59.55 -24.15
C PRO C 946 -98.57 -59.37 -25.65
N GLU C 947 -99.69 -59.81 -26.22
CA GLU C 947 -99.85 -59.74 -27.67
C GLU C 947 -99.85 -58.29 -28.18
N ASN C 948 -100.58 -57.41 -27.50
CA ASN C 948 -100.77 -56.04 -27.95
C ASN C 948 -99.72 -55.08 -27.42
N PHE C 949 -98.83 -55.53 -26.53
CA PHE C 949 -97.83 -54.65 -25.96
C PHE C 949 -96.85 -54.19 -27.04
N ASP C 950 -96.48 -52.91 -26.98
CA ASP C 950 -95.48 -52.36 -27.89
C ASP C 950 -94.10 -52.79 -27.40
N TYR C 951 -93.47 -53.69 -28.14
CA TYR C 951 -92.24 -54.34 -27.69
C TYR C 951 -91.02 -53.46 -27.86
N LYS C 952 -91.14 -52.29 -28.47
CA LYS C 952 -90.02 -51.36 -28.54
C LYS C 952 -89.78 -50.67 -27.20
N LYS C 953 -90.74 -50.73 -26.28
CA LYS C 953 -90.58 -50.16 -24.95
C LYS C 953 -90.01 -51.15 -23.95
N PHE C 954 -89.74 -52.38 -24.37
CA PHE C 954 -89.08 -53.35 -23.50
C PHE C 954 -87.73 -52.82 -23.05
N ILE C 955 -87.46 -52.93 -21.75
CA ILE C 955 -86.16 -52.60 -21.17
C ILE C 955 -85.53 -53.89 -20.69
N PRO C 956 -84.29 -54.21 -21.08
CA PRO C 956 -83.75 -55.55 -20.77
C PRO C 956 -83.55 -55.81 -19.28
N SER C 957 -83.43 -54.76 -18.46
CA SER C 957 -83.11 -54.97 -17.05
C SER C 957 -84.13 -55.87 -16.36
N TRP C 958 -85.39 -55.83 -16.79
CA TRP C 958 -86.42 -56.65 -16.16
C TRP C 958 -86.06 -58.12 -16.21
N LEU C 959 -85.34 -58.55 -17.25
CA LEU C 959 -84.95 -59.96 -17.33
C LEU C 959 -84.16 -60.39 -16.11
N LYS C 960 -83.32 -59.51 -15.59
CA LYS C 960 -82.59 -59.81 -14.36
C LYS C 960 -83.55 -59.99 -13.19
N ASN C 961 -84.56 -59.13 -13.10
CA ASN C 961 -85.44 -59.15 -11.93
C ASN C 961 -86.29 -60.42 -11.88
N TYR C 962 -86.62 -60.98 -13.03
CA TYR C 962 -87.48 -62.16 -13.06
C TYR C 962 -86.79 -63.34 -12.39
N ASN C 963 -87.59 -64.17 -11.71
CA ASN C 963 -87.09 -65.31 -10.97
C ASN C 963 -87.10 -66.55 -11.85
N ASP C 964 -86.80 -67.71 -11.26
CA ASP C 964 -86.69 -68.94 -12.03
C ASP C 964 -88.03 -69.33 -12.65
N LYS C 965 -89.08 -69.39 -11.84
CA LYS C 965 -90.39 -69.79 -12.33
C LYS C 965 -90.93 -68.77 -13.34
N LEU C 966 -90.78 -67.48 -13.04
CA LEU C 966 -91.26 -66.47 -13.96
C LEU C 966 -90.54 -66.56 -15.30
N LEU C 967 -89.22 -66.76 -15.27
CA LEU C 967 -88.47 -66.90 -16.52
C LEU C 967 -88.90 -68.16 -17.28
N GLY C 968 -89.11 -69.26 -16.56
CA GLY C 968 -89.52 -70.49 -17.22
C GLY C 968 -90.86 -70.34 -17.90
N LYS C 969 -91.83 -69.74 -17.20
CA LYS C 969 -93.12 -69.45 -17.82
C LYS C 969 -92.98 -68.46 -18.97
N ILE C 970 -91.99 -67.57 -18.88
CA ILE C 970 -91.76 -66.59 -19.94
C ILE C 970 -91.33 -67.31 -21.22
N ALA C 971 -90.59 -68.40 -21.10
CA ALA C 971 -90.12 -69.14 -22.26
C ALA C 971 -91.18 -70.02 -22.88
N GLY C 972 -92.42 -69.96 -22.38
CA GLY C 972 -93.50 -70.77 -22.91
C GLY C 972 -94.45 -70.01 -23.81
N ASN C 973 -94.69 -68.74 -23.49
CA ASN C 973 -95.63 -67.94 -24.25
C ASN C 973 -95.09 -67.66 -25.65
N LYS C 974 -96.01 -67.52 -26.61
CA LYS C 974 -95.66 -67.38 -28.01
C LYS C 974 -95.60 -65.93 -28.47
N HIS C 975 -96.44 -65.06 -27.90
CA HIS C 975 -96.53 -63.69 -28.40
C HIS C 975 -95.23 -62.91 -28.20
N MET C 976 -94.42 -63.33 -27.23
CA MET C 976 -93.28 -62.54 -26.77
C MET C 976 -91.95 -63.29 -26.74
N LYS C 977 -91.96 -64.61 -26.97
CA LYS C 977 -90.71 -65.36 -26.89
C LYS C 977 -89.70 -64.85 -27.91
N HIS C 978 -90.15 -64.62 -29.15
CA HIS C 978 -89.26 -64.12 -30.19
C HIS C 978 -88.68 -62.76 -29.81
N HIS C 979 -89.52 -61.85 -29.31
CA HIS C 979 -89.03 -60.54 -28.91
C HIS C 979 -87.99 -60.64 -27.80
N VAL C 980 -88.26 -61.50 -26.80
CA VAL C 980 -87.35 -61.61 -25.67
C VAL C 980 -86.02 -62.22 -26.10
N ILE C 981 -86.05 -63.23 -26.98
CA ILE C 981 -84.81 -63.82 -27.43
C ILE C 981 -84.02 -62.83 -28.28
N GLU C 982 -84.71 -62.01 -29.09
CA GLU C 982 -84.01 -60.98 -29.84
C GLU C 982 -83.34 -59.98 -28.90
N VAL C 983 -84.05 -59.56 -27.85
CA VAL C 983 -83.47 -58.63 -26.89
C VAL C 983 -82.26 -59.27 -26.21
N LEU C 984 -82.37 -60.54 -25.84
CA LEU C 984 -81.25 -61.23 -25.20
C LEU C 984 -80.06 -61.32 -26.13
N LYS C 985 -80.29 -61.62 -27.41
CA LYS C 985 -79.22 -61.69 -28.38
C LYS C 985 -78.52 -60.35 -28.52
N GLU C 986 -79.31 -59.28 -28.66
CA GLU C 986 -78.73 -57.95 -28.76
C GLU C 986 -77.90 -57.62 -27.53
N ARG C 987 -78.43 -57.91 -26.34
CA ARG C 987 -77.71 -57.58 -25.12
C ARG C 987 -76.42 -58.37 -24.99
N VAL C 988 -76.45 -59.67 -25.29
CA VAL C 988 -75.24 -60.47 -25.15
C VAL C 988 -74.20 -60.05 -26.18
N LYS C 989 -74.63 -59.59 -27.36
CA LYS C 989 -73.68 -59.14 -28.36
C LYS C 989 -73.25 -57.69 -28.17
N ASN C 990 -73.89 -56.94 -27.27
CA ASN C 990 -73.53 -55.55 -27.03
C ASN C 990 -73.07 -55.27 -25.60
N SER C 991 -73.51 -56.05 -24.62
CA SER C 991 -73.20 -55.80 -23.23
C SER C 991 -72.00 -56.64 -22.78
N ASN C 992 -71.55 -56.37 -21.56
CA ASN C 992 -70.41 -57.07 -20.96
C ASN C 992 -70.85 -57.95 -19.79
N ASP C 993 -72.11 -58.38 -19.76
CA ASP C 993 -72.67 -59.15 -18.66
C ASP C 993 -73.04 -60.55 -19.16
N LYS C 994 -72.64 -61.57 -18.40
CA LYS C 994 -73.00 -62.94 -18.73
C LYS C 994 -74.40 -63.31 -18.24
N ARG C 995 -74.98 -62.52 -17.34
CA ARG C 995 -76.31 -62.83 -16.83
C ARG C 995 -77.31 -62.92 -17.99
N TYR C 996 -77.18 -62.04 -18.97
CA TYR C 996 -78.01 -62.14 -20.16
C TYR C 996 -77.75 -63.44 -20.90
N LEU C 997 -76.48 -63.81 -21.08
CA LEU C 997 -76.16 -65.07 -21.72
C LEU C 997 -76.66 -66.25 -20.90
N GLU C 998 -76.50 -66.18 -19.58
CA GLU C 998 -76.96 -67.27 -18.71
C GLU C 998 -78.46 -67.46 -18.84
N ILE C 999 -79.22 -66.35 -18.82
CA ILE C 999 -80.67 -66.44 -18.95
C ILE C 999 -81.05 -66.98 -20.31
N LEU C 1000 -80.39 -66.50 -21.37
CA LEU C 1000 -80.72 -66.97 -22.70
C LEU C 1000 -80.40 -68.44 -22.89
N MET C 1001 -79.37 -68.95 -22.22
CA MET C 1001 -78.93 -70.32 -22.42
C MET C 1001 -79.67 -71.31 -21.54
N ASN C 1002 -80.01 -70.92 -20.31
CA ASN C 1002 -80.60 -71.87 -19.38
C ASN C 1002 -82.05 -72.18 -19.71
N TYR C 1003 -82.84 -71.18 -20.07
CA TYR C 1003 -84.28 -71.32 -20.22
C TYR C 1003 -84.75 -71.22 -21.65
N PHE C 1004 -84.42 -70.13 -22.35
CA PHE C 1004 -84.99 -69.88 -23.67
C PHE C 1004 -84.52 -70.88 -24.71
N ILE C 1005 -83.47 -71.64 -24.43
CA ILE C 1005 -82.97 -72.65 -25.36
C ILE C 1005 -82.64 -73.92 -24.58
N LYS D 9 -57.15 -3.98 10.99
CA LYS D 9 -58.23 -3.63 10.03
C LYS D 9 -58.16 -2.16 9.64
N ARG D 10 -58.38 -1.28 10.63
CA ARG D 10 -58.31 0.15 10.38
C ARG D 10 -56.93 0.57 9.88
N TYR D 11 -55.90 -0.22 10.21
CA TYR D 11 -54.55 0.11 9.76
C TYR D 11 -54.47 0.09 8.24
N GLY D 12 -55.15 -0.85 7.60
CA GLY D 12 -55.15 -0.88 6.14
C GLY D 12 -55.77 0.37 5.53
N GLU D 13 -56.92 0.79 6.07
CA GLU D 13 -57.55 2.01 5.57
C GLU D 13 -56.67 3.23 5.79
N LYS D 14 -56.04 3.32 6.98
CA LYS D 14 -55.14 4.44 7.23
C LYS D 14 -53.96 4.44 6.27
N LEU D 15 -53.39 3.25 6.01
CA LEU D 15 -52.26 3.15 5.10
C LEU D 15 -52.67 3.56 3.68
N LYS D 16 -53.86 3.14 3.25
CA LYS D 16 -54.35 3.56 1.94
C LYS D 16 -54.55 5.07 1.90
N GLU D 17 -55.02 5.65 3.00
CA GLU D 17 -55.16 7.10 3.07
C GLU D 17 -53.81 7.78 2.95
N VAL D 18 -52.76 7.18 3.52
CA VAL D 18 -51.42 7.75 3.41
C VAL D 18 -51.03 7.87 1.95
N PHE D 19 -51.28 6.84 1.15
CA PHE D 19 -51.05 6.93 -0.28
C PHE D 19 -52.05 7.92 -0.89
N LEU D 20 -51.69 8.43 -2.06
CA LEU D 20 -52.37 9.50 -2.78
C LEU D 20 -52.07 10.87 -2.18
N MET D 21 -51.37 10.94 -1.06
CA MET D 21 -50.91 12.21 -0.49
C MET D 21 -49.45 12.47 -0.83
N LEU D 22 -48.66 11.41 -1.01
CA LEU D 22 -47.23 11.51 -1.27
C LEU D 22 -46.93 12.42 -2.44
N ASP D 23 -45.71 12.97 -2.47
CA ASP D 23 -45.28 13.82 -3.56
C ASP D 23 -44.99 12.96 -4.78
N ASN D 24 -44.50 13.58 -5.85
CA ASN D 24 -44.17 12.84 -7.06
C ASN D 24 -42.89 12.01 -6.89
N ASN D 25 -41.88 12.58 -6.25
CA ASN D 25 -40.60 11.89 -6.13
C ASN D 25 -40.72 10.63 -5.30
N VAL D 26 -41.47 10.68 -4.20
CA VAL D 26 -41.61 9.49 -3.35
C VAL D 26 -42.34 8.40 -4.10
N VAL D 27 -43.39 8.76 -4.85
CA VAL D 27 -44.12 7.77 -5.63
C VAL D 27 -43.23 7.15 -6.69
N GLU D 28 -42.40 7.97 -7.34
CA GLU D 28 -41.46 7.44 -8.33
C GLU D 28 -40.48 6.47 -7.69
N CYS D 29 -39.96 6.83 -6.52
CA CYS D 29 -39.06 5.93 -5.80
C CYS D 29 -39.75 4.61 -5.50
N ILE D 30 -41.01 4.68 -5.04
CA ILE D 30 -41.74 3.46 -4.67
C ILE D 30 -41.93 2.58 -5.90
N LYS D 31 -42.33 3.18 -7.02
CA LYS D 31 -42.58 2.37 -8.21
C LYS D 31 -41.28 1.77 -8.74
N GLU D 32 -40.17 2.51 -8.68
CA GLU D 32 -38.89 1.96 -9.12
C GLU D 32 -38.45 0.80 -8.22
N ILE D 33 -38.61 0.95 -6.91
CA ILE D 33 -38.25 -0.12 -5.99
C ILE D 33 -39.08 -1.37 -6.29
N THR D 34 -40.39 -1.18 -6.51
CA THR D 34 -41.24 -2.33 -6.81
C THR D 34 -40.83 -2.99 -8.12
N GLU D 35 -40.53 -2.20 -9.14
CA GLU D 35 -40.13 -2.76 -10.42
C GLU D 35 -38.85 -3.56 -10.28
N SER D 36 -37.88 -3.04 -9.53
CA SER D 36 -36.65 -3.79 -9.30
C SER D 36 -36.93 -5.07 -8.53
N SER D 37 -37.82 -5.01 -7.54
CA SER D 37 -38.15 -6.20 -6.77
C SER D 37 -38.74 -7.29 -7.66
N ARG D 38 -39.60 -6.91 -8.60
CA ARG D 38 -40.18 -7.90 -9.50
C ARG D 38 -39.10 -8.56 -10.36
N ASN D 39 -38.12 -7.79 -10.81
CA ASN D 39 -37.12 -8.29 -11.74
C ASN D 39 -35.97 -9.04 -11.05
N GLY D 40 -36.03 -9.21 -9.74
CA GLY D 40 -34.96 -9.87 -9.03
C GLY D 40 -33.66 -9.09 -9.05
N LYS D 41 -33.75 -7.78 -8.80
CA LYS D 41 -32.59 -6.90 -8.76
C LYS D 41 -32.70 -5.95 -7.57
N LEU D 42 -33.10 -6.47 -6.41
CA LEU D 42 -33.23 -5.68 -5.20
C LEU D 42 -32.25 -6.20 -4.14
N VAL D 43 -31.68 -5.27 -3.38
CA VAL D 43 -30.72 -5.60 -2.33
C VAL D 43 -30.95 -4.65 -1.16
N PHE D 44 -30.69 -5.16 0.04
CA PHE D 44 -30.90 -4.40 1.27
C PHE D 44 -29.59 -4.25 2.00
N PHE D 45 -29.25 -3.02 2.37
CA PHE D 45 -28.13 -2.73 3.25
C PHE D 45 -28.73 -2.52 4.64
N VAL D 46 -28.70 -3.58 5.45
CA VAL D 46 -29.33 -3.52 6.77
C VAL D 46 -28.44 -2.76 7.74
N GLY D 47 -29.08 -2.06 8.67
CA GLY D 47 -28.38 -1.29 9.67
C GLY D 47 -28.29 -1.98 11.01
N ALA D 48 -28.21 -1.20 12.09
CA ALA D 48 -28.15 -1.72 13.45
C ALA D 48 -29.43 -1.50 14.24
N GLY D 49 -30.23 -0.49 13.87
CA GLY D 49 -31.51 -0.32 14.52
C GLY D 49 -32.40 -1.52 14.34
N VAL D 50 -32.29 -2.19 13.18
CA VAL D 50 -33.08 -3.38 12.91
C VAL D 50 -32.77 -4.48 13.92
N SER D 51 -31.56 -4.48 14.48
CA SER D 51 -31.21 -5.42 15.54
C SER D 51 -31.43 -4.84 16.94
N THR D 52 -31.57 -3.51 17.06
CA THR D 52 -31.96 -2.92 18.32
C THR D 52 -33.45 -3.11 18.60
N LEU D 53 -34.27 -3.22 17.55
CA LEU D 53 -35.68 -3.50 17.77
C LEU D 53 -35.87 -4.81 18.52
N SER D 54 -35.07 -5.82 18.20
CA SER D 54 -35.08 -7.08 18.92
C SER D 54 -34.33 -7.02 20.23
N ASP D 55 -33.96 -5.83 20.70
CA ASP D 55 -33.34 -5.63 22.01
C ASP D 55 -31.99 -6.33 22.11
N TYR D 56 -31.29 -6.47 20.99
CA TYR D 56 -29.92 -6.96 21.04
C TYR D 56 -29.02 -5.88 21.65
N PRO D 57 -28.00 -6.26 22.41
CA PRO D 57 -27.17 -5.24 23.07
C PRO D 57 -26.52 -4.31 22.07
N GLN D 58 -26.44 -3.03 22.44
CA GLN D 58 -25.83 -2.01 21.61
C GLN D 58 -24.39 -1.79 22.04
N TRP D 59 -23.61 -1.17 21.14
CA TRP D 59 -22.19 -1.02 21.39
C TRP D 59 -21.92 -0.10 22.58
N TRP D 60 -22.74 0.94 22.74
CA TRP D 60 -22.45 1.93 23.78
C TRP D 60 -22.45 1.29 25.16
N ARG D 61 -23.26 0.24 25.37
CA ARG D 61 -23.20 -0.49 26.64
C ARG D 61 -21.81 -1.09 26.85
N LEU D 62 -21.24 -1.71 25.81
CA LEU D 62 -19.92 -2.30 25.93
C LEU D 62 -18.86 -1.23 26.13
N VAL D 63 -19.00 -0.08 25.45
CA VAL D 63 -18.04 1.00 25.65
C VAL D 63 -18.12 1.50 27.09
N ASP D 64 -19.32 1.59 27.64
CA ASP D 64 -19.47 1.98 29.03
C ASP D 64 -18.81 0.97 29.95
N LYS D 65 -18.98 -0.32 29.68
CA LYS D 65 -18.35 -1.33 30.51
C LYS D 65 -16.83 -1.23 30.45
N TYR D 66 -16.29 -1.02 29.25
CA TYR D 66 -14.84 -0.88 29.12
C TYR D 66 -14.34 0.34 29.87
N HIS D 67 -15.05 1.46 29.75
CA HIS D 67 -14.66 2.67 30.45
C HIS D 67 -14.70 2.47 31.95
N GLU D 68 -15.74 1.80 32.46
CA GLU D 68 -15.83 1.54 33.90
C GLU D 68 -14.70 0.65 34.36
N GLU D 69 -14.38 -0.40 33.59
CA GLU D 69 -13.30 -1.30 33.99
C GLU D 69 -11.95 -0.60 33.91
N LEU D 70 -11.79 0.38 33.02
CA LEU D 70 -10.52 1.08 32.89
C LEU D 70 -10.34 2.11 34.00
N TYR D 71 -11.25 3.07 34.09
CA TYR D 71 -11.10 4.21 35.00
C TYR D 71 -11.91 4.06 36.28
N GLY D 72 -12.44 2.86 36.54
CA GLY D 72 -13.13 2.61 37.80
C GLY D 72 -14.41 3.37 38.00
N SER D 73 -14.97 3.98 36.96
CA SER D 73 -16.25 4.68 37.08
C SER D 73 -16.73 5.13 35.71
N PRO D 74 -18.04 5.23 35.50
CA PRO D 74 -18.53 5.69 34.19
C PRO D 74 -18.29 7.18 33.99
N LYS D 75 -18.16 7.57 32.74
CA LYS D 75 -17.92 8.96 32.41
C LYS D 75 -19.18 9.79 32.61
N LYS D 76 -19.01 11.02 33.07
CA LYS D 76 -20.15 11.91 33.26
C LYS D 76 -20.66 12.48 31.95
N GLY D 77 -19.76 12.80 31.02
CA GLY D 77 -20.15 13.42 29.77
C GLY D 77 -20.77 12.45 28.80
N ASN D 78 -20.70 12.76 27.51
CA ASN D 78 -21.27 11.93 26.45
C ASN D 78 -20.17 11.56 25.47
N TYR D 79 -20.20 10.30 25.02
CA TYR D 79 -19.15 9.79 24.15
C TYR D 79 -19.20 10.47 22.79
N SER D 80 -18.02 10.82 22.27
CA SER D 80 -17.91 11.36 20.92
C SER D 80 -17.91 10.23 19.91
N SER D 81 -17.58 10.54 18.65
CA SER D 81 -17.52 9.50 17.63
C SER D 81 -16.28 8.64 17.76
N ASP D 82 -15.16 9.24 18.19
CA ASP D 82 -13.89 8.51 18.24
C ASP D 82 -13.71 7.74 19.54
N GLU D 83 -14.43 8.10 20.61
CA GLU D 83 -14.26 7.39 21.87
C GLU D 83 -14.72 5.94 21.75
N TYR D 84 -15.83 5.71 21.04
CA TYR D 84 -16.31 4.34 20.86
C TYR D 84 -15.24 3.46 20.25
N LEU D 85 -14.40 4.01 19.38
CA LEU D 85 -13.35 3.25 18.73
C LEU D 85 -12.05 3.23 19.53
N ARG D 86 -11.81 4.25 20.37
CA ARG D 86 -10.56 4.32 21.10
C ARG D 86 -10.59 3.54 22.42
N ILE D 87 -11.67 3.66 23.20
CA ILE D 87 -11.71 2.99 24.50
C ILE D 87 -11.52 1.48 24.38
N PRO D 88 -12.24 0.77 23.51
CA PRO D 88 -11.93 -0.66 23.33
C PRO D 88 -10.50 -0.90 22.89
N GLN D 89 -9.94 -0.02 22.06
CA GLN D 89 -8.56 -0.19 21.64
C GLN D 89 -7.62 -0.14 22.84
N ILE D 90 -7.80 0.85 23.72
CA ILE D 90 -6.95 0.93 24.90
C ILE D 90 -7.14 -0.27 25.79
N PHE D 91 -8.40 -0.70 25.97
CA PHE D 91 -8.68 -1.86 26.81
C PHE D 91 -7.96 -3.09 26.28
N TYR D 92 -8.02 -3.31 24.96
CA TYR D 92 -7.32 -4.43 24.35
C TYR D 92 -5.81 -4.31 24.56
N ASN D 93 -5.29 -3.09 24.39
CA ASN D 93 -3.85 -2.89 24.50
C ASN D 93 -3.35 -3.21 25.91
N VAL D 94 -4.10 -2.79 26.93
CA VAL D 94 -3.60 -2.86 28.30
C VAL D 94 -3.88 -4.22 28.92
N LYS D 95 -5.16 -4.58 29.05
CA LYS D 95 -5.51 -5.81 29.75
C LYS D 95 -5.17 -7.04 28.91
N GLY D 96 -5.36 -6.96 27.60
CA GLY D 96 -5.02 -8.03 26.68
C GLY D 96 -6.24 -8.58 25.97
N GLU D 97 -5.98 -9.61 25.15
CA GLU D 97 -7.04 -10.20 24.35
C GLU D 97 -8.11 -10.84 25.22
N MET D 98 -7.71 -11.54 26.29
CA MET D 98 -8.64 -12.42 26.98
C MET D 98 -9.74 -11.64 27.67
N ALA D 99 -9.43 -10.49 28.24
CA ALA D 99 -10.47 -9.66 28.85
C ALA D 99 -11.46 -9.19 27.79
N PHE D 100 -10.95 -8.75 26.64
CA PHE D 100 -11.80 -8.36 25.52
C PHE D 100 -12.78 -9.48 25.16
N ASP D 101 -12.25 -10.69 24.98
CA ASP D 101 -13.10 -11.80 24.56
C ASP D 101 -14.09 -12.18 25.67
N GLY D 102 -13.65 -12.13 26.93
CA GLY D 102 -14.55 -12.45 28.02
C GLY D 102 -15.72 -11.50 28.08
N ILE D 103 -15.46 -10.20 27.97
CA ILE D 103 -16.55 -9.23 27.99
C ILE D 103 -17.47 -9.43 26.80
N LEU D 104 -16.90 -9.64 25.61
CA LEU D 104 -17.73 -9.88 24.43
C LEU D 104 -18.63 -11.10 24.64
N LYS D 105 -18.07 -12.19 25.14
CA LYS D 105 -18.85 -13.41 25.34
C LYS D 105 -19.94 -13.19 26.37
N ASP D 106 -19.62 -12.50 27.46
CA ASP D 106 -20.62 -12.26 28.49
C ASP D 106 -21.78 -11.43 27.95
N PHE D 107 -21.48 -10.44 27.10
CA PHE D 107 -22.51 -9.53 26.63
C PHE D 107 -23.29 -10.04 25.43
N PHE D 108 -22.75 -10.97 24.65
CA PHE D 108 -23.32 -11.31 23.35
C PHE D 108 -23.92 -12.72 23.27
N GLN D 109 -23.86 -13.52 24.33
CA GLN D 109 -24.30 -14.91 24.24
C GLN D 109 -25.80 -15.08 24.46
N VAL D 110 -26.55 -13.99 24.65
CA VAL D 110 -27.99 -14.12 24.80
C VAL D 110 -28.64 -14.32 23.43
N ASP D 111 -29.83 -14.92 23.44
CA ASP D 111 -30.60 -15.16 22.23
C ASP D 111 -31.88 -14.33 22.29
N LYS D 112 -32.29 -13.81 21.14
CA LYS D 112 -33.40 -12.90 21.02
C LYS D 112 -34.31 -13.32 19.88
N PRO D 113 -35.56 -12.88 19.88
CA PRO D 113 -36.47 -13.20 18.77
C PRO D 113 -36.26 -12.23 17.60
N THR D 114 -37.06 -12.44 16.55
CA THR D 114 -36.99 -11.64 15.35
C THR D 114 -38.01 -10.50 15.41
N ASN D 115 -38.19 -9.81 14.30
CA ASN D 115 -39.04 -8.64 14.19
C ASN D 115 -39.91 -8.74 12.96
N PRO D 116 -41.04 -8.02 12.92
CA PRO D 116 -41.80 -7.94 11.67
C PRO D 116 -41.01 -7.32 10.52
N ILE D 117 -40.02 -6.47 10.84
CA ILE D 117 -39.23 -5.83 9.80
C ILE D 117 -38.47 -6.88 9.00
N HIS D 118 -37.93 -7.90 9.67
CA HIS D 118 -37.23 -8.96 8.96
C HIS D 118 -38.16 -9.70 8.02
N ASP D 119 -39.37 -10.01 8.50
CA ASP D 119 -40.33 -10.71 7.64
C ASP D 119 -40.67 -9.88 6.42
N LYS D 120 -40.87 -8.57 6.60
CA LYS D 120 -41.18 -7.72 5.45
C LYS D 120 -40.00 -7.65 4.48
N ILE D 121 -38.79 -7.52 5.02
CA ILE D 121 -37.59 -7.45 4.18
C ILE D 121 -37.50 -8.71 3.32
N LEU D 122 -37.67 -9.87 3.93
CA LEU D 122 -37.60 -11.11 3.15
C LEU D 122 -38.75 -11.20 2.16
N ALA D 123 -39.96 -10.78 2.57
CA ALA D 123 -41.10 -10.82 1.67
C ALA D 123 -40.90 -9.94 0.45
N MET D 124 -40.03 -8.93 0.54
CA MET D 124 -39.72 -8.13 -0.64
C MET D 124 -38.97 -8.93 -1.71
N ASN D 125 -38.49 -10.13 -1.39
CA ASN D 125 -37.81 -10.99 -2.36
C ASN D 125 -36.55 -10.32 -2.88
N PRO D 126 -35.54 -10.12 -2.04
CA PRO D 126 -34.28 -9.54 -2.52
C PRO D 126 -33.41 -10.57 -3.21
N ALA D 127 -32.50 -10.08 -4.06
CA ALA D 127 -31.56 -10.97 -4.72
C ALA D 127 -30.40 -11.32 -3.79
N HIS D 128 -29.76 -10.32 -3.21
CA HIS D 128 -28.73 -10.49 -2.19
C HIS D 128 -29.13 -9.70 -0.95
N VAL D 129 -28.33 -9.84 0.11
CA VAL D 129 -28.54 -9.04 1.31
C VAL D 129 -27.18 -8.76 1.97
N ILE D 130 -26.84 -7.49 2.12
CA ILE D 130 -25.56 -7.07 2.69
C ILE D 130 -25.85 -6.44 4.04
N THR D 131 -25.11 -6.87 5.07
CA THR D 131 -25.31 -6.33 6.41
C THR D 131 -23.98 -6.18 7.13
N THR D 132 -23.96 -5.25 8.08
CA THR D 132 -22.79 -4.98 8.90
C THR D 132 -22.92 -5.52 10.31
N ASN D 133 -24.04 -6.16 10.66
CA ASN D 133 -24.24 -6.70 11.98
C ASN D 133 -23.45 -8.00 12.16
N TYR D 134 -23.48 -8.52 13.39
CA TYR D 134 -22.82 -9.78 13.71
C TYR D 134 -23.72 -10.64 14.59
N ASP D 135 -25.03 -10.58 14.33
CA ASP D 135 -26.00 -11.41 15.03
C ASP D 135 -26.86 -12.13 14.00
N ASN D 136 -27.34 -13.32 14.39
CA ASN D 136 -27.93 -14.26 13.46
C ASN D 136 -29.43 -14.10 13.27
N LEU D 137 -30.00 -12.95 13.63
CA LEU D 137 -31.43 -12.76 13.46
C LEU D 137 -31.83 -12.89 12.01
N ILE D 138 -31.07 -12.28 11.11
CA ILE D 138 -31.40 -12.34 9.69
C ILE D 138 -31.29 -13.77 9.17
N ASP D 139 -30.32 -14.54 9.67
CA ASP D 139 -30.19 -15.93 9.24
C ASP D 139 -31.43 -16.73 9.63
N THR D 140 -31.87 -16.59 10.87
CA THR D 140 -33.05 -17.32 11.32
C THR D 140 -34.28 -16.90 10.53
N ALA D 141 -34.43 -15.60 10.28
CA ALA D 141 -35.56 -15.16 9.46
C ALA D 141 -35.50 -15.77 8.07
N CYS D 142 -34.32 -15.77 7.46
CA CYS D 142 -34.18 -16.32 6.12
C CYS D 142 -34.57 -17.79 6.08
N TRP D 143 -34.14 -18.57 7.07
CA TRP D 143 -34.40 -20.00 7.00
C TRP D 143 -35.85 -20.31 7.36
N LYS D 144 -36.42 -19.58 8.32
CA LYS D 144 -37.84 -19.76 8.59
C LYS D 144 -38.67 -19.44 7.35
N ARG D 145 -38.29 -18.40 6.61
CA ARG D 145 -38.98 -18.12 5.34
C ARG D 145 -38.83 -19.27 4.36
N GLY D 146 -37.84 -20.13 4.55
CA GLY D 146 -37.57 -21.19 3.60
C GLY D 146 -36.65 -20.80 2.46
N LYS D 147 -36.14 -19.58 2.45
CA LYS D 147 -35.19 -19.14 1.44
C LYS D 147 -33.78 -19.47 1.92
N TYR D 148 -33.00 -20.05 1.01
CA TYR D 148 -31.63 -20.47 1.33
C TYR D 148 -30.65 -19.40 0.87
N PHE D 149 -29.89 -18.86 1.82
CA PHE D 149 -28.87 -17.86 1.55
C PHE D 149 -27.51 -18.39 1.98
N SER D 150 -26.51 -18.24 1.11
CA SER D 150 -25.14 -18.66 1.41
C SER D 150 -24.46 -17.51 2.13
N VAL D 151 -24.35 -17.61 3.45
CA VAL D 151 -23.77 -16.54 4.25
C VAL D 151 -22.27 -16.48 4.00
N ILE D 152 -21.76 -15.27 3.74
CA ILE D 152 -20.33 -15.03 3.58
C ILE D 152 -19.91 -14.05 4.66
N SER D 153 -19.05 -14.52 5.59
CA SER D 153 -18.61 -13.66 6.68
C SER D 153 -17.12 -13.82 6.99
N ALA D 154 -16.34 -14.35 6.06
CA ALA D 154 -14.91 -14.48 6.23
C ALA D 154 -14.25 -14.34 4.86
N GLU D 155 -12.97 -14.66 4.79
CA GLU D 155 -12.25 -14.53 3.52
C GLU D 155 -12.34 -15.81 2.68
N GLU D 156 -12.20 -16.98 3.32
CA GLU D 156 -12.23 -18.23 2.57
C GLU D 156 -13.59 -18.49 1.94
N ASP D 157 -14.65 -17.88 2.49
CA ASP D 157 -16.01 -18.23 2.06
C ASP D 157 -16.27 -17.83 0.62
N VAL D 158 -15.56 -16.82 0.11
CA VAL D 158 -15.89 -16.29 -1.21
C VAL D 158 -15.66 -17.33 -2.30
N ALA D 159 -14.60 -18.13 -2.19
CA ALA D 159 -14.30 -19.11 -3.21
C ALA D 159 -15.22 -20.31 -3.16
N ASN D 160 -15.73 -20.67 -1.99
CA ASN D 160 -16.52 -21.88 -1.80
C ASN D 160 -18.02 -21.63 -1.87
N ALA D 161 -18.45 -20.44 -2.26
CA ALA D 161 -19.87 -20.15 -2.36
C ALA D 161 -20.54 -21.11 -3.34
N THR D 162 -21.61 -21.76 -2.89
CA THR D 162 -22.32 -22.75 -3.70
C THR D 162 -23.50 -22.14 -4.43
N SER D 163 -24.45 -21.58 -3.70
CA SER D 163 -25.67 -21.05 -4.31
C SER D 163 -25.35 -19.74 -5.01
N SER D 164 -26.39 -19.09 -5.53
CA SER D 164 -26.25 -17.81 -6.22
C SER D 164 -26.87 -16.66 -5.43
N ARG D 165 -27.26 -16.89 -4.17
CA ARG D 165 -27.80 -15.86 -3.31
C ARG D 165 -26.83 -15.63 -2.16
N TYR D 166 -26.41 -14.38 -1.98
CA TYR D 166 -25.41 -14.01 -1.00
C TYR D 166 -26.04 -13.28 0.18
N LEU D 167 -25.65 -13.67 1.38
CA LEU D 167 -25.86 -12.89 2.59
C LEU D 167 -24.48 -12.45 3.05
N LEU D 168 -24.09 -11.25 2.63
CA LEU D 168 -22.73 -10.76 2.84
C LEU D 168 -22.67 -10.10 4.22
N LYS D 169 -22.05 -10.80 5.18
CA LYS D 169 -21.89 -10.29 6.53
C LYS D 169 -20.52 -9.65 6.65
N VAL D 170 -20.45 -8.39 6.24
CA VAL D 170 -19.24 -7.59 6.41
C VAL D 170 -19.02 -7.42 7.91
N HIS D 171 -17.79 -7.06 8.30
CA HIS D 171 -17.43 -6.90 9.70
C HIS D 171 -17.52 -8.22 10.45
N GLY D 172 -17.61 -9.33 9.72
CA GLY D 172 -17.57 -10.64 10.33
C GLY D 172 -18.81 -10.96 11.15
N ASP D 173 -18.68 -12.01 11.95
CA ASP D 173 -19.75 -12.48 12.83
C ASP D 173 -19.19 -13.57 13.72
N PHE D 174 -19.94 -13.91 14.77
CA PHE D 174 -19.47 -14.80 15.81
C PHE D 174 -19.79 -16.26 15.55
N ARG D 175 -19.95 -16.66 14.28
CA ARG D 175 -20.18 -18.07 14.01
C ARG D 175 -18.98 -18.91 14.42
N LYS D 176 -17.77 -18.44 14.15
CA LYS D 176 -16.57 -19.17 14.54
C LYS D 176 -16.37 -19.14 16.05
N GLY D 177 -16.84 -18.09 16.71
CA GLY D 177 -16.68 -18.00 18.15
C GLY D 177 -16.84 -16.56 18.62
N PHE D 178 -16.78 -16.40 19.93
CA PHE D 178 -16.86 -15.09 20.58
C PHE D 178 -15.46 -14.53 20.84
N LYS D 179 -14.78 -14.21 19.76
CA LYS D 179 -13.42 -13.68 19.80
C LYS D 179 -13.35 -12.37 19.05
N GLY D 180 -12.35 -11.56 19.40
CA GLY D 180 -12.22 -10.24 18.81
C GLY D 180 -11.57 -10.19 17.45
N GLU D 181 -11.05 -11.32 16.96
CA GLU D 181 -10.42 -11.37 15.65
C GLU D 181 -11.40 -11.72 14.53
N ASN D 182 -12.62 -12.12 14.87
CA ASN D 182 -13.62 -12.48 13.88
C ASN D 182 -14.55 -11.32 13.53
N VAL D 183 -14.37 -10.15 14.14
CA VAL D 183 -15.26 -9.02 13.92
C VAL D 183 -14.45 -7.75 13.73
N VAL D 184 -15.13 -6.63 13.53
CA VAL D 184 -14.50 -5.33 13.31
C VAL D 184 -15.12 -4.38 14.34
N LEU D 185 -14.45 -4.21 15.48
CA LEU D 185 -15.03 -3.46 16.60
C LEU D 185 -14.12 -2.32 17.07
N LYS D 186 -12.81 -2.53 17.04
CA LYS D 186 -11.86 -1.57 17.59
C LYS D 186 -11.23 -0.75 16.46
N GLU D 187 -10.24 0.06 16.81
CA GLU D 187 -9.66 1.02 15.88
C GLU D 187 -8.76 0.35 14.84
N ASP D 188 -7.94 -0.62 15.27
CA ASP D 188 -7.04 -1.27 14.33
C ASP D 188 -7.80 -1.98 13.23
N ASP D 189 -8.92 -2.63 13.57
CA ASP D 189 -9.71 -3.32 12.57
C ASP D 189 -10.22 -2.34 11.50
N TYR D 190 -10.70 -1.17 11.92
CA TYR D 190 -11.18 -0.19 10.96
C TYR D 190 -10.04 0.39 10.14
N LEU D 191 -8.86 0.56 10.73
CA LEU D 191 -7.75 1.15 9.99
C LEU D 191 -7.27 0.25 8.87
N ASN D 192 -7.02 -1.02 9.18
CA ASN D 192 -6.45 -1.98 8.23
C ASN D 192 -7.50 -2.89 7.62
N TYR D 193 -8.72 -2.40 7.44
CA TYR D 193 -9.78 -3.24 6.89
C TYR D 193 -9.50 -3.60 5.43
N ASP D 194 -9.12 -2.61 4.63
CA ASP D 194 -8.89 -2.86 3.21
C ASP D 194 -7.72 -3.83 3.00
N GLN D 195 -6.78 -3.87 3.94
CA GLN D 195 -5.67 -4.82 3.86
C GLN D 195 -6.07 -6.22 4.30
N ASN D 196 -7.12 -6.34 5.11
CA ASN D 196 -7.51 -7.63 5.68
C ASN D 196 -8.64 -8.30 4.92
N TYR D 197 -9.50 -7.53 4.25
CA TYR D 197 -10.69 -8.06 3.57
C TYR D 197 -10.74 -7.51 2.15
N PRO D 198 -9.84 -7.96 1.27
CA PRO D 198 -9.88 -7.50 -0.12
C PRO D 198 -11.02 -8.14 -0.90
N LEU D 199 -11.20 -9.45 -0.70
CA LEU D 199 -12.21 -10.17 -1.46
C LEU D 199 -13.62 -9.74 -1.08
N ILE D 200 -13.88 -9.56 0.22
CA ILE D 200 -15.21 -9.14 0.65
C ILE D 200 -15.51 -7.74 0.15
N SER D 201 -14.53 -6.83 0.21
CA SER D 201 -14.75 -5.49 -0.30
C SER D 201 -15.02 -5.51 -1.80
N ASN D 202 -14.25 -6.32 -2.55
CA ASN D 202 -14.49 -6.42 -3.98
C ASN D 202 -15.90 -6.94 -4.27
N LEU D 203 -16.32 -7.98 -3.53
CA LEU D 203 -17.64 -8.54 -3.76
C LEU D 203 -18.74 -7.54 -3.41
N MET D 204 -18.57 -6.81 -2.31
CA MET D 204 -19.55 -5.79 -1.95
C MET D 204 -19.67 -4.74 -3.05
N LYS D 205 -18.54 -4.27 -3.55
CA LYS D 205 -18.59 -3.22 -4.57
C LYS D 205 -19.17 -3.75 -5.87
N THR D 206 -18.86 -5.00 -6.23
CA THR D 206 -19.47 -5.58 -7.42
C THR D 206 -20.98 -5.69 -7.28
N ILE D 207 -21.45 -6.13 -6.11
CA ILE D 207 -22.88 -6.24 -5.90
C ILE D 207 -23.54 -4.86 -5.93
N ILE D 208 -22.86 -3.86 -5.37
CA ILE D 208 -23.42 -2.51 -5.33
C ILE D 208 -23.50 -1.92 -6.74
N ALA D 209 -22.54 -2.22 -7.61
CA ALA D 209 -22.48 -1.63 -8.93
C ALA D 209 -23.35 -2.35 -9.95
N THR D 210 -24.03 -3.45 -9.58
CA THR D 210 -24.81 -4.24 -10.53
C THR D 210 -26.22 -4.53 -10.01
N HIS D 211 -26.70 -3.77 -9.03
CA HIS D 211 -28.01 -4.02 -8.44
C HIS D 211 -28.61 -2.71 -7.95
N THR D 212 -29.85 -2.79 -7.49
CA THR D 212 -30.51 -1.69 -6.81
C THR D 212 -30.37 -1.92 -5.31
N ILE D 213 -29.99 -0.87 -4.58
CA ILE D 213 -29.70 -0.97 -3.16
C ILE D 213 -30.67 -0.08 -2.40
N VAL D 214 -31.11 -0.56 -1.23
CA VAL D 214 -31.93 0.22 -0.32
C VAL D 214 -31.30 0.14 1.06
N PHE D 215 -30.97 1.29 1.63
CA PHE D 215 -30.35 1.36 2.96
C PHE D 215 -31.44 1.43 4.01
N ILE D 216 -31.38 0.54 5.00
CA ILE D 216 -32.40 0.49 6.05
C ILE D 216 -31.71 0.28 7.39
N GLY D 217 -32.11 1.09 8.38
CA GLY D 217 -31.63 0.94 9.73
C GLY D 217 -30.39 1.72 10.10
N TYR D 218 -29.86 2.51 9.17
CA TYR D 218 -28.63 3.25 9.40
C TYR D 218 -28.95 4.70 9.79
N GLY D 219 -27.91 5.41 10.19
CA GLY D 219 -28.01 6.85 10.47
C GLY D 219 -27.30 7.62 9.37
N LEU D 220 -27.90 8.74 8.97
CA LEU D 220 -27.33 9.53 7.88
C LEU D 220 -25.92 10.01 8.19
N GLY D 221 -25.54 10.07 9.47
CA GLY D 221 -24.22 10.50 9.85
C GLY D 221 -23.33 9.36 10.32
N ASP D 222 -23.64 8.13 9.90
CA ASP D 222 -22.85 6.99 10.31
C ASP D 222 -21.48 7.02 9.63
N TYR D 223 -20.64 6.04 9.96
CA TYR D 223 -19.31 5.94 9.39
C TYR D 223 -19.31 5.21 8.05
N ASN D 224 -19.96 4.04 8.00
CA ASN D 224 -19.95 3.24 6.79
C ASN D 224 -20.56 3.98 5.61
N ILE D 225 -21.61 4.77 5.86
CA ILE D 225 -22.23 5.52 4.78
C ILE D 225 -21.24 6.53 4.20
N ASN D 226 -20.52 7.22 5.08
CA ASN D 226 -19.53 8.20 4.62
C ASN D 226 -18.43 7.50 3.81
N MET D 227 -17.96 6.35 4.30
CA MET D 227 -16.91 5.64 3.57
C MET D 227 -17.41 5.20 2.19
N LEU D 228 -18.64 4.69 2.13
CA LEU D 228 -19.20 4.25 0.85
C LEU D 228 -19.34 5.41 -0.11
N LEU D 229 -19.80 6.56 0.37
CA LEU D 229 -19.94 7.72 -0.51
C LEU D 229 -18.58 8.22 -0.97
N ASN D 230 -17.57 8.13 -0.11
CA ASN D 230 -16.22 8.49 -0.51
C ASN D 230 -15.73 7.59 -1.65
N TRP D 231 -16.01 6.29 -1.54
CA TRP D 231 -15.66 5.41 -2.66
C TRP D 231 -16.45 5.77 -3.91
N VAL D 232 -17.75 6.06 -3.75
CA VAL D 232 -18.60 6.30 -4.91
C VAL D 232 -18.15 7.52 -5.68
N ARG D 233 -17.65 8.55 -4.99
CA ARG D 233 -17.25 9.76 -5.70
C ARG D 233 -16.08 9.53 -6.65
N LYS D 234 -15.36 8.41 -6.53
CA LYS D 234 -14.24 8.14 -7.43
C LYS D 234 -14.72 7.72 -8.81
N LEU D 235 -15.81 6.96 -8.87
CA LEU D 235 -16.34 6.39 -10.14
C LEU D 235 -16.80 7.49 -11.10
N GLN D 236 -17.04 7.14 -12.37
CA GLN D 236 -17.50 8.10 -13.40
C GLN D 236 -18.92 8.58 -13.03
N LYS D 237 -19.27 9.81 -13.38
CA LYS D 237 -20.62 10.37 -13.09
C LYS D 237 -21.61 9.82 -14.13
N ASP D 238 -22.80 9.40 -13.69
CA ASP D 238 -23.85 8.82 -14.58
C ASP D 238 -23.41 7.42 -15.01
N SER D 239 -22.44 6.82 -14.32
CA SER D 239 -21.93 5.45 -14.61
C SER D 239 -22.52 4.48 -13.58
N PHE D 240 -23.33 4.97 -12.64
CA PHE D 240 -23.92 4.15 -11.60
C PHE D 240 -25.29 4.72 -11.23
N HIS D 241 -26.14 3.83 -10.72
CA HIS D 241 -27.44 4.24 -10.20
C HIS D 241 -27.27 4.79 -8.79
N LYS D 242 -28.24 5.60 -8.38
CA LYS D 242 -28.19 6.23 -7.06
C LYS D 242 -28.98 5.40 -6.08
N PRO D 243 -28.37 4.86 -5.03
CA PRO D 243 -29.13 4.04 -4.06
C PRO D 243 -30.11 4.88 -3.25
N PHE D 244 -31.09 4.19 -2.68
CA PHE D 244 -32.13 4.81 -1.88
C PHE D 244 -31.74 4.81 -0.41
N PHE D 245 -32.44 5.63 0.38
CA PHE D 245 -32.26 5.69 1.81
C PHE D 245 -33.63 5.81 2.47
N ILE D 246 -33.87 5.00 3.50
CA ILE D 246 -35.11 5.01 4.24
C ILE D 246 -34.81 5.58 5.62
N ARG D 247 -35.14 6.85 5.83
CA ARG D 247 -34.88 7.51 7.11
C ARG D 247 -36.02 7.23 8.07
N THR D 248 -35.66 7.08 9.35
CA THR D 248 -36.65 6.74 10.38
C THR D 248 -36.45 7.50 11.68
N ASP D 249 -35.51 8.45 11.75
CA ASP D 249 -35.25 9.14 13.00
C ASP D 249 -36.46 10.01 13.37
N PRO D 250 -36.63 10.30 14.66
CA PRO D 250 -37.88 10.93 15.13
C PRO D 250 -37.88 12.45 14.94
N SER D 251 -37.69 12.88 13.70
CA SER D 251 -37.77 14.30 13.39
C SER D 251 -37.78 14.51 11.89
N PRO D 252 -38.60 15.42 11.35
CA PRO D 252 -38.52 15.69 9.91
C PRO D 252 -37.15 16.25 9.55
N ILE D 253 -36.67 15.85 8.38
CA ILE D 253 -35.33 16.21 7.94
C ILE D 253 -35.33 17.62 7.37
N GLU D 254 -34.29 18.38 7.68
CA GLU D 254 -34.16 19.73 7.15
C GLU D 254 -33.81 19.69 5.67
N ASN D 255 -34.07 20.80 4.99
CA ASN D 255 -33.83 20.86 3.55
C ASN D 255 -32.35 20.97 3.21
N GLU D 256 -31.54 21.55 4.09
CA GLU D 256 -30.12 21.71 3.76
C GLU D 256 -29.40 20.37 3.76
N THR D 257 -29.59 19.59 4.83
CA THR D 257 -29.00 18.25 4.87
C THR D 257 -29.54 17.38 3.75
N LEU D 258 -30.84 17.52 3.46
CA LEU D 258 -31.44 16.78 2.35
C LEU D 258 -30.73 17.12 1.05
N ILE D 259 -30.55 18.41 0.76
CA ILE D 259 -29.91 18.81 -0.49
C ILE D 259 -28.49 18.26 -0.55
N TYR D 260 -27.75 18.41 0.55
CA TYR D 260 -26.36 17.97 0.56
C TYR D 260 -26.24 16.47 0.29
N TYR D 261 -27.00 15.66 1.01
CA TYR D 261 -26.86 14.23 0.87
C TYR D 261 -27.46 13.71 -0.43
N GLU D 262 -28.47 14.40 -0.98
CA GLU D 262 -28.93 14.05 -2.32
C GLU D 262 -27.86 14.35 -3.36
N ASN D 263 -27.13 15.44 -3.19
CA ASN D 263 -26.02 15.73 -4.10
C ASN D 263 -24.93 14.67 -3.95
N LYS D 264 -24.69 14.18 -2.74
CA LYS D 264 -23.65 13.17 -2.55
C LYS D 264 -23.95 11.87 -3.28
N GLY D 265 -25.20 11.62 -3.66
CA GLY D 265 -25.54 10.45 -4.45
C GLY D 265 -26.55 9.52 -3.84
N LEU D 266 -27.43 10.04 -2.98
CA LEU D 266 -28.48 9.25 -2.34
C LEU D 266 -29.85 9.84 -2.66
N ARG D 267 -30.87 9.01 -2.55
CA ARG D 267 -32.27 9.42 -2.75
C ARG D 267 -33.06 8.99 -1.53
N ILE D 268 -33.23 9.88 -0.55
CA ILE D 268 -33.87 9.49 0.71
C ILE D 268 -35.37 9.69 0.57
N ILE D 269 -36.11 8.88 1.32
CA ILE D 269 -37.57 8.97 1.39
C ILE D 269 -37.92 8.92 2.88
N ASP D 270 -38.12 10.09 3.48
CA ASP D 270 -38.30 10.17 4.92
C ASP D 270 -39.52 9.37 5.36
N ALA D 271 -39.60 9.13 6.66
CA ALA D 271 -40.73 8.42 7.27
C ALA D 271 -41.56 9.32 8.17
N ALA D 272 -40.91 10.13 9.02
CA ALA D 272 -41.66 11.06 9.86
C ALA D 272 -42.47 12.03 9.03
N SER D 273 -42.02 12.33 7.80
CA SER D 273 -42.79 13.22 6.93
C SER D 273 -44.12 12.59 6.54
N LEU D 274 -44.11 11.29 6.22
CA LEU D 274 -45.32 10.66 5.69
C LEU D 274 -46.43 10.63 6.74
N ILE D 275 -46.09 10.31 7.98
CA ILE D 275 -47.10 10.09 9.03
C ILE D 275 -46.75 10.92 10.25
N ASP D 276 -47.53 10.77 11.31
CA ASP D 276 -47.24 11.36 12.61
C ASP D 276 -47.13 10.24 13.64
N SER D 277 -46.22 10.42 14.60
CA SER D 277 -45.99 9.40 15.61
C SER D 277 -45.29 10.04 16.80
N ASN D 278 -45.23 9.28 17.90
CA ASN D 278 -44.55 9.74 19.10
C ASN D 278 -43.04 9.69 18.89
N GLU D 279 -42.30 10.06 19.94
CA GLU D 279 -40.85 10.15 19.83
C GLU D 279 -40.21 8.78 19.73
N TYR D 280 -40.63 7.84 20.58
CA TYR D 280 -39.96 6.55 20.72
C TYR D 280 -40.70 5.42 19.98
N ASP D 281 -41.51 5.76 18.98
CA ASP D 281 -42.27 4.78 18.22
C ASP D 281 -41.53 4.40 16.93
N TYR D 282 -40.32 3.87 17.09
CA TYR D 282 -39.52 3.50 15.93
C TYR D 282 -40.23 2.43 15.09
N LEU D 283 -40.76 1.41 15.75
CA LEU D 283 -41.39 0.31 15.02
C LEU D 283 -42.54 0.80 14.16
N GLU D 284 -43.25 1.83 14.62
CA GLU D 284 -44.35 2.37 13.82
C GLU D 284 -43.84 2.94 12.50
N ARG D 285 -42.76 3.71 12.54
CA ARG D 285 -42.20 4.27 11.31
C ARG D 285 -41.70 3.16 10.39
N TYR D 286 -40.94 2.21 10.95
CA TYR D 286 -40.42 1.13 10.14
C TYR D 286 -41.54 0.37 9.45
N SER D 287 -42.57 0.00 10.23
CA SER D 287 -43.69 -0.75 9.67
C SER D 287 -44.42 0.08 8.63
N ALA D 288 -44.59 1.38 8.88
CA ALA D 288 -45.27 2.23 7.91
C ALA D 288 -44.57 2.16 6.56
N VAL D 289 -43.26 2.40 6.54
CA VAL D 289 -42.55 2.42 5.27
C VAL D 289 -42.58 1.04 4.61
N MET D 290 -42.28 -0.01 5.38
CA MET D 290 -42.19 -1.35 4.80
C MET D 290 -43.55 -1.80 4.26
N ASP D 291 -44.63 -1.53 4.99
CA ASP D 291 -45.94 -1.93 4.53
C ASP D 291 -46.38 -1.10 3.33
N LEU D 292 -46.01 0.17 3.28
CA LEU D 292 -46.22 0.95 2.06
C LEU D 292 -45.61 0.23 0.87
N LEU D 293 -44.35 -0.16 0.99
CA LEU D 293 -43.69 -0.83 -0.13
C LEU D 293 -44.38 -2.14 -0.48
N ILE D 294 -44.68 -2.95 0.53
CA ILE D 294 -45.25 -4.27 0.27
C ILE D 294 -46.60 -4.15 -0.42
N GLU D 295 -47.47 -3.27 0.09
CA GLU D 295 -48.78 -3.09 -0.54
C GLU D 295 -48.64 -2.53 -1.95
N SER D 296 -47.71 -1.60 -2.15
CA SER D 296 -47.45 -1.11 -3.50
C SER D 296 -47.06 -2.27 -4.42
N GLN D 297 -46.40 -3.29 -3.87
CA GLN D 297 -46.07 -4.46 -4.67
C GLN D 297 -47.33 -5.13 -5.21
N GLU D 298 -48.35 -5.28 -4.36
CA GLU D 298 -49.61 -5.82 -4.80
C GLU D 298 -50.40 -4.78 -5.58
N ASN D 299 -51.57 -5.18 -6.07
CA ASN D 299 -52.45 -4.30 -6.83
C ASN D 299 -53.51 -3.64 -5.95
N LYS D 300 -53.20 -3.44 -4.67
CA LYS D 300 -54.15 -2.82 -3.75
C LYS D 300 -54.29 -1.32 -3.96
N PHE D 301 -53.46 -0.71 -4.81
CA PHE D 301 -53.51 0.73 -5.04
C PHE D 301 -53.94 1.04 -6.47
N ILE D 302 -54.96 0.33 -6.94
CA ILE D 302 -55.50 0.52 -8.29
C ILE D 302 -56.94 0.98 -8.16
N THR D 303 -57.24 2.16 -8.72
CA THR D 303 -58.59 2.69 -8.72
C THR D 303 -59.02 3.30 -10.04
N LYS D 304 -58.10 3.53 -10.98
CA LYS D 304 -58.39 4.19 -12.23
C LYS D 304 -58.50 3.16 -13.36
N ASP D 305 -59.27 3.51 -14.39
CA ASP D 305 -59.43 2.63 -15.54
C ASP D 305 -58.20 2.65 -16.45
N ASP D 306 -57.58 3.82 -16.60
CA ASP D 306 -56.38 3.92 -17.43
C ASP D 306 -55.27 3.02 -16.87
N GLU D 307 -55.11 3.00 -15.55
CA GLU D 307 -54.14 2.10 -14.95
C GLU D 307 -54.48 0.65 -15.26
N VAL D 308 -55.76 0.30 -15.22
CA VAL D 308 -56.17 -1.08 -15.49
C VAL D 308 -55.76 -1.47 -16.90
N ILE D 309 -56.11 -0.64 -17.89
CA ILE D 309 -55.80 -0.97 -19.27
C ILE D 309 -54.29 -1.01 -19.47
N ASP D 310 -53.56 -0.09 -18.85
CA ASP D 310 -52.11 -0.07 -18.99
C ASP D 310 -51.50 -1.36 -18.44
N TYR D 311 -51.96 -1.79 -17.26
CA TYR D 311 -51.42 -3.00 -16.65
C TYR D 311 -51.73 -4.23 -17.50
N ILE D 312 -52.96 -4.34 -18.01
CA ILE D 312 -53.31 -5.52 -18.79
C ILE D 312 -52.53 -5.53 -20.11
N TYR D 313 -52.35 -4.36 -20.73
CA TYR D 313 -51.52 -4.29 -21.94
C TYR D 313 -50.09 -4.67 -21.63
N GLY D 314 -49.54 -4.19 -20.52
CA GLY D 314 -48.19 -4.57 -20.15
C GLY D 314 -48.05 -6.06 -19.94
N LYS D 315 -49.10 -6.70 -19.42
CA LYS D 315 -49.04 -8.13 -19.18
C LYS D 315 -49.16 -8.93 -20.48
N ILE D 316 -50.06 -8.52 -21.38
CA ILE D 316 -50.41 -9.34 -22.54
C ILE D 316 -49.65 -8.94 -23.81
N SER D 317 -48.89 -7.85 -23.79
CA SER D 317 -48.25 -7.39 -25.01
C SER D 317 -47.25 -8.39 -25.58
N PRO D 318 -46.32 -8.96 -24.81
CA PRO D 318 -45.27 -9.79 -25.43
C PRO D 318 -45.81 -10.98 -26.20
N LEU D 319 -47.00 -11.47 -25.86
CA LEU D 319 -47.57 -12.63 -26.54
C LEU D 319 -48.08 -12.30 -27.94
N PHE D 320 -48.12 -11.02 -28.32
CA PHE D 320 -48.61 -10.65 -29.63
C PHE D 320 -47.76 -11.24 -30.74
N ALA D 321 -46.48 -11.50 -30.46
CA ALA D 321 -45.59 -12.00 -31.50
C ALA D 321 -46.02 -13.38 -32.00
N LEU D 322 -46.78 -14.11 -31.19
CA LEU D 322 -47.20 -15.46 -31.55
C LEU D 322 -48.58 -15.47 -32.18
N GLN D 323 -48.84 -16.50 -32.99
CA GLN D 323 -50.14 -16.65 -33.63
C GLN D 323 -51.19 -17.18 -32.67
N TYR D 324 -50.82 -18.10 -31.77
CA TYR D 324 -51.77 -18.72 -30.86
C TYR D 324 -51.12 -18.90 -29.50
N ILE D 325 -51.95 -18.98 -28.47
CA ILE D 325 -51.51 -19.32 -27.12
C ILE D 325 -52.58 -20.19 -26.48
N ARG D 326 -52.15 -21.16 -25.69
CA ARG D 326 -53.09 -22.06 -25.05
C ARG D 326 -53.86 -21.35 -23.94
N LYS D 327 -55.02 -21.89 -23.60
CA LYS D 327 -55.82 -21.33 -22.54
C LYS D 327 -55.09 -21.39 -21.20
N ILE D 328 -54.40 -22.50 -20.94
CA ILE D 328 -53.76 -22.70 -19.64
C ILE D 328 -52.71 -21.63 -19.39
N ASP D 329 -51.90 -21.31 -20.40
CA ASP D 329 -50.81 -20.37 -20.22
C ASP D 329 -51.30 -19.03 -19.69
N LEU D 330 -52.55 -18.66 -19.98
CA LEU D 330 -53.12 -17.45 -19.40
C LEU D 330 -53.01 -17.47 -17.89
N LYS D 331 -53.13 -18.64 -17.27
CA LYS D 331 -52.98 -18.73 -15.82
C LYS D 331 -51.59 -18.27 -15.40
N HIS D 332 -50.55 -18.79 -16.06
CA HIS D 332 -49.19 -18.41 -15.71
C HIS D 332 -48.93 -16.94 -15.97
N VAL D 333 -49.50 -16.37 -17.03
CA VAL D 333 -49.24 -14.94 -17.43
C VAL D 333 -49.84 -13.99 -16.38
N PHE D 334 -50.79 -14.43 -15.56
CA PHE D 334 -51.48 -13.56 -14.56
C PHE D 334 -51.12 -13.98 -13.13
N GLU D 335 -50.10 -14.84 -12.93
CA GLU D 335 -49.59 -15.22 -11.59
C GLU D 335 -50.69 -15.86 -10.73
N TYR D 336 -51.49 -16.76 -11.28
CA TYR D 336 -52.52 -17.51 -10.52
C TYR D 336 -53.54 -16.58 -9.85
N ASP D 337 -53.69 -15.34 -10.32
CA ASP D 337 -54.71 -14.44 -9.80
C ASP D 337 -56.11 -14.88 -10.19
N TYR D 338 -56.24 -15.66 -11.26
CA TYR D 338 -57.56 -16.10 -11.73
C TYR D 338 -57.42 -17.53 -12.25
N HIS D 339 -58.55 -18.11 -12.64
CA HIS D 339 -58.61 -19.40 -13.30
C HIS D 339 -59.19 -19.21 -14.68
N PHE D 340 -58.53 -19.77 -15.68
CA PHE D 340 -58.97 -19.71 -17.07
C PHE D 340 -59.39 -21.11 -17.51
N GLU D 341 -60.59 -21.22 -18.07
CA GLU D 341 -61.18 -22.51 -18.42
C GLU D 341 -61.30 -22.64 -19.93
N VAL D 342 -61.37 -23.89 -20.39
CA VAL D 342 -61.45 -24.17 -21.82
C VAL D 342 -62.72 -23.60 -22.42
N ASN D 343 -63.77 -23.46 -21.62
CA ASN D 343 -65.03 -22.90 -22.12
C ASN D 343 -64.84 -21.49 -22.62
N GLY D 344 -63.83 -20.78 -22.13
CA GLY D 344 -63.58 -19.40 -22.49
C GLY D 344 -63.98 -18.39 -21.43
N THR D 345 -64.29 -18.82 -20.22
CA THR D 345 -64.72 -17.94 -19.15
C THR D 345 -63.71 -17.99 -18.00
N VAL D 346 -63.48 -16.83 -17.39
CA VAL D 346 -62.50 -16.70 -16.32
C VAL D 346 -63.25 -16.73 -14.98
N VAL D 347 -62.49 -16.95 -13.91
CA VAL D 347 -63.06 -17.02 -12.56
C VAL D 347 -62.02 -16.48 -11.58
N ARG D 348 -62.50 -15.89 -10.49
CA ARG D 348 -61.60 -15.34 -9.48
C ARG D 348 -61.02 -16.45 -8.61
N HIS D 349 -59.75 -16.27 -8.23
CA HIS D 349 -59.08 -17.20 -7.32
C HIS D 349 -57.79 -16.61 -6.78
N LYS D 350 -57.63 -16.58 -5.46
CA LYS D 350 -56.38 -16.19 -4.80
C LYS D 350 -56.03 -14.71 -5.06
N ASN D 351 -56.97 -13.93 -5.57
CA ASN D 351 -56.72 -12.52 -5.87
C ASN D 351 -57.15 -11.67 -4.69
N LYS D 352 -56.22 -10.87 -4.17
CA LYS D 352 -56.48 -9.92 -3.09
C LYS D 352 -56.20 -8.53 -3.63
N GLY D 353 -57.20 -7.92 -4.25
CA GLY D 353 -57.03 -6.59 -4.81
C GLY D 353 -58.20 -6.21 -5.69
N PHE D 354 -58.00 -5.13 -6.43
CA PHE D 354 -59.04 -4.61 -7.30
C PHE D 354 -59.30 -5.59 -8.44
N GLY D 355 -60.57 -5.76 -8.80
CA GLY D 355 -60.95 -6.70 -9.83
C GLY D 355 -60.67 -6.17 -11.23
N TYR D 356 -59.39 -6.12 -11.61
CA TYR D 356 -59.03 -5.53 -12.89
C TYR D 356 -59.67 -6.30 -14.05
N MET D 357 -59.75 -7.62 -13.95
CA MET D 357 -60.37 -8.39 -15.03
C MET D 357 -61.86 -8.05 -15.15
N GLU D 358 -62.55 -7.94 -14.02
CA GLU D 358 -63.96 -7.56 -14.06
C GLU D 358 -64.14 -6.17 -14.65
N ARG D 359 -63.25 -5.24 -14.29
CA ARG D 359 -63.31 -3.91 -14.87
C ARG D 359 -63.11 -3.96 -16.38
N PHE D 360 -62.19 -4.81 -16.85
CA PHE D 360 -62.00 -4.95 -18.29
C PHE D 360 -63.26 -5.50 -18.95
N PHE D 361 -63.89 -6.49 -18.34
CA PHE D 361 -65.12 -7.04 -18.91
C PHE D 361 -66.20 -5.96 -19.00
N GLU D 362 -66.37 -5.18 -17.94
CA GLU D 362 -67.38 -4.13 -17.94
C GLU D 362 -67.08 -3.08 -19.01
N LEU D 363 -65.82 -2.63 -19.08
CA LEU D 363 -65.45 -1.63 -20.07
C LEU D 363 -65.66 -2.16 -21.48
N LYS D 364 -65.38 -3.44 -21.72
CA LYS D 364 -65.66 -4.02 -23.02
C LYS D 364 -67.15 -4.03 -23.31
N GLU D 365 -67.97 -4.32 -22.29
CA GLU D 365 -69.41 -4.39 -22.50
C GLU D 365 -70.00 -3.03 -22.89
N SER D 366 -69.57 -1.96 -22.22
CA SER D 366 -70.17 -0.64 -22.38
C SER D 366 -69.25 0.24 -23.22
N CYS D 367 -69.82 0.86 -24.26
CA CYS D 367 -69.04 1.72 -25.14
C CYS D 367 -68.77 3.09 -24.53
N ASP D 368 -69.70 3.62 -23.73
CA ASP D 368 -69.50 4.93 -23.14
C ASP D 368 -68.30 4.94 -22.21
N GLU D 369 -68.15 3.89 -21.39
CA GLU D 369 -66.99 3.80 -20.51
C GLU D 369 -65.71 3.77 -21.33
N ARG D 370 -65.71 3.06 -22.46
CA ARG D 370 -64.55 3.06 -23.34
C ARG D 370 -64.27 4.48 -23.84
N SER D 371 -65.31 5.21 -24.22
CA SER D 371 -65.14 6.58 -24.64
C SER D 371 -64.51 7.43 -23.55
N LYS D 372 -64.85 7.16 -22.28
CA LYS D 372 -64.27 7.92 -21.18
C LYS D 372 -62.75 7.78 -21.13
N LEU D 373 -62.23 6.64 -21.58
CA LEU D 373 -60.79 6.41 -21.51
C LEU D 373 -60.07 7.30 -22.53
N SER D 374 -58.76 7.50 -22.28
CA SER D 374 -57.96 8.37 -23.12
C SER D 374 -57.67 7.70 -24.46
N LYS D 375 -57.06 8.48 -25.36
CA LYS D 375 -56.83 8.01 -26.72
C LYS D 375 -55.86 6.83 -26.75
N LYS D 376 -54.70 6.97 -26.10
CA LYS D 376 -53.75 5.87 -26.06
C LYS D 376 -54.35 4.66 -25.36
N GLN D 377 -55.10 4.91 -24.28
CA GLN D 377 -55.81 3.82 -23.63
C GLN D 377 -56.84 3.19 -24.57
N TYR D 378 -57.49 3.99 -25.40
CA TYR D 378 -58.45 3.43 -26.35
C TYR D 378 -57.76 2.52 -27.36
N GLU D 379 -56.62 2.95 -27.90
CA GLU D 379 -55.90 2.10 -28.84
C GLU D 379 -55.42 0.81 -28.18
N ARG D 380 -54.90 0.92 -26.95
CA ARG D 380 -54.49 -0.26 -26.22
C ARG D 380 -55.67 -1.20 -26.00
N PHE D 381 -56.83 -0.66 -25.63
CA PHE D 381 -58.00 -1.49 -25.42
C PHE D 381 -58.42 -2.17 -26.72
N ASN D 382 -58.33 -1.47 -27.84
CA ASN D 382 -58.68 -2.08 -29.11
C ASN D 382 -57.77 -3.26 -29.42
N ALA D 383 -56.45 -3.07 -29.21
CA ALA D 383 -55.52 -4.17 -29.44
C ALA D 383 -55.81 -5.35 -28.51
N LEU D 384 -56.07 -5.07 -27.23
CA LEU D 384 -56.38 -6.14 -26.30
C LEU D 384 -57.64 -6.88 -26.70
N PHE D 385 -58.68 -6.15 -27.11
CA PHE D 385 -59.92 -6.81 -27.52
C PHE D 385 -59.67 -7.69 -28.73
N ASN D 386 -58.89 -7.20 -29.71
CA ASN D 386 -58.59 -8.03 -30.87
C ASN D 386 -57.88 -9.31 -30.47
N PHE D 387 -56.85 -9.19 -29.61
CA PHE D 387 -56.11 -10.38 -29.20
C PHE D 387 -57.01 -11.36 -28.45
N PHE D 388 -57.82 -10.86 -27.53
CA PHE D 388 -58.68 -11.74 -26.74
C PHE D 388 -59.71 -12.43 -27.62
N GLU D 389 -60.28 -11.69 -28.59
CA GLU D 389 -61.26 -12.30 -29.48
C GLU D 389 -60.61 -13.38 -30.34
N LYS D 390 -59.43 -13.09 -30.91
CA LYS D 390 -58.78 -14.09 -31.75
C LYS D 390 -58.41 -15.32 -30.95
N ASN D 391 -57.89 -15.14 -29.73
CA ASN D 391 -57.52 -16.27 -28.89
C ASN D 391 -58.74 -17.10 -28.51
N GLY D 392 -59.83 -16.43 -28.14
CA GLY D 392 -61.07 -17.13 -27.81
C GLY D 392 -61.56 -16.95 -26.39
N VAL D 393 -61.28 -15.81 -25.78
CA VAL D 393 -61.80 -15.46 -24.46
C VAL D 393 -63.02 -14.58 -24.67
N ILE D 394 -64.13 -14.93 -24.00
CA ILE D 394 -65.41 -14.29 -24.28
C ILE D 394 -65.83 -13.39 -23.13
N CYS D 395 -66.06 -13.97 -21.95
CA CYS D 395 -66.65 -13.21 -20.85
C CYS D 395 -66.54 -14.02 -19.57
N MET D 396 -66.80 -13.35 -18.44
CA MET D 396 -66.72 -13.96 -17.13
C MET D 396 -67.72 -15.11 -17.01
N ALA D 397 -67.41 -16.10 -16.17
CA ALA D 397 -68.27 -17.28 -16.04
C ALA D 397 -69.66 -16.91 -15.56
N LYS D 398 -69.75 -16.02 -14.58
CA LYS D 398 -71.06 -15.65 -14.05
C LYS D 398 -71.93 -15.01 -15.12
N ASP D 399 -71.34 -14.16 -15.96
CA ASP D 399 -72.02 -13.53 -17.08
C ASP D 399 -72.06 -14.42 -18.32
N ALA D 400 -71.75 -15.71 -18.18
CA ALA D 400 -71.68 -16.61 -19.32
C ALA D 400 -73.08 -17.02 -19.77
N GLY D 401 -73.14 -17.83 -20.83
CA GLY D 401 -74.40 -18.30 -21.38
C GLY D 401 -74.20 -19.52 -22.26
N THR D 402 -74.93 -19.56 -23.38
CA THR D 402 -74.83 -20.67 -24.32
C THR D 402 -73.69 -20.41 -25.30
N LEU D 403 -72.47 -20.46 -24.76
CA LEU D 403 -71.28 -20.23 -25.57
C LEU D 403 -71.12 -21.34 -26.60
N ASN D 404 -70.77 -20.96 -27.83
CA ASN D 404 -70.50 -21.90 -28.89
C ASN D 404 -69.02 -22.23 -28.95
N THR D 405 -68.68 -23.27 -29.70
CA THR D 405 -67.30 -23.70 -29.84
C THR D 405 -67.09 -24.28 -31.23
N SER D 406 -65.94 -23.96 -31.82
CA SER D 406 -65.56 -24.47 -33.13
C SER D 406 -64.05 -24.41 -33.25
N ILE D 407 -63.53 -25.15 -34.23
CA ILE D 407 -62.09 -25.28 -34.44
C ILE D 407 -61.75 -24.86 -35.87
N GLU D 408 -60.80 -23.95 -36.01
CA GLU D 408 -60.29 -23.54 -37.31
C GLU D 408 -58.79 -23.34 -37.20
N ILE D 409 -58.03 -24.07 -38.01
CA ILE D 409 -56.58 -24.03 -37.98
C ILE D 409 -56.12 -23.42 -39.31
N ASN D 410 -55.49 -22.25 -39.22
CA ASN D 410 -55.05 -21.50 -40.40
C ASN D 410 -53.59 -21.80 -40.71
N SER D 411 -53.30 -23.07 -40.99
CA SER D 411 -51.96 -23.51 -41.34
C SER D 411 -52.03 -24.44 -42.54
N LEU D 412 -51.17 -24.18 -43.53
CA LEU D 412 -51.15 -25.02 -44.73
C LEU D 412 -50.66 -26.43 -44.42
N ALA D 413 -49.70 -26.55 -43.50
CA ALA D 413 -49.07 -27.84 -43.24
C ALA D 413 -50.07 -28.89 -42.78
N TYR D 414 -51.21 -28.48 -42.25
CA TYR D 414 -52.21 -29.43 -41.78
C TYR D 414 -53.20 -29.84 -42.86
N HIS D 415 -53.54 -28.93 -43.77
CA HIS D 415 -54.43 -29.23 -44.88
C HIS D 415 -53.74 -29.93 -46.04
N GLY D 416 -52.41 -29.98 -46.03
CA GLY D 416 -51.68 -30.65 -47.10
C GLY D 416 -51.75 -29.95 -48.44
N LYS D 417 -51.66 -28.62 -48.47
CA LYS D 417 -51.63 -27.86 -49.72
C LYS D 417 -50.18 -27.78 -50.22
N TYR D 418 -49.74 -28.92 -50.75
CA TYR D 418 -48.32 -29.07 -51.12
C TYR D 418 -47.93 -28.09 -52.23
N ASP D 419 -48.78 -27.93 -53.23
CA ASP D 419 -48.47 -26.99 -54.31
C ASP D 419 -48.34 -25.57 -53.76
N VAL D 420 -49.25 -25.19 -52.85
CA VAL D 420 -49.22 -23.83 -52.31
C VAL D 420 -47.96 -23.59 -51.49
N MET D 421 -47.59 -24.56 -50.65
CA MET D 421 -46.37 -24.40 -49.86
C MET D 421 -45.15 -24.33 -50.77
N LYS D 422 -45.11 -25.15 -51.82
CA LYS D 422 -44.01 -25.06 -52.77
C LYS D 422 -43.96 -23.68 -53.42
N LYS D 423 -45.12 -23.15 -53.81
CA LYS D 423 -45.17 -21.83 -54.41
C LYS D 423 -44.65 -20.77 -53.45
N PHE D 424 -45.00 -20.89 -52.17
CA PHE D 424 -44.54 -19.90 -51.20
C PHE D 424 -43.04 -20.02 -50.98
N ILE D 425 -42.51 -21.24 -51.06
CA ILE D 425 -41.07 -21.42 -50.96
C ILE D 425 -40.37 -20.77 -52.13
N GLU D 426 -40.92 -20.94 -53.34
CA GLU D 426 -40.31 -20.32 -54.52
C GLU D 426 -40.33 -18.80 -54.42
N GLU D 427 -41.45 -18.24 -53.98
CA GLU D 427 -41.57 -16.79 -53.91
C GLU D 427 -40.53 -16.21 -52.95
N GLN D 428 -39.97 -15.07 -53.32
CA GLN D 428 -38.87 -14.48 -52.56
C GLN D 428 -39.39 -14.03 -51.20
N SER D 429 -38.69 -14.44 -50.14
CA SER D 429 -39.12 -14.12 -48.78
C SER D 429 -38.99 -12.62 -48.53
N VAL D 430 -39.88 -12.09 -47.69
CA VAL D 430 -39.89 -10.67 -47.39
C VAL D 430 -39.42 -10.35 -45.97
N SER D 431 -39.53 -11.29 -45.03
CA SER D 431 -39.22 -10.99 -43.64
C SER D 431 -38.75 -12.25 -42.94
N ILE D 432 -38.20 -12.05 -41.75
CA ILE D 432 -37.71 -13.16 -40.93
C ILE D 432 -38.84 -14.12 -40.59
N GLU D 433 -40.04 -13.61 -40.35
CA GLU D 433 -41.20 -14.48 -40.12
C GLU D 433 -41.48 -15.32 -41.36
N ASP D 434 -41.39 -14.71 -42.54
CA ASP D 434 -41.57 -15.46 -43.77
C ASP D 434 -40.52 -16.56 -43.89
N ASP D 435 -39.28 -16.26 -43.50
CA ASP D 435 -38.23 -17.27 -43.59
C ASP D 435 -38.45 -18.39 -42.58
N TYR D 436 -38.99 -18.05 -41.40
CA TYR D 436 -39.33 -19.06 -40.42
C TYR D 436 -40.38 -20.02 -40.96
N LYS D 437 -41.46 -19.47 -41.50
CA LYS D 437 -42.49 -20.32 -42.09
C LYS D 437 -41.94 -21.12 -43.27
N LYS D 438 -41.04 -20.51 -44.05
CA LYS D 438 -40.43 -21.21 -45.17
C LYS D 438 -39.59 -22.39 -44.70
N ALA D 439 -38.85 -22.21 -43.60
CA ALA D 439 -38.05 -23.31 -43.06
C ALA D 439 -38.95 -24.43 -42.56
N PHE D 440 -40.06 -24.09 -41.90
CA PHE D 440 -40.98 -25.13 -41.48
C PHE D 440 -41.52 -25.88 -42.68
N PHE D 441 -41.88 -25.16 -43.75
CA PHE D 441 -42.39 -25.82 -44.94
C PHE D 441 -41.32 -26.71 -45.57
N LEU D 442 -40.08 -26.23 -45.63
CA LEU D 442 -39.02 -27.03 -46.23
C LEU D 442 -38.78 -28.32 -45.44
N ALA D 443 -38.78 -28.22 -44.11
CA ALA D 443 -38.64 -29.42 -43.29
C ALA D 443 -39.86 -30.33 -43.39
N CYS D 444 -41.04 -29.77 -43.67
CA CYS D 444 -42.21 -30.61 -43.91
C CYS D 444 -42.13 -31.30 -45.27
N LEU D 445 -41.40 -30.70 -46.23
CA LEU D 445 -41.28 -31.25 -47.57
C LEU D 445 -40.08 -32.16 -47.73
N GLY D 446 -39.35 -32.44 -46.65
CA GLY D 446 -38.31 -33.46 -46.66
C GLY D 446 -36.89 -32.95 -46.84
N ARG D 447 -36.72 -31.74 -47.36
CA ARG D 447 -35.38 -31.19 -47.60
C ARG D 447 -34.85 -30.64 -46.28
N TRP D 448 -34.37 -31.56 -45.44
CA TRP D 448 -33.96 -31.17 -44.09
C TRP D 448 -32.69 -30.32 -44.11
N GLU D 449 -31.78 -30.59 -45.04
CA GLU D 449 -30.53 -29.82 -45.10
C GLU D 449 -30.81 -28.35 -45.35
N GLU D 450 -31.69 -28.05 -46.31
CA GLU D 450 -32.01 -26.67 -46.61
C GLU D 450 -32.67 -25.98 -45.41
N SER D 451 -33.55 -26.69 -44.72
CA SER D 451 -34.18 -26.13 -43.53
C SER D 451 -33.14 -25.83 -42.45
N TYR D 452 -32.18 -26.74 -42.28
CA TYR D 452 -31.10 -26.53 -41.33
C TYR D 452 -30.32 -25.26 -41.65
N ASP D 453 -29.93 -25.11 -42.92
CA ASP D 453 -29.19 -23.92 -43.32
C ASP D 453 -30.01 -22.66 -43.12
N LEU D 454 -31.30 -22.71 -43.48
CA LEU D 454 -32.16 -21.55 -43.31
C LEU D 454 -32.29 -21.16 -41.85
N TYR D 455 -32.46 -22.15 -40.97
CA TYR D 455 -32.58 -21.85 -39.56
C TYR D 455 -31.28 -21.29 -38.99
N SER D 456 -30.15 -21.77 -39.48
CA SER D 456 -28.87 -21.17 -39.06
C SER D 456 -28.80 -19.71 -39.49
N ASN D 457 -29.22 -19.42 -40.72
CA ASN D 457 -29.23 -18.03 -41.18
C ASN D 457 -30.15 -17.18 -40.33
N ILE D 458 -31.32 -17.71 -39.97
CA ILE D 458 -32.27 -16.96 -39.16
C ILE D 458 -31.71 -16.73 -37.77
N ILE D 459 -31.00 -17.72 -37.22
CA ILE D 459 -30.33 -17.53 -35.94
C ILE D 459 -29.31 -16.40 -36.03
N LEU D 460 -28.54 -16.38 -37.11
CA LEU D 460 -27.55 -15.34 -37.30
C LEU D 460 -28.21 -13.96 -37.36
N ASN D 461 -29.31 -13.85 -38.09
CA ASN D 461 -29.93 -12.54 -38.30
C ASN D 461 -30.70 -12.07 -37.08
N SER D 462 -31.36 -12.99 -36.36
CA SER D 462 -32.31 -12.61 -35.32
C SER D 462 -31.62 -11.89 -34.17
N ILE D 463 -30.47 -12.40 -33.73
CA ILE D 463 -29.78 -11.80 -32.59
C ILE D 463 -29.43 -10.34 -32.91
N ASP D 464 -29.05 -10.09 -34.16
CA ASP D 464 -28.84 -8.71 -34.59
C ASP D 464 -30.15 -7.93 -34.60
N GLU D 465 -31.24 -8.57 -35.05
CA GLU D 465 -32.52 -7.89 -35.15
C GLU D 465 -33.20 -7.70 -33.81
N SER D 466 -32.70 -8.31 -32.73
CA SER D 466 -33.28 -8.16 -31.40
C SER D 466 -34.70 -8.72 -31.36
N ASN D 467 -34.87 -9.94 -31.87
CA ASN D 467 -36.14 -10.65 -31.87
C ASN D 467 -35.95 -11.91 -31.03
N GLY D 468 -36.19 -11.80 -29.72
CA GLY D 468 -35.92 -12.91 -28.83
C GLY D 468 -36.75 -14.14 -29.11
N CYS D 469 -38.06 -13.95 -29.35
CA CYS D 469 -39.00 -15.07 -29.59
C CYS D 469 -38.57 -15.83 -30.85
N VAL D 470 -38.33 -15.13 -31.96
CA VAL D 470 -37.92 -15.76 -33.25
C VAL D 470 -36.59 -16.48 -33.01
N TYR D 471 -35.62 -15.82 -32.39
CA TYR D 471 -34.27 -16.39 -32.09
C TYR D 471 -34.43 -17.64 -31.22
N TYR D 472 -35.27 -17.59 -30.19
CA TYR D 472 -35.48 -18.71 -29.23
C TYR D 472 -36.13 -19.90 -29.94
N LEU D 473 -37.15 -19.65 -30.76
CA LEU D 473 -37.91 -20.73 -31.46
C LEU D 473 -37.10 -21.25 -32.65
N SER D 474 -36.16 -20.46 -33.19
CA SER D 474 -35.27 -20.89 -34.30
C SER D 474 -34.09 -21.65 -33.70
N GLN D 475 -33.85 -21.48 -32.39
CA GLN D 475 -32.76 -22.19 -31.67
C GLN D 475 -33.30 -23.53 -31.17
N ILE D 476 -34.63 -23.73 -31.21
CA ILE D 476 -35.27 -24.99 -30.76
C ILE D 476 -35.53 -25.89 -31.97
N ASN D 477 -36.03 -25.33 -33.08
CA ASN D 477 -36.35 -26.08 -34.28
C ASN D 477 -35.10 -26.58 -34.99
N ARG D 478 -34.00 -25.83 -34.94
CA ARG D 478 -32.76 -26.33 -35.52
C ARG D 478 -32.26 -27.56 -34.78
N TYR D 479 -32.32 -27.54 -33.45
CA TYR D 479 -31.91 -28.72 -32.70
C TYR D 479 -32.80 -29.92 -33.04
N ARG D 480 -34.11 -29.69 -33.15
CA ARG D 480 -35.00 -30.79 -33.49
C ARG D 480 -34.71 -31.33 -34.88
N ILE D 481 -34.42 -30.44 -35.84
CA ILE D 481 -34.09 -30.90 -37.19
C ILE D 481 -32.82 -31.71 -37.18
N TYR D 482 -31.82 -31.30 -36.38
CA TYR D 482 -30.58 -32.06 -36.28
C TYR D 482 -30.83 -33.45 -35.69
N GLN D 483 -31.67 -33.52 -34.66
CA GLN D 483 -32.00 -34.83 -34.09
C GLN D 483 -32.69 -35.71 -35.13
N SER D 484 -33.63 -35.15 -35.88
CA SER D 484 -34.31 -35.92 -36.92
C SER D 484 -33.32 -36.39 -37.98
N ILE D 485 -32.38 -35.52 -38.35
CA ILE D 485 -31.37 -35.89 -39.35
C ILE D 485 -30.59 -37.11 -38.89
N THR D 486 -30.07 -37.06 -37.65
CA THR D 486 -29.26 -38.16 -37.16
C THR D 486 -30.08 -39.44 -37.06
N GLN D 487 -31.31 -39.35 -36.55
CA GLN D 487 -32.15 -40.53 -36.42
C GLN D 487 -32.42 -41.15 -37.79
N ALA D 488 -32.73 -40.31 -38.78
CA ALA D 488 -32.98 -40.83 -40.13
C ALA D 488 -31.73 -41.48 -40.70
N VAL D 489 -30.58 -40.87 -40.49
CA VAL D 489 -29.33 -41.46 -41.00
C VAL D 489 -29.14 -42.85 -40.42
N THR D 490 -29.29 -42.98 -39.10
CA THR D 490 -29.07 -44.29 -38.48
C THR D 490 -30.10 -45.31 -38.97
N GLN D 491 -31.37 -44.91 -39.04
CA GLN D 491 -32.41 -45.87 -39.40
C GLN D 491 -32.24 -46.32 -40.85
N PHE D 492 -31.87 -45.40 -41.75
CA PHE D 492 -31.61 -45.79 -43.12
C PHE D 492 -30.42 -46.74 -43.20
N ASN D 493 -29.28 -46.36 -42.62
CA ASN D 493 -28.11 -47.24 -42.67
C ASN D 493 -28.39 -48.58 -42.03
N GLY D 494 -29.39 -48.66 -41.14
CA GLY D 494 -29.77 -49.92 -40.54
C GLY D 494 -30.64 -50.80 -41.41
N LEU D 495 -31.74 -50.26 -41.94
CA LEU D 495 -32.76 -51.08 -42.57
C LEU D 495 -33.18 -50.62 -43.98
N GLY D 496 -32.88 -49.39 -44.39
CA GLY D 496 -33.40 -48.89 -45.65
C GLY D 496 -32.93 -49.71 -46.83
N LEU D 497 -31.65 -50.10 -46.83
CA LEU D 497 -31.12 -50.89 -47.94
C LEU D 497 -31.91 -52.17 -48.14
N LEU D 498 -32.37 -52.77 -47.04
CA LEU D 498 -33.15 -54.01 -47.14
C LEU D 498 -34.59 -53.72 -47.55
N THR D 499 -35.27 -52.82 -46.83
CA THR D 499 -36.68 -52.60 -47.10
C THR D 499 -36.90 -51.99 -48.48
N PHE D 500 -36.02 -51.07 -48.90
CA PHE D 500 -36.13 -50.48 -50.22
C PHE D 500 -35.54 -51.36 -51.32
N GLY D 501 -34.79 -52.40 -50.97
CA GLY D 501 -34.09 -53.20 -51.94
C GLY D 501 -32.81 -52.60 -52.46
N ARG D 502 -32.40 -51.44 -51.93
CA ARG D 502 -31.17 -50.78 -52.36
C ARG D 502 -30.85 -49.69 -51.37
N HIS D 503 -29.56 -49.58 -51.02
CA HIS D 503 -29.15 -48.57 -50.06
C HIS D 503 -29.40 -47.17 -50.60
N TYR D 504 -29.89 -46.28 -49.72
CA TYR D 504 -30.20 -44.91 -50.08
C TYR D 504 -29.34 -43.95 -49.26
N LYS D 505 -28.95 -42.83 -49.89
CA LYS D 505 -28.03 -41.86 -49.30
C LYS D 505 -28.61 -40.46 -49.44
N PRO D 506 -29.62 -40.12 -48.63
CA PRO D 506 -30.17 -38.76 -48.71
C PRO D 506 -29.13 -37.68 -48.43
N PHE D 507 -28.25 -37.93 -47.46
CA PHE D 507 -27.32 -36.94 -46.95
C PHE D 507 -25.90 -37.32 -47.31
N THR D 508 -25.12 -36.34 -47.75
CA THR D 508 -23.71 -36.57 -48.07
C THR D 508 -22.93 -36.77 -46.77
N ASP D 509 -21.61 -36.93 -46.89
CA ASP D 509 -20.76 -37.15 -45.73
C ASP D 509 -20.13 -35.88 -45.22
N GLU D 510 -19.73 -34.98 -46.11
CA GLU D 510 -19.15 -33.71 -45.66
C GLU D 510 -20.16 -32.89 -44.87
N PHE D 511 -21.42 -32.88 -45.31
CA PHE D 511 -22.44 -32.15 -44.57
C PHE D 511 -22.67 -32.77 -43.20
N LEU D 512 -22.70 -34.11 -43.13
CA LEU D 512 -22.87 -34.77 -41.84
C LEU D 512 -21.72 -34.44 -40.91
N ALA D 513 -20.49 -34.44 -41.42
CA ALA D 513 -19.36 -34.04 -40.60
C ALA D 513 -19.52 -32.59 -40.14
N ARG D 514 -20.00 -31.72 -41.02
CA ARG D 514 -20.19 -30.32 -40.64
C ARG D 514 -21.19 -30.19 -39.49
N ILE D 515 -22.32 -30.91 -39.58
CA ILE D 515 -23.33 -30.79 -38.53
C ILE D 515 -22.81 -31.40 -37.23
N GLU D 516 -22.10 -32.54 -37.32
CA GLU D 516 -21.58 -33.16 -36.10
C GLU D 516 -20.53 -32.29 -35.44
N ARG D 517 -19.78 -31.52 -36.24
CA ARG D 517 -18.80 -30.59 -35.67
C ARG D 517 -19.49 -29.37 -35.06
N GLU D 518 -20.51 -28.85 -35.72
CA GLU D 518 -21.16 -27.64 -35.23
C GLU D 518 -21.89 -27.88 -33.91
N MET D 519 -22.66 -28.95 -33.82
CA MET D 519 -23.50 -29.21 -32.65
C MET D 519 -22.78 -30.16 -31.68
N THR D 520 -21.62 -29.73 -31.22
CA THR D 520 -20.82 -30.49 -30.27
C THR D 520 -21.01 -29.93 -28.86
N ASN D 521 -21.37 -30.79 -27.93
CA ASN D 521 -21.60 -30.41 -26.53
C ASN D 521 -22.68 -29.35 -26.39
N PHE D 522 -23.61 -29.28 -27.33
CA PHE D 522 -24.71 -28.33 -27.25
C PHE D 522 -25.84 -28.95 -26.43
N ASN D 523 -26.15 -28.34 -25.29
CA ASN D 523 -27.21 -28.81 -24.40
C ASN D 523 -28.37 -27.85 -24.49
N ILE D 524 -29.54 -28.38 -24.87
CA ILE D 524 -30.73 -27.55 -25.02
C ILE D 524 -31.25 -27.07 -23.68
N ASP D 525 -30.78 -27.66 -22.58
CA ASP D 525 -31.39 -27.40 -21.28
C ASP D 525 -31.27 -25.93 -20.87
N ASP D 526 -30.08 -25.35 -21.05
CA ASP D 526 -29.82 -24.01 -20.55
C ASP D 526 -30.26 -22.89 -21.50
N LEU D 527 -30.90 -23.24 -22.62
CA LEU D 527 -31.23 -22.23 -23.63
C LEU D 527 -32.09 -21.11 -23.04
N PHE D 528 -32.93 -21.43 -22.06
CA PHE D 528 -33.78 -20.42 -21.43
C PHE D 528 -33.12 -19.73 -20.25
N ASN D 529 -32.08 -20.32 -19.68
CA ASN D 529 -31.39 -19.70 -18.56
C ASN D 529 -30.35 -18.68 -18.99
N GLY D 530 -30.03 -18.62 -20.28
CA GLY D 530 -29.06 -17.66 -20.78
C GLY D 530 -29.65 -16.42 -21.41
N MET D 531 -30.95 -16.37 -21.59
CA MET D 531 -31.60 -15.25 -22.27
C MET D 531 -31.67 -14.04 -21.34
N PRO D 532 -31.89 -12.85 -21.89
CA PRO D 532 -31.98 -11.65 -21.05
C PRO D 532 -33.10 -11.79 -20.02
N PHE D 533 -32.88 -11.23 -18.84
CA PHE D 533 -33.85 -11.41 -17.76
C PHE D 533 -35.20 -10.83 -18.14
N GLU D 534 -35.23 -9.81 -18.99
CA GLU D 534 -36.51 -9.30 -19.48
C GLU D 534 -37.22 -10.36 -20.30
N PHE D 535 -36.50 -11.06 -21.17
CA PHE D 535 -37.10 -12.15 -21.92
C PHE D 535 -37.56 -13.26 -20.98
N GLN D 536 -36.75 -13.60 -19.98
CA GLN D 536 -37.13 -14.64 -19.04
C GLN D 536 -38.41 -14.28 -18.31
N LYS D 537 -38.58 -13.00 -17.98
CA LYS D 537 -39.79 -12.56 -17.29
C LYS D 537 -40.98 -12.53 -18.24
N LYS D 538 -40.76 -12.16 -19.50
CA LYS D 538 -41.87 -12.00 -20.44
C LYS D 538 -42.37 -13.35 -20.94
N TYR D 539 -41.48 -14.14 -21.53
CA TYR D 539 -41.85 -15.34 -22.26
C TYR D 539 -41.67 -16.60 -21.43
N LYS D 540 -41.97 -16.53 -20.12
CA LYS D 540 -41.92 -17.72 -19.29
C LYS D 540 -42.81 -18.82 -19.83
N ILE D 541 -43.92 -18.46 -20.47
CA ILE D 541 -44.87 -19.45 -20.94
C ILE D 541 -44.28 -20.36 -22.01
N LEU D 542 -43.18 -19.96 -22.64
CA LEU D 542 -42.53 -20.80 -23.64
C LEU D 542 -41.46 -21.70 -23.06
N GLU D 543 -41.14 -21.56 -21.77
CA GLU D 543 -40.04 -22.33 -21.20
C GLU D 543 -40.22 -23.83 -21.40
N PHE D 544 -41.46 -24.31 -21.36
CA PHE D 544 -41.70 -25.74 -21.46
C PHE D 544 -41.29 -26.31 -22.81
N LEU D 545 -41.02 -25.46 -23.81
CA LEU D 545 -40.55 -25.96 -25.09
C LEU D 545 -39.09 -26.39 -25.05
N SER D 546 -38.38 -26.13 -23.95
CA SER D 546 -36.98 -26.54 -23.83
C SER D 546 -36.81 -27.92 -23.21
N ASP D 547 -37.76 -28.36 -22.38
CA ASP D 547 -37.61 -29.61 -21.66
C ASP D 547 -37.75 -30.79 -22.61
N ASN D 548 -37.21 -31.94 -22.18
CA ASN D 548 -37.18 -33.11 -23.03
C ASN D 548 -38.59 -33.59 -23.39
N GLN D 549 -39.49 -33.61 -22.42
CA GLN D 549 -40.83 -34.14 -22.60
C GLN D 549 -41.88 -33.20 -22.03
N PHE D 550 -42.93 -32.96 -22.81
CA PHE D 550 -44.11 -32.26 -22.35
C PHE D 550 -45.33 -33.12 -22.68
N LEU D 551 -46.50 -32.68 -22.20
CA LEU D 551 -47.75 -33.43 -22.26
C LEU D 551 -47.81 -34.55 -21.23
N TYR D 552 -46.97 -34.53 -20.19
CA TYR D 552 -47.04 -35.59 -19.21
C TYR D 552 -48.28 -35.46 -18.33
N ASP D 553 -48.63 -34.24 -17.92
CA ASP D 553 -49.85 -34.06 -17.13
C ASP D 553 -51.09 -34.28 -17.99
N ASP D 554 -51.03 -33.89 -19.27
CA ASP D 554 -52.15 -34.18 -20.17
C ASP D 554 -52.43 -35.66 -20.24
N THR D 555 -51.36 -36.45 -20.42
CA THR D 555 -51.52 -37.91 -20.50
C THR D 555 -51.99 -38.48 -19.17
N VAL D 556 -51.43 -38.00 -18.06
CA VAL D 556 -51.83 -38.54 -16.76
C VAL D 556 -53.29 -38.21 -16.47
N LYS D 557 -53.80 -37.12 -17.03
CA LYS D 557 -55.19 -36.73 -16.80
C LYS D 557 -56.19 -37.57 -17.58
N LEU D 558 -55.73 -38.41 -18.51
CA LEU D 558 -56.65 -39.23 -19.31
C LEU D 558 -57.32 -40.33 -18.51
N PHE D 559 -56.91 -40.57 -17.27
CA PHE D 559 -57.54 -41.62 -16.48
C PHE D 559 -59.01 -41.34 -16.23
N GLU D 560 -59.41 -40.07 -16.26
CA GLU D 560 -60.80 -39.73 -15.96
C GLU D 560 -61.76 -40.44 -16.89
N LEU D 561 -61.37 -40.64 -18.16
CA LEU D 561 -62.26 -41.28 -19.12
C LEU D 561 -62.57 -42.73 -18.78
N THR D 562 -61.81 -43.34 -17.86
CA THR D 562 -62.01 -44.73 -17.49
C THR D 562 -62.88 -44.89 -16.25
N ASN D 563 -63.40 -43.81 -15.67
CA ASN D 563 -64.22 -43.91 -14.48
C ASN D 563 -65.61 -44.43 -14.83
N LYS D 564 -66.07 -45.43 -14.07
CA LYS D 564 -67.40 -46.01 -14.26
C LYS D 564 -68.42 -45.48 -13.28
N VAL D 565 -67.99 -44.99 -12.11
CA VAL D 565 -68.92 -44.46 -11.13
C VAL D 565 -69.71 -43.30 -11.71
N ARG D 566 -69.12 -42.57 -12.66
CA ARG D 566 -69.84 -41.47 -13.28
C ARG D 566 -71.05 -41.99 -14.05
N SER D 567 -70.90 -43.13 -14.70
CA SER D 567 -72.01 -43.70 -15.47
C SER D 567 -73.20 -43.99 -14.56
N GLU D 568 -72.94 -44.53 -13.37
CA GLU D 568 -74.01 -44.70 -12.39
C GLU D 568 -74.61 -43.36 -12.02
N MET D 569 -73.81 -42.48 -11.42
CA MET D 569 -74.19 -41.10 -11.15
C MET D 569 -72.97 -40.22 -11.43
N SER D 570 -73.14 -39.25 -12.34
CA SER D 570 -72.04 -38.38 -12.74
C SER D 570 -72.04 -37.14 -11.85
N GLU D 571 -70.95 -36.94 -11.11
CA GLU D 571 -70.85 -35.77 -10.24
C GLU D 571 -70.85 -34.48 -11.07
N GLY D 572 -70.10 -34.46 -12.17
CA GLY D 572 -70.02 -33.27 -12.98
C GLY D 572 -69.27 -32.11 -12.35
N SER D 573 -68.52 -32.37 -11.28
CA SER D 573 -67.80 -31.30 -10.59
C SER D 573 -66.46 -30.96 -11.23
N TYR D 574 -66.03 -31.72 -12.24
CA TYR D 574 -64.76 -31.41 -12.88
C TYR D 574 -64.80 -30.03 -13.53
N SER D 575 -65.90 -29.71 -14.20
CA SER D 575 -66.08 -28.39 -14.81
C SER D 575 -67.56 -28.03 -14.75
N PHE D 576 -67.83 -26.73 -14.74
CA PHE D 576 -69.20 -26.23 -14.69
C PHE D 576 -69.72 -26.06 -16.11
N GLY D 577 -70.81 -26.75 -16.42
CA GLY D 577 -71.42 -26.68 -17.73
C GLY D 577 -70.83 -27.62 -18.76
N MET D 578 -69.81 -28.40 -18.40
CA MET D 578 -69.16 -29.31 -19.34
C MET D 578 -68.84 -30.63 -18.64
N SER D 579 -68.70 -31.68 -19.44
CA SER D 579 -68.34 -33.01 -18.98
C SER D 579 -66.91 -33.33 -19.41
N SER D 580 -66.45 -34.53 -19.03
CA SER D 580 -65.06 -34.91 -19.26
C SER D 580 -64.73 -34.96 -20.75
N ASP D 581 -65.64 -35.53 -21.54
CA ASP D 581 -65.40 -35.67 -22.98
C ASP D 581 -65.08 -34.32 -23.61
N ILE D 582 -65.90 -33.31 -23.28
CA ILE D 582 -65.73 -31.99 -23.87
C ILE D 582 -64.36 -31.42 -23.50
N VAL D 583 -63.98 -31.53 -22.23
CA VAL D 583 -62.73 -30.95 -21.77
C VAL D 583 -61.55 -31.64 -22.46
N VAL D 584 -61.58 -32.97 -22.53
CA VAL D 584 -60.47 -33.70 -23.14
C VAL D 584 -60.33 -33.32 -24.61
N LEU D 585 -61.45 -33.31 -25.34
CA LEU D 585 -61.39 -32.99 -26.76
C LEU D 585 -60.90 -31.57 -26.98
N LEU D 586 -61.37 -30.63 -26.15
CA LEU D 586 -60.95 -29.24 -26.30
C LEU D 586 -59.46 -29.08 -26.01
N ARG D 587 -58.94 -29.77 -24.99
CA ARG D 587 -57.51 -29.68 -24.69
C ARG D 587 -56.68 -30.26 -25.83
N LEU D 588 -57.13 -31.38 -26.41
CA LEU D 588 -56.44 -31.94 -27.57
C LEU D 588 -56.44 -30.93 -28.72
N TYR D 589 -57.59 -30.31 -28.96
CA TYR D 589 -57.69 -29.32 -30.03
C TYR D 589 -56.73 -28.16 -29.78
N ASP D 590 -56.65 -27.68 -28.55
CA ASP D 590 -55.77 -26.56 -28.24
C ASP D 590 -54.31 -26.93 -28.44
N ASN D 591 -53.90 -28.13 -28.00
CA ASN D 591 -52.52 -28.54 -28.21
C ASN D 591 -52.18 -28.63 -29.69
N LEU D 592 -53.06 -29.26 -30.47
CA LEU D 592 -52.82 -29.37 -31.91
C LEU D 592 -52.74 -28.00 -32.55
N ARG D 593 -53.66 -27.10 -32.20
CA ARG D 593 -53.68 -25.77 -32.80
C ARG D 593 -52.43 -24.99 -32.42
N PHE D 594 -52.02 -25.05 -31.16
CA PHE D 594 -50.85 -24.32 -30.71
C PHE D 594 -49.61 -24.78 -31.46
N LEU D 595 -49.45 -26.10 -31.62
CA LEU D 595 -48.25 -26.59 -32.29
C LEU D 595 -48.28 -26.29 -33.78
N TYR D 596 -49.40 -26.55 -34.45
CA TYR D 596 -49.43 -26.42 -35.91
C TYR D 596 -49.42 -24.96 -36.33
N GLU D 597 -50.21 -24.11 -35.67
CA GLU D 597 -50.38 -22.74 -36.15
C GLU D 597 -49.08 -21.96 -36.07
N ASN D 598 -48.30 -22.14 -34.99
CA ASN D 598 -47.09 -21.37 -34.79
C ASN D 598 -45.89 -21.94 -35.52
N CYS D 599 -46.05 -23.05 -36.25
CA CYS D 599 -44.97 -23.67 -36.99
C CYS D 599 -43.83 -24.12 -36.06
N LEU D 600 -44.14 -25.04 -35.15
CA LEU D 600 -43.15 -25.65 -34.27
C LEU D 600 -42.88 -27.07 -34.75
N TRP D 601 -41.61 -27.40 -34.92
CA TRP D 601 -41.21 -28.70 -35.47
C TRP D 601 -41.04 -29.75 -34.37
N SER D 602 -42.08 -29.92 -33.55
CA SER D 602 -42.16 -31.01 -32.59
C SER D 602 -43.33 -31.93 -32.89
N VAL D 603 -44.04 -31.70 -34.00
CA VAL D 603 -45.22 -32.50 -34.33
C VAL D 603 -44.88 -33.77 -35.08
N SER D 604 -43.63 -33.97 -35.47
CA SER D 604 -43.20 -35.16 -36.22
C SER D 604 -42.35 -36.06 -35.35
N PHE D 605 -42.70 -36.20 -34.08
CA PHE D 605 -41.98 -37.03 -33.13
C PHE D 605 -42.94 -38.06 -32.55
N HIS D 606 -42.36 -39.02 -31.81
CA HIS D 606 -43.14 -40.15 -31.31
C HIS D 606 -44.13 -39.72 -30.23
N GLU D 607 -43.72 -38.78 -29.37
CA GLU D 607 -44.53 -38.45 -28.20
C GLU D 607 -45.88 -37.91 -28.59
N PHE D 608 -45.92 -36.97 -29.54
CA PHE D 608 -47.19 -36.38 -29.93
C PHE D 608 -48.09 -37.40 -30.61
N HIS D 609 -47.52 -38.27 -31.45
CA HIS D 609 -48.32 -39.31 -32.09
C HIS D 609 -48.93 -40.22 -31.04
N GLN D 610 -48.15 -40.62 -30.04
CA GLN D 610 -48.67 -41.45 -28.96
C GLN D 610 -49.78 -40.75 -28.22
N TYR D 611 -49.60 -39.47 -27.92
CA TYR D 611 -50.63 -38.73 -27.18
C TYR D 611 -51.93 -38.68 -27.97
N ILE D 612 -51.85 -38.35 -29.26
CA ILE D 612 -53.07 -38.25 -30.06
C ILE D 612 -53.76 -39.60 -30.15
N ARG D 613 -52.99 -40.66 -30.41
CA ARG D 613 -53.60 -41.99 -30.52
C ARG D 613 -54.31 -42.37 -29.23
N ASN D 614 -53.64 -42.19 -28.09
CA ASN D 614 -54.23 -42.60 -26.81
C ASN D 614 -55.49 -41.80 -26.52
N SER D 615 -55.44 -40.48 -26.71
CA SER D 615 -56.61 -39.66 -26.43
C SER D 615 -57.79 -40.08 -27.30
N MET D 616 -57.56 -40.27 -28.59
CA MET D 616 -58.67 -40.62 -29.48
C MET D 616 -59.24 -41.98 -29.14
N SER D 617 -58.37 -42.96 -28.85
CA SER D 617 -58.85 -44.30 -28.52
C SER D 617 -59.71 -44.26 -27.26
N LEU D 618 -59.23 -43.57 -26.22
CA LEU D 618 -59.99 -43.52 -24.98
C LEU D 618 -61.32 -42.80 -25.18
N LEU D 619 -61.33 -41.72 -25.97
CA LEU D 619 -62.57 -41.01 -26.23
C LEU D 619 -63.60 -41.92 -26.90
N ILE D 620 -63.16 -42.66 -27.92
CA ILE D 620 -64.09 -43.53 -28.64
C ILE D 620 -64.60 -44.63 -27.71
N GLU D 621 -63.71 -45.22 -26.91
CA GLU D 621 -64.13 -46.28 -26.00
C GLU D 621 -65.16 -45.77 -25.01
N LYS D 622 -64.93 -44.59 -24.43
CA LYS D 622 -65.88 -44.03 -23.47
C LYS D 622 -67.22 -43.78 -24.14
N ALA D 623 -67.22 -43.22 -25.35
CA ALA D 623 -68.48 -42.97 -26.03
C ALA D 623 -69.25 -44.25 -26.25
N GLU D 624 -68.56 -45.31 -26.72
CA GLU D 624 -69.23 -46.57 -26.96
C GLU D 624 -69.82 -47.14 -25.68
N TYR D 625 -69.04 -47.10 -24.59
CA TYR D 625 -69.54 -47.64 -23.33
C TYR D 625 -70.76 -46.87 -22.86
N GLU D 626 -70.72 -45.54 -22.97
CA GLU D 626 -71.87 -44.75 -22.56
C GLU D 626 -73.11 -45.12 -23.37
N ARG D 627 -72.95 -45.29 -24.68
CA ARG D 627 -74.08 -45.69 -25.51
C ARG D 627 -74.64 -47.03 -25.06
N THR D 628 -73.75 -48.00 -24.82
CA THR D 628 -74.22 -49.33 -24.43
C THR D 628 -74.95 -49.30 -23.09
N ARG D 629 -74.39 -48.57 -22.12
CA ARG D 629 -75.04 -48.50 -20.81
C ARG D 629 -76.40 -47.82 -20.90
N ASP D 630 -76.48 -46.72 -21.65
CA ASP D 630 -77.76 -46.03 -21.81
C ASP D 630 -78.78 -46.95 -22.49
N ILE D 631 -78.34 -47.73 -23.47
CA ILE D 631 -79.24 -48.68 -24.12
C ILE D 631 -79.74 -49.71 -23.12
N ASP D 632 -78.82 -50.24 -22.30
CA ASP D 632 -79.20 -51.30 -21.37
C ASP D 632 -80.18 -50.79 -20.32
N GLU D 633 -79.96 -49.58 -19.82
CA GLU D 633 -80.80 -49.07 -18.73
C GLU D 633 -82.24 -48.90 -19.20
N LEU D 634 -82.46 -48.04 -20.18
CA LEU D 634 -83.79 -47.79 -20.72
C LEU D 634 -84.04 -48.74 -21.90
N GLY D 635 -85.11 -48.49 -22.64
CA GLY D 635 -85.43 -49.35 -23.76
C GLY D 635 -84.49 -49.14 -24.94
N PHE D 636 -84.47 -50.14 -25.82
CA PHE D 636 -83.64 -50.05 -27.02
C PHE D 636 -84.11 -48.94 -27.95
N SER D 637 -85.38 -48.56 -27.86
CA SER D 637 -85.89 -47.49 -28.70
C SER D 637 -85.15 -46.18 -28.45
N PHE D 638 -84.73 -45.94 -27.22
CA PHE D 638 -83.99 -44.74 -26.85
C PHE D 638 -82.50 -45.07 -26.76
N PHE D 639 -81.67 -44.19 -27.30
CA PHE D 639 -80.22 -44.32 -27.34
C PHE D 639 -79.77 -45.53 -28.15
N GLY D 640 -80.65 -46.12 -28.96
CA GLY D 640 -80.29 -47.34 -29.68
C GLY D 640 -79.07 -47.16 -30.56
N LYS D 641 -78.96 -46.01 -31.23
CA LYS D 641 -77.82 -45.70 -32.07
C LYS D 641 -77.37 -44.26 -31.82
N LYS D 642 -77.35 -43.86 -30.55
CA LYS D 642 -76.95 -42.49 -30.21
C LYS D 642 -75.50 -42.25 -30.61
N SER D 643 -75.24 -41.08 -31.20
CA SER D 643 -73.89 -40.70 -31.60
C SER D 643 -73.21 -40.04 -30.39
N GLY D 644 -72.72 -40.89 -29.49
CA GLY D 644 -72.03 -40.37 -28.32
C GLY D 644 -70.82 -39.53 -28.69
N PHE D 645 -70.11 -39.93 -29.75
CA PHE D 645 -68.95 -39.20 -30.25
C PHE D 645 -69.18 -39.06 -31.75
N PHE D 646 -69.56 -37.86 -32.19
CA PHE D 646 -69.75 -37.59 -33.61
C PHE D 646 -68.40 -37.27 -34.24
N MET D 647 -68.04 -38.03 -35.27
CA MET D 647 -66.76 -37.84 -35.93
C MET D 647 -66.88 -36.64 -36.87
N GLU D 648 -65.76 -36.18 -37.40
CA GLU D 648 -65.75 -34.91 -38.13
C GLU D 648 -64.54 -34.90 -39.08
N TYR D 649 -64.41 -33.82 -39.86
CA TYR D 649 -63.28 -33.69 -40.76
C TYR D 649 -61.96 -33.65 -40.01
N TYR D 650 -61.90 -32.85 -38.94
CA TYR D 650 -60.66 -32.77 -38.19
C TYR D 650 -60.30 -34.12 -37.59
N ASP D 651 -61.29 -34.84 -37.08
CA ASP D 651 -61.00 -36.19 -36.59
C ASP D 651 -60.53 -37.08 -37.73
N PHE D 652 -61.10 -36.92 -38.93
CA PHE D 652 -60.68 -37.76 -40.05
C PHE D 652 -59.21 -37.53 -40.38
N VAL D 653 -58.78 -36.27 -40.47
CA VAL D 653 -57.38 -35.93 -40.83
C VAL D 653 -56.48 -36.22 -39.62
N ASN D 654 -57.05 -36.38 -38.42
CA ASN D 654 -56.28 -36.73 -37.19
C ASN D 654 -56.13 -38.25 -37.12
N ILE D 655 -57.09 -39.00 -37.66
CA ILE D 655 -57.04 -40.49 -37.65
C ILE D 655 -56.17 -40.93 -38.83
N SER D 656 -56.12 -40.16 -39.92
CA SER D 656 -55.26 -40.49 -41.04
C SER D 656 -53.79 -40.27 -40.70
N ARG D 657 -53.49 -39.14 -40.06
CA ARG D 657 -52.09 -38.78 -39.86
C ARG D 657 -51.43 -39.59 -38.74
N HIS D 658 -52.13 -39.77 -37.62
CA HIS D 658 -51.49 -40.24 -36.39
C HIS D 658 -51.67 -41.73 -36.13
N PHE D 659 -52.41 -42.45 -36.96
CA PHE D 659 -52.67 -43.87 -36.74
C PHE D 659 -51.97 -44.73 -37.78
N LYS D 660 -51.38 -45.83 -37.33
CA LYS D 660 -50.86 -46.85 -38.24
C LYS D 660 -52.01 -47.75 -38.69
N ILE D 661 -51.71 -48.88 -39.31
CA ILE D 661 -52.75 -49.82 -39.74
C ILE D 661 -53.23 -50.66 -38.57
N ASP D 662 -52.31 -51.20 -37.77
CA ASP D 662 -52.70 -52.02 -36.64
C ASP D 662 -53.53 -51.24 -35.64
N ASP D 663 -53.22 -49.95 -35.44
CA ASP D 663 -53.99 -49.15 -34.52
C ASP D 663 -55.42 -48.93 -35.03
N ILE D 664 -55.57 -48.69 -36.34
CA ILE D 664 -56.91 -48.59 -36.91
C ILE D 664 -57.65 -49.91 -36.72
N LYS D 665 -56.95 -51.04 -36.87
CA LYS D 665 -57.59 -52.34 -36.67
C LYS D 665 -58.07 -52.48 -35.23
N ASN D 666 -57.22 -52.10 -34.27
CA ASN D 666 -57.61 -52.18 -32.87
C ASN D 666 -58.82 -51.30 -32.58
N LEU D 667 -58.82 -50.08 -33.12
CA LEU D 667 -59.96 -49.20 -32.92
C LEU D 667 -61.23 -49.79 -33.52
N GLU D 668 -61.13 -50.36 -34.72
CA GLU D 668 -62.30 -50.95 -35.37
C GLU D 668 -62.84 -52.12 -34.56
N ARG D 669 -61.96 -52.99 -34.06
CA ARG D 669 -62.42 -54.16 -33.33
C ARG D 669 -62.97 -53.80 -31.96
N SER D 670 -62.39 -52.79 -31.30
CA SER D 670 -62.81 -52.47 -29.93
C SER D 670 -64.26 -52.02 -29.88
N CYS D 671 -64.67 -51.13 -30.79
CA CYS D 671 -65.99 -50.52 -30.76
C CYS D 671 -66.72 -50.80 -32.07
N SER D 672 -67.87 -50.16 -32.24
CA SER D 672 -68.69 -50.26 -33.44
C SER D 672 -68.63 -48.93 -34.18
N ILE D 673 -67.63 -48.79 -35.05
CA ILE D 673 -67.47 -47.54 -35.80
C ILE D 673 -68.65 -47.32 -36.73
N ASP D 674 -69.21 -48.40 -37.28
CA ASP D 674 -70.26 -48.28 -38.28
C ASP D 674 -71.46 -47.48 -37.74
N LYS D 675 -71.76 -47.64 -36.45
CA LYS D 675 -72.89 -46.94 -35.86
C LYS D 675 -72.67 -45.44 -35.74
N ILE D 676 -71.45 -44.96 -35.96
CA ILE D 676 -71.12 -43.55 -35.78
C ILE D 676 -71.24 -42.81 -37.11
N ARG D 677 -71.92 -41.67 -37.09
CA ARG D 677 -72.16 -40.88 -38.29
C ARG D 677 -70.97 -39.97 -38.59
N PHE D 678 -70.79 -39.61 -39.86
CA PHE D 678 -69.69 -38.72 -40.31
C PHE D 678 -70.27 -37.43 -40.87
N GLY D 679 -69.79 -36.28 -40.42
CA GLY D 679 -70.22 -34.96 -40.94
C GLY D 679 -69.21 -34.43 -41.94
N GLU D 680 -69.43 -33.24 -42.49
CA GLU D 680 -68.48 -32.60 -43.43
C GLU D 680 -67.86 -33.67 -44.33
N GLN D 681 -68.69 -34.51 -44.96
CA GLN D 681 -68.22 -35.61 -45.83
C GLN D 681 -67.83 -35.04 -47.20
N GLU D 682 -68.02 -33.73 -47.41
CA GLU D 682 -67.58 -33.07 -48.66
C GLU D 682 -66.09 -32.70 -48.49
N LYS D 683 -65.68 -32.25 -47.31
CA LYS D 683 -64.30 -31.90 -47.02
C LYS D 683 -63.41 -33.15 -46.92
N ILE D 684 -63.94 -34.23 -46.35
CA ILE D 684 -63.16 -35.47 -46.30
C ILE D 684 -62.96 -36.03 -47.70
N GLU D 685 -63.99 -35.91 -48.56
CA GLU D 685 -63.83 -36.31 -49.95
C GLU D 685 -62.76 -35.46 -50.63
N GLU D 686 -62.75 -34.16 -50.36
CA GLU D 686 -61.73 -33.29 -50.93
C GLU D 686 -60.34 -33.73 -50.48
N TYR D 687 -60.19 -34.04 -49.19
CA TYR D 687 -58.90 -34.49 -48.68
C TYR D 687 -58.47 -35.78 -49.36
N LEU D 688 -59.41 -36.73 -49.52
CA LEU D 688 -59.06 -38.01 -50.14
C LEU D 688 -58.65 -37.83 -51.60
N VAL D 689 -59.40 -37.02 -52.35
CA VAL D 689 -59.05 -36.82 -53.76
C VAL D 689 -57.74 -36.06 -53.88
N GLY D 690 -57.48 -35.12 -52.97
CA GLY D 690 -56.19 -34.46 -52.97
C GLY D 690 -55.04 -35.41 -52.69
N ILE D 691 -55.24 -36.34 -51.75
CA ILE D 691 -54.22 -37.35 -51.49
C ILE D 691 -54.00 -38.22 -52.72
N ALA D 692 -55.08 -38.58 -53.41
CA ALA D 692 -54.95 -39.37 -54.63
C ALA D 692 -54.15 -38.61 -55.68
N GLU D 693 -54.47 -37.34 -55.87
CA GLU D 693 -53.74 -36.53 -56.86
C GLU D 693 -52.27 -36.43 -56.48
N GLU D 694 -51.98 -36.21 -55.20
CA GLU D 694 -50.60 -36.05 -54.78
C GLU D 694 -49.82 -37.34 -54.93
N ILE D 695 -50.42 -38.48 -54.59
CA ILE D 695 -49.71 -39.75 -54.72
C ILE D 695 -49.48 -40.07 -56.20
N THR D 696 -50.45 -39.74 -57.06
CA THR D 696 -50.25 -39.90 -58.49
C THR D 696 -49.08 -39.06 -58.97
N LYS D 697 -49.02 -37.80 -58.53
CA LYS D 697 -47.89 -36.94 -58.89
C LYS D 697 -46.57 -37.52 -58.41
N GLN D 698 -46.55 -38.02 -57.17
CA GLN D 698 -45.31 -38.49 -56.58
C GLN D 698 -44.78 -39.71 -57.32
N PHE D 699 -45.65 -40.68 -57.61
CA PHE D 699 -45.17 -41.95 -58.15
C PHE D 699 -45.11 -41.98 -59.66
N SER D 700 -46.00 -41.26 -60.36
CA SER D 700 -45.90 -41.20 -61.82
C SER D 700 -44.58 -40.58 -62.25
N ALA D 701 -44.16 -39.51 -61.58
CA ALA D 701 -42.87 -38.89 -61.87
C ALA D 701 -41.74 -39.70 -61.26
N ASN D 702 -40.61 -39.75 -61.96
CA ASN D 702 -39.46 -40.49 -61.46
C ASN D 702 -38.92 -39.88 -60.17
N GLY D 703 -38.86 -38.55 -60.10
CA GLY D 703 -38.32 -37.90 -58.93
C GLY D 703 -39.17 -38.15 -57.70
N MET D 704 -38.51 -38.24 -56.55
CA MET D 704 -39.18 -38.54 -55.30
C MET D 704 -38.18 -38.38 -54.15
N ASN D 705 -38.70 -37.98 -52.99
CA ASN D 705 -37.91 -37.67 -51.82
C ASN D 705 -38.07 -38.79 -50.80
N VAL D 706 -36.95 -39.33 -50.32
CA VAL D 706 -36.99 -40.54 -49.50
C VAL D 706 -37.64 -40.27 -48.16
N VAL D 707 -37.23 -39.17 -47.49
CA VAL D 707 -37.81 -38.88 -46.18
C VAL D 707 -39.26 -38.45 -46.32
N PHE D 708 -39.56 -37.61 -47.31
CA PHE D 708 -40.94 -37.23 -47.56
C PHE D 708 -41.77 -38.45 -47.95
N TYR D 709 -41.20 -39.36 -48.74
CA TYR D 709 -41.88 -40.60 -49.05
C TYR D 709 -42.21 -41.39 -47.79
N THR D 710 -41.23 -41.50 -46.89
CA THR D 710 -41.47 -42.25 -45.66
C THR D 710 -42.58 -41.60 -44.82
N GLN D 711 -42.58 -40.27 -44.75
CA GLN D 711 -43.59 -39.59 -43.95
C GLN D 711 -44.97 -39.59 -44.60
N PHE D 712 -45.04 -39.68 -45.93
CA PHE D 712 -46.28 -39.53 -46.66
C PHE D 712 -46.97 -40.85 -46.98
N ILE D 713 -46.22 -41.94 -47.17
CA ILE D 713 -46.87 -43.19 -47.50
C ILE D 713 -47.76 -43.67 -46.35
N SER D 714 -47.32 -43.43 -45.12
CA SER D 714 -48.12 -43.84 -43.97
C SER D 714 -49.46 -43.11 -43.93
N GLU D 715 -49.42 -41.77 -44.11
CA GLU D 715 -50.67 -41.01 -44.10
C GLU D 715 -51.56 -41.40 -45.27
N ALA D 716 -50.97 -41.59 -46.45
CA ALA D 716 -51.78 -41.99 -47.61
C ALA D 716 -52.47 -43.32 -47.35
N LYS D 717 -51.71 -44.30 -46.84
CA LYS D 717 -52.30 -45.60 -46.55
C LYS D 717 -53.39 -45.50 -45.51
N ALA D 718 -53.17 -44.71 -44.46
CA ALA D 718 -54.16 -44.56 -43.41
C ALA D 718 -55.44 -43.95 -43.95
N ALA D 719 -55.32 -42.89 -44.74
CA ALA D 719 -56.51 -42.24 -45.31
C ALA D 719 -57.26 -43.20 -46.23
N LEU D 720 -56.53 -43.93 -47.08
CA LEU D 720 -57.20 -44.85 -47.99
C LEU D 720 -57.87 -45.99 -47.25
N TYR D 721 -57.29 -46.46 -46.15
CA TYR D 721 -57.96 -47.49 -45.34
C TYR D 721 -59.23 -46.84 -44.77
N PHE D 722 -59.09 -45.77 -44.01
CA PHE D 722 -60.23 -45.11 -43.30
C PHE D 722 -61.25 -44.51 -44.27
N ALA D 723 -61.02 -44.55 -45.58
CA ALA D 723 -61.98 -44.05 -46.59
C ALA D 723 -62.95 -45.18 -46.95
N LYS D 724 -63.56 -45.84 -45.96
CA LYS D 724 -64.54 -46.94 -46.18
C LYS D 724 -65.91 -46.51 -45.66
N TYR D 725 -65.97 -45.70 -44.60
CA TYR D 725 -67.23 -45.29 -43.95
C TYR D 725 -67.60 -43.88 -44.40
N VAL D 726 -67.16 -43.47 -45.60
CA VAL D 726 -67.48 -42.14 -46.13
C VAL D 726 -68.10 -42.31 -47.50
N LYS D 727 -69.23 -41.63 -47.72
CA LYS D 727 -69.85 -41.60 -49.05
C LYS D 727 -69.03 -40.70 -49.96
N LEU D 728 -68.88 -41.11 -51.21
CA LEU D 728 -68.04 -40.40 -52.17
C LEU D 728 -68.77 -40.26 -53.50
N SER D 729 -68.41 -39.23 -54.26
CA SER D 729 -68.97 -39.02 -55.57
C SER D 729 -68.30 -39.94 -56.60
N GLU D 730 -68.96 -40.07 -57.76
CA GLU D 730 -68.46 -40.97 -58.79
C GLU D 730 -67.08 -40.53 -59.27
N GLU D 731 -66.91 -39.23 -59.52
CA GLU D 731 -65.62 -38.74 -60.03
C GLU D 731 -64.50 -38.97 -59.02
N GLY D 732 -64.77 -38.68 -57.74
CA GLY D 732 -63.76 -38.91 -56.72
C GLY D 732 -63.43 -40.37 -56.55
N LEU D 733 -64.46 -41.23 -56.57
CA LEU D 733 -64.23 -42.66 -56.46
C LEU D 733 -63.38 -43.16 -57.62
N GLY D 734 -63.68 -42.71 -58.85
CA GLY D 734 -62.90 -43.14 -59.98
C GLY D 734 -61.45 -42.69 -59.89
N LYS D 735 -61.24 -41.42 -59.54
CA LYS D 735 -59.88 -40.91 -59.44
C LYS D 735 -59.10 -41.66 -58.38
N ILE D 736 -59.71 -41.87 -57.19
CA ILE D 736 -59.02 -42.55 -56.11
C ILE D 736 -58.71 -43.99 -56.49
N VAL D 737 -59.66 -44.68 -57.13
CA VAL D 737 -59.44 -46.06 -57.51
C VAL D 737 -58.32 -46.16 -58.53
N LYS D 738 -58.32 -45.28 -59.53
CA LYS D 738 -57.25 -45.30 -60.53
C LYS D 738 -55.90 -45.07 -59.87
N ALA D 739 -55.82 -44.06 -59.00
CA ALA D 739 -54.56 -43.77 -58.32
C ALA D 739 -54.08 -44.99 -57.54
N LEU D 740 -54.96 -45.57 -56.73
CA LEU D 740 -54.58 -46.70 -55.88
C LEU D 740 -54.11 -47.88 -56.73
N LEU D 741 -54.85 -48.20 -57.80
CA LEU D 741 -54.50 -49.36 -58.60
C LEU D 741 -53.18 -49.16 -59.33
N PHE D 742 -53.01 -48.03 -60.03
CA PHE D 742 -51.89 -47.89 -60.94
C PHE D 742 -50.67 -47.26 -60.28
N TYR D 743 -50.85 -46.14 -59.58
CA TYR D 743 -49.74 -45.30 -59.16
C TYR D 743 -49.21 -45.64 -57.77
N PHE D 744 -49.75 -46.68 -57.12
CA PHE D 744 -49.25 -47.08 -55.81
C PHE D 744 -48.20 -48.17 -56.00
N PRO D 745 -46.97 -48.00 -55.50
CA PRO D 745 -45.95 -49.04 -55.73
C PRO D 745 -46.31 -50.35 -55.05
N GLU D 746 -45.83 -51.44 -55.64
CA GLU D 746 -46.05 -52.78 -55.10
C GLU D 746 -45.25 -53.03 -53.83
N ARG D 747 -44.33 -52.14 -53.46
CA ARG D 747 -43.51 -52.36 -52.28
C ARG D 747 -44.36 -52.48 -51.02
N ASP D 748 -45.35 -51.60 -50.86
CA ASP D 748 -46.17 -51.56 -49.66
C ASP D 748 -47.51 -52.27 -49.82
N LEU D 749 -48.05 -52.33 -51.03
CA LEU D 749 -49.30 -53.00 -51.30
C LEU D 749 -49.05 -54.25 -52.15
N ASP D 750 -50.14 -54.91 -52.52
CA ASP D 750 -50.09 -56.15 -53.28
C ASP D 750 -51.45 -56.33 -53.95
N ILE D 751 -51.59 -57.46 -54.66
CA ILE D 751 -52.88 -57.77 -55.28
C ILE D 751 -53.95 -57.89 -54.20
N GLY D 752 -53.67 -58.68 -53.17
CA GLY D 752 -54.65 -58.87 -52.11
C GLY D 752 -54.86 -57.61 -51.27
N LYS D 753 -53.79 -56.88 -50.98
CA LYS D 753 -53.93 -55.67 -50.19
C LYS D 753 -54.77 -54.63 -50.94
N ARG D 754 -54.47 -54.41 -52.22
CA ARG D 754 -55.27 -53.49 -53.02
C ARG D 754 -56.71 -53.99 -53.14
N TYR D 755 -56.88 -55.30 -53.29
CA TYR D 755 -58.21 -55.92 -53.31
C TYR D 755 -58.99 -55.53 -52.06
N VAL D 756 -58.40 -55.75 -50.88
CA VAL D 756 -59.07 -55.44 -49.63
C VAL D 756 -59.39 -53.95 -49.56
N TRP D 757 -58.47 -53.11 -50.05
CA TRP D 757 -58.74 -51.68 -50.09
C TRP D 757 -59.97 -51.37 -50.93
N LEU D 758 -60.07 -51.96 -52.12
CA LEU D 758 -61.22 -51.68 -52.98
C LEU D 758 -62.51 -52.14 -52.32
N GLU D 759 -62.49 -53.33 -51.69
CA GLU D 759 -63.70 -53.78 -51.00
C GLU D 759 -64.07 -52.83 -49.87
N ARG D 760 -63.08 -52.32 -49.13
CA ARG D 760 -63.39 -51.30 -48.14
C ARG D 760 -64.02 -50.08 -48.77
N LEU D 761 -63.60 -49.72 -49.98
CA LEU D 761 -64.21 -48.57 -50.66
C LEU D 761 -65.66 -48.85 -51.07
N THR D 762 -65.93 -50.06 -51.58
CA THR D 762 -67.18 -50.30 -52.29
C THR D 762 -68.38 -50.55 -51.37
N LYS D 763 -68.16 -50.87 -50.09
CA LYS D 763 -69.28 -51.22 -49.23
C LYS D 763 -70.26 -50.08 -49.08
N CYS D 764 -69.77 -48.85 -48.92
CA CYS D 764 -70.65 -47.69 -48.83
C CYS D 764 -71.13 -47.19 -50.19
N ASN D 765 -70.38 -47.49 -51.25
CA ASN D 765 -70.71 -47.04 -52.61
C ASN D 765 -70.65 -48.22 -53.55
N GLU D 766 -71.82 -48.66 -54.03
CA GLU D 766 -71.86 -49.77 -54.98
C GLU D 766 -71.22 -49.38 -56.29
N LEU D 767 -70.48 -50.32 -56.89
CA LEU D 767 -69.67 -50.09 -58.08
C LEU D 767 -70.50 -49.53 -59.23
N PRO D 768 -70.24 -48.30 -59.68
CA PRO D 768 -70.84 -47.83 -60.93
C PRO D 768 -70.05 -48.35 -62.13
N LYS D 769 -70.46 -47.91 -63.32
CA LYS D 769 -69.86 -48.41 -64.56
C LYS D 769 -68.46 -47.86 -64.78
N SER D 770 -68.19 -46.63 -64.35
CA SER D 770 -66.88 -46.02 -64.62
C SER D 770 -65.77 -46.79 -63.94
N ILE D 771 -65.90 -47.05 -62.64
CA ILE D 771 -64.83 -47.75 -61.94
C ILE D 771 -64.84 -49.23 -62.33
N ILE D 772 -65.97 -49.75 -62.79
CA ILE D 772 -65.98 -51.11 -63.34
C ILE D 772 -65.10 -51.16 -64.58
N SER D 773 -65.22 -50.16 -65.46
CA SER D 773 -64.36 -50.09 -66.64
C SER D 773 -62.90 -49.92 -66.23
N ILE D 774 -62.65 -49.13 -65.19
CA ILE D 774 -61.27 -48.96 -64.72
C ILE D 774 -60.71 -50.29 -64.21
N ILE D 775 -61.54 -51.06 -63.50
CA ILE D 775 -61.13 -52.38 -63.04
C ILE D 775 -60.83 -53.28 -64.22
N ASP D 776 -61.66 -53.21 -65.26
CA ASP D 776 -61.40 -53.98 -66.47
C ASP D 776 -60.06 -53.59 -67.08
N ASP D 777 -59.76 -52.29 -67.12
CA ASP D 777 -58.48 -51.83 -67.64
C ASP D 777 -57.32 -52.39 -66.83
N PHE D 778 -57.44 -52.35 -65.50
CA PHE D 778 -56.38 -52.88 -64.65
C PHE D 778 -56.21 -54.38 -64.87
N LEU D 779 -57.33 -55.09 -65.02
CA LEU D 779 -57.26 -56.53 -65.30
C LEU D 779 -56.55 -56.79 -66.62
N VAL D 780 -56.83 -55.97 -67.63
CA VAL D 780 -56.16 -56.10 -68.91
C VAL D 780 -54.67 -55.88 -68.76
N LEU D 781 -54.28 -54.85 -68.00
CA LEU D 781 -52.86 -54.56 -67.82
C LEU D 781 -52.15 -55.72 -67.13
N GLN D 782 -52.72 -56.22 -66.03
CA GLN D 782 -52.07 -57.33 -65.33
C GLN D 782 -52.11 -58.61 -66.16
N ALA D 783 -53.10 -58.76 -67.03
CA ALA D 783 -53.09 -59.87 -67.99
C ALA D 783 -51.90 -59.74 -68.94
N GLU D 784 -51.65 -58.53 -69.43
CA GLU D 784 -50.50 -58.30 -70.29
C GLU D 784 -49.20 -58.61 -69.56
N LYS D 785 -49.14 -58.26 -68.27
CA LYS D 785 -47.92 -58.51 -67.51
C LYS D 785 -47.59 -60.00 -67.42
N HIS D 786 -48.56 -60.88 -67.65
CA HIS D 786 -48.32 -62.32 -67.60
C HIS D 786 -47.56 -62.84 -68.82
N ILE D 787 -47.30 -61.99 -69.82
CA ILE D 787 -46.65 -62.46 -71.04
C ILE D 787 -45.27 -63.04 -70.72
N ASP D 788 -44.50 -62.34 -69.89
CA ASP D 788 -43.19 -62.85 -69.51
C ASP D 788 -43.34 -64.13 -68.67
N GLN D 789 -42.48 -65.11 -68.95
CA GLN D 789 -42.54 -66.36 -68.22
C GLN D 789 -42.21 -66.17 -66.75
N ASN D 790 -41.25 -65.28 -66.45
CA ASN D 790 -40.78 -65.11 -65.08
C ASN D 790 -41.78 -64.37 -64.20
N TYR D 791 -42.73 -63.64 -64.78
CA TYR D 791 -43.69 -62.91 -63.97
C TYR D 791 -44.56 -63.86 -63.16
N SER D 792 -44.75 -63.53 -61.88
CA SER D 792 -45.56 -64.35 -60.99
C SER D 792 -46.10 -63.48 -59.88
N GLU D 793 -47.43 -63.50 -59.72
CA GLU D 793 -48.05 -62.69 -58.68
C GLU D 793 -47.67 -63.19 -57.29
N VAL D 794 -47.44 -62.26 -56.37
CA VAL D 794 -47.11 -62.57 -54.99
C VAL D 794 -48.11 -61.84 -54.10
N SER D 795 -48.83 -62.59 -53.27
CA SER D 795 -49.83 -62.03 -52.37
C SER D 795 -49.61 -62.57 -50.97
N SER D 796 -49.71 -61.69 -49.98
CA SER D 796 -49.57 -62.08 -48.59
C SER D 796 -50.82 -62.78 -48.05
N ASN D 797 -51.91 -62.80 -48.81
CA ASN D 797 -53.17 -63.36 -48.37
C ASN D 797 -53.79 -64.30 -49.39
N GLY D 798 -53.03 -64.69 -50.42
CA GLY D 798 -53.52 -65.65 -51.38
C GLY D 798 -54.68 -65.16 -52.23
N LEU D 799 -54.79 -63.86 -52.45
CA LEU D 799 -55.85 -63.28 -53.26
C LEU D 799 -55.25 -62.73 -54.55
N TYR D 800 -55.90 -63.01 -55.68
CA TYR D 800 -55.36 -62.69 -57.00
C TYR D 800 -56.49 -62.16 -57.87
N SER D 801 -56.20 -62.02 -59.17
CA SER D 801 -57.15 -61.40 -60.09
C SER D 801 -58.45 -62.19 -60.21
N ARG D 802 -58.43 -63.48 -59.83
CA ARG D 802 -59.67 -64.25 -59.81
C ARG D 802 -60.73 -63.54 -58.97
N ASP D 803 -60.32 -62.98 -57.83
CA ASP D 803 -61.28 -62.28 -56.99
C ASP D 803 -61.72 -60.96 -57.62
N TYR D 804 -60.84 -60.29 -58.36
CA TYR D 804 -61.27 -59.10 -59.09
C TYR D 804 -62.35 -59.45 -60.10
N GLY D 805 -62.15 -60.54 -60.85
CA GLY D 805 -63.18 -61.00 -61.77
C GLY D 805 -64.47 -61.36 -61.06
N ALA D 806 -64.36 -62.04 -59.92
CA ALA D 806 -65.54 -62.38 -59.15
C ALA D 806 -66.30 -61.14 -58.71
N LEU D 807 -65.57 -60.12 -58.26
CA LEU D 807 -66.22 -58.88 -57.81
C LEU D 807 -66.93 -58.19 -58.97
N ILE D 808 -66.24 -58.02 -60.10
CA ILE D 808 -66.85 -57.33 -61.23
C ILE D 808 -68.08 -58.09 -61.71
N LYS D 809 -68.03 -59.42 -61.70
CA LYS D 809 -69.19 -60.21 -62.12
C LYS D 809 -70.32 -60.11 -61.09
N HIS D 810 -69.98 -60.06 -59.80
CA HIS D 810 -71.00 -59.95 -58.76
C HIS D 810 -71.75 -58.63 -58.88
N PHE D 811 -71.03 -57.54 -59.11
CA PHE D 811 -71.68 -56.24 -59.28
C PHE D 811 -72.27 -56.06 -60.67
N GLU D 812 -72.00 -56.97 -61.59
CA GLU D 812 -72.60 -56.93 -62.94
C GLU D 812 -72.72 -58.37 -63.41
N LYS D 813 -73.93 -58.94 -63.29
CA LYS D 813 -74.13 -60.34 -63.62
C LYS D 813 -73.79 -60.62 -65.09
N ASN D 814 -74.27 -59.76 -65.99
CA ASN D 814 -74.05 -59.90 -67.42
C ASN D 814 -72.92 -58.95 -67.83
N PHE D 815 -71.75 -59.51 -68.08
CA PHE D 815 -70.60 -58.71 -68.48
C PHE D 815 -69.65 -59.57 -69.30
N ILE D 816 -69.16 -59.01 -70.41
CA ILE D 816 -68.17 -59.64 -71.25
C ILE D 816 -67.10 -58.61 -71.58
N SER D 817 -65.83 -59.00 -71.43
CA SER D 817 -64.71 -58.11 -71.71
C SER D 817 -64.27 -58.30 -73.15
N LYS D 818 -64.46 -57.27 -73.97
CA LYS D 818 -64.07 -57.35 -75.37
C LYS D 818 -62.56 -57.50 -75.51
N ARG D 819 -61.79 -56.75 -74.72
CA ARG D 819 -60.34 -56.84 -74.80
C ARG D 819 -59.85 -58.23 -74.43
N LEU D 820 -60.34 -58.75 -73.30
CA LEU D 820 -59.97 -60.11 -72.90
C LEU D 820 -60.47 -61.14 -73.91
N SER D 821 -61.64 -60.90 -74.51
CA SER D 821 -62.15 -61.84 -75.51
C SER D 821 -61.23 -61.91 -76.72
N GLU D 822 -60.81 -60.74 -77.23
CA GLU D 822 -59.92 -60.74 -78.39
C GLU D 822 -58.53 -61.28 -78.03
N ILE D 823 -58.09 -61.07 -76.79
CA ILE D 823 -56.85 -61.70 -76.34
C ILE D 823 -57.01 -63.22 -76.36
N THR D 824 -58.15 -63.71 -75.89
CA THR D 824 -58.42 -65.14 -75.91
C THR D 824 -58.37 -65.70 -77.33
N LEU D 825 -59.05 -65.02 -78.26
CA LEU D 825 -59.08 -65.50 -79.64
C LEU D 825 -57.71 -65.46 -80.28
N CYS D 826 -56.79 -64.65 -79.77
CA CYS D 826 -55.42 -64.60 -80.25
C CYS D 826 -54.48 -65.50 -79.47
N LEU D 827 -55.01 -66.26 -78.51
CA LEU D 827 -54.17 -67.09 -77.65
C LEU D 827 -53.65 -68.30 -78.43
N THR D 828 -52.53 -68.87 -77.96
CA THR D 828 -51.91 -70.07 -78.56
C THR D 828 -51.52 -71.03 -77.44
N GLN D 829 -51.23 -72.30 -77.72
CA GLN D 829 -50.96 -73.32 -76.67
C GLN D 829 -49.64 -73.02 -75.96
N ASP D 830 -48.63 -72.53 -76.68
CA ASP D 830 -47.29 -72.25 -76.09
C ASP D 830 -47.43 -71.22 -74.97
N LYS D 831 -48.52 -70.45 -74.93
CA LYS D 831 -48.79 -69.47 -73.85
C LYS D 831 -49.51 -70.17 -72.71
N GLN D 832 -48.85 -71.07 -71.96
CA GLN D 832 -49.44 -71.84 -70.87
C GLN D 832 -49.79 -70.95 -69.68
N LYS D 833 -48.90 -70.03 -69.31
CA LYS D 833 -49.19 -69.12 -68.21
C LYS D 833 -50.44 -68.30 -68.50
N GLN D 834 -50.50 -67.72 -69.70
CA GLN D 834 -51.68 -66.96 -70.09
C GLN D 834 -52.90 -67.86 -70.19
N ILE D 835 -52.73 -69.12 -70.61
CA ILE D 835 -53.85 -70.04 -70.68
C ILE D 835 -54.45 -70.28 -69.30
N ASP D 836 -53.59 -70.51 -68.30
CA ASP D 836 -54.08 -70.74 -66.95
C ASP D 836 -54.72 -69.48 -66.37
N PHE D 837 -54.09 -68.32 -66.61
CA PHE D 837 -54.66 -67.07 -66.12
C PHE D 837 -56.03 -66.80 -66.74
N LEU D 838 -56.17 -67.08 -68.03
CA LEU D 838 -57.45 -66.89 -68.70
C LEU D 838 -58.46 -67.92 -68.24
N PHE D 839 -58.01 -69.14 -67.90
CA PHE D 839 -58.91 -70.10 -67.28
C PHE D 839 -59.43 -69.55 -65.96
N LYS D 840 -58.56 -68.87 -65.20
CA LYS D 840 -59.01 -68.21 -63.98
C LYS D 840 -60.07 -67.16 -64.27
N LEU D 841 -59.83 -66.32 -65.29
CA LEU D 841 -60.75 -65.23 -65.61
C LEU D 841 -61.81 -65.63 -66.64
N LEU D 842 -62.06 -66.92 -66.81
CA LEU D 842 -63.07 -67.42 -67.75
C LEU D 842 -64.40 -66.69 -67.69
N PRO D 843 -65.00 -66.42 -66.54
CA PRO D 843 -66.37 -65.88 -66.53
C PRO D 843 -66.51 -64.54 -67.23
N LEU D 844 -65.41 -63.81 -67.45
CA LEU D 844 -65.47 -62.49 -68.07
C LEU D 844 -65.32 -62.53 -69.60
N LEU D 845 -65.23 -63.72 -70.19
CA LEU D 845 -64.96 -63.83 -71.61
C LEU D 845 -66.26 -64.04 -72.40
N SER D 846 -66.13 -64.14 -73.72
CA SER D 846 -67.25 -64.34 -74.63
C SER D 846 -67.40 -65.83 -74.94
N THR D 847 -68.49 -66.15 -75.65
CA THR D 847 -68.78 -67.54 -75.97
C THR D 847 -67.67 -68.16 -76.82
N ASN D 848 -67.30 -67.49 -77.91
CA ASN D 848 -66.23 -68.00 -78.76
C ASN D 848 -64.91 -68.04 -78.01
N ALA D 849 -64.63 -67.00 -77.21
CA ALA D 849 -63.39 -66.96 -76.46
C ALA D 849 -63.31 -68.12 -75.47
N LYS D 850 -64.38 -68.34 -74.71
CA LYS D 850 -64.35 -69.42 -73.72
C LYS D 850 -64.31 -70.78 -74.39
N SER D 851 -65.00 -70.94 -75.52
CA SER D 851 -64.93 -72.20 -76.26
C SER D 851 -63.50 -72.47 -76.72
N HIS D 852 -62.85 -71.47 -77.30
CA HIS D 852 -61.47 -71.63 -77.73
C HIS D 852 -60.56 -71.97 -76.56
N LEU D 853 -60.75 -71.29 -75.43
CA LEU D 853 -59.91 -71.56 -74.26
C LEU D 853 -60.10 -72.98 -73.76
N LEU D 854 -61.34 -73.39 -73.52
CA LEU D 854 -61.59 -74.73 -73.00
C LEU D 854 -61.22 -75.81 -74.00
N SER D 855 -61.10 -75.48 -75.29
CA SER D 855 -60.58 -76.44 -76.25
C SER D 855 -59.14 -76.82 -75.97
N PHE D 856 -58.43 -76.02 -75.16
CA PHE D 856 -57.01 -76.26 -74.87
C PHE D 856 -56.79 -77.16 -73.67
N LYS D 857 -57.84 -77.54 -72.94
CA LYS D 857 -57.71 -78.33 -71.74
C LYS D 857 -58.89 -79.29 -71.62
N SER D 858 -58.68 -80.35 -70.84
CA SER D 858 -59.71 -81.35 -70.61
C SER D 858 -59.41 -82.08 -69.32
N VAL D 859 -60.42 -82.80 -68.83
CA VAL D 859 -60.31 -83.57 -67.59
C VAL D 859 -60.38 -85.05 -67.94
N GLU D 860 -59.41 -85.81 -67.45
CA GLU D 860 -59.31 -87.24 -67.71
C GLU D 860 -59.35 -88.09 -66.45
N ASN D 861 -59.36 -87.47 -65.28
CA ASN D 861 -59.35 -88.21 -64.02
C ASN D 861 -59.93 -87.32 -62.93
N ILE D 862 -60.24 -87.94 -61.78
CA ILE D 862 -60.83 -87.20 -60.68
C ILE D 862 -59.85 -86.16 -60.15
N ASN D 863 -58.54 -86.44 -60.21
CA ASN D 863 -57.56 -85.42 -59.86
C ASN D 863 -57.66 -84.24 -60.81
N ASP D 864 -57.78 -84.52 -62.12
CA ASP D 864 -57.96 -83.44 -63.08
C ASP D 864 -59.30 -82.73 -62.86
N LEU D 865 -60.33 -83.48 -62.50
CA LEU D 865 -61.63 -82.87 -62.21
C LEU D 865 -61.53 -81.89 -61.05
N MET D 866 -60.85 -82.30 -59.97
CA MET D 866 -60.69 -81.43 -58.82
C MET D 866 -59.82 -80.22 -59.16
N ASN D 867 -58.79 -80.43 -59.97
CA ASN D 867 -57.96 -79.30 -60.40
C ASN D 867 -58.79 -78.30 -61.20
N GLY D 868 -59.65 -78.79 -62.09
CA GLY D 868 -60.51 -77.90 -62.86
C GLY D 868 -61.51 -77.16 -61.98
N ILE D 869 -62.12 -77.88 -61.03
CA ILE D 869 -63.07 -77.25 -60.13
C ILE D 869 -62.37 -76.16 -59.31
N ARG D 870 -61.18 -76.46 -58.79
CA ARG D 870 -60.41 -75.46 -58.06
C ARG D 870 -59.93 -74.36 -59.01
N ILE D 871 -59.15 -74.74 -60.02
CA ILE D 871 -58.66 -73.80 -61.03
C ILE D 871 -59.16 -74.28 -62.38
N GLY D 872 -60.14 -73.59 -62.93
CA GLY D 872 -60.77 -74.00 -64.17
C GLY D 872 -62.27 -73.76 -64.14
N LEU D 873 -62.84 -73.76 -62.93
CA LEU D 873 -64.26 -73.43 -62.73
C LEU D 873 -65.17 -74.37 -63.52
N ILE D 874 -65.10 -75.66 -63.17
CA ILE D 874 -66.01 -76.65 -63.73
C ILE D 874 -67.38 -76.45 -63.08
N ASP D 875 -68.31 -75.87 -63.83
CA ASP D 875 -69.58 -75.43 -63.24
C ASP D 875 -70.49 -76.59 -62.89
N GLU D 876 -70.53 -77.63 -63.72
CA GLU D 876 -71.51 -78.71 -63.57
C GLU D 876 -70.81 -80.05 -63.52
N PHE D 877 -71.37 -80.96 -62.73
CA PHE D 877 -70.87 -82.33 -62.62
C PHE D 877 -71.54 -83.16 -63.70
N THR D 878 -70.87 -83.33 -64.83
CA THR D 878 -71.42 -84.09 -65.93
C THR D 878 -71.52 -85.56 -65.55
N PRO D 879 -72.33 -86.34 -66.27
CA PRO D 879 -72.45 -87.77 -65.91
C PRO D 879 -71.13 -88.50 -65.88
N GLU D 880 -70.20 -88.16 -66.78
CA GLU D 880 -68.92 -88.84 -66.78
C GLU D 880 -68.08 -88.47 -65.56
N HIS D 881 -68.19 -87.22 -65.08
CA HIS D 881 -67.56 -86.87 -63.81
C HIS D 881 -68.06 -87.77 -62.69
N GLU D 882 -69.39 -87.89 -62.56
CA GLU D 882 -69.94 -88.70 -61.48
C GLU D 882 -69.54 -90.16 -61.64
N GLU D 883 -69.48 -90.65 -62.87
CA GLU D 883 -69.10 -92.05 -63.09
C GLU D 883 -67.63 -92.28 -62.72
N LEU D 884 -66.76 -91.31 -62.97
CA LEU D 884 -65.38 -91.38 -62.48
C LEU D 884 -65.35 -91.37 -60.95
N ILE D 885 -66.17 -90.51 -60.33
CA ILE D 885 -66.24 -90.49 -58.88
C ILE D 885 -66.65 -91.86 -58.35
N ILE D 886 -67.59 -92.52 -59.04
CA ILE D 886 -68.01 -93.85 -58.62
C ILE D 886 -66.86 -94.84 -58.78
N GLU D 887 -66.11 -94.74 -59.88
CA GLU D 887 -64.93 -95.59 -60.02
C GLU D 887 -64.03 -95.49 -58.80
N TYR D 888 -63.68 -94.26 -58.43
CA TYR D 888 -62.73 -94.09 -57.33
C TYR D 888 -63.34 -94.40 -55.98
N LEU D 889 -64.66 -94.20 -55.82
CA LEU D 889 -65.31 -94.62 -54.59
C LEU D 889 -65.25 -96.13 -54.41
N GLU D 890 -65.48 -96.88 -55.50
CA GLU D 890 -65.37 -98.34 -55.41
C GLU D 890 -63.93 -98.77 -55.19
N THR D 891 -62.97 -98.09 -55.83
CA THR D 891 -61.57 -98.39 -55.59
C THR D 891 -61.22 -98.17 -54.12
N ARG D 892 -61.70 -97.07 -53.53
CA ARG D 892 -61.45 -96.82 -52.12
C ARG D 892 -62.20 -97.80 -51.23
N LYS D 893 -63.35 -98.30 -51.68
CA LYS D 893 -64.04 -99.34 -50.93
C LYS D 893 -63.22 -100.63 -50.89
N VAL D 894 -62.66 -101.02 -52.02
CA VAL D 894 -61.79 -102.20 -52.05
C VAL D 894 -60.57 -101.98 -51.17
N ASN D 895 -59.95 -100.81 -51.28
CA ASN D 895 -58.80 -100.50 -50.45
C ASN D 895 -59.19 -100.46 -48.97
N TYR D 896 -60.43 -100.08 -48.66
CA TYR D 896 -60.89 -100.04 -47.28
C TYR D 896 -61.09 -101.44 -46.72
N ILE D 897 -61.60 -102.36 -47.55
CA ILE D 897 -61.67 -103.76 -47.13
C ILE D 897 -60.28 -104.31 -46.88
N VAL D 898 -59.35 -104.03 -47.79
CA VAL D 898 -57.98 -104.50 -47.61
C VAL D 898 -57.35 -103.83 -46.39
N GLU D 899 -57.80 -102.62 -46.04
CA GLU D 899 -57.30 -101.96 -44.84
C GLU D 899 -57.85 -102.61 -43.58
N LYS D 900 -59.14 -102.95 -43.58
CA LYS D 900 -59.69 -103.76 -42.49
C LYS D 900 -58.85 -105.01 -42.31
N GLU D 901 -58.46 -105.64 -43.41
CA GLU D 901 -57.56 -106.79 -43.32
C GLU D 901 -56.22 -106.38 -42.70
N LYS D 902 -55.66 -105.24 -43.14
CA LYS D 902 -54.39 -104.77 -42.60
C LYS D 902 -54.52 -104.35 -41.14
N GLY D 903 -55.51 -103.51 -40.84
CA GLY D 903 -55.59 -102.91 -39.53
C GLY D 903 -54.56 -101.82 -39.29
N ILE D 904 -53.99 -101.25 -40.35
CA ILE D 904 -52.93 -100.25 -40.25
C ILE D 904 -53.26 -99.08 -41.17
N GLN D 905 -53.01 -97.87 -40.69
CA GLN D 905 -53.20 -96.67 -41.50
C GLN D 905 -52.11 -95.68 -41.11
N THR D 906 -51.15 -95.46 -42.01
CA THR D 906 -50.01 -94.60 -41.72
C THR D 906 -50.44 -93.16 -41.46
N PHE D 907 -50.99 -92.50 -42.48
CA PHE D 907 -51.39 -91.10 -42.35
C PHE D 907 -52.33 -90.75 -43.49
N SER D 908 -53.02 -89.61 -43.32
CA SER D 908 -53.90 -89.07 -44.34
C SER D 908 -53.68 -87.56 -44.44
N SER D 909 -53.94 -87.02 -45.63
CA SER D 909 -53.72 -85.61 -45.90
C SER D 909 -55.03 -84.87 -46.19
N ASN D 910 -55.81 -85.32 -47.16
CA ASN D 910 -57.05 -84.65 -47.55
C ASN D 910 -58.14 -85.69 -47.73
N ASP D 911 -59.35 -85.36 -47.28
CA ASP D 911 -60.52 -86.27 -47.38
C ASP D 911 -61.22 -85.99 -48.71
N TYR D 912 -60.93 -86.76 -49.75
CA TYR D 912 -61.52 -86.58 -51.10
C TYR D 912 -62.95 -87.10 -51.02
N MET D 913 -63.18 -88.14 -50.21
CA MET D 913 -64.53 -88.73 -50.02
C MET D 913 -65.42 -87.70 -49.31
N SER D 914 -64.85 -86.84 -48.46
CA SER D 914 -65.63 -85.83 -47.69
C SER D 914 -66.07 -84.68 -48.60
N THR D 915 -65.37 -84.45 -49.72
CA THR D 915 -65.73 -83.39 -50.70
C THR D 915 -66.92 -83.89 -51.52
N PHE D 916 -66.98 -85.20 -51.79
CA PHE D 916 -68.07 -85.81 -52.54
C PHE D 916 -69.36 -85.83 -51.72
N GLY D 917 -69.24 -86.11 -50.43
CA GLY D 917 -70.43 -86.17 -49.58
C GLY D 917 -71.10 -84.82 -49.43
N ILE D 918 -70.31 -83.77 -49.21
CA ILE D 918 -70.90 -82.44 -49.10
C ILE D 918 -71.48 -82.00 -50.44
N TRP D 919 -70.83 -82.39 -51.55
CA TRP D 919 -71.40 -82.08 -52.85
C TRP D 919 -72.74 -82.76 -53.05
N TYR D 920 -72.85 -84.03 -52.66
CA TYR D 920 -74.13 -84.72 -52.72
C TYR D 920 -75.17 -84.06 -51.83
N PHE D 921 -74.77 -83.67 -50.61
CA PHE D 921 -75.66 -82.94 -49.72
C PHE D 921 -76.07 -81.59 -50.30
N LEU D 922 -75.25 -81.04 -51.19
CA LEU D 922 -75.58 -79.81 -51.91
C LEU D 922 -76.37 -80.08 -53.18
N GLU D 923 -76.71 -81.35 -53.46
CA GLU D 923 -77.42 -81.75 -54.66
C GLU D 923 -76.60 -81.51 -55.92
N GLU D 924 -75.28 -81.39 -55.76
CA GLU D 924 -74.40 -81.28 -56.92
C GLU D 924 -74.31 -82.61 -57.67
N ILE D 925 -74.25 -83.72 -56.94
CA ILE D 925 -74.17 -85.05 -57.52
C ILE D 925 -75.55 -85.67 -57.39
N ASN D 926 -76.21 -85.90 -58.52
CA ASN D 926 -77.56 -86.44 -58.53
C ASN D 926 -77.60 -87.96 -58.46
N ASN D 927 -76.46 -88.63 -58.60
CA ASN D 927 -76.43 -90.08 -58.52
C ASN D 927 -76.67 -90.54 -57.09
N SER D 928 -77.18 -91.77 -56.95
CA SER D 928 -77.46 -92.37 -55.65
C SER D 928 -76.57 -93.56 -55.34
N LYS D 929 -75.68 -93.95 -56.26
CA LYS D 929 -74.86 -95.13 -56.04
C LYS D 929 -73.90 -94.92 -54.87
N MET D 930 -73.40 -93.70 -54.70
CA MET D 930 -72.47 -93.43 -53.60
C MET D 930 -73.07 -93.77 -52.25
N GLU D 931 -74.41 -93.73 -52.15
CA GLU D 931 -75.06 -94.14 -50.91
C GLU D 931 -74.69 -95.56 -50.52
N GLU D 932 -74.47 -96.43 -51.51
CA GLU D 932 -74.03 -97.79 -51.21
C GLU D 932 -72.67 -97.78 -50.54
N PHE D 933 -71.76 -96.93 -51.01
CA PHE D 933 -70.43 -96.79 -50.41
C PHE D 933 -70.55 -95.86 -49.21
N ILE D 934 -71.06 -96.41 -48.12
CA ILE D 934 -71.23 -95.68 -46.86
C ILE D 934 -70.60 -96.51 -45.74
N GLY D 935 -70.02 -95.81 -44.77
CA GLY D 935 -69.33 -96.45 -43.67
C GLY D 935 -67.83 -96.31 -43.68
N MET D 936 -67.26 -95.52 -44.59
CA MET D 936 -65.82 -95.30 -44.63
C MET D 936 -65.38 -94.23 -43.63
N ASP D 937 -65.97 -93.04 -43.71
CA ASP D 937 -65.70 -91.95 -42.79
C ASP D 937 -67.00 -91.53 -42.12
N ASP D 938 -66.91 -91.15 -40.85
CA ASP D 938 -68.09 -90.68 -40.13
C ASP D 938 -68.68 -89.44 -40.81
N GLN D 939 -67.82 -88.56 -41.33
CA GLN D 939 -68.30 -87.35 -42.01
C GLN D 939 -69.10 -87.70 -43.26
N TYR D 940 -68.63 -88.68 -44.03
CA TYR D 940 -69.36 -89.12 -45.21
C TYR D 940 -70.76 -89.60 -44.85
N ASP D 941 -70.88 -90.45 -43.85
CA ASP D 941 -72.20 -90.94 -43.46
C ASP D 941 -73.06 -89.80 -42.92
N PHE D 942 -72.46 -88.88 -42.18
CA PHE D 942 -73.22 -87.80 -41.57
C PHE D 942 -73.81 -86.88 -42.63
N PHE D 943 -73.03 -86.54 -43.66
CA PHE D 943 -73.54 -85.70 -44.75
C PHE D 943 -74.26 -86.45 -45.85
N VAL D 944 -74.24 -87.79 -45.86
CA VAL D 944 -74.98 -88.56 -46.86
C VAL D 944 -76.30 -89.08 -46.30
N ASP D 945 -76.27 -89.59 -45.07
CA ASP D 945 -77.46 -90.17 -44.42
C ASP D 945 -77.58 -89.59 -43.01
N PRO D 946 -77.97 -88.31 -42.89
CA PRO D 946 -78.01 -87.69 -41.56
C PRO D 946 -78.97 -88.38 -40.60
N GLU D 947 -80.09 -88.90 -41.09
CA GLU D 947 -81.11 -89.44 -40.20
C GLU D 947 -80.58 -90.63 -39.40
N ASN D 948 -79.84 -91.54 -40.05
CA ASN D 948 -79.34 -92.74 -39.39
C ASN D 948 -77.94 -92.58 -38.84
N PHE D 949 -77.27 -91.45 -39.09
CA PHE D 949 -75.90 -91.28 -38.62
C PHE D 949 -75.85 -91.27 -37.10
N ASP D 950 -74.80 -91.89 -36.56
CA ASP D 950 -74.58 -91.91 -35.11
C ASP D 950 -73.93 -90.59 -34.72
N TYR D 951 -74.74 -89.66 -34.19
CA TYR D 951 -74.24 -88.34 -33.84
C TYR D 951 -73.27 -88.38 -32.68
N LYS D 952 -73.21 -89.49 -31.93
CA LYS D 952 -72.19 -89.63 -30.90
C LYS D 952 -70.79 -89.60 -31.49
N LYS D 953 -70.63 -89.93 -32.77
CA LYS D 953 -69.35 -89.87 -33.45
C LYS D 953 -69.04 -88.50 -34.02
N PHE D 954 -69.98 -87.57 -33.99
CA PHE D 954 -69.75 -86.24 -34.54
C PHE D 954 -68.65 -85.52 -33.77
N ILE D 955 -67.81 -84.81 -34.49
CA ILE D 955 -66.70 -84.02 -33.93
C ILE D 955 -67.02 -82.55 -34.15
N PRO D 956 -67.12 -81.73 -33.10
CA PRO D 956 -67.41 -80.30 -33.32
C PRO D 956 -66.35 -79.58 -34.13
N SER D 957 -65.11 -80.08 -34.13
CA SER D 957 -64.04 -79.42 -34.85
C SER D 957 -64.36 -79.29 -36.34
N TRP D 958 -65.09 -80.27 -36.90
CA TRP D 958 -65.53 -80.18 -38.28
C TRP D 958 -66.24 -78.86 -38.53
N LEU D 959 -67.16 -78.49 -37.64
CA LEU D 959 -67.94 -77.28 -37.80
C LEU D 959 -67.06 -76.04 -37.86
N LYS D 960 -65.84 -76.12 -37.35
CA LYS D 960 -64.92 -74.99 -37.38
C LYS D 960 -64.47 -74.63 -38.79
N ASN D 961 -64.74 -75.49 -39.79
CA ASN D 961 -64.27 -75.27 -41.15
C ASN D 961 -65.39 -74.96 -42.14
N TYR D 962 -66.65 -75.13 -41.75
CA TYR D 962 -67.76 -74.91 -42.67
C TYR D 962 -68.05 -73.43 -42.85
N ASN D 963 -68.58 -73.09 -44.02
CA ASN D 963 -68.82 -71.70 -44.41
C ASN D 963 -70.31 -71.39 -44.40
N ASP D 964 -70.62 -70.10 -44.58
CA ASP D 964 -71.96 -69.58 -44.31
C ASP D 964 -73.04 -70.40 -45.01
N LYS D 965 -72.87 -70.68 -46.30
CA LYS D 965 -73.87 -71.41 -47.04
C LYS D 965 -74.07 -72.81 -46.46
N LEU D 966 -72.97 -73.49 -46.14
CA LEU D 966 -73.08 -74.83 -45.56
C LEU D 966 -73.75 -74.80 -44.21
N LEU D 967 -73.43 -73.79 -43.40
CA LEU D 967 -74.07 -73.67 -42.08
C LEU D 967 -75.57 -73.45 -42.23
N GLY D 968 -75.97 -72.58 -43.16
CA GLY D 968 -77.39 -72.37 -43.39
C GLY D 968 -78.08 -73.63 -43.87
N LYS D 969 -77.43 -74.37 -44.77
CA LYS D 969 -78.02 -75.62 -45.25
C LYS D 969 -78.17 -76.62 -44.11
N ILE D 970 -77.16 -76.74 -43.26
CA ILE D 970 -77.24 -77.67 -42.13
C ILE D 970 -78.37 -77.26 -41.18
N ALA D 971 -78.49 -75.97 -40.91
CA ALA D 971 -79.59 -75.49 -40.07
C ALA D 971 -80.94 -75.82 -40.71
N GLY D 972 -81.02 -75.72 -42.03
CA GLY D 972 -82.26 -76.10 -42.71
C GLY D 972 -82.62 -77.55 -42.51
N ASN D 973 -81.62 -78.43 -42.53
CA ASN D 973 -81.87 -79.86 -42.35
C ASN D 973 -82.46 -80.12 -40.97
N LYS D 974 -83.55 -80.88 -40.94
CA LYS D 974 -84.21 -81.19 -39.66
C LYS D 974 -83.44 -82.26 -38.88
N HIS D 975 -82.87 -83.24 -39.58
CA HIS D 975 -82.16 -84.32 -38.90
C HIS D 975 -80.91 -83.83 -38.18
N MET D 976 -80.36 -82.69 -38.58
CA MET D 976 -79.12 -82.17 -38.02
C MET D 976 -79.31 -81.01 -37.06
N LYS D 977 -80.45 -80.31 -37.13
CA LYS D 977 -80.59 -79.04 -36.41
C LYS D 977 -80.49 -79.25 -34.90
N HIS D 978 -81.29 -80.17 -34.36
CA HIS D 978 -81.32 -80.34 -32.91
C HIS D 978 -80.01 -80.92 -32.38
N HIS D 979 -79.41 -81.84 -33.14
CA HIS D 979 -78.12 -82.39 -32.72
C HIS D 979 -77.05 -81.31 -32.67
N VAL D 980 -77.00 -80.46 -33.70
CA VAL D 980 -76.01 -79.38 -33.70
C VAL D 980 -76.31 -78.40 -32.59
N ILE D 981 -77.60 -78.14 -32.32
CA ILE D 981 -77.96 -77.25 -31.22
C ILE D 981 -77.42 -77.80 -29.90
N GLU D 982 -77.62 -79.09 -29.67
CA GLU D 982 -77.18 -79.70 -28.42
C GLU D 982 -75.67 -79.66 -28.27
N VAL D 983 -74.95 -80.04 -29.33
CA VAL D 983 -73.49 -80.11 -29.23
C VAL D 983 -72.92 -78.70 -29.08
N LEU D 984 -73.48 -77.72 -29.80
CA LEU D 984 -73.01 -76.35 -29.66
C LEU D 984 -73.30 -75.81 -28.26
N LYS D 985 -74.47 -76.14 -27.71
CA LYS D 985 -74.78 -75.73 -26.35
C LYS D 985 -73.76 -76.30 -25.37
N GLU D 986 -73.44 -77.58 -25.52
CA GLU D 986 -72.47 -78.21 -24.62
C GLU D 986 -71.10 -77.55 -24.77
N ARG D 987 -70.67 -77.28 -26.00
CA ARG D 987 -69.37 -76.67 -26.22
C ARG D 987 -69.31 -75.27 -25.64
N VAL D 988 -70.36 -74.47 -25.82
CA VAL D 988 -70.39 -73.14 -25.24
C VAL D 988 -70.35 -73.23 -23.72
N LYS D 989 -71.08 -74.18 -23.14
CA LYS D 989 -71.15 -74.27 -21.69
C LYS D 989 -69.79 -74.66 -21.10
N ASN D 990 -69.09 -75.60 -21.72
CA ASN D 990 -67.82 -76.07 -21.17
C ASN D 990 -66.63 -75.23 -21.61
N SER D 991 -66.37 -75.19 -22.92
CA SER D 991 -65.12 -74.61 -23.42
C SER D 991 -65.09 -73.10 -23.23
N ASN D 992 -66.23 -72.43 -23.39
CA ASN D 992 -66.31 -70.98 -23.30
C ASN D 992 -65.49 -70.32 -24.41
N ASP D 993 -65.74 -70.75 -25.64
CA ASP D 993 -65.09 -70.20 -26.82
C ASP D 993 -66.04 -69.27 -27.55
N LYS D 994 -65.50 -68.15 -28.06
CA LYS D 994 -66.34 -67.15 -28.70
C LYS D 994 -66.76 -67.56 -30.11
N ARG D 995 -65.92 -68.32 -30.83
CA ARG D 995 -66.28 -68.73 -32.18
C ARG D 995 -67.53 -69.61 -32.17
N TYR D 996 -67.60 -70.56 -31.23
CA TYR D 996 -68.73 -71.47 -31.19
C TYR D 996 -70.02 -70.74 -30.85
N LEU D 997 -69.97 -69.81 -29.89
CA LEU D 997 -71.17 -69.02 -29.59
C LEU D 997 -71.55 -68.15 -30.78
N GLU D 998 -70.56 -67.56 -31.45
CA GLU D 998 -70.82 -66.73 -32.61
C GLU D 998 -71.60 -67.51 -33.66
N ILE D 999 -71.09 -68.69 -34.03
CA ILE D 999 -71.79 -69.51 -35.02
C ILE D 999 -73.13 -69.99 -34.48
N LEU D 1000 -73.23 -70.18 -33.15
CA LEU D 1000 -74.49 -70.65 -32.57
C LEU D 1000 -75.61 -69.66 -32.83
N MET D 1001 -75.41 -68.39 -32.47
CA MET D 1001 -76.51 -67.44 -32.62
C MET D 1001 -76.50 -66.72 -33.96
N ASN D 1002 -75.49 -66.95 -34.81
CA ASN D 1002 -75.54 -66.39 -36.15
C ASN D 1002 -76.51 -67.17 -37.05
N TYR D 1003 -76.48 -68.50 -36.97
CA TYR D 1003 -77.20 -69.34 -37.93
C TYR D 1003 -78.28 -70.19 -37.27
N PHE D 1004 -77.94 -70.97 -36.25
CA PHE D 1004 -78.87 -71.97 -35.73
C PHE D 1004 -79.91 -71.40 -34.77
N ILE D 1005 -79.72 -70.19 -34.28
CA ILE D 1005 -80.70 -69.56 -33.39
C ILE D 1005 -80.80 -68.08 -33.76
N LYS E 6 63.93 35.19 60.68
CA LYS E 6 64.22 36.00 59.46
C LYS E 6 63.21 35.69 58.36
N ASP E 7 63.07 34.41 58.03
CA ASP E 7 62.15 34.00 56.99
C ASP E 7 60.71 34.15 57.46
N THR E 8 59.91 34.87 56.67
CA THR E 8 58.52 35.10 56.99
C THR E 8 57.76 35.44 55.71
N GLY E 9 56.45 35.25 55.74
CA GLY E 9 55.61 35.55 54.61
C GLY E 9 55.27 37.01 54.43
N ALA E 10 55.70 37.87 55.36
CA ALA E 10 55.42 39.30 55.27
C ALA E 10 56.50 40.06 54.52
N THR E 11 57.60 39.42 54.14
CA THR E 11 58.71 40.10 53.50
C THR E 11 58.59 40.13 51.97
N HIS E 12 57.56 39.49 51.42
CA HIS E 12 57.43 39.40 49.96
C HIS E 12 56.96 40.71 49.34
N ASP E 13 56.55 41.69 50.13
CA ASP E 13 56.14 42.99 49.61
C ASP E 13 57.18 44.08 49.83
N LEU E 14 58.22 43.82 50.61
CA LEU E 14 59.29 44.80 50.79
C LEU E 14 59.93 45.12 49.45
N VAL E 15 60.18 46.42 49.22
CA VAL E 15 60.81 46.89 47.99
C VAL E 15 61.97 47.78 48.36
N TYR E 16 63.06 47.68 47.60
CA TYR E 16 64.22 48.55 47.78
C TYR E 16 64.32 49.52 46.62
N HIS E 17 64.47 50.80 46.93
CA HIS E 17 64.64 51.84 45.93
C HIS E 17 66.03 52.44 46.10
N SER E 18 66.82 52.42 45.03
CA SER E 18 68.22 52.82 45.08
C SER E 18 68.42 54.31 44.84
N LYS E 19 67.57 54.94 44.03
CA LYS E 19 67.77 56.35 43.72
C LYS E 19 67.76 57.21 44.97
N ILE E 20 67.09 56.76 46.04
CA ILE E 20 67.08 57.45 47.32
C ILE E 20 67.54 56.58 48.47
N ASN E 21 67.87 55.31 48.22
CA ASN E 21 68.35 54.40 49.25
C ASN E 21 67.32 54.26 50.38
N THR E 22 66.16 53.73 50.01
CA THR E 22 65.03 53.62 50.91
C THR E 22 64.35 52.28 50.73
N PHE E 23 63.54 51.91 51.73
CA PHE E 23 62.75 50.69 51.70
C PHE E 23 61.28 51.07 51.76
N VAL E 24 60.50 50.58 50.80
CA VAL E 24 59.06 50.79 50.74
C VAL E 24 58.36 49.52 51.21
N TRP E 25 57.39 49.69 52.10
CA TRP E 25 56.68 48.59 52.71
C TRP E 25 55.35 49.10 53.24
N ASP E 26 54.34 48.22 53.23
CA ASP E 26 53.03 48.54 53.79
C ASP E 26 53.05 48.19 55.27
N VAL E 27 53.24 49.19 56.12
CA VAL E 27 53.36 48.98 57.56
C VAL E 27 52.95 50.25 58.27
N GLU E 28 52.37 50.09 59.45
CA GLU E 28 51.94 51.19 60.30
C GLU E 28 52.76 51.20 61.58
N PHE E 29 53.02 52.41 62.09
CA PHE E 29 53.95 52.61 63.19
C PHE E 29 53.27 53.30 64.36
N ASP E 30 53.74 52.97 65.57
CA ASP E 30 53.43 53.72 66.77
C ASP E 30 54.70 54.38 67.27
N ILE E 31 54.65 55.68 67.55
CA ILE E 31 55.83 56.49 67.78
C ILE E 31 55.69 57.26 69.08
N VAL E 32 56.74 57.25 69.89
CA VAL E 32 56.87 58.15 71.03
C VAL E 32 57.82 59.27 70.62
N LEU E 33 57.31 60.50 70.66
CA LEU E 33 58.03 61.69 70.20
C LEU E 33 58.51 62.46 71.42
N SER E 34 59.81 62.76 71.46
CA SER E 34 60.42 63.52 72.55
C SER E 34 60.18 62.89 73.92
N ASP E 35 59.79 61.62 73.96
CA ASP E 35 59.50 60.90 75.18
C ASP E 35 58.35 61.50 75.97
N SER E 36 57.56 62.40 75.36
CA SER E 36 56.45 63.04 76.04
C SER E 36 55.16 62.94 75.22
N LYS E 37 55.29 62.90 73.90
CA LYS E 37 54.15 62.79 73.00
C LYS E 37 54.01 61.33 72.56
N GLU E 38 52.77 60.87 72.42
CA GLU E 38 52.48 59.51 71.99
C GLU E 38 51.55 59.56 70.77
N LEU E 39 51.87 58.75 69.76
CA LEU E 39 51.04 58.66 68.57
C LEU E 39 51.00 57.22 68.10
N ASN E 40 49.87 56.84 67.48
CA ASN E 40 49.63 55.49 67.00
C ASN E 40 49.18 55.55 65.55
N LYS E 41 49.45 54.47 64.82
CA LYS E 41 49.03 54.32 63.43
C LYS E 41 49.50 55.52 62.60
N CYS E 42 50.81 55.66 62.49
CA CYS E 42 51.44 56.73 61.74
C CYS E 42 52.29 56.13 60.62
N TYR E 43 52.71 56.99 59.69
CA TYR E 43 53.60 56.57 58.62
C TYR E 43 54.13 57.81 57.90
N PHE E 44 55.01 57.57 56.93
CA PHE E 44 55.71 58.60 56.19
C PHE E 44 55.38 58.48 54.71
N VAL E 45 55.57 59.58 54.00
CA VAL E 45 55.60 59.56 52.53
C VAL E 45 56.73 60.46 52.06
N LYS E 46 57.58 59.92 51.20
CA LYS E 46 58.74 60.64 50.68
C LYS E 46 58.51 61.07 49.25
N CYS E 47 59.13 62.17 48.86
CA CYS E 47 59.03 62.70 47.50
C CYS E 47 60.42 63.11 47.04
N PHE E 48 60.92 62.44 45.99
CA PHE E 48 62.24 62.70 45.45
C PHE E 48 62.14 63.77 44.36
N ASN E 49 62.81 64.90 44.59
CA ASN E 49 62.74 66.03 43.67
C ASN E 49 64.12 66.66 43.50
N PRO E 50 64.81 66.46 42.37
CA PRO E 50 66.13 67.06 42.22
C PRO E 50 66.08 68.51 41.74
N TYR E 51 65.04 68.86 40.99
CA TYR E 51 64.86 70.21 40.45
C TYR E 51 63.63 70.82 41.12
N ARG E 52 63.87 71.62 42.17
CA ARG E 52 62.82 72.36 42.84
C ARG E 52 63.28 73.79 43.06
N ILE E 53 62.38 74.75 42.83
CA ILE E 53 62.68 76.15 43.06
C ILE E 53 62.71 76.38 44.56
N ASN E 54 63.88 76.69 45.10
CA ASN E 54 64.05 76.83 46.54
C ASN E 54 65.17 77.83 46.80
N GLY E 55 65.43 78.08 48.09
CA GLY E 55 66.46 79.01 48.49
C GLY E 55 67.70 78.32 49.03
N LYS E 56 68.59 79.10 49.66
CA LYS E 56 69.82 78.53 50.21
C LYS E 56 69.56 77.65 51.43
N CYS E 57 68.42 77.84 52.11
CA CYS E 57 68.13 77.02 53.28
C CYS E 57 67.83 75.58 52.89
N ASP E 58 67.36 75.34 51.67
CA ASP E 58 66.99 74.01 51.21
C ASP E 58 68.14 73.39 50.44
N PHE E 59 68.49 72.15 50.79
CA PHE E 59 69.61 71.46 50.17
C PHE E 59 69.30 70.00 49.87
N ALA E 60 68.12 69.50 50.22
CA ALA E 60 67.80 68.08 50.15
C ALA E 60 66.92 67.81 48.93
N VAL E 61 67.30 66.80 48.15
CA VAL E 61 66.48 66.40 47.01
C VAL E 61 65.13 65.86 47.48
N SER E 62 65.11 65.17 48.60
CA SER E 62 63.92 64.46 49.07
C SER E 62 63.22 65.27 50.15
N SER E 63 61.91 65.40 50.02
CA SER E 63 61.07 66.04 51.03
C SER E 63 60.11 65.00 51.60
N ILE E 64 60.00 64.98 52.93
CA ILE E 64 59.22 63.95 53.61
C ILE E 64 57.98 64.59 54.22
N ASP E 65 56.94 63.78 54.40
CA ASP E 65 55.73 64.22 55.07
C ASP E 65 55.29 63.11 56.02
N ILE E 66 54.68 63.53 57.13
CA ILE E 66 54.25 62.65 58.21
C ILE E 66 52.73 62.62 58.26
N PHE E 67 52.16 61.42 58.26
CA PHE E 67 50.74 61.20 58.46
C PHE E 67 50.53 60.42 59.74
N SER E 68 49.50 60.80 60.50
CA SER E 68 49.11 60.09 61.71
C SER E 68 47.64 59.69 61.60
N GLU E 69 47.29 58.53 62.13
CA GLU E 69 45.95 57.99 61.94
C GLU E 69 45.68 57.91 60.44
N GLY E 70 44.54 58.43 59.97
CA GLY E 70 44.31 58.61 58.56
C GLY E 70 44.27 60.09 58.21
N LYS E 71 45.05 60.88 58.95
CA LYS E 71 45.05 62.33 58.81
C LYS E 71 46.48 62.84 58.75
N ARG E 72 46.68 63.94 58.03
CA ARG E 72 47.98 64.57 57.99
C ARG E 72 48.34 65.11 59.37
N LEU E 73 49.63 65.01 59.71
CA LEU E 73 50.15 65.51 60.98
C LEU E 73 51.21 66.56 60.71
N LEU E 74 51.16 67.64 61.49
CA LEU E 74 52.11 68.75 61.38
C LEU E 74 52.84 68.89 62.71
N ILE E 75 54.16 68.78 62.68
CA ILE E 75 54.99 68.86 63.87
C ILE E 75 56.01 69.97 63.67
N GLU E 76 56.10 70.87 64.67
CA GLU E 76 57.07 71.94 64.66
C GLU E 76 58.26 71.68 65.58
N ASN E 77 58.02 71.00 66.70
CA ASN E 77 59.12 70.70 67.62
C ASN E 77 60.06 69.68 67.01
N GLU E 78 61.18 69.46 67.71
CA GLU E 78 62.16 68.45 67.30
C GLU E 78 61.51 67.09 67.19
N PHE E 79 61.85 66.36 66.12
CA PHE E 79 61.26 65.06 65.81
C PHE E 79 62.19 63.95 66.30
N ASN E 80 62.29 63.83 67.63
CA ASN E 80 63.08 62.75 68.21
C ASN E 80 62.28 61.46 68.11
N PHE E 81 62.85 60.48 67.41
CA PHE E 81 62.12 59.31 66.96
C PHE E 81 62.61 58.08 67.70
N LYS E 82 61.67 57.38 68.35
CA LYS E 82 61.96 56.14 69.06
C LYS E 82 60.80 55.18 68.78
N ILE E 83 61.04 54.24 67.86
CA ILE E 83 60.00 53.30 67.47
C ILE E 83 59.64 52.41 68.67
N THR E 84 58.36 52.03 68.74
CA THR E 84 57.88 51.13 69.79
C THR E 84 57.03 49.98 69.27
N LYS E 85 56.41 50.09 68.11
CA LYS E 85 55.65 48.98 67.57
C LYS E 85 55.37 49.24 66.09
N ALA E 86 55.52 48.19 65.28
CA ALA E 86 55.21 48.23 63.86
C ALA E 86 54.30 47.06 63.53
N VAL E 87 53.28 47.32 62.72
CA VAL E 87 52.27 46.32 62.38
C VAL E 87 52.10 46.27 60.87
N HIS E 88 52.07 45.06 60.33
CA HIS E 88 51.83 44.81 58.92
C HIS E 88 50.47 44.14 58.77
N VAL E 89 49.83 44.35 57.63
CA VAL E 89 48.47 43.87 57.36
C VAL E 89 48.27 42.45 57.88
N ALA E 90 49.24 41.57 57.63
CA ALA E 90 49.14 40.20 58.12
C ALA E 90 49.29 40.12 59.64
N THR E 91 49.79 41.18 60.28
CA THR E 91 49.88 41.36 61.72
C THR E 91 51.06 40.59 62.32
N SER E 92 51.92 40.01 61.49
CA SER E 92 53.08 39.30 62.01
C SER E 92 53.99 40.26 62.76
N LYS E 93 54.50 39.79 63.90
CA LYS E 93 55.31 40.62 64.78
C LYS E 93 56.79 40.61 64.43
N ASP E 94 57.20 39.80 63.44
CA ASP E 94 58.59 39.82 63.01
C ASP E 94 58.99 41.21 62.53
N VAL E 95 58.03 41.99 62.02
CA VAL E 95 58.32 43.34 61.55
C VAL E 95 58.87 44.19 62.68
N THR E 96 58.44 43.93 63.92
CA THR E 96 58.87 44.75 65.04
C THR E 96 60.38 44.73 65.23
N GLU E 97 61.02 43.59 64.97
CA GLU E 97 62.48 43.52 65.05
C GLU E 97 63.14 43.75 63.70
N ILE E 98 62.47 43.41 62.60
CA ILE E 98 63.04 43.67 61.28
C ILE E 98 63.23 45.17 61.08
N VAL E 99 62.26 45.98 61.50
CA VAL E 99 62.37 47.42 61.32
C VAL E 99 63.60 47.96 62.04
N LEU E 100 63.84 47.49 63.27
CA LEU E 100 65.03 47.92 64.00
C LEU E 100 66.29 47.46 63.27
N HIS E 101 66.28 46.22 62.76
CA HIS E 101 67.47 45.71 62.09
C HIS E 101 67.83 46.56 60.89
N LEU E 102 66.86 46.83 60.01
CA LEU E 102 67.15 47.68 58.86
C LEU E 102 67.54 49.08 59.28
N SER E 103 66.80 49.67 60.23
CA SER E 103 67.08 51.04 60.61
C SER E 103 68.50 51.19 61.12
N GLU E 104 68.97 50.21 61.90
CA GLU E 104 70.38 50.21 62.27
C GLU E 104 71.27 50.00 61.04
N ARG E 105 70.84 49.14 60.11
CA ARG E 105 71.69 48.82 58.96
C ARG E 105 71.91 50.03 58.07
N ILE E 106 70.82 50.69 57.64
CA ILE E 106 70.92 51.82 56.73
C ILE E 106 71.16 53.09 57.54
N SER E 107 71.96 54.00 56.96
CA SER E 107 72.38 55.21 57.65
C SER E 107 71.44 56.38 57.40
N SER E 108 70.80 56.45 56.24
CA SER E 108 69.96 57.59 55.92
C SER E 108 68.75 57.63 56.87
N PRO E 109 68.18 58.81 57.10
CA PRO E 109 67.06 58.91 58.02
C PRO E 109 65.76 58.43 57.41
N PHE E 110 64.83 58.04 58.28
CA PHE E 110 63.54 57.49 57.87
C PHE E 110 63.75 56.31 56.92
N PRO E 111 64.44 55.26 57.36
CA PRO E 111 64.84 54.19 56.43
C PRO E 111 63.67 53.50 55.74
N ILE E 112 62.51 53.39 56.41
CA ILE E 112 61.35 52.69 55.87
C ILE E 112 60.20 53.67 55.78
N VAL E 113 59.58 53.75 54.62
CA VAL E 113 58.44 54.63 54.39
C VAL E 113 57.31 53.81 53.78
N LYS E 114 56.20 54.47 53.45
CA LYS E 114 55.05 53.80 52.85
C LYS E 114 54.98 53.97 51.34
N GLU E 115 55.28 55.17 50.82
CA GLU E 115 55.19 55.41 49.39
C GLU E 115 56.26 56.40 48.98
N VAL E 116 56.72 56.26 47.74
CA VAL E 116 57.75 57.12 47.15
C VAL E 116 57.20 57.67 45.84
N VAL E 117 57.47 58.95 45.59
CA VAL E 117 57.01 59.63 44.38
C VAL E 117 58.23 60.19 43.67
N TYR E 118 58.52 59.67 42.48
CA TYR E 118 59.65 60.13 41.68
C TYR E 118 59.14 61.26 40.78
N LEU E 119 59.39 62.50 41.18
CA LEU E 119 59.00 63.63 40.35
C LEU E 119 59.86 63.76 39.10
N ASP E 120 61.07 63.21 39.12
CA ASP E 120 61.92 63.18 37.93
C ASP E 120 63.15 62.31 38.18
N LYS F 6 -40.45 -82.94 -22.70
CA LYS F 6 -41.53 -82.05 -23.23
C LYS F 6 -41.17 -80.58 -23.02
N ASP F 7 -40.65 -80.26 -21.83
CA ASP F 7 -40.27 -78.89 -21.53
C ASP F 7 -39.10 -78.46 -22.40
N THR F 8 -39.21 -77.28 -23.00
CA THR F 8 -38.17 -76.76 -23.87
C THR F 8 -38.34 -75.25 -23.97
N GLY F 9 -37.28 -74.56 -24.38
CA GLY F 9 -37.31 -73.12 -24.50
C GLY F 9 -37.98 -72.60 -25.75
N ALA F 10 -38.03 -73.41 -26.81
CA ALA F 10 -38.60 -72.94 -28.07
C ALA F 10 -40.13 -72.89 -28.02
N THR F 11 -40.74 -73.80 -27.26
CA THR F 11 -42.20 -73.89 -27.21
C THR F 11 -42.81 -72.61 -26.63
N HIS F 12 -41.99 -71.80 -25.97
CA HIS F 12 -42.47 -70.51 -25.48
C HIS F 12 -42.96 -69.61 -26.61
N ASP F 13 -42.50 -69.84 -27.84
CA ASP F 13 -42.93 -69.04 -28.99
C ASP F 13 -44.17 -69.62 -29.68
N LEU F 14 -44.66 -70.76 -29.23
CA LEU F 14 -45.83 -71.39 -29.84
C LEU F 14 -47.11 -70.69 -29.40
N VAL F 15 -48.10 -70.69 -30.31
CA VAL F 15 -49.43 -70.19 -29.99
C VAL F 15 -50.48 -71.13 -30.58
N TYR F 16 -51.68 -71.06 -30.03
CA TYR F 16 -52.80 -71.90 -30.44
C TYR F 16 -54.02 -71.01 -30.69
N HIS F 17 -54.67 -71.20 -31.83
CA HIS F 17 -55.81 -70.39 -32.23
C HIS F 17 -57.05 -71.27 -32.26
N SER F 18 -58.00 -70.98 -31.36
CA SER F 18 -59.27 -71.69 -31.38
C SER F 18 -60.16 -71.24 -32.53
N LYS F 19 -59.94 -70.05 -33.08
CA LYS F 19 -60.73 -69.61 -34.23
C LYS F 19 -60.52 -70.52 -35.42
N ILE F 20 -59.38 -71.22 -35.47
CA ILE F 20 -59.14 -72.25 -36.47
C ILE F 20 -58.69 -73.57 -35.84
N ASN F 21 -58.57 -73.63 -34.51
CA ASN F 21 -58.09 -74.83 -33.83
C ASN F 21 -56.74 -75.26 -34.40
N THR F 22 -55.90 -74.28 -34.69
CA THR F 22 -54.62 -74.52 -35.37
C THR F 22 -53.47 -74.08 -34.49
N PHE F 23 -52.35 -74.77 -34.65
CA PHE F 23 -51.14 -74.49 -33.90
C PHE F 23 -50.17 -73.70 -34.78
N VAL F 24 -49.74 -72.54 -34.31
CA VAL F 24 -48.87 -71.65 -35.06
C VAL F 24 -47.55 -71.53 -34.32
N TRP F 25 -46.46 -71.79 -35.03
CA TRP F 25 -45.13 -71.84 -34.44
C TRP F 25 -44.12 -71.69 -35.57
N ASP F 26 -42.95 -71.16 -35.23
CA ASP F 26 -41.92 -70.84 -36.22
C ASP F 26 -41.09 -72.10 -36.43
N VAL F 27 -41.35 -72.81 -37.53
CA VAL F 27 -40.66 -74.06 -37.85
C VAL F 27 -40.65 -74.24 -39.36
N GLU F 28 -39.67 -75.00 -39.84
CA GLU F 28 -39.55 -75.34 -41.26
C GLU F 28 -39.37 -76.85 -41.39
N PHE F 29 -39.99 -77.43 -42.41
CA PHE F 29 -40.07 -78.87 -42.56
C PHE F 29 -39.49 -79.32 -43.89
N ASP F 30 -39.05 -80.57 -43.92
CA ASP F 30 -38.70 -81.29 -45.15
C ASP F 30 -39.69 -82.42 -45.34
N ILE F 31 -40.33 -82.48 -46.52
CA ILE F 31 -41.47 -83.35 -46.74
C ILE F 31 -41.23 -84.22 -47.97
N VAL F 32 -41.90 -85.37 -47.99
CA VAL F 32 -41.96 -86.23 -49.16
C VAL F 32 -43.44 -86.49 -49.45
N LEU F 33 -43.88 -86.12 -50.65
CA LEU F 33 -45.28 -86.18 -51.04
C LEU F 33 -45.49 -87.32 -52.02
N SER F 34 -46.56 -88.10 -51.80
CA SER F 34 -46.97 -89.20 -52.67
C SER F 34 -45.90 -90.27 -52.82
N ASP F 35 -44.90 -90.28 -51.93
CA ASP F 35 -43.79 -91.21 -51.99
C ASP F 35 -43.03 -91.11 -53.31
N SER F 36 -43.21 -90.01 -54.04
CA SER F 36 -42.56 -89.79 -55.33
C SER F 36 -41.96 -88.41 -55.51
N LYS F 37 -42.30 -87.44 -54.66
CA LYS F 37 -41.75 -86.10 -54.74
C LYS F 37 -41.08 -85.76 -53.41
N GLU F 38 -39.96 -85.05 -53.48
CA GLU F 38 -39.22 -84.65 -52.29
C GLU F 38 -39.04 -83.14 -52.30
N LEU F 39 -39.34 -82.49 -51.18
CA LEU F 39 -39.23 -81.04 -51.07
C LEU F 39 -38.59 -80.71 -49.73
N ASN F 40 -37.84 -79.61 -49.72
CA ASN F 40 -37.05 -79.21 -48.55
C ASN F 40 -37.41 -77.78 -48.14
N LYS F 41 -37.50 -77.57 -46.83
CA LYS F 41 -37.74 -76.24 -46.26
C LYS F 41 -39.06 -75.67 -46.77
N CYS F 42 -40.15 -76.36 -46.45
CA CYS F 42 -41.49 -75.96 -46.86
C CYS F 42 -42.27 -75.50 -45.64
N TYR F 43 -42.95 -74.35 -45.79
CA TYR F 43 -43.84 -73.85 -44.74
C TYR F 43 -45.13 -73.36 -45.36
N PHE F 44 -46.20 -73.41 -44.56
CA PHE F 44 -47.55 -73.19 -45.02
C PHE F 44 -48.16 -72.00 -44.30
N VAL F 45 -49.05 -71.29 -44.99
CA VAL F 45 -49.72 -70.11 -44.43
C VAL F 45 -51.21 -70.21 -44.72
N LYS F 46 -52.02 -69.93 -43.70
CA LYS F 46 -53.47 -70.00 -43.79
C LYS F 46 -54.08 -68.61 -43.75
N CYS F 47 -55.23 -68.46 -44.38
CA CYS F 47 -55.96 -67.20 -44.42
C CYS F 47 -57.43 -67.48 -44.17
N PHE F 48 -57.99 -66.79 -43.18
CA PHE F 48 -59.38 -66.98 -42.78
C PHE F 48 -60.26 -65.98 -43.52
N ASN F 49 -61.01 -66.47 -44.51
CA ASN F 49 -61.87 -65.64 -45.34
C ASN F 49 -63.23 -66.32 -45.50
N PRO F 50 -64.10 -66.24 -44.49
CA PRO F 50 -65.34 -67.01 -44.52
C PRO F 50 -66.32 -66.51 -45.58
N TYR F 51 -66.62 -65.22 -45.59
CA TYR F 51 -67.54 -64.65 -46.58
C TYR F 51 -66.74 -64.06 -47.74
N ARG F 52 -65.94 -64.94 -48.36
CA ARG F 52 -65.18 -64.63 -49.55
C ARG F 52 -65.99 -65.04 -50.78
N ILE F 53 -65.97 -64.19 -51.80
CA ILE F 53 -66.75 -64.46 -53.01
C ILE F 53 -66.34 -65.80 -53.58
N ASN F 54 -67.32 -66.62 -53.92
CA ASN F 54 -67.07 -67.99 -54.35
C ASN F 54 -68.30 -68.52 -55.07
N GLY F 55 -68.18 -69.74 -55.60
CA GLY F 55 -69.25 -70.41 -56.28
C GLY F 55 -69.86 -71.54 -55.47
N LYS F 56 -70.52 -72.45 -56.16
CA LYS F 56 -71.19 -73.57 -55.48
C LYS F 56 -70.19 -74.60 -54.99
N CYS F 57 -69.05 -74.72 -55.66
CA CYS F 57 -68.09 -75.78 -55.34
C CYS F 57 -67.22 -75.45 -54.13
N ASP F 58 -67.30 -74.24 -53.59
CA ASP F 58 -66.50 -73.86 -52.44
C ASP F 58 -67.26 -74.15 -51.16
N PHE F 59 -66.59 -74.78 -50.20
CA PHE F 59 -67.20 -75.18 -48.95
C PHE F 59 -66.38 -74.84 -47.71
N ALA F 60 -65.14 -74.37 -47.87
CA ALA F 60 -64.25 -74.14 -46.75
C ALA F 60 -64.14 -72.64 -46.45
N VAL F 61 -63.91 -72.32 -45.18
CA VAL F 61 -63.72 -70.94 -44.76
C VAL F 61 -62.25 -70.52 -44.80
N SER F 62 -61.32 -71.46 -44.79
CA SER F 62 -59.90 -71.17 -44.72
C SER F 62 -59.22 -71.57 -46.02
N SER F 63 -58.33 -70.69 -46.50
CA SER F 63 -57.52 -70.96 -47.68
C SER F 63 -56.08 -71.16 -47.24
N ILE F 64 -55.53 -72.33 -47.56
CA ILE F 64 -54.17 -72.70 -47.18
C ILE F 64 -53.29 -72.61 -48.41
N ASP F 65 -52.05 -72.16 -48.22
CA ASP F 65 -51.11 -72.04 -49.32
C ASP F 65 -49.75 -72.54 -48.83
N ILE F 66 -48.93 -72.99 -49.78
CA ILE F 66 -47.66 -73.65 -49.51
C ILE F 66 -46.54 -72.84 -50.15
N PHE F 67 -45.43 -72.70 -49.43
CA PHE F 67 -44.20 -72.17 -50.01
C PHE F 67 -43.07 -73.15 -49.71
N SER F 68 -42.45 -73.67 -50.76
CA SER F 68 -41.25 -74.49 -50.63
C SER F 68 -40.03 -73.58 -50.69
N GLU F 69 -39.13 -73.75 -49.72
CA GLU F 69 -37.96 -72.86 -49.59
C GLU F 69 -38.50 -71.44 -49.46
N GLY F 70 -37.93 -70.46 -50.17
CA GLY F 70 -38.37 -69.09 -50.09
C GLY F 70 -39.21 -68.64 -51.27
N LYS F 71 -39.89 -69.58 -51.92
CA LYS F 71 -40.70 -69.27 -53.09
C LYS F 71 -42.04 -69.98 -52.99
N ARG F 72 -43.04 -69.41 -53.67
CA ARG F 72 -44.36 -70.00 -53.70
C ARG F 72 -44.33 -71.36 -54.41
N LEU F 73 -45.18 -72.27 -53.95
CA LEU F 73 -45.29 -73.60 -54.51
C LEU F 73 -46.72 -73.83 -55.00
N LEU F 74 -46.85 -74.35 -56.22
CA LEU F 74 -48.14 -74.68 -56.81
C LEU F 74 -48.10 -76.12 -57.29
N ILE F 75 -48.92 -76.97 -56.68
CA ILE F 75 -48.99 -78.39 -57.01
C ILE F 75 -50.40 -78.69 -57.51
N GLU F 76 -50.48 -79.28 -58.70
CA GLU F 76 -51.76 -79.70 -59.26
C GLU F 76 -52.06 -81.18 -59.02
N ASN F 77 -51.10 -81.94 -58.51
CA ASN F 77 -51.32 -83.35 -58.24
C ASN F 77 -52.04 -83.53 -56.90
N GLU F 78 -52.56 -84.73 -56.69
CA GLU F 78 -53.24 -85.04 -55.45
C GLU F 78 -52.30 -84.89 -54.27
N PHE F 79 -52.80 -84.36 -53.16
CA PHE F 79 -51.97 -83.94 -52.03
C PHE F 79 -51.90 -85.07 -51.01
N ASN F 80 -50.70 -85.60 -50.79
CA ASN F 80 -50.40 -86.52 -49.71
C ASN F 80 -49.26 -85.95 -48.88
N PHE F 81 -49.38 -86.03 -47.57
CA PHE F 81 -48.42 -85.43 -46.64
C PHE F 81 -47.96 -86.46 -45.64
N LYS F 82 -46.64 -86.62 -45.50
CA LYS F 82 -46.04 -87.56 -44.56
C LYS F 82 -44.79 -86.90 -44.00
N ILE F 83 -44.86 -86.48 -42.73
CA ILE F 83 -43.78 -85.72 -42.13
C ILE F 83 -42.53 -86.57 -42.03
N THR F 84 -41.37 -85.95 -42.29
CA THR F 84 -40.10 -86.65 -42.23
C THR F 84 -39.09 -85.92 -41.34
N LYS F 85 -39.18 -84.58 -41.29
CA LYS F 85 -38.24 -83.81 -40.50
C LYS F 85 -38.76 -82.39 -40.34
N ALA F 86 -38.65 -81.86 -39.12
CA ALA F 86 -38.98 -80.47 -38.81
C ALA F 86 -37.89 -79.88 -37.95
N VAL F 87 -37.72 -78.56 -38.04
CA VAL F 87 -36.66 -77.89 -37.28
C VAL F 87 -37.05 -76.44 -37.04
N HIS F 88 -36.72 -75.94 -35.86
CA HIS F 88 -36.92 -74.55 -35.53
C HIS F 88 -35.89 -73.67 -36.23
N VAL F 89 -36.29 -72.42 -36.51
CA VAL F 89 -35.35 -71.46 -37.10
C VAL F 89 -34.23 -71.14 -36.11
N ALA F 90 -34.50 -71.23 -34.81
CA ALA F 90 -33.51 -70.95 -33.78
C ALA F 90 -32.54 -72.11 -33.57
N THR F 91 -32.51 -73.09 -34.46
CA THR F 91 -31.58 -74.23 -34.37
C THR F 91 -31.89 -75.08 -33.13
N SER F 92 -33.15 -75.49 -33.01
CA SER F 92 -33.61 -76.34 -31.93
C SER F 92 -34.13 -77.65 -32.50
N LYS F 93 -33.76 -78.76 -31.86
CA LYS F 93 -34.14 -80.09 -32.29
C LYS F 93 -35.05 -80.72 -31.23
N ASP F 94 -35.39 -82.00 -31.45
CA ASP F 94 -36.42 -82.73 -30.69
C ASP F 94 -37.81 -82.25 -31.03
N VAL F 95 -37.97 -81.44 -32.08
CA VAL F 95 -39.28 -80.92 -32.45
C VAL F 95 -40.11 -81.95 -33.20
N THR F 96 -39.47 -82.97 -33.77
CA THR F 96 -40.20 -83.94 -34.61
C THR F 96 -41.28 -84.65 -33.79
N GLU F 97 -40.92 -85.18 -32.63
CA GLU F 97 -41.90 -85.90 -31.82
C GLU F 97 -43.03 -84.97 -31.40
N ILE F 98 -42.70 -83.73 -31.04
CA ILE F 98 -43.71 -82.78 -30.61
C ILE F 98 -44.70 -82.50 -31.74
N VAL F 99 -44.18 -82.27 -32.95
CA VAL F 99 -45.06 -81.91 -34.06
C VAL F 99 -45.93 -83.09 -34.44
N LEU F 100 -45.37 -84.30 -34.46
CA LEU F 100 -46.21 -85.47 -34.77
C LEU F 100 -47.28 -85.67 -33.71
N HIS F 101 -46.93 -85.51 -32.42
CA HIS F 101 -47.93 -85.69 -31.37
C HIS F 101 -49.04 -84.65 -31.49
N LEU F 102 -48.66 -83.39 -31.71
CA LEU F 102 -49.66 -82.33 -31.84
C LEU F 102 -50.55 -82.57 -33.05
N SER F 103 -49.95 -82.95 -34.18
CA SER F 103 -50.75 -83.23 -35.37
C SER F 103 -51.72 -84.38 -35.13
N GLU F 104 -51.27 -85.41 -34.42
CA GLU F 104 -52.16 -86.52 -34.08
C GLU F 104 -53.31 -86.02 -33.21
N ARG F 105 -53.02 -85.17 -32.23
CA ARG F 105 -54.09 -84.68 -31.34
C ARG F 105 -55.09 -83.83 -32.11
N ILE F 106 -54.63 -82.94 -32.97
CA ILE F 106 -55.49 -82.02 -33.69
C ILE F 106 -55.99 -82.71 -34.96
N SER F 107 -57.32 -82.87 -35.06
CA SER F 107 -57.91 -83.51 -36.22
C SER F 107 -58.02 -82.58 -37.41
N SER F 108 -57.91 -81.27 -37.21
CA SER F 108 -58.04 -80.33 -38.30
C SER F 108 -56.87 -80.46 -39.27
N PRO F 109 -57.08 -80.16 -40.55
CA PRO F 109 -55.98 -80.27 -41.52
C PRO F 109 -54.89 -79.23 -41.26
N PHE F 110 -53.67 -79.61 -41.62
CA PHE F 110 -52.49 -78.77 -41.42
C PHE F 110 -52.42 -78.31 -39.96
N PRO F 111 -52.16 -79.23 -39.02
CA PRO F 111 -52.15 -78.84 -37.61
C PRO F 111 -51.11 -77.77 -37.28
N ILE F 112 -49.97 -77.75 -37.96
CA ILE F 112 -48.89 -76.80 -37.68
C ILE F 112 -48.59 -76.00 -38.94
N VAL F 113 -48.59 -74.68 -38.80
CA VAL F 113 -48.23 -73.76 -39.88
C VAL F 113 -47.33 -72.67 -39.31
N LYS F 114 -46.95 -71.70 -40.15
CA LYS F 114 -46.07 -70.62 -39.74
C LYS F 114 -46.82 -69.33 -39.41
N GLU F 115 -47.59 -68.81 -40.35
CA GLU F 115 -48.30 -67.55 -40.18
C GLU F 115 -49.75 -67.71 -40.61
N VAL F 116 -50.62 -66.90 -39.99
CA VAL F 116 -52.04 -66.87 -40.30
C VAL F 116 -52.44 -65.44 -40.63
N VAL F 117 -53.44 -65.29 -41.48
CA VAL F 117 -53.94 -63.97 -41.88
C VAL F 117 -55.44 -63.95 -41.64
N TYR F 118 -55.89 -63.10 -40.72
CA TYR F 118 -57.31 -62.87 -40.49
C TYR F 118 -57.74 -61.64 -41.29
N LEU F 119 -58.68 -61.84 -42.21
CA LEU F 119 -59.37 -60.73 -42.86
C LEU F 119 -60.74 -60.48 -42.26
N ASP F 120 -61.30 -61.46 -41.56
CA ASP F 120 -62.65 -61.33 -41.02
C ASP F 120 -62.75 -62.01 -39.65
#